data_7WVQ
#
_entry.id   7WVQ
#
_cell.length_a   1.00
_cell.length_b   1.00
_cell.length_c   1.00
_cell.angle_alpha   90.00
_cell.angle_beta   90.00
_cell.angle_gamma   90.00
#
_symmetry.space_group_name_H-M   'P 1'
#
loop_
_entity.id
_entity.type
_entity.pdbx_description
1 polymer 'Spike glycoprotein'
2 polymer 'Angiotensin-converting enzyme 2'
#
loop_
_entity_poly.entity_id
_entity_poly.type
_entity_poly.pdbx_seq_one_letter_code
_entity_poly.pdbx_strand_id
1 'polypeptide(L)'
;MFVFLVLLPLVSSQCVNLTTRTQLPPAYTNSFTRGVYYPDKVFRSSVLHSTQDLFLPFFSNVTWFHVISGTNGTKRFDNP
VLPFNDGVYFASIEKSNIIRGWIFGTTLDSKTQSLLIVNNATNVVIKVCEFQFCNDPFLDHKNNKSWMESEFRVYSSANN
CTFEYVSQPFLMDLEGKQGNFKNLREFVFKNIDGYFKIYSKHTPIIVREPEDLPQGFSALEPLVDLPIGINITRFQTLLA
LHRSYLTPGDSSSGWTAGAAAYYVGYLQPRTFLLKYNENGTITDAVDCALDPLSETKCTLKSFTVEKGIYQTSNFRVQPT
ESIVRFPNITNLCPFDEVFNATRFASVYAWNRKRISNCVADYSVLYNLAPFFTFKCYGVSPTKLNDLCFTNVYADSFVIR
GDEVRQIAPGQTGNIADYNYKLPDDFTGCVIAWNSNKLDSKVSGNYNYLYRLFRKSNLKPFERDISTEIYQAGNKPCNGV
AGFNCYFPLRSYSFRPTYGVGHQPYRVVVLSFELLHAPATVCGPKKSTNLVKNKCVNFNFNGLKGTGVLTESNKKFLPFQ
QFGRDIADTTDAVRDPQTLEILDITPCSFGGVSVITPGTNTSNQVAVLYQGVNCTEVPVAIHADQLTPTWRVYSTGSNVF
QTRAGCLIGAEYVNNSYECDIPIGAGICASYQTQTKSHGSASSVASQSIIAYTMSLGAENSVAYSNNSIAIPTNFTISVT
TEILPVSMTKTSVDCTMYICGDSTECSNLLLQYGSFCTQLKRALTGIAVEQDKNTQEVFAQVKQIYKTPPIKYFGGFNFS
QILPDPSKPSKRSFIEDLLFNKVTLADAGFIKQYGDCLGDIAARDLICAQKFKGLTVLPPLLTDEMIAQYTSALLAGTIT
SGWTFGAGAALQIPFAMQMAYRFNGIGVTQNVLYENQKLIANQFNSAIGKIQDSLSSTASALGKLQDVVNHNAQALNTLV
KQLSSKFGAISSVLNDIFSRLDPPEAEVQIDRLITGRLQSLQTYVTQQLIRAAEIRASANLAATKMSECVLGQSKRVDFC
GKGYHLMSFPQSAPHGVVFLHVTYVPAQEKNFTTAPAICHDGKAHFPREGVFVSNGTHWFVTQRNFYEPQIITTDNTFVS
GNCDVVIGIVNNTVYDPLQPELDSFKEELDKYFKNHTSPDVDLGDISGINASVVNIQKEIDRLNEVAKNLNESLIDLQEL
GKYEQGSGYIPEAPRDGQAYVRKDGEWVLLSTFLENLYFQGDYKDDDDKHHHHHHHHH
;
D,C,B
2 'polypeptide(L)'
;MHSSALLCCLVLLTGVRAQSTIEEQAKTFLDKFNHEAEDLFYQSSLASWNYNTNITEENVQNMNNAGDKWSAFLKEQSTL
AQMYPLQEIQNLTVKLQLQALQQNGSSVLSEDKSKRLNTILNTMSTIYSTGKVCNPDNPQECLLLEPGLNEIMANSLDYN
ERLWAWESWRSEVGKQLRPLYEEYVVLKNEMARANHYEDYGDYWRGDYEVNGVDGYDYSRGQLIEDVEHTFEEIKPLYEH
LHAYVRAKLMNAYPSYISPIGCLPAHLLGDMWGRFWTNLYSLTVPFGQKPNIDVTDAMVDQAWDAQRIFKEAEKFFVSVG
LPNMTQGFWENSMLTDPGNVQKAVCHPTAWDLGKGDFRILMCTKVTMDDFLTAHHEMGHIQYDMAYAAQPFLLRNGANEG
FHEAVGEIMSLSAATPKHLKSIGLLSPDFQEDNETEINFLLKQALTIVGTLPFTYMLEKWRWMVFKGEIPKDQWMKKWWE
MKREIVGVVEPVPHDETYCDPASLFHVSNDYSFIRYYTRTLYQFQFQEALCQAAKHEGPLHKCDISNSTEAGQKLFNMLR
LGKSEPWTLALENVVGAKNMNVRPLLNYFEPLFTWLKDQNKNSFVGWSTDWSPYADHHHHHHHHH
;
A
#
# COMPACT_ATOMS: atom_id res chain seq x y z
N GLN A 14 3.61 -14.01 63.83
CA GLN A 14 3.87 -13.87 62.40
C GLN A 14 3.54 -15.15 61.65
N CYS A 15 4.29 -16.21 61.94
CA CYS A 15 4.09 -17.48 61.27
C CYS A 15 2.88 -18.24 61.80
N VAL A 16 2.58 -18.09 63.09
CA VAL A 16 1.47 -18.80 63.72
C VAL A 16 0.17 -18.08 63.36
N ASN A 17 -0.74 -18.80 62.71
CA ASN A 17 -1.99 -18.24 62.23
C ASN A 17 -3.11 -18.41 63.26
N LEU A 18 -4.33 -18.08 62.83
CA LEU A 18 -5.50 -18.21 63.71
C LEU A 18 -6.04 -19.62 63.66
N THR A 19 -6.09 -20.27 64.82
CA THR A 19 -6.57 -21.65 64.93
C THR A 19 -8.05 -21.73 65.33
N THR A 20 -8.72 -20.59 65.49
CA THR A 20 -10.11 -20.53 65.94
C THR A 20 -11.09 -20.46 64.77
N ARG A 21 -10.58 -20.54 63.54
CA ARG A 21 -11.38 -20.38 62.33
C ARG A 21 -12.20 -21.64 62.05
N THR A 22 -13.30 -21.45 61.32
CA THR A 22 -14.18 -22.53 60.89
C THR A 22 -14.62 -22.22 59.46
N GLN A 23 -14.48 -23.19 58.57
CA GLN A 23 -14.77 -22.97 57.15
C GLN A 23 -16.11 -23.59 56.75
N LEU A 24 -16.77 -22.93 55.81
CA LEU A 24 -18.02 -23.33 55.17
C LEU A 24 -17.73 -24.15 53.92
N PRO A 25 -18.63 -25.04 53.51
CA PRO A 25 -18.49 -25.71 52.21
C PRO A 25 -18.75 -24.77 51.06
N PRO A 26 -18.03 -24.92 49.92
CA PRO A 26 -18.19 -23.95 48.83
C PRO A 26 -19.45 -24.11 47.99
N ALA A 27 -20.56 -23.55 48.47
CA ALA A 27 -21.79 -23.51 47.68
C ALA A 27 -21.67 -22.48 46.57
N TYR A 28 -22.50 -22.65 45.53
CA TYR A 28 -22.41 -21.84 44.33
C TYR A 28 -23.68 -21.03 44.13
N THR A 29 -23.52 -19.78 43.70
CA THR A 29 -24.60 -18.86 43.35
C THR A 29 -24.40 -18.37 41.91
N ASN A 30 -25.25 -17.43 41.50
CA ASN A 30 -25.21 -16.92 40.13
C ASN A 30 -25.24 -15.39 40.12
N SER A 31 -24.87 -14.84 38.97
CA SER A 31 -24.95 -13.40 38.70
C SER A 31 -25.76 -13.18 37.44
N PHE A 32 -26.55 -12.11 37.41
CA PHE A 32 -27.53 -11.96 36.32
C PHE A 32 -27.14 -10.82 35.37
N THR A 33 -27.36 -9.57 35.79
CA THR A 33 -27.27 -8.43 34.89
C THR A 33 -25.96 -7.64 34.95
N ARG A 34 -25.02 -7.99 35.81
CA ARG A 34 -23.88 -7.11 36.07
C ARG A 34 -22.57 -7.74 35.63
N GLY A 35 -21.49 -6.98 35.83
CA GLY A 35 -20.16 -7.38 35.41
C GLY A 35 -19.66 -6.70 34.16
N VAL A 36 -20.29 -5.59 33.78
CA VAL A 36 -20.00 -4.88 32.53
C VAL A 36 -19.09 -3.70 32.85
N TYR A 37 -17.97 -3.59 32.13
CA TYR A 37 -17.03 -2.50 32.29
C TYR A 37 -16.83 -1.80 30.94
N TYR A 38 -16.24 -0.61 30.99
CA TYR A 38 -15.84 0.08 29.76
C TYR A 38 -14.58 -0.58 29.19
N PRO A 39 -14.66 -1.15 27.98
CA PRO A 39 -13.47 -1.82 27.40
C PRO A 39 -12.38 -0.88 26.91
N ASP A 40 -12.71 0.36 26.53
CA ASP A 40 -11.77 1.23 25.84
C ASP A 40 -11.75 2.58 26.54
N LYS A 41 -10.59 3.24 26.47
CA LYS A 41 -10.41 4.60 26.99
C LYS A 41 -11.05 5.65 26.08
N VAL A 42 -11.31 5.33 24.82
CA VAL A 42 -11.91 6.25 23.86
C VAL A 42 -13.40 6.34 24.15
N PHE A 43 -13.89 7.55 24.38
CA PHE A 43 -15.30 7.76 24.62
C PHE A 43 -16.08 7.68 23.30
N ARG A 44 -17.23 7.03 23.36
CA ARG A 44 -18.14 6.93 22.22
C ARG A 44 -19.56 7.16 22.71
N SER A 45 -20.38 7.73 21.82
CA SER A 45 -21.72 8.19 22.21
C SER A 45 -22.75 7.69 21.22
N SER A 46 -23.79 7.01 21.76
CA SER A 46 -25.04 6.62 21.07
C SER A 46 -24.82 5.65 19.92
N VAL A 47 -23.77 4.85 20.00
CA VAL A 47 -23.48 3.84 18.99
C VAL A 47 -23.76 2.46 19.58
N LEU A 48 -23.52 1.44 18.76
CA LEU A 48 -23.50 0.04 19.19
C LEU A 48 -22.14 -0.49 18.74
N HIS A 49 -21.30 -0.84 19.71
CA HIS A 49 -19.91 -1.17 19.44
C HIS A 49 -19.64 -2.65 19.69
N SER A 50 -18.87 -3.25 18.79
CA SER A 50 -18.44 -4.63 18.92
C SER A 50 -16.97 -4.66 19.31
N THR A 51 -16.69 -5.17 20.51
CA THR A 51 -15.32 -5.26 21.03
C THR A 51 -14.99 -6.69 21.40
N GLN A 52 -13.69 -6.98 21.47
CA GLN A 52 -13.19 -8.28 21.90
C GLN A 52 -12.15 -8.06 23.00
N ASP A 53 -12.49 -8.45 24.22
CA ASP A 53 -11.63 -8.38 25.40
C ASP A 53 -12.00 -9.54 26.32
N LEU A 54 -11.47 -9.50 27.54
CA LEU A 54 -11.68 -10.57 28.52
C LEU A 54 -12.90 -10.22 29.35
N PHE A 55 -13.94 -11.04 29.27
CA PHE A 55 -15.23 -10.74 29.90
C PHE A 55 -15.76 -11.93 30.71
N LEU A 56 -16.93 -11.70 31.30
CA LEU A 56 -17.67 -12.73 32.03
C LEU A 56 -18.89 -13.14 31.25
N PRO A 57 -19.07 -14.43 30.91
CA PRO A 57 -20.36 -14.88 30.39
C PRO A 57 -21.43 -14.87 31.48
N PHE A 58 -22.59 -14.33 31.13
CA PHE A 58 -23.69 -14.16 32.06
C PHE A 58 -24.37 -15.51 32.33
N PHE A 59 -25.12 -15.54 33.46
CA PHE A 59 -25.81 -16.70 34.05
C PHE A 59 -24.83 -17.86 34.32
N SER A 60 -23.68 -17.52 34.89
CA SER A 60 -22.66 -18.49 35.23
C SER A 60 -22.71 -18.82 36.72
N ASN A 61 -21.78 -19.67 37.14
CA ASN A 61 -21.72 -20.10 38.53
C ASN A 61 -20.61 -19.37 39.27
N VAL A 62 -20.98 -18.64 40.32
CA VAL A 62 -20.02 -17.94 41.17
C VAL A 62 -20.11 -18.54 42.57
N THR A 63 -18.95 -18.70 43.22
CA THR A 63 -18.86 -19.38 44.50
C THR A 63 -19.32 -18.43 45.59
N TRP A 64 -20.26 -18.90 46.43
CA TRP A 64 -20.77 -18.12 47.55
C TRP A 64 -19.73 -18.10 48.66
N PHE A 65 -19.56 -16.94 49.29
CA PHE A 65 -18.71 -16.79 50.47
C PHE A 65 -19.45 -16.00 51.53
N HIS A 66 -19.36 -16.47 52.78
CA HIS A 66 -19.98 -15.76 53.89
C HIS A 66 -19.02 -15.76 55.07
N VAL A 67 -18.69 -14.57 55.58
CA VAL A 67 -17.75 -14.41 56.68
C VAL A 67 -18.52 -13.84 57.87
N ILE A 68 -18.57 -14.59 58.96
CA ILE A 68 -19.22 -14.12 60.18
C ILE A 68 -18.52 -14.72 61.40
N LYS A 75 -17.35 -17.58 64.58
CA LYS A 75 -15.99 -17.94 64.21
C LYS A 75 -15.93 -18.52 62.80
N ARG A 76 -16.95 -18.23 62.00
CA ARG A 76 -17.03 -18.73 60.63
C ARG A 76 -16.27 -17.78 59.71
N PHE A 77 -15.26 -18.31 59.05
CA PHE A 77 -14.45 -17.58 58.10
C PHE A 77 -14.28 -18.38 56.81
N ASP A 78 -14.37 -17.67 55.68
CA ASP A 78 -14.12 -18.26 54.38
C ASP A 78 -12.88 -17.62 53.79
N ASN A 79 -11.77 -18.36 53.77
CA ASN A 79 -10.55 -17.94 53.08
C ASN A 79 -9.90 -19.16 52.44
N PRO A 80 -10.34 -19.56 51.23
CA PRO A 80 -9.70 -20.70 50.57
C PRO A 80 -8.46 -20.29 49.80
N VAL A 81 -7.81 -21.26 49.16
CA VAL A 81 -6.65 -21.02 48.31
C VAL A 81 -7.08 -21.29 46.88
N LEU A 82 -7.09 -20.24 46.05
CA LEU A 82 -7.60 -20.41 44.71
C LEU A 82 -6.54 -20.07 43.66
N PRO A 83 -6.47 -20.83 42.57
CA PRO A 83 -5.51 -20.50 41.51
C PRO A 83 -6.02 -19.36 40.63
N PHE A 84 -5.08 -18.72 39.93
CA PHE A 84 -5.37 -17.70 38.94
C PHE A 84 -4.89 -18.21 37.59
N ASN A 85 -5.73 -18.10 36.57
CA ASN A 85 -5.38 -18.55 35.23
C ASN A 85 -5.47 -17.43 34.20
N ASP A 86 -6.69 -17.03 33.83
CA ASP A 86 -6.90 -15.96 32.87
C ASP A 86 -7.35 -14.66 33.52
N GLY A 87 -8.53 -14.64 34.13
CA GLY A 87 -8.99 -13.46 34.82
C GLY A 87 -10.00 -13.76 35.91
N VAL A 88 -10.11 -12.89 36.91
CA VAL A 88 -11.05 -13.03 38.01
C VAL A 88 -11.77 -11.70 38.21
N TYR A 89 -12.87 -11.76 38.96
CA TYR A 89 -13.49 -10.58 39.55
C TYR A 89 -13.50 -10.69 41.07
N PHE A 90 -13.59 -9.54 41.72
CA PHE A 90 -13.87 -9.46 43.16
C PHE A 90 -15.03 -8.50 43.35
N ALA A 91 -16.19 -9.02 43.75
CA ALA A 91 -17.34 -8.20 44.06
C ALA A 91 -17.60 -8.30 45.56
N SER A 92 -17.30 -7.22 46.26
CA SER A 92 -17.38 -7.20 47.71
C SER A 92 -18.59 -6.40 48.17
N ILE A 93 -19.27 -6.91 49.19
CA ILE A 93 -20.38 -6.22 49.82
C ILE A 93 -20.12 -6.17 51.32
N GLU A 94 -20.13 -4.97 51.88
CA GLU A 94 -19.53 -4.72 53.19
C GLU A 94 -20.53 -4.04 54.12
N LYS A 95 -20.27 -4.19 55.41
CA LYS A 95 -20.84 -3.41 56.49
C LYS A 95 -19.79 -2.91 57.46
N SER A 96 -19.10 -3.81 58.15
CA SER A 96 -18.08 -3.48 59.14
C SER A 96 -16.68 -3.38 58.55
N ASN A 97 -16.56 -3.49 57.21
CA ASN A 97 -15.34 -3.40 56.39
C ASN A 97 -14.31 -4.46 56.78
N ILE A 98 -14.66 -5.71 56.46
CA ILE A 98 -13.82 -6.86 56.74
C ILE A 98 -12.79 -7.04 55.62
N ILE A 99 -13.26 -7.27 54.39
CA ILE A 99 -12.39 -7.51 53.26
C ILE A 99 -11.77 -6.19 52.81
N ARG A 100 -10.44 -6.12 52.83
CA ARG A 100 -9.67 -4.91 52.56
C ARG A 100 -8.93 -4.96 51.24
N GLY A 101 -7.99 -5.91 51.10
CA GLY A 101 -7.17 -6.00 49.91
C GLY A 101 -6.79 -7.45 49.68
N TRP A 102 -5.95 -7.65 48.66
CA TRP A 102 -5.57 -9.00 48.26
C TRP A 102 -4.06 -9.08 48.06
N ILE A 103 -3.52 -10.26 48.31
CA ILE A 103 -2.11 -10.55 48.06
C ILE A 103 -2.01 -11.39 46.81
N PHE A 104 -0.91 -11.21 46.08
CA PHE A 104 -0.72 -11.88 44.80
C PHE A 104 0.71 -12.41 44.71
N GLY A 105 0.94 -13.29 43.75
CA GLY A 105 2.25 -13.89 43.56
C GLY A 105 2.12 -15.24 42.88
N THR A 106 3.27 -15.88 42.70
CA THR A 106 3.29 -17.20 42.08
C THR A 106 3.28 -18.30 43.15
N THR A 107 4.39 -18.47 43.87
CA THR A 107 4.48 -19.44 44.95
C THR A 107 4.27 -18.81 46.33
N LEU A 108 4.06 -17.48 46.39
CA LEU A 108 3.73 -16.68 47.59
C LEU A 108 4.80 -16.77 48.69
N ASP A 109 6.06 -16.57 48.30
CA ASP A 109 7.18 -16.61 49.22
C ASP A 109 8.25 -15.62 48.74
N SER A 110 9.44 -15.71 49.33
CA SER A 110 10.55 -14.84 48.97
C SER A 110 11.34 -15.35 47.75
N LYS A 111 10.98 -16.50 47.19
CA LYS A 111 11.63 -16.99 45.98
C LYS A 111 11.16 -16.27 44.73
N THR A 112 9.99 -15.64 44.77
CA THR A 112 9.45 -14.93 43.61
C THR A 112 8.86 -13.60 44.07
N GLN A 113 8.55 -12.75 43.10
CA GLN A 113 7.98 -11.43 43.38
C GLN A 113 6.52 -11.56 43.78
N SER A 114 6.06 -10.64 44.61
CA SER A 114 4.70 -10.67 45.15
C SER A 114 4.10 -9.27 45.09
N LEU A 115 2.83 -9.20 44.70
CA LEU A 115 2.09 -7.94 44.68
C LEU A 115 1.29 -7.81 45.96
N LEU A 116 1.61 -6.79 46.77
CA LEU A 116 0.95 -6.52 48.03
C LEU A 116 0.05 -5.30 47.85
N ILE A 117 -1.26 -5.53 47.86
CA ILE A 117 -2.25 -4.45 47.85
C ILE A 117 -3.00 -4.52 49.16
N VAL A 118 -2.80 -3.53 50.03
CA VAL A 118 -3.38 -3.53 51.37
C VAL A 118 -3.55 -2.06 51.77
N ASN A 119 -4.50 -1.81 52.65
CA ASN A 119 -4.75 -0.46 53.17
C ASN A 119 -4.51 -0.51 54.68
N ASN A 120 -3.67 0.41 55.16
CA ASN A 120 -3.36 0.59 56.59
C ASN A 120 -4.24 1.68 57.22
N ALA A 121 -5.28 2.09 56.48
CA ALA A 121 -6.22 3.19 56.74
C ALA A 121 -5.54 4.56 56.79
N THR A 122 -4.48 4.72 56.01
CA THR A 122 -3.97 6.03 55.60
C THR A 122 -4.07 6.19 54.09
N ASN A 123 -3.34 5.37 53.33
CA ASN A 123 -3.46 5.30 51.88
C ASN A 123 -3.36 3.83 51.50
N VAL A 124 -3.83 3.50 50.31
CA VAL A 124 -3.75 2.12 49.83
C VAL A 124 -2.31 1.86 49.39
N VAL A 125 -1.68 0.86 49.99
CA VAL A 125 -0.25 0.61 49.81
C VAL A 125 -0.09 -0.46 48.73
N ILE A 126 0.51 -0.08 47.61
CA ILE A 126 0.81 -1.00 46.51
C ILE A 126 2.33 -1.09 46.41
N LYS A 127 2.89 -2.24 46.78
CA LYS A 127 4.31 -2.50 46.71
C LYS A 127 4.54 -3.84 46.01
N VAL A 128 5.57 -3.91 45.18
CA VAL A 128 6.05 -5.17 44.65
C VAL A 128 7.42 -5.40 45.26
N CYS A 129 7.49 -6.37 46.18
CA CYS A 129 8.72 -6.77 46.85
C CYS A 129 8.68 -8.29 46.97
N GLU A 130 9.62 -8.87 47.71
CA GLU A 130 9.53 -10.29 48.06
C GLU A 130 9.26 -10.39 49.55
N PHE A 131 8.04 -10.82 49.88
CA PHE A 131 7.65 -11.04 51.26
C PHE A 131 7.49 -12.53 51.51
N GLN A 132 7.75 -12.95 52.74
CA GLN A 132 7.57 -14.35 53.12
C GLN A 132 6.24 -14.45 53.86
N PHE A 133 5.25 -15.04 53.18
CA PHE A 133 3.90 -15.13 53.72
C PHE A 133 3.76 -16.32 54.67
N CYS A 134 2.82 -16.21 55.59
CA CYS A 134 2.44 -17.30 56.47
C CYS A 134 1.28 -18.06 55.82
N ASN A 135 0.64 -18.97 56.57
CA ASN A 135 -0.48 -19.74 56.04
C ASN A 135 -1.74 -18.88 55.91
N ASP A 136 -2.16 -18.25 57.00
CA ASP A 136 -3.37 -17.42 57.00
C ASP A 136 -3.02 -16.03 57.52
N PRO A 137 -2.64 -15.11 56.63
CA PRO A 137 -2.41 -13.73 57.07
C PRO A 137 -3.70 -12.97 57.33
N PHE A 138 -3.63 -12.06 58.30
CA PHE A 138 -4.78 -11.28 58.70
C PHE A 138 -4.34 -9.84 59.00
N LEU A 139 -5.31 -8.95 59.10
CA LEU A 139 -5.07 -7.55 59.42
C LEU A 139 -5.57 -7.25 60.82
N ASP A 140 -4.64 -6.97 61.73
CA ASP A 140 -4.99 -6.66 63.11
C ASP A 140 -4.51 -5.28 63.55
N MET A 148 -9.28 0.55 66.50
CA MET A 148 -8.45 0.95 65.38
C MET A 148 -7.37 -0.08 65.09
N GLU A 149 -6.56 0.18 64.07
CA GLU A 149 -5.49 -0.74 63.68
C GLU A 149 -4.25 -0.44 64.51
N SER A 150 -3.67 -1.49 65.10
CA SER A 150 -2.52 -1.30 65.98
C SER A 150 -1.20 -1.51 65.24
N GLU A 151 -0.90 -2.76 64.88
CA GLU A 151 0.37 -3.08 64.23
C GLU A 151 0.11 -4.04 63.08
N PHE A 152 0.66 -3.73 61.91
CA PHE A 152 0.47 -4.53 60.71
C PHE A 152 1.80 -5.23 60.39
N ARG A 153 1.84 -6.54 60.62
CA ARG A 153 2.97 -7.37 60.17
C ARG A 153 2.40 -8.66 59.59
N VAL A 154 2.51 -8.83 58.27
CA VAL A 154 2.12 -10.07 57.61
C VAL A 154 3.32 -10.94 57.23
N TYR A 155 4.54 -10.50 57.49
CA TYR A 155 5.71 -11.13 56.89
C TYR A 155 6.87 -11.18 57.88
N SER A 156 7.77 -12.14 57.66
CA SER A 156 9.00 -12.24 58.43
C SER A 156 10.10 -11.31 57.94
N SER A 157 10.30 -11.20 56.62
CA SER A 157 11.39 -10.40 56.07
C SER A 157 10.99 -9.88 54.69
N ALA A 158 11.71 -8.86 54.24
CA ALA A 158 11.43 -8.23 52.95
C ALA A 158 12.75 -7.86 52.28
N ASN A 159 12.87 -8.20 51.00
CA ASN A 159 14.04 -7.85 50.19
C ASN A 159 13.63 -7.72 48.73
N ASN A 160 14.45 -6.97 47.97
CA ASN A 160 14.42 -6.80 46.50
C ASN A 160 13.09 -6.22 46.00
N CYS A 161 12.85 -4.96 46.39
CA CYS A 161 11.63 -4.29 45.98
C CYS A 161 11.76 -3.71 44.57
N THR A 162 10.63 -3.64 43.88
CA THR A 162 10.59 -3.21 42.49
C THR A 162 9.67 -2.03 42.26
N PHE A 163 8.37 -2.19 42.48
CA PHE A 163 7.38 -1.19 42.08
C PHE A 163 6.76 -0.54 43.31
N GLU A 164 6.66 0.79 43.28
CA GLU A 164 6.07 1.58 44.35
C GLU A 164 5.04 2.54 43.74
N TYR A 165 3.91 2.69 44.42
CA TYR A 165 2.84 3.54 43.92
C TYR A 165 2.11 4.19 45.08
N VAL A 166 1.74 5.46 44.91
CA VAL A 166 1.00 6.22 45.90
C VAL A 166 -0.36 6.56 45.31
N SER A 167 -1.42 6.04 45.92
CA SER A 167 -2.78 6.21 45.41
C SER A 167 -3.48 7.35 46.16
N GLN A 168 -4.78 7.51 45.93
CA GLN A 168 -5.58 8.50 46.65
C GLN A 168 -5.89 7.99 48.06
N PRO A 169 -5.73 8.83 49.09
CA PRO A 169 -6.06 8.39 50.45
C PRO A 169 -7.56 8.31 50.71
N PHE A 170 -7.93 7.42 51.63
CA PHE A 170 -9.31 7.24 52.04
C PHE A 170 -9.38 7.12 53.56
N LEU A 171 -10.58 7.35 54.09
CA LEU A 171 -10.86 7.21 55.51
C LEU A 171 -12.06 6.29 55.70
N MET A 172 -12.05 5.52 56.79
CA MET A 172 -13.10 4.55 57.07
C MET A 172 -13.18 4.31 58.58
N ASP A 173 -14.10 3.43 58.98
CA ASP A 173 -14.28 3.07 60.37
C ASP A 173 -14.15 1.56 60.51
N LEU A 174 -13.39 1.13 61.52
CA LEU A 174 -13.11 -0.26 61.79
C LEU A 174 -14.06 -0.84 62.83
N GLU A 175 -15.07 -0.06 63.22
CA GLU A 175 -16.02 -0.48 64.24
C GLU A 175 -17.00 -1.51 63.68
N GLY A 176 -17.13 -2.65 64.38
CA GLY A 176 -17.99 -3.73 63.95
C GLY A 176 -19.47 -3.47 64.04
N LYS A 177 -20.17 -3.68 62.93
CA LYS A 177 -21.62 -3.52 62.86
C LYS A 177 -22.22 -4.74 62.19
N GLN A 178 -23.41 -5.15 62.67
CA GLN A 178 -24.15 -6.26 62.08
C GLN A 178 -25.55 -5.75 61.71
N GLY A 179 -25.92 -5.93 60.46
CA GLY A 179 -27.20 -5.40 59.99
C GLY A 179 -27.31 -5.51 58.48
N ASN A 180 -28.13 -4.62 57.92
CA ASN A 180 -28.32 -4.58 56.48
C ASN A 180 -27.10 -3.97 55.80
N PHE A 181 -26.93 -4.27 54.52
CA PHE A 181 -25.73 -3.89 53.77
C PHE A 181 -26.03 -2.70 52.88
N LYS A 182 -25.38 -1.58 53.15
CA LYS A 182 -25.72 -0.33 52.50
C LYS A 182 -24.84 0.05 51.31
N ASN A 183 -23.80 -0.71 51.00
CA ASN A 183 -22.88 -0.31 49.93
C ASN A 183 -22.30 -1.53 49.22
N LEU A 184 -21.73 -1.27 48.03
CA LEU A 184 -21.03 -2.28 47.24
C LEU A 184 -19.61 -1.80 46.99
N ARG A 185 -18.68 -2.76 46.87
CA ARG A 185 -17.26 -2.47 46.70
C ARG A 185 -16.75 -3.35 45.54
N GLU A 186 -16.20 -2.72 44.50
CA GLU A 186 -15.87 -3.41 43.26
C GLU A 186 -14.39 -3.29 42.96
N PHE A 187 -13.76 -4.41 42.61
CA PHE A 187 -12.39 -4.43 42.09
C PHE A 187 -12.29 -5.49 40.99
N VAL A 188 -11.56 -5.17 39.93
CA VAL A 188 -11.31 -6.10 38.84
C VAL A 188 -9.81 -6.33 38.75
N PHE A 189 -9.39 -7.59 38.93
CA PHE A 189 -8.02 -8.00 38.74
C PHE A 189 -7.94 -8.80 37.45
N LYS A 190 -7.30 -8.23 36.43
CA LYS A 190 -7.13 -8.89 35.15
C LYS A 190 -5.70 -8.69 34.68
N ASN A 191 -5.23 -9.62 33.85
CA ASN A 191 -3.86 -9.57 33.32
C ASN A 191 -3.93 -9.75 31.80
N ILE A 192 -3.60 -8.68 31.07
CA ILE A 192 -3.44 -8.71 29.62
C ILE A 192 -2.05 -8.19 29.32
N ASP A 193 -1.16 -9.09 28.84
CA ASP A 193 0.22 -8.83 28.40
C ASP A 193 1.10 -8.20 29.49
N GLY A 194 0.86 -8.59 30.75
CA GLY A 194 1.60 -8.04 31.86
C GLY A 194 0.98 -6.81 32.50
N TYR A 195 -0.06 -6.24 31.90
CA TYR A 195 -0.68 -5.02 32.40
C TYR A 195 -1.82 -5.38 33.35
N PHE A 196 -1.95 -4.61 34.43
CA PHE A 196 -2.99 -4.83 35.44
C PHE A 196 -3.81 -3.54 35.54
N LYS A 197 -5.09 -3.64 35.20
CA LYS A 197 -5.97 -2.48 35.27
C LYS A 197 -7.06 -2.70 36.32
N ILE A 198 -7.29 -1.67 37.13
CA ILE A 198 -8.24 -1.73 38.24
C ILE A 198 -9.50 -0.98 37.84
N TYR A 199 -10.62 -1.69 37.81
CA TYR A 199 -11.92 -1.10 37.48
C TYR A 199 -12.76 -1.02 38.76
N SER A 200 -13.32 0.16 39.02
CA SER A 200 -14.04 0.40 40.25
C SER A 200 -15.27 1.26 39.99
N LYS A 201 -16.39 0.86 40.60
CA LYS A 201 -17.61 1.66 40.62
C LYS A 201 -18.23 1.52 42.00
N HIS A 202 -18.57 2.65 42.61
CA HIS A 202 -19.10 2.68 43.97
C HIS A 202 -20.57 3.06 43.92
N THR A 203 -21.45 2.09 44.18
CA THR A 203 -22.88 2.30 44.20
C THR A 203 -23.49 1.81 45.50
N PRO A 204 -24.43 2.54 46.08
CA PRO A 204 -25.24 1.98 47.16
C PRO A 204 -26.52 1.36 46.62
N ILE A 205 -27.31 0.81 47.53
CA ILE A 205 -28.64 0.29 47.18
C ILE A 205 -29.70 1.01 47.99
N ASP A 212 -28.77 -10.11 50.44
CA ASP A 212 -27.59 -10.93 50.19
C ASP A 212 -27.06 -10.71 48.77
N LEU A 213 -27.97 -10.62 47.80
CA LEU A 213 -27.59 -10.43 46.40
C LEU A 213 -28.33 -9.23 45.83
N PRO A 214 -27.73 -8.05 45.82
CA PRO A 214 -28.34 -6.91 45.12
C PRO A 214 -28.28 -7.07 43.61
N GLN A 215 -29.15 -6.33 42.94
CA GLN A 215 -29.34 -6.42 41.50
C GLN A 215 -29.15 -5.05 40.85
N GLY A 216 -29.39 -5.01 39.55
CA GLY A 216 -29.20 -3.82 38.74
C GLY A 216 -27.98 -3.97 37.85
N PHE A 217 -27.68 -2.90 37.13
CA PHE A 217 -26.54 -2.86 36.22
C PHE A 217 -25.52 -1.85 36.73
N SER A 218 -24.26 -2.09 36.40
CA SER A 218 -23.17 -1.23 36.85
C SER A 218 -22.19 -1.01 35.72
N ALA A 219 -21.62 0.19 35.67
CA ALA A 219 -20.60 0.54 34.70
C ALA A 219 -19.34 0.97 35.45
N LEU A 220 -18.29 0.17 35.32
CA LEU A 220 -17.06 0.34 36.09
C LEU A 220 -16.06 1.16 35.29
N GLU A 221 -15.65 2.30 35.84
CA GLU A 221 -14.70 3.20 35.19
C GLU A 221 -13.27 2.81 35.54
N PRO A 222 -12.31 2.97 34.61
CA PRO A 222 -10.91 2.68 34.96
C PRO A 222 -10.27 3.74 35.83
N LEU A 223 -9.42 3.31 36.76
CA LEU A 223 -8.73 4.21 37.68
C LEU A 223 -7.21 4.04 37.63
N VAL A 224 -6.70 2.91 38.11
CA VAL A 224 -5.27 2.71 38.31
C VAL A 224 -4.79 1.64 37.32
N ASP A 225 -3.81 2.00 36.50
CA ASP A 225 -3.14 1.06 35.60
C ASP A 225 -1.80 0.70 36.23
N LEU A 226 -1.48 -0.59 36.27
CA LEU A 226 -0.25 -1.08 36.87
C LEU A 226 0.65 -1.68 35.81
N PRO A 227 1.82 -1.00 35.42
CA PRO A 227 2.77 -1.61 34.47
C PRO A 227 3.83 -2.46 35.18
N ILE A 228 3.38 -3.56 35.77
CA ILE A 228 4.28 -4.40 36.57
C ILE A 228 4.91 -5.47 35.70
N GLY A 229 4.10 -6.37 35.14
CA GLY A 229 4.60 -7.41 34.26
C GLY A 229 5.28 -8.58 34.94
N ILE A 230 4.63 -9.15 35.97
CA ILE A 230 5.12 -10.35 36.64
C ILE A 230 4.08 -11.45 36.48
N ASN A 231 4.53 -12.68 36.67
CA ASN A 231 3.66 -13.86 36.53
C ASN A 231 3.02 -14.15 37.88
N ILE A 232 1.69 -14.08 37.92
CA ILE A 232 0.91 -14.34 39.14
C ILE A 232 -0.02 -15.50 38.84
N THR A 233 0.25 -16.65 39.49
CA THR A 233 -0.60 -17.83 39.31
C THR A 233 -1.61 -18.07 40.42
N ARG A 234 -1.56 -17.33 41.53
CA ARG A 234 -2.37 -17.67 42.70
C ARG A 234 -2.61 -16.41 43.52
N PHE A 235 -3.79 -16.33 44.15
CA PHE A 235 -4.10 -15.21 45.02
C PHE A 235 -4.60 -15.75 46.36
N GLN A 236 -4.83 -14.82 47.30
CA GLN A 236 -5.39 -15.13 48.61
C GLN A 236 -6.10 -13.88 49.12
N THR A 237 -7.19 -14.09 49.85
CA THR A 237 -8.02 -13.00 50.35
C THR A 237 -7.63 -12.63 51.78
N LEU A 238 -7.24 -11.38 51.99
CA LEU A 238 -6.91 -10.87 53.31
C LEU A 238 -8.21 -10.55 54.06
N LEU A 239 -8.21 -10.77 55.36
CA LEU A 239 -9.36 -10.49 56.22
C LEU A 239 -8.92 -9.65 57.40
N ALA A 240 -9.65 -8.57 57.68
CA ALA A 240 -9.38 -7.71 58.83
C ALA A 240 -10.32 -8.07 59.97
N LEU A 241 -9.77 -8.19 61.17
CA LEU A 241 -10.53 -8.54 62.36
C LEU A 241 -10.35 -7.47 63.42
N HIS A 242 -11.35 -7.32 64.28
CA HIS A 242 -11.35 -6.34 65.34
C HIS A 242 -11.60 -7.02 66.67
N ARG A 243 -11.73 -6.21 67.73
CA ARG A 243 -11.96 -6.73 69.06
C ARG A 243 -13.28 -6.23 69.63
N SER A 251 -3.55 -13.14 73.15
CA SER A 251 -3.19 -12.31 71.99
C SER A 251 -3.97 -12.75 70.75
N SER A 252 -4.01 -14.05 70.51
CA SER A 252 -4.71 -14.59 69.35
C SER A 252 -6.17 -14.96 69.61
N SER A 253 -6.62 -14.95 70.86
CA SER A 253 -7.96 -15.38 71.21
C SER A 253 -9.03 -14.32 70.99
N GLY A 254 -8.72 -13.05 71.24
CA GLY A 254 -9.72 -12.00 71.30
C GLY A 254 -10.04 -11.27 70.02
N TRP A 255 -9.78 -11.86 68.85
CA TRP A 255 -10.09 -11.21 67.59
C TRP A 255 -11.31 -11.83 66.95
N THR A 256 -12.30 -11.00 66.61
CA THR A 256 -13.53 -11.44 65.97
C THR A 256 -13.81 -10.55 64.77
N ALA A 257 -14.89 -10.86 64.05
CA ALA A 257 -15.23 -10.13 62.84
C ALA A 257 -16.73 -10.00 62.71
N GLY A 258 -17.15 -9.11 61.82
CA GLY A 258 -18.55 -8.89 61.54
C GLY A 258 -19.06 -9.71 60.37
N ALA A 259 -20.09 -9.19 59.70
CA ALA A 259 -20.75 -9.87 58.60
C ALA A 259 -20.35 -9.23 57.28
N ALA A 260 -19.79 -10.04 56.38
CA ALA A 260 -19.36 -9.58 55.07
C ALA A 260 -19.40 -10.73 54.09
N ALA A 261 -19.37 -10.40 52.80
CA ALA A 261 -19.44 -11.40 51.75
C ALA A 261 -18.65 -10.91 50.53
N TYR A 262 -18.13 -11.87 49.76
CA TYR A 262 -17.38 -11.55 48.55
C TYR A 262 -17.66 -12.61 47.49
N TYR A 263 -17.32 -12.29 46.25
CA TYR A 263 -17.54 -13.17 45.10
C TYR A 263 -16.25 -13.31 44.30
N VAL A 264 -15.94 -14.53 43.89
CA VAL A 264 -14.78 -14.82 43.03
C VAL A 264 -15.29 -15.49 41.76
N GLY A 265 -15.11 -14.83 40.62
CA GLY A 265 -15.50 -15.35 39.34
C GLY A 265 -14.31 -15.78 38.47
N TYR A 266 -14.65 -16.33 37.31
CA TYR A 266 -13.68 -16.68 36.27
C TYR A 266 -14.07 -15.97 34.99
N LEU A 267 -13.09 -15.75 34.11
CA LEU A 267 -13.32 -14.97 32.91
C LEU A 267 -12.94 -15.75 31.65
N GLN A 268 -13.48 -15.30 30.51
CA GLN A 268 -13.27 -15.93 29.22
C GLN A 268 -13.19 -14.84 28.15
N PRO A 269 -12.33 -15.00 27.11
CA PRO A 269 -12.31 -14.01 26.01
C PRO A 269 -13.52 -14.09 25.08
N ARG A 270 -14.60 -13.44 25.49
CA ARG A 270 -15.90 -13.52 24.83
C ARG A 270 -16.18 -12.19 24.12
N THR A 271 -16.81 -12.25 22.95
CA THR A 271 -17.17 -11.06 22.20
C THR A 271 -18.54 -10.54 22.64
N PHE A 272 -18.61 -9.25 23.01
CA PHE A 272 -19.86 -8.62 23.42
C PHE A 272 -20.32 -7.54 22.44
N LEU A 273 -21.42 -6.90 22.82
CA LEU A 273 -21.93 -5.68 22.23
C LEU A 273 -22.04 -4.63 23.33
N LEU A 274 -22.17 -3.37 22.92
CA LEU A 274 -22.24 -2.26 23.87
C LEU A 274 -23.48 -1.41 23.60
N LYS A 275 -23.86 -0.60 24.59
CA LYS A 275 -24.99 0.31 24.50
C LYS A 275 -24.59 1.61 25.19
N TYR A 276 -24.83 2.74 24.52
CA TYR A 276 -24.52 4.06 25.06
C TYR A 276 -25.69 5.00 24.85
N ASN A 277 -25.97 5.80 25.88
CA ASN A 277 -26.96 6.86 25.81
C ASN A 277 -26.29 8.17 25.40
N GLU A 278 -27.00 9.28 25.54
CA GLU A 278 -26.40 10.58 25.27
C GLU A 278 -25.44 11.01 26.37
N ASN A 279 -25.65 10.52 27.60
CA ASN A 279 -24.73 10.80 28.70
C ASN A 279 -23.47 9.94 28.65
N GLY A 280 -23.51 8.78 28.01
CA GLY A 280 -22.34 7.94 27.88
C GLY A 280 -22.20 6.82 28.86
N THR A 281 -23.28 6.44 29.56
CA THR A 281 -23.26 5.34 30.52
C THR A 281 -23.84 4.09 29.89
N ILE A 282 -23.26 2.94 30.26
CA ILE A 282 -23.69 1.67 29.69
C ILE A 282 -24.87 1.13 30.49
N THR A 283 -26.03 1.02 29.84
CA THR A 283 -27.22 0.42 30.43
C THR A 283 -27.24 -1.09 30.34
N ASP A 284 -26.85 -1.66 29.20
CA ASP A 284 -27.04 -3.08 28.93
C ASP A 284 -25.92 -3.58 28.04
N ALA A 285 -25.57 -4.85 28.22
CA ALA A 285 -24.63 -5.53 27.34
C ALA A 285 -25.19 -6.90 27.00
N VAL A 286 -24.97 -7.33 25.76
CA VAL A 286 -25.57 -8.54 25.21
C VAL A 286 -24.48 -9.58 24.97
N ASP A 287 -24.58 -10.72 25.65
CA ASP A 287 -23.71 -11.87 25.39
C ASP A 287 -24.27 -12.62 24.19
N CYS A 288 -23.40 -12.97 23.26
CA CYS A 288 -23.83 -13.57 22.00
C CYS A 288 -24.16 -15.05 22.12
N ALA A 289 -23.40 -15.82 22.90
CA ALA A 289 -23.43 -17.29 22.84
C ALA A 289 -24.45 -17.91 23.81
N LEU A 290 -25.21 -17.08 24.52
CA LEU A 290 -26.20 -17.60 25.47
C LEU A 290 -27.49 -18.02 24.78
N ASP A 291 -28.27 -17.06 24.30
CA ASP A 291 -29.62 -17.32 23.83
C ASP A 291 -29.68 -17.03 22.34
N PRO A 292 -30.52 -17.77 21.58
CA PRO A 292 -30.64 -17.49 20.13
C PRO A 292 -31.29 -16.15 19.76
N LEU A 293 -32.08 -15.54 20.65
CA LEU A 293 -32.54 -14.18 20.41
C LEU A 293 -31.39 -13.19 20.61
N SER A 294 -30.44 -13.52 21.47
CA SER A 294 -29.22 -12.72 21.58
C SER A 294 -28.22 -13.05 20.49
N GLU A 295 -28.39 -14.18 19.80
CA GLU A 295 -27.60 -14.47 18.60
C GLU A 295 -28.06 -13.60 17.42
N THR A 296 -29.34 -13.21 17.42
CA THR A 296 -29.87 -12.36 16.36
C THR A 296 -29.39 -10.92 16.53
N LYS A 297 -29.16 -10.50 17.78
CA LYS A 297 -28.72 -9.13 18.04
C LYS A 297 -27.24 -8.95 17.72
N CYS A 298 -26.44 -10.02 17.81
CA CYS A 298 -25.03 -9.90 17.49
C CYS A 298 -24.79 -9.91 15.99
N THR A 299 -25.66 -10.57 15.23
CA THR A 299 -25.52 -10.60 13.78
C THR A 299 -26.01 -9.30 13.14
N LEU A 300 -27.20 -8.85 13.53
CA LEU A 300 -27.83 -7.69 12.90
C LEU A 300 -27.29 -6.36 13.42
N LYS A 301 -26.58 -6.38 14.56
CA LYS A 301 -26.12 -5.21 15.34
C LYS A 301 -27.26 -4.25 15.68
N SER A 302 -28.37 -4.81 16.15
CA SER A 302 -29.53 -4.04 16.56
C SER A 302 -30.18 -4.72 17.76
N PHE A 303 -30.62 -3.90 18.71
CA PHE A 303 -31.20 -4.41 19.96
C PHE A 303 -32.71 -4.55 19.88
N THR A 304 -33.34 -4.15 18.79
CA THR A 304 -34.77 -4.35 18.58
C THR A 304 -34.93 -5.34 17.43
N VAL A 305 -35.38 -6.55 17.74
CA VAL A 305 -35.53 -7.63 16.77
C VAL A 305 -37.00 -7.71 16.38
N GLU A 306 -37.27 -7.57 15.08
CA GLU A 306 -38.63 -7.69 14.58
C GLU A 306 -38.99 -9.17 14.37
N LYS A 307 -40.21 -9.42 13.93
CA LYS A 307 -40.69 -10.78 13.75
C LYS A 307 -40.18 -11.33 12.42
N GLY A 308 -39.42 -12.42 12.48
CA GLY A 308 -38.85 -13.01 11.30
C GLY A 308 -37.78 -14.03 11.65
N ILE A 309 -37.13 -14.53 10.60
CA ILE A 309 -36.07 -15.53 10.73
C ILE A 309 -34.76 -14.91 10.23
N TYR A 310 -33.69 -15.10 11.00
CA TYR A 310 -32.39 -14.55 10.66
C TYR A 310 -31.31 -15.60 10.86
N GLN A 311 -30.35 -15.61 9.95
CA GLN A 311 -29.20 -16.52 10.02
C GLN A 311 -28.09 -15.87 10.82
N THR A 312 -27.46 -16.65 11.71
CA THR A 312 -26.47 -16.12 12.62
C THR A 312 -25.07 -16.62 12.30
N SER A 313 -24.79 -17.91 12.51
CA SER A 313 -23.46 -18.45 12.30
C SER A 313 -23.60 -19.87 11.75
N ASN A 314 -22.49 -20.58 11.68
CA ASN A 314 -22.45 -21.94 11.15
C ASN A 314 -21.98 -22.90 12.24
N PHE A 315 -22.65 -24.04 12.35
CA PHE A 315 -22.27 -25.06 13.31
C PHE A 315 -21.06 -25.83 12.78
N ARG A 316 -20.12 -26.12 13.69
CA ARG A 316 -18.89 -26.83 13.31
C ARG A 316 -18.53 -27.81 14.42
N VAL A 317 -18.24 -29.05 14.03
CA VAL A 317 -17.79 -30.08 14.96
C VAL A 317 -16.28 -29.97 15.11
N GLN A 318 -15.82 -29.71 16.34
CA GLN A 318 -14.40 -29.59 16.60
C GLN A 318 -13.75 -30.96 16.70
N PRO A 319 -12.50 -31.11 16.25
CA PRO A 319 -11.81 -32.40 16.42
C PRO A 319 -11.33 -32.61 17.84
N THR A 320 -11.19 -33.88 18.21
CA THR A 320 -10.86 -34.27 19.58
C THR A 320 -9.47 -34.86 19.71
N GLU A 321 -9.21 -36.02 19.10
CA GLU A 321 -7.91 -36.66 19.19
C GLU A 321 -7.22 -36.60 17.83
N SER A 322 -6.00 -37.15 17.78
CA SER A 322 -5.15 -37.07 16.60
C SER A 322 -4.70 -38.48 16.19
N ILE A 323 -4.51 -38.67 14.88
CA ILE A 323 -4.00 -39.91 14.32
C ILE A 323 -2.68 -39.59 13.63
N VAL A 324 -1.59 -40.15 14.15
CA VAL A 324 -0.26 -39.98 13.57
C VAL A 324 0.13 -41.32 12.96
N ARG A 325 0.41 -41.33 11.66
CA ARG A 325 0.67 -42.56 10.92
C ARG A 325 2.13 -42.65 10.50
N PHE A 326 2.62 -43.88 10.46
CA PHE A 326 3.97 -44.23 10.06
C PHE A 326 3.89 -45.56 9.32
N PRO A 327 4.74 -45.81 8.32
CA PRO A 327 4.68 -47.08 7.58
C PRO A 327 5.18 -48.29 8.34
N ASN A 328 5.33 -49.39 7.59
CA ASN A 328 5.61 -50.70 8.15
C ASN A 328 7.09 -50.80 8.55
N ILE A 329 7.46 -51.89 9.21
CA ILE A 329 8.82 -52.09 9.71
C ILE A 329 9.67 -52.87 8.70
N THR A 330 9.14 -53.15 7.52
CA THR A 330 9.90 -53.81 6.47
C THR A 330 10.75 -52.82 5.70
N ASN A 331 11.44 -53.35 4.67
CA ASN A 331 12.47 -52.69 3.85
C ASN A 331 13.58 -52.09 4.71
N LEU A 332 14.18 -52.95 5.54
CA LEU A 332 15.25 -52.54 6.45
C LEU A 332 16.58 -52.43 5.71
N CYS A 333 17.62 -52.03 6.45
CA CYS A 333 18.91 -51.78 5.86
C CYS A 333 19.96 -52.59 6.62
N PRO A 334 21.04 -53.19 5.89
CA PRO A 334 22.05 -54.01 6.62
C PRO A 334 23.02 -53.20 7.47
N PHE A 335 22.56 -52.81 8.66
CA PHE A 335 23.43 -52.15 9.63
C PHE A 335 24.33 -53.13 10.38
N ASP A 336 24.03 -54.43 10.35
CA ASP A 336 24.76 -55.40 11.17
C ASP A 336 26.14 -55.74 10.61
N GLU A 337 26.42 -55.40 9.35
CA GLU A 337 27.74 -55.64 8.79
C GLU A 337 28.79 -54.64 9.28
N VAL A 338 28.37 -53.42 9.61
CA VAL A 338 29.26 -52.46 10.26
C VAL A 338 29.09 -52.41 11.77
N PHE A 339 28.17 -53.17 12.35
CA PHE A 339 27.96 -53.18 13.81
C PHE A 339 28.28 -54.52 14.45
N ASN A 340 27.52 -55.57 14.11
CA ASN A 340 27.48 -56.82 14.88
C ASN A 340 28.45 -57.85 14.28
N ALA A 341 29.26 -57.42 13.32
CA ALA A 341 30.17 -58.29 12.58
C ALA A 341 31.34 -58.76 13.43
N THR A 342 31.95 -59.87 12.99
CA THR A 342 32.95 -60.56 13.81
C THR A 342 34.30 -59.87 13.75
N ARG A 343 34.76 -59.49 12.56
CA ARG A 343 36.13 -59.02 12.37
C ARG A 343 36.13 -57.53 12.07
N PHE A 344 37.34 -56.99 11.90
CA PHE A 344 37.53 -55.56 11.72
C PHE A 344 38.84 -55.33 10.97
N ALA A 345 38.98 -54.11 10.46
CA ALA A 345 40.18 -53.71 9.74
C ALA A 345 41.05 -52.80 10.61
N SER A 346 42.17 -52.37 10.05
CA SER A 346 43.06 -51.43 10.72
C SER A 346 42.57 -49.99 10.50
N VAL A 347 43.34 -49.04 11.02
CA VAL A 347 42.89 -47.65 11.01
C VAL A 347 43.10 -46.96 9.66
N TYR A 348 44.04 -47.42 8.84
CA TYR A 348 44.17 -46.96 7.46
C TYR A 348 43.51 -47.91 6.48
N ALA A 349 42.99 -49.03 6.96
CA ALA A 349 42.44 -50.11 6.15
C ALA A 349 40.93 -50.02 5.98
N TRP A 350 40.36 -48.86 6.34
CA TRP A 350 38.91 -48.60 6.28
C TRP A 350 38.33 -48.77 4.88
N ASN A 351 37.09 -49.23 4.82
CA ASN A 351 36.37 -49.35 3.57
C ASN A 351 35.37 -48.21 3.41
N ARG A 352 34.66 -48.22 2.28
CA ARG A 352 33.63 -47.24 2.00
C ARG A 352 32.29 -47.98 1.98
N LYS A 353 31.46 -47.72 2.98
CA LYS A 353 30.14 -48.34 3.09
C LYS A 353 29.09 -47.26 2.83
N ARG A 354 28.41 -47.35 1.69
CA ARG A 354 27.40 -46.37 1.31
C ARG A 354 26.04 -46.86 1.77
N ILE A 355 25.42 -46.11 2.69
CA ILE A 355 24.09 -46.42 3.19
C ILE A 355 23.13 -45.48 2.49
N SER A 356 22.33 -46.03 1.57
CA SER A 356 21.38 -45.25 0.79
C SER A 356 20.27 -46.18 0.31
N ASN A 357 19.12 -45.55 -0.02
CA ASN A 357 17.89 -46.17 -0.55
C ASN A 357 17.33 -47.25 0.38
N CYS A 358 17.40 -47.00 1.68
CA CYS A 358 16.93 -47.98 2.66
C CYS A 358 16.40 -47.22 3.87
N VAL A 359 15.47 -47.84 4.58
CA VAL A 359 14.85 -47.24 5.76
C VAL A 359 15.71 -47.55 6.98
N ALA A 360 16.22 -46.52 7.63
CA ALA A 360 17.04 -46.68 8.81
C ALA A 360 16.17 -46.97 10.02
N ASP A 361 16.58 -47.95 10.84
CA ASP A 361 15.86 -48.32 12.05
C ASP A 361 16.77 -47.95 13.23
N TYR A 362 16.40 -46.87 13.91
CA TYR A 362 17.06 -46.46 15.16
C TYR A 362 16.28 -46.87 16.41
N SER A 363 15.12 -47.51 16.24
CA SER A 363 14.28 -47.88 17.38
C SER A 363 14.82 -49.07 18.15
N VAL A 364 15.47 -50.01 17.49
CA VAL A 364 16.11 -51.14 18.15
C VAL A 364 17.57 -50.87 18.45
N LEU A 365 18.06 -49.67 18.17
CA LEU A 365 19.48 -49.31 18.33
C LEU A 365 19.72 -48.36 19.48
N TYR A 366 19.20 -47.13 19.38
CA TYR A 366 19.48 -46.11 20.39
C TYR A 366 18.61 -46.29 21.64
N ASN A 367 17.42 -46.88 21.49
CA ASN A 367 16.53 -47.04 22.64
C ASN A 367 16.94 -48.19 23.54
N LEU A 368 17.42 -49.30 22.96
CA LEU A 368 17.90 -50.41 23.78
C LEU A 368 19.26 -50.11 24.37
N ALA A 369 20.18 -49.56 23.55
CA ALA A 369 21.57 -49.18 23.79
C ALA A 369 22.43 -50.28 24.40
N PRO A 370 22.84 -51.31 23.63
CA PRO A 370 23.72 -52.34 24.18
C PRO A 370 25.16 -51.90 24.40
N PHE A 371 25.59 -50.80 23.79
CA PHE A 371 26.98 -50.35 23.76
C PHE A 371 27.41 -49.79 25.12
N PHE A 372 28.73 -49.73 25.31
CA PHE A 372 29.31 -49.40 26.60
C PHE A 372 29.26 -47.90 26.88
N THR A 373 30.01 -47.11 26.12
CA THR A 373 29.99 -45.65 26.24
C THR A 373 29.41 -45.06 24.96
N PHE A 374 28.27 -44.38 25.08
CA PHE A 374 27.67 -43.63 23.99
C PHE A 374 27.72 -42.15 24.38
N LYS A 375 28.66 -41.41 23.78
CA LYS A 375 28.80 -39.97 24.00
C LYS A 375 29.21 -39.33 22.68
N CYS A 376 28.49 -38.28 22.28
CA CYS A 376 28.86 -37.47 21.12
C CYS A 376 28.27 -36.07 21.26
N TYR A 377 28.81 -35.16 20.46
CA TYR A 377 28.42 -33.76 20.44
C TYR A 377 27.78 -33.42 19.09
N GLY A 378 27.52 -32.13 18.88
CA GLY A 378 26.85 -31.69 17.67
C GLY A 378 25.37 -32.03 17.61
N VAL A 379 24.97 -32.74 16.56
CA VAL A 379 23.58 -33.14 16.32
C VAL A 379 23.23 -34.22 17.35
N SER A 380 22.13 -33.99 18.08
CA SER A 380 21.69 -34.86 19.16
C SER A 380 21.14 -36.18 18.60
N PRO A 381 21.32 -37.29 19.33
CA PRO A 381 20.70 -38.56 18.90
C PRO A 381 19.18 -38.60 19.05
N THR A 382 18.58 -37.74 19.86
CA THR A 382 17.13 -37.64 19.88
C THR A 382 16.60 -36.89 18.66
N LYS A 383 17.44 -36.04 18.05
CA LYS A 383 17.04 -35.31 16.85
C LYS A 383 17.32 -36.09 15.56
N LEU A 384 17.92 -37.28 15.65
CA LEU A 384 18.18 -38.08 14.45
C LEU A 384 16.95 -38.78 13.92
N ASN A 385 15.91 -38.95 14.76
CA ASN A 385 14.71 -39.64 14.32
C ASN A 385 13.81 -38.75 13.48
N ASP A 386 13.82 -37.44 13.71
CA ASP A 386 12.93 -36.51 13.02
C ASP A 386 13.60 -35.85 11.81
N LEU A 387 14.86 -36.16 11.55
CA LEU A 387 15.61 -35.55 10.45
C LEU A 387 16.04 -36.61 9.45
N CYS A 388 16.26 -36.17 8.22
CA CYS A 388 16.67 -37.03 7.12
C CYS A 388 18.09 -36.68 6.69
N PHE A 389 18.82 -37.68 6.22
CA PHE A 389 20.20 -37.51 5.79
C PHE A 389 20.44 -38.26 4.48
N THR A 390 21.18 -37.62 3.58
CA THR A 390 21.32 -38.15 2.22
C THR A 390 22.35 -39.27 2.15
N ASN A 391 23.62 -38.94 2.39
CA ASN A 391 24.71 -39.90 2.29
C ASN A 391 25.19 -40.25 3.69
N VAL A 392 25.07 -41.53 4.05
CA VAL A 392 25.46 -42.04 5.37
C VAL A 392 26.62 -43.00 5.17
N TYR A 393 27.74 -42.71 5.83
CA TYR A 393 28.93 -43.55 5.74
C TYR A 393 29.26 -44.14 7.10
N ALA A 394 29.89 -45.32 7.09
CA ALA A 394 30.25 -46.02 8.30
C ALA A 394 31.49 -46.88 8.06
N ASP A 395 32.14 -47.26 9.14
CA ASP A 395 33.35 -48.08 9.09
C ASP A 395 33.43 -48.93 10.36
N SER A 396 34.47 -49.76 10.44
CA SER A 396 34.68 -50.61 11.61
C SER A 396 36.16 -50.61 11.95
N PHE A 397 36.48 -50.19 13.18
CA PHE A 397 37.85 -50.15 13.66
C PHE A 397 37.86 -50.29 15.17
N VAL A 398 38.96 -50.80 15.71
CA VAL A 398 39.16 -50.99 17.15
C VAL A 398 40.40 -50.21 17.56
N ILE A 399 40.21 -49.25 18.47
CA ILE A 399 41.32 -48.43 18.96
C ILE A 399 41.47 -48.61 20.47
N ARG A 400 42.39 -47.85 21.07
CA ARG A 400 42.64 -47.94 22.50
C ARG A 400 41.63 -47.09 23.28
N GLY A 401 41.76 -47.12 24.61
CA GLY A 401 40.92 -46.29 25.45
C GLY A 401 41.48 -44.91 25.69
N ASP A 402 42.76 -44.71 25.35
CA ASP A 402 43.35 -43.38 25.36
C ASP A 402 43.18 -42.65 24.03
N GLU A 403 42.75 -43.36 22.98
CA GLU A 403 42.52 -42.76 21.68
C GLU A 403 41.05 -42.41 21.44
N VAL A 404 40.17 -42.72 22.40
CA VAL A 404 38.76 -42.36 22.24
C VAL A 404 38.52 -40.90 22.62
N ARG A 405 39.45 -40.27 23.36
CA ARG A 405 39.40 -38.83 23.61
C ARG A 405 40.02 -38.02 22.49
N GLN A 406 40.63 -38.67 21.50
CA GLN A 406 41.28 -38.00 20.38
C GLN A 406 40.35 -37.76 19.20
N ILE A 407 39.06 -38.08 19.33
CA ILE A 407 38.09 -37.82 18.26
C ILE A 407 37.36 -36.55 18.65
N ALA A 408 37.70 -35.45 17.98
CA ALA A 408 37.04 -34.16 18.14
C ALA A 408 37.18 -33.43 16.81
N PRO A 409 36.25 -32.52 16.48
CA PRO A 409 36.54 -31.56 15.40
C PRO A 409 37.62 -30.58 15.82
N GLY A 410 38.62 -30.41 14.96
CA GLY A 410 39.77 -29.58 15.29
C GLY A 410 40.67 -30.15 16.36
N GLN A 411 40.99 -31.44 16.31
CA GLN A 411 41.79 -32.10 17.32
C GLN A 411 43.21 -32.32 16.82
N THR A 412 44.18 -31.92 17.63
CA THR A 412 45.60 -32.09 17.32
C THR A 412 46.23 -33.04 18.33
N GLY A 413 47.30 -33.70 17.91
CA GLY A 413 47.98 -34.63 18.79
C GLY A 413 48.74 -35.67 17.99
N ASN A 414 49.00 -36.80 18.65
CA ASN A 414 49.70 -37.91 18.00
C ASN A 414 48.77 -38.86 17.26
N ILE A 415 47.45 -38.69 17.40
CA ILE A 415 46.48 -39.61 16.83
C ILE A 415 45.70 -38.96 15.68
N ALA A 416 44.96 -37.89 15.97
CA ALA A 416 44.07 -37.26 14.99
C ALA A 416 44.82 -36.49 13.90
N ASP A 417 46.08 -36.11 14.14
CA ASP A 417 46.91 -35.53 13.09
C ASP A 417 47.51 -36.59 12.17
N TYR A 418 47.97 -37.71 12.71
CA TYR A 418 48.75 -38.68 11.95
C TYR A 418 47.96 -39.87 11.41
N ASN A 419 46.67 -39.99 11.70
CA ASN A 419 45.88 -41.13 11.25
C ASN A 419 44.61 -40.73 10.50
N TYR A 420 43.65 -40.10 11.19
CA TYR A 420 42.41 -39.70 10.54
C TYR A 420 41.98 -38.34 11.09
N LYS A 421 41.57 -37.47 10.17
CA LYS A 421 41.24 -36.08 10.46
C LYS A 421 39.74 -35.89 10.28
N LEU A 422 39.14 -35.09 11.18
CA LEU A 422 37.71 -34.81 11.07
C LEU A 422 37.48 -33.33 10.81
N PRO A 423 36.49 -32.96 9.97
CA PRO A 423 36.27 -31.55 9.67
C PRO A 423 35.27 -30.91 10.63
N ASP A 424 35.01 -29.62 10.38
CA ASP A 424 34.14 -28.83 11.23
C ASP A 424 32.65 -29.05 10.94
N ASP A 425 32.29 -29.46 9.73
CA ASP A 425 30.90 -29.63 9.33
C ASP A 425 30.38 -31.05 9.57
N PHE A 426 31.18 -31.88 10.24
CA PHE A 426 30.84 -33.28 10.51
C PHE A 426 29.72 -33.35 11.56
N THR A 427 28.60 -33.94 11.17
CA THR A 427 27.40 -34.02 12.00
C THR A 427 27.23 -35.38 12.70
N GLY A 428 28.14 -36.32 12.49
CA GLY A 428 27.97 -37.69 12.95
C GLY A 428 28.23 -37.87 14.42
N CYS A 429 28.01 -39.11 14.88
CA CYS A 429 28.13 -39.47 16.29
C CYS A 429 29.15 -40.59 16.46
N VAL A 430 29.65 -40.72 17.69
CA VAL A 430 30.71 -41.67 18.04
C VAL A 430 30.12 -42.71 18.97
N ILE A 431 30.21 -43.99 18.58
CA ILE A 431 29.66 -45.10 19.34
C ILE A 431 30.80 -46.05 19.70
N ALA A 432 31.00 -46.27 21.00
CA ALA A 432 32.06 -47.13 21.51
C ALA A 432 31.49 -48.32 22.26
N TRP A 433 32.27 -49.41 22.30
CA TRP A 433 31.86 -50.66 22.92
C TRP A 433 33.09 -51.42 23.40
N ASN A 434 32.94 -52.15 24.51
CA ASN A 434 34.07 -52.83 25.13
C ASN A 434 34.36 -54.13 24.38
N SER A 435 35.58 -54.24 23.84
CA SER A 435 35.96 -55.26 22.87
C SER A 435 36.62 -56.45 23.55
N ASN A 436 36.62 -56.48 24.88
CA ASN A 436 37.38 -57.47 25.64
C ASN A 436 36.75 -58.87 25.63
N LYS A 437 35.46 -58.99 25.34
CA LYS A 437 34.82 -60.30 25.34
C LYS A 437 34.80 -60.99 23.99
N LEU A 438 35.15 -60.29 22.89
CA LEU A 438 35.15 -60.88 21.57
C LEU A 438 36.45 -60.61 20.81
N ASP A 439 36.77 -59.35 20.53
CA ASP A 439 37.86 -58.97 19.65
C ASP A 439 39.24 -59.03 20.30
N SER A 440 39.32 -59.31 21.61
CA SER A 440 40.59 -59.33 22.31
C SER A 440 41.37 -60.60 22.01
N LYS A 441 42.70 -60.47 22.06
CA LYS A 441 43.61 -61.57 21.77
C LYS A 441 44.57 -61.71 22.95
N VAL A 442 44.82 -62.96 23.34
CA VAL A 442 45.74 -63.25 24.44
C VAL A 442 47.17 -63.05 23.95
N SER A 443 48.03 -62.53 24.86
CA SER A 443 49.47 -62.23 24.67
C SER A 443 49.73 -61.22 23.55
N GLY A 444 48.85 -60.24 23.40
CA GLY A 444 49.05 -59.20 22.40
C GLY A 444 48.50 -59.56 21.04
N ASN A 445 48.11 -58.54 20.28
CA ASN A 445 47.61 -58.71 18.93
C ASN A 445 48.69 -58.14 18.01
N TYR A 446 49.39 -59.03 17.31
CA TYR A 446 50.45 -58.65 16.38
C TYR A 446 49.98 -58.65 14.92
N ASN A 447 48.72 -59.02 14.67
CA ASN A 447 48.23 -59.15 13.30
C ASN A 447 47.87 -57.81 12.67
N TYR A 448 47.55 -56.80 13.47
CA TYR A 448 47.16 -55.49 12.96
C TYR A 448 48.18 -54.45 13.42
N LEU A 449 48.34 -53.39 12.62
CA LEU A 449 49.34 -52.37 12.84
C LEU A 449 48.68 -50.99 12.78
N TYR A 450 49.32 -50.01 13.42
CA TYR A 450 48.88 -48.63 13.34
C TYR A 450 50.09 -47.76 13.00
N ARG A 451 49.82 -46.57 12.46
CA ARG A 451 50.86 -45.69 11.94
C ARG A 451 51.00 -44.46 12.83
N LEU A 452 52.11 -44.39 13.56
CA LEU A 452 52.36 -43.29 14.50
C LEU A 452 52.93 -42.03 13.85
N PHE A 453 53.90 -42.16 12.94
CA PHE A 453 54.58 -41.00 12.37
C PHE A 453 54.23 -40.83 10.90
N ARG A 454 54.12 -39.56 10.48
CA ARG A 454 53.95 -39.17 9.09
C ARG A 454 54.53 -37.76 8.97
N LYS A 455 55.00 -37.42 7.76
CA LYS A 455 55.70 -36.15 7.51
C LYS A 455 54.77 -34.93 7.57
N SER A 456 53.52 -35.06 7.15
CA SER A 456 52.64 -33.89 7.05
C SER A 456 51.23 -34.24 7.49
N ASN A 457 50.37 -33.22 7.47
CA ASN A 457 48.98 -33.35 7.86
C ASN A 457 48.20 -33.99 6.72
N LEU A 458 47.08 -34.62 7.08
CA LEU A 458 46.25 -35.31 6.09
C LEU A 458 45.08 -34.44 5.66
N LYS A 459 44.28 -34.97 4.75
CA LYS A 459 42.97 -34.46 4.43
C LYS A 459 41.93 -35.12 5.35
N PRO A 460 40.77 -34.49 5.54
CA PRO A 460 39.67 -35.19 6.22
C PRO A 460 39.11 -36.32 5.35
N PHE A 461 38.89 -37.47 6.02
CA PHE A 461 38.51 -38.78 5.44
C PHE A 461 39.48 -39.22 4.34
N GLU A 462 40.77 -39.23 4.67
CA GLU A 462 41.82 -39.62 3.75
C GLU A 462 42.52 -40.87 4.26
N ARG A 463 42.70 -41.85 3.37
CA ARG A 463 43.34 -43.11 3.69
C ARG A 463 44.76 -43.08 3.12
N ASP A 464 45.74 -43.48 3.93
CA ASP A 464 47.12 -43.53 3.50
C ASP A 464 47.62 -44.97 3.39
N ILE A 465 48.17 -45.29 2.22
CA ILE A 465 48.67 -46.64 1.92
C ILE A 465 50.19 -46.62 2.12
N SER A 466 50.73 -45.44 2.44
CA SER A 466 52.18 -45.22 2.43
C SER A 466 52.85 -45.81 3.67
N THR A 467 53.77 -46.73 3.43
CA THR A 467 54.51 -47.46 4.46
C THR A 467 55.86 -46.81 4.74
N GLU A 468 56.08 -45.62 4.18
CA GLU A 468 57.39 -44.98 4.11
C GLU A 468 57.91 -44.53 5.47
N ILE A 469 59.23 -44.33 5.53
CA ILE A 469 59.94 -44.14 6.79
C ILE A 469 60.00 -42.65 7.12
N TYR A 470 59.67 -42.31 8.38
CA TYR A 470 59.80 -40.94 8.86
C TYR A 470 61.27 -40.55 8.98
N GLN A 471 61.60 -39.36 8.50
CA GLN A 471 62.97 -38.84 8.50
C GLN A 471 63.03 -37.65 9.46
N ALA A 472 63.72 -37.84 10.59
CA ALA A 472 63.79 -36.79 11.60
C ALA A 472 64.82 -35.72 11.24
N GLY A 473 66.00 -36.13 10.78
CA GLY A 473 67.08 -35.22 10.48
C GLY A 473 67.31 -35.05 8.99
N ASN A 474 68.55 -34.66 8.65
CA ASN A 474 68.96 -34.50 7.27
C ASN A 474 69.57 -35.76 6.67
N LYS A 475 69.81 -36.78 7.48
CA LYS A 475 70.34 -38.04 6.97
C LYS A 475 69.22 -38.85 6.31
N PRO A 476 69.44 -39.38 5.10
CA PRO A 476 68.39 -40.20 4.46
C PRO A 476 68.28 -41.58 5.09
N CYS A 477 67.03 -42.04 5.22
CA CYS A 477 66.76 -43.31 5.88
C CYS A 477 66.98 -44.49 4.95
N ASN A 478 66.66 -44.31 3.66
CA ASN A 478 66.77 -45.29 2.55
C ASN A 478 65.97 -46.57 2.83
N GLY A 479 64.79 -46.41 3.42
CA GLY A 479 63.89 -47.52 3.68
C GLY A 479 64.29 -48.43 4.82
N VAL A 480 65.14 -47.98 5.74
CA VAL A 480 65.58 -48.78 6.87
C VAL A 480 65.80 -47.84 8.05
N ALA A 481 65.69 -48.37 9.26
CA ALA A 481 65.91 -47.58 10.47
C ALA A 481 67.40 -47.27 10.65
N GLY A 482 67.67 -46.24 11.45
CA GLY A 482 69.02 -45.76 11.61
C GLY A 482 69.11 -44.47 12.39
N PHE A 483 70.17 -43.69 12.15
CA PHE A 483 70.38 -42.41 12.82
C PHE A 483 69.40 -41.37 12.28
N ASN A 484 68.65 -40.75 13.20
CA ASN A 484 67.55 -39.80 12.95
C ASN A 484 66.47 -40.37 12.03
N CYS A 485 66.14 -41.64 12.23
CA CYS A 485 65.09 -42.32 11.49
C CYS A 485 64.28 -43.18 12.44
N TYR A 486 62.96 -42.99 12.41
CA TYR A 486 62.05 -43.70 13.29
C TYR A 486 61.08 -44.53 12.46
N PHE A 487 60.98 -45.82 12.79
CA PHE A 487 60.04 -46.71 12.12
C PHE A 487 58.65 -46.47 12.67
N PRO A 488 57.70 -45.95 11.85
CA PRO A 488 56.42 -45.47 12.39
C PRO A 488 55.44 -46.54 12.82
N LEU A 489 55.52 -47.75 12.30
CA LEU A 489 54.49 -48.77 12.48
C LEU A 489 54.73 -49.54 13.79
N ARG A 490 53.68 -49.66 14.60
CA ARG A 490 53.72 -50.40 15.86
C ARG A 490 52.57 -51.39 15.91
N SER A 491 52.79 -52.51 16.58
CA SER A 491 51.75 -53.49 16.82
C SER A 491 50.87 -53.07 17.99
N TYR A 492 49.64 -53.58 18.01
CA TYR A 492 48.72 -53.25 19.10
C TYR A 492 49.05 -54.04 20.36
N SER A 493 48.72 -53.42 21.50
CA SER A 493 49.11 -53.84 22.84
C SER A 493 48.03 -54.69 23.50
N PHE A 494 47.03 -55.11 22.72
CA PHE A 494 45.72 -55.52 23.23
C PHE A 494 45.75 -56.88 23.92
N ARG A 495 45.43 -56.89 25.22
CA ARG A 495 45.16 -58.07 26.02
C ARG A 495 44.14 -57.63 27.07
N PRO A 496 43.16 -58.46 27.44
CA PRO A 496 42.19 -58.04 28.47
C PRO A 496 42.72 -58.00 29.89
N THR A 497 43.83 -58.67 30.20
CA THR A 497 44.28 -58.81 31.58
C THR A 497 45.27 -57.73 32.02
N TYR A 498 45.59 -56.78 31.15
CA TYR A 498 46.49 -55.68 31.50
C TYR A 498 45.71 -54.51 32.10
N GLY A 499 46.38 -53.35 32.20
CA GLY A 499 45.77 -52.14 32.73
C GLY A 499 44.71 -51.52 31.84
N VAL A 500 44.12 -50.43 32.35
CA VAL A 500 42.81 -49.96 31.90
C VAL A 500 42.92 -49.18 30.59
N GLY A 501 44.00 -48.40 30.42
CA GLY A 501 44.11 -47.40 29.37
C GLY A 501 44.31 -47.89 27.95
N HIS A 502 45.13 -48.92 27.73
CA HIS A 502 45.45 -49.38 26.39
C HIS A 502 44.57 -50.56 25.97
N GLN A 503 43.51 -50.83 26.75
CA GLN A 503 42.48 -51.83 26.43
C GLN A 503 41.79 -51.56 25.09
N PRO A 504 41.44 -52.62 24.34
CA PRO A 504 40.75 -52.42 23.06
C PRO A 504 39.29 -52.01 23.23
N TYR A 505 38.85 -51.09 22.37
CA TYR A 505 37.45 -50.68 22.29
C TYR A 505 37.09 -50.52 20.83
N ARG A 506 35.99 -51.15 20.40
CA ARG A 506 35.51 -50.96 19.04
C ARG A 506 34.77 -49.63 18.97
N VAL A 507 35.26 -48.73 18.13
CA VAL A 507 34.63 -47.43 17.90
C VAL A 507 34.11 -47.41 16.48
N VAL A 508 32.79 -47.32 16.34
CA VAL A 508 32.13 -47.26 15.05
C VAL A 508 31.63 -45.84 14.84
N VAL A 509 32.24 -45.14 13.88
CA VAL A 509 31.84 -43.78 13.53
C VAL A 509 30.78 -43.85 12.45
N LEU A 510 29.59 -43.36 12.77
CA LEU A 510 28.45 -43.34 11.85
C LEU A 510 28.34 -41.90 11.35
N SER A 511 28.66 -41.70 10.06
CA SER A 511 28.78 -40.36 9.51
C SER A 511 27.48 -39.94 8.85
N PHE A 512 27.15 -38.66 8.96
CA PHE A 512 25.97 -38.08 8.33
C PHE A 512 26.38 -36.85 7.54
N GLU A 513 26.02 -36.80 6.26
CA GLU A 513 26.34 -35.69 5.38
C GLU A 513 25.05 -35.16 4.75
N LEU A 514 24.95 -33.84 4.65
CA LEU A 514 23.79 -33.18 4.06
C LEU A 514 24.24 -32.42 2.81
N LEU A 515 23.74 -32.86 1.65
CA LEU A 515 24.08 -32.28 0.37
C LEU A 515 22.82 -31.74 -0.31
N HIS A 516 22.99 -31.28 -1.55
CA HIS A 516 21.87 -30.77 -2.34
C HIS A 516 21.03 -31.87 -2.99
N ALA A 517 21.48 -33.13 -2.93
CA ALA A 517 20.67 -34.25 -3.34
C ALA A 517 19.55 -34.48 -2.33
N PRO A 518 18.38 -34.97 -2.78
CA PRO A 518 17.31 -35.29 -1.83
C PRO A 518 17.61 -36.55 -1.02
N ALA A 519 17.23 -36.50 0.26
CA ALA A 519 17.61 -37.53 1.20
C ALA A 519 16.67 -38.72 1.13
N THR A 520 17.25 -39.90 0.84
CA THR A 520 16.49 -41.14 0.80
C THR A 520 16.48 -41.90 2.12
N VAL A 521 17.28 -41.49 3.11
CA VAL A 521 17.39 -42.17 4.39
C VAL A 521 16.86 -41.22 5.46
N CYS A 522 15.84 -41.66 6.19
CA CYS A 522 15.24 -40.87 7.25
C CYS A 522 15.14 -41.71 8.52
N GLY A 523 14.92 -41.03 9.64
CA GLY A 523 14.79 -41.69 10.92
C GLY A 523 13.39 -42.19 11.17
N PRO A 524 13.25 -43.25 11.99
CA PRO A 524 11.91 -43.79 12.26
C PRO A 524 11.14 -42.94 13.28
N LYS A 525 9.81 -43.01 13.16
CA LYS A 525 8.91 -42.31 14.07
C LYS A 525 7.89 -43.30 14.63
N LYS A 526 7.35 -42.97 15.80
CA LYS A 526 6.36 -43.79 16.46
C LYS A 526 4.96 -43.32 16.06
N SER A 527 4.09 -44.26 15.74
CA SER A 527 2.76 -43.96 15.24
C SER A 527 1.71 -44.11 16.35
N THR A 528 0.47 -43.80 15.99
CA THR A 528 -0.70 -43.99 16.84
C THR A 528 -1.65 -44.98 16.17
N ASN A 529 -2.80 -45.20 16.82
CA ASN A 529 -3.80 -46.09 16.28
C ASN A 529 -4.76 -45.33 15.35
N LEU A 530 -5.71 -46.06 14.80
CA LEU A 530 -6.75 -45.50 13.94
C LEU A 530 -8.11 -45.61 14.63
N VAL A 531 -8.98 -44.64 14.37
CA VAL A 531 -10.30 -44.60 14.98
C VAL A 531 -11.32 -44.56 13.85
N LYS A 532 -12.53 -45.04 14.14
CA LYS A 532 -13.59 -45.17 13.15
C LYS A 532 -14.78 -44.32 13.55
N ASN A 533 -15.30 -43.56 12.56
CA ASN A 533 -16.54 -42.76 12.61
C ASN A 533 -16.48 -41.66 13.68
N LYS A 534 -15.35 -40.96 13.73
CA LYS A 534 -15.20 -39.77 14.56
C LYS A 534 -14.56 -38.67 13.73
N CYS A 535 -14.72 -37.43 14.18
CA CYS A 535 -14.16 -36.27 13.48
C CYS A 535 -12.80 -35.96 14.10
N VAL A 536 -11.73 -36.24 13.36
CA VAL A 536 -10.36 -35.99 13.79
C VAL A 536 -9.63 -35.23 12.71
N ASN A 537 -8.50 -34.64 13.09
CA ASN A 537 -7.55 -34.09 12.14
C ASN A 537 -6.67 -35.20 11.55
N PHE A 538 -6.20 -34.96 10.32
CA PHE A 538 -5.42 -35.94 9.57
C PHE A 538 -3.94 -35.56 9.62
N ASN A 539 -3.11 -36.50 10.09
CA ASN A 539 -1.66 -36.36 10.01
C ASN A 539 -1.16 -37.64 9.34
N PHE A 540 -0.65 -37.50 8.12
CA PHE A 540 -0.08 -38.59 7.37
C PHE A 540 1.34 -38.19 6.93
N ASN A 541 1.95 -39.02 6.09
CA ASN A 541 3.26 -38.68 5.53
C ASN A 541 3.12 -37.63 4.44
N GLY A 542 2.20 -37.83 3.51
CA GLY A 542 1.99 -36.89 2.42
C GLY A 542 0.68 -36.10 2.47
N LEU A 543 -0.07 -36.20 3.57
CA LEU A 543 -1.40 -35.61 3.59
C LEU A 543 -1.64 -34.95 4.95
N LYS A 544 -2.38 -33.85 4.93
CA LYS A 544 -2.79 -33.13 6.14
C LYS A 544 -4.18 -32.59 5.90
N GLY A 545 -5.06 -32.74 6.89
CA GLY A 545 -6.43 -32.30 6.73
C GLY A 545 -7.28 -32.69 7.94
N THR A 546 -8.58 -32.80 7.71
CA THR A 546 -9.52 -33.23 8.73
C THR A 546 -10.68 -33.96 8.07
N GLY A 547 -11.42 -34.71 8.87
CA GLY A 547 -12.57 -35.42 8.35
C GLY A 547 -12.84 -36.69 9.14
N VAL A 548 -13.78 -37.47 8.61
CA VAL A 548 -14.25 -38.70 9.23
C VAL A 548 -13.90 -39.85 8.29
N LEU A 549 -13.15 -40.83 8.80
CA LEU A 549 -12.71 -41.96 7.99
C LEU A 549 -13.79 -43.04 7.99
N THR A 550 -14.32 -43.34 6.80
CA THR A 550 -15.29 -44.40 6.58
C THR A 550 -14.73 -45.40 5.57
N GLU A 551 -15.53 -46.39 5.20
CA GLU A 551 -15.09 -47.45 4.30
C GLU A 551 -15.26 -47.03 2.85
N SER A 552 -14.23 -47.26 2.04
CA SER A 552 -14.26 -46.95 0.62
C SER A 552 -14.48 -48.21 -0.21
N ASN A 553 -15.49 -48.15 -1.09
CA ASN A 553 -15.87 -49.28 -1.94
C ASN A 553 -15.23 -49.22 -3.32
N LYS A 554 -14.34 -48.26 -3.56
CA LYS A 554 -13.78 -47.99 -4.87
C LYS A 554 -12.41 -48.64 -5.03
N LYS A 555 -12.12 -49.06 -6.26
CA LYS A 555 -10.87 -49.71 -6.62
C LYS A 555 -9.71 -48.71 -6.59
N PHE A 556 -8.50 -49.24 -6.42
CA PHE A 556 -7.35 -48.41 -6.11
C PHE A 556 -6.09 -49.03 -6.70
N LEU A 557 -5.21 -48.18 -7.21
CA LEU A 557 -3.89 -48.58 -7.69
C LEU A 557 -2.87 -48.38 -6.58
N PRO A 558 -2.18 -49.43 -6.14
CA PRO A 558 -1.35 -49.36 -4.91
C PRO A 558 -0.08 -48.53 -5.01
N PHE A 559 0.38 -48.17 -6.21
CA PHE A 559 1.59 -47.39 -6.40
C PHE A 559 1.38 -45.89 -6.28
N GLN A 560 0.16 -45.44 -5.96
CA GLN A 560 -0.19 -44.03 -5.88
C GLN A 560 -0.59 -43.67 -4.46
N GLN A 561 -0.54 -42.38 -4.14
CA GLN A 561 -0.73 -41.93 -2.76
C GLN A 561 -2.18 -41.61 -2.44
N PHE A 562 -2.71 -40.49 -2.95
CA PHE A 562 -4.07 -40.08 -2.65
C PHE A 562 -4.81 -39.87 -3.96
N GLY A 563 -6.09 -39.48 -3.85
CA GLY A 563 -6.95 -39.36 -5.00
C GLY A 563 -7.94 -38.22 -4.86
N ARG A 564 -8.57 -37.88 -5.98
CA ARG A 564 -9.44 -36.71 -6.07
C ARG A 564 -10.65 -37.02 -6.94
N ASP A 565 -11.83 -36.68 -6.42
CA ASP A 565 -13.09 -36.87 -7.13
C ASP A 565 -13.46 -35.61 -7.92
N ILE A 566 -14.71 -35.54 -8.38
CA ILE A 566 -15.16 -34.47 -9.26
C ILE A 566 -15.39 -33.13 -8.55
N ALA A 567 -15.40 -33.11 -7.22
CA ALA A 567 -15.64 -31.89 -6.45
C ALA A 567 -14.36 -31.17 -6.06
N ASP A 568 -13.20 -31.66 -6.56
CA ASP A 568 -11.83 -31.26 -6.16
C ASP A 568 -11.62 -31.37 -4.66
N THR A 569 -12.05 -32.50 -4.09
CA THR A 569 -11.83 -32.85 -2.70
C THR A 569 -10.97 -34.10 -2.64
N THR A 570 -10.31 -34.31 -1.50
CA THR A 570 -9.57 -35.53 -1.29
C THR A 570 -10.49 -36.53 -0.61
N ASP A 571 -10.91 -37.56 -1.34
CA ASP A 571 -11.86 -38.55 -0.84
C ASP A 571 -11.21 -39.84 -0.37
N ALA A 572 -9.90 -40.00 -0.51
CA ALA A 572 -9.26 -41.26 -0.19
C ALA A 572 -7.82 -41.02 0.24
N VAL A 573 -7.29 -41.92 1.06
CA VAL A 573 -5.90 -41.91 1.47
C VAL A 573 -5.45 -43.37 1.60
N ARG A 574 -4.22 -43.64 1.17
CA ARG A 574 -3.64 -44.98 1.24
C ARG A 574 -3.06 -45.21 2.63
N ASP A 575 -3.46 -46.32 3.26
CA ASP A 575 -2.89 -46.68 4.54
C ASP A 575 -1.49 -47.25 4.34
N PRO A 576 -0.45 -46.69 5.00
CA PRO A 576 0.93 -47.09 4.71
C PRO A 576 1.34 -48.47 5.19
N GLN A 577 0.74 -49.00 6.25
CA GLN A 577 1.15 -50.30 6.79
C GLN A 577 0.54 -51.45 6.00
N THR A 578 -0.77 -51.65 6.14
CA THR A 578 -1.52 -52.62 5.36
C THR A 578 -2.25 -51.89 4.25
N LEU A 579 -2.44 -52.58 3.13
CA LEU A 579 -2.93 -51.89 1.93
C LEU A 579 -4.46 -51.92 1.92
N GLU A 580 -5.01 -50.73 2.22
CA GLU A 580 -6.44 -50.47 2.25
C GLU A 580 -6.60 -48.97 2.06
N ILE A 581 -7.71 -48.54 1.48
CA ILE A 581 -8.05 -47.12 1.44
C ILE A 581 -9.30 -46.89 2.27
N LEU A 582 -9.44 -45.67 2.77
CA LEU A 582 -10.59 -45.26 3.54
C LEU A 582 -11.26 -44.08 2.85
N ASP A 583 -12.59 -44.08 2.86
CA ASP A 583 -13.35 -42.99 2.26
C ASP A 583 -13.32 -41.81 3.20
N ILE A 584 -12.92 -40.65 2.68
CA ILE A 584 -12.81 -39.44 3.48
C ILE A 584 -14.13 -38.68 3.38
N THR A 585 -14.84 -38.62 4.49
CA THR A 585 -16.06 -37.85 4.64
C THR A 585 -15.76 -36.64 5.52
N PRO A 586 -16.09 -35.42 5.09
CA PRO A 586 -15.93 -34.26 5.97
C PRO A 586 -16.97 -34.26 7.09
N CYS A 587 -16.68 -33.46 8.12
CA CYS A 587 -17.44 -33.51 9.35
C CYS A 587 -18.76 -32.74 9.21
N SER A 588 -19.54 -32.70 10.29
CA SER A 588 -20.89 -32.16 10.25
C SER A 588 -20.85 -30.64 10.31
N PHE A 589 -21.38 -29.98 9.28
CA PHE A 589 -21.51 -28.53 9.27
C PHE A 589 -22.90 -28.16 8.77
N GLY A 590 -23.36 -26.99 9.20
CA GLY A 590 -24.66 -26.51 8.79
C GLY A 590 -24.93 -25.14 9.38
N GLY A 591 -25.88 -24.44 8.76
CA GLY A 591 -26.21 -23.11 9.23
C GLY A 591 -27.09 -23.12 10.47
N VAL A 592 -27.04 -22.01 11.20
CA VAL A 592 -27.85 -21.81 12.40
C VAL A 592 -28.80 -20.67 12.14
N SER A 593 -30.10 -20.97 12.10
CA SER A 593 -31.14 -19.97 11.95
C SER A 593 -32.01 -19.91 13.20
N VAL A 594 -32.52 -18.74 13.50
CA VAL A 594 -33.26 -18.47 14.72
C VAL A 594 -34.71 -18.16 14.35
N ILE A 595 -35.64 -18.95 14.87
CA ILE A 595 -37.07 -18.72 14.71
C ILE A 595 -37.56 -18.10 16.01
N THR A 596 -37.89 -16.81 15.99
CA THR A 596 -38.25 -16.11 17.21
C THR A 596 -39.31 -15.06 16.90
N PRO A 597 -40.15 -14.68 17.88
CA PRO A 597 -40.95 -13.46 17.74
C PRO A 597 -40.17 -12.21 18.16
N GLY A 598 -40.88 -11.09 18.28
CA GLY A 598 -40.24 -9.84 18.63
C GLY A 598 -39.86 -9.76 20.10
N THR A 599 -39.08 -8.72 20.42
CA THR A 599 -38.56 -8.55 21.77
C THR A 599 -39.62 -8.05 22.75
N ASN A 600 -40.68 -7.43 22.25
CA ASN A 600 -41.80 -7.03 23.10
C ASN A 600 -42.88 -8.10 23.21
N THR A 601 -42.67 -9.27 22.59
CA THR A 601 -43.68 -10.32 22.54
C THR A 601 -43.34 -11.48 23.48
N SER A 602 -42.27 -12.20 23.20
CA SER A 602 -41.94 -13.40 23.95
C SER A 602 -40.43 -13.61 23.95
N ASN A 603 -39.94 -14.37 24.93
CA ASN A 603 -38.53 -14.74 25.00
C ASN A 603 -38.28 -16.13 24.41
N GLN A 604 -39.31 -16.81 23.92
CA GLN A 604 -39.18 -18.18 23.43
C GLN A 604 -38.53 -18.22 22.05
N VAL A 605 -37.55 -19.11 21.89
CA VAL A 605 -36.79 -19.25 20.67
C VAL A 605 -36.90 -20.68 20.15
N ALA A 606 -36.52 -20.87 18.89
CA ALA A 606 -36.48 -22.19 18.27
C ALA A 606 -35.19 -22.30 17.46
N VAL A 607 -34.45 -23.37 17.67
CA VAL A 607 -33.15 -23.57 17.04
C VAL A 607 -33.33 -24.38 15.76
N LEU A 608 -32.89 -23.82 14.65
CA LEU A 608 -33.04 -24.43 13.32
C LEU A 608 -31.67 -24.70 12.73
N TYR A 609 -31.47 -25.93 12.24
CA TYR A 609 -30.26 -26.32 11.52
C TYR A 609 -30.65 -26.69 10.09
N GLN A 610 -29.75 -26.44 9.15
CA GLN A 610 -29.99 -26.84 7.76
C GLN A 610 -28.94 -27.84 7.30
N GLY A 611 -29.40 -28.87 6.59
CA GLY A 611 -28.52 -29.84 5.97
C GLY A 611 -28.17 -31.04 6.82
N VAL A 612 -28.35 -30.96 8.14
CA VAL A 612 -27.98 -32.03 9.05
C VAL A 612 -29.25 -32.55 9.73
N ASN A 613 -29.16 -33.79 10.21
CA ASN A 613 -30.26 -34.44 10.91
C ASN A 613 -30.17 -34.18 12.40
N CYS A 614 -31.14 -34.70 13.14
CA CYS A 614 -31.22 -34.51 14.59
C CYS A 614 -30.44 -35.58 15.35
N THR A 615 -29.87 -36.57 14.67
CA THR A 615 -29.13 -37.62 15.34
C THR A 615 -27.69 -37.22 15.68
N GLU A 616 -27.00 -36.54 14.76
CA GLU A 616 -25.57 -36.27 14.93
C GLU A 616 -25.29 -34.89 15.52
N VAL A 617 -26.32 -34.11 15.86
CA VAL A 617 -26.09 -32.80 16.49
C VAL A 617 -25.54 -32.84 17.92
N PRO A 618 -26.15 -33.57 18.92
CA PRO A 618 -25.81 -33.10 20.28
C PRO A 618 -24.62 -33.81 20.89
N ASN A 638 -40.63 -31.56 20.88
CA ASN A 638 -39.56 -30.56 20.93
C ASN A 638 -38.59 -30.75 19.77
N VAL A 639 -38.35 -32.01 19.41
CA VAL A 639 -37.42 -32.37 18.35
C VAL A 639 -38.23 -32.92 17.17
N PHE A 640 -38.16 -32.21 16.04
CA PHE A 640 -38.86 -32.63 14.82
C PHE A 640 -37.90 -32.58 13.65
N GLN A 641 -37.96 -33.60 12.80
CA GLN A 641 -37.09 -33.71 11.65
C GLN A 641 -37.83 -33.26 10.39
N THR A 642 -37.26 -32.28 9.70
CA THR A 642 -37.81 -31.77 8.45
C THR A 642 -36.99 -32.31 7.27
N ARG A 643 -37.42 -31.94 6.06
CA ARG A 643 -36.63 -32.26 4.87
C ARG A 643 -35.47 -31.29 4.70
N ALA A 644 -35.58 -30.08 5.25
CA ALA A 644 -34.48 -29.12 5.15
C ALA A 644 -33.38 -29.43 6.14
N GLY A 645 -33.74 -29.78 7.37
CA GLY A 645 -32.74 -30.08 8.38
C GLY A 645 -33.40 -30.37 9.71
N CYS A 646 -32.59 -30.29 10.76
CA CYS A 646 -33.08 -30.55 12.11
C CYS A 646 -33.66 -29.27 12.72
N LEU A 647 -34.72 -29.44 13.51
CA LEU A 647 -35.40 -28.33 14.16
C LEU A 647 -35.61 -28.69 15.63
N ILE A 648 -35.04 -27.90 16.52
CA ILE A 648 -35.05 -28.15 17.96
C ILE A 648 -35.79 -27.02 18.65
N GLY A 649 -36.81 -27.36 19.43
CA GLY A 649 -37.55 -26.36 20.18
C GLY A 649 -38.90 -25.99 19.61
N ALA A 650 -39.40 -26.78 18.67
CA ALA A 650 -40.72 -26.57 18.09
C ALA A 650 -41.54 -27.84 18.23
N GLU A 651 -42.83 -27.67 18.50
CA GLU A 651 -43.76 -28.78 18.65
C GLU A 651 -44.57 -28.94 17.37
N TYR A 652 -44.60 -30.16 16.84
CA TYR A 652 -45.29 -30.43 15.59
C TYR A 652 -46.77 -30.67 15.85
N VAL A 653 -47.64 -29.95 15.13
CA VAL A 653 -49.08 -30.13 15.21
C VAL A 653 -49.61 -30.54 13.84
N ASN A 654 -50.72 -31.25 13.85
CA ASN A 654 -51.36 -31.73 12.63
C ASN A 654 -52.21 -30.68 11.93
N ASN A 655 -52.98 -29.89 12.68
CA ASN A 655 -53.88 -28.92 12.07
C ASN A 655 -53.10 -27.66 11.67
N SER A 656 -53.49 -27.10 10.53
CA SER A 656 -52.77 -25.98 9.93
C SER A 656 -53.59 -24.70 10.02
N TYR A 657 -52.93 -23.60 10.36
CA TYR A 657 -53.51 -22.27 10.41
C TYR A 657 -52.71 -21.36 9.49
N GLU A 658 -53.09 -20.08 9.46
CA GLU A 658 -52.32 -19.07 8.75
C GLU A 658 -51.08 -18.72 9.54
N CYS A 659 -49.93 -18.78 8.89
CA CYS A 659 -48.64 -18.56 9.54
C CYS A 659 -48.00 -17.28 9.02
N ASP A 660 -46.83 -16.96 9.57
CA ASP A 660 -46.09 -15.76 9.20
C ASP A 660 -44.67 -16.10 8.76
N ILE A 661 -43.86 -16.62 9.67
CA ILE A 661 -42.44 -16.86 9.45
C ILE A 661 -42.30 -18.18 8.70
N PRO A 662 -41.71 -18.19 7.50
CA PRO A 662 -41.44 -19.46 6.82
C PRO A 662 -40.19 -20.14 7.37
N ILE A 663 -40.15 -21.47 7.18
CA ILE A 663 -38.96 -22.27 7.48
C ILE A 663 -38.37 -22.84 6.20
N GLY A 664 -39.07 -23.79 5.58
CA GLY A 664 -38.71 -24.34 4.29
C GLY A 664 -39.32 -25.72 4.20
N ALA A 665 -39.30 -26.28 2.97
CA ALA A 665 -39.82 -27.61 2.59
C ALA A 665 -41.29 -27.84 2.97
N GLY A 666 -42.10 -26.79 2.91
CA GLY A 666 -43.49 -26.85 3.30
C GLY A 666 -43.77 -26.54 4.75
N ILE A 667 -42.78 -26.62 5.63
CA ILE A 667 -42.97 -26.36 7.04
C ILE A 667 -42.98 -24.85 7.26
N CYS A 668 -44.00 -24.37 7.98
CA CYS A 668 -44.13 -22.95 8.26
C CYS A 668 -44.30 -22.75 9.76
N ALA A 669 -43.84 -21.60 10.25
CA ALA A 669 -43.82 -21.33 11.69
C ALA A 669 -44.79 -20.21 12.02
N SER A 670 -45.41 -20.32 13.18
CA SER A 670 -46.31 -19.29 13.70
C SER A 670 -46.26 -19.32 15.22
N TYR A 671 -46.70 -18.22 15.82
CA TYR A 671 -46.70 -18.07 17.27
C TYR A 671 -48.14 -17.88 17.74
N GLN A 672 -48.62 -18.81 18.54
CA GLN A 672 -49.97 -18.75 19.12
C GLN A 672 -49.94 -19.45 20.47
N THR A 673 -51.11 -19.58 21.08
CA THR A 673 -51.23 -20.24 22.38
C THR A 673 -51.17 -21.75 22.23
N SER A 686 -48.10 -20.54 28.55
CA SER A 686 -49.04 -21.35 27.80
C SER A 686 -48.92 -21.08 26.31
N GLN A 687 -47.84 -20.41 25.92
CA GLN A 687 -47.57 -20.08 24.52
C GLN A 687 -46.22 -20.63 24.12
N SER A 688 -46.15 -21.18 22.91
CA SER A 688 -44.92 -21.77 22.41
C SER A 688 -44.90 -21.67 20.89
N ILE A 689 -43.70 -21.82 20.33
CA ILE A 689 -43.52 -21.79 18.88
C ILE A 689 -43.78 -23.18 18.33
N ILE A 690 -44.74 -23.27 17.40
CA ILE A 690 -45.09 -24.54 16.79
C ILE A 690 -44.70 -24.50 15.31
N ALA A 691 -44.47 -25.69 14.76
CA ALA A 691 -44.10 -25.86 13.36
C ALA A 691 -45.05 -26.86 12.72
N TYR A 692 -45.57 -26.50 11.55
CA TYR A 692 -46.58 -27.29 10.88
C TYR A 692 -46.48 -27.04 9.38
N THR A 693 -47.10 -27.94 8.61
CA THR A 693 -47.12 -27.81 7.15
C THR A 693 -48.04 -26.67 6.75
N MET A 694 -47.70 -26.01 5.63
CA MET A 694 -48.28 -24.74 5.25
C MET A 694 -49.70 -24.92 4.71
N SER A 695 -50.63 -24.10 5.20
CA SER A 695 -52.05 -24.28 4.98
C SER A 695 -52.44 -23.92 3.55
N LEU A 696 -53.36 -24.71 2.99
CA LEU A 696 -53.82 -24.52 1.61
C LEU A 696 -54.80 -23.36 1.50
N GLY A 697 -55.44 -22.96 2.59
CA GLY A 697 -56.49 -21.96 2.57
C GLY A 697 -57.85 -22.60 2.76
N ALA A 698 -58.88 -21.81 2.47
CA ALA A 698 -60.25 -22.32 2.50
C ALA A 698 -60.50 -23.27 1.33
N GLU A 699 -61.06 -24.43 1.65
CA GLU A 699 -61.14 -25.54 0.72
C GLU A 699 -62.57 -26.01 0.59
N ASN A 700 -63.16 -25.80 -0.58
CA ASN A 700 -64.47 -26.33 -0.94
C ASN A 700 -64.54 -26.48 -2.46
N SER A 701 -65.40 -27.38 -2.91
CA SER A 701 -65.57 -27.59 -4.35
C SER A 701 -66.82 -26.89 -4.85
N VAL A 702 -67.03 -26.97 -6.16
CA VAL A 702 -68.22 -26.43 -6.81
C VAL A 702 -68.91 -27.54 -7.58
N ALA A 703 -70.21 -27.40 -7.77
CA ALA A 703 -70.96 -28.33 -8.58
C ALA A 703 -70.77 -27.99 -10.06
N TYR A 704 -70.91 -29.01 -10.90
CA TYR A 704 -70.83 -28.80 -12.34
C TYR A 704 -71.88 -29.64 -13.05
N SER A 705 -72.69 -28.99 -13.87
CA SER A 705 -73.64 -29.67 -14.76
C SER A 705 -73.85 -28.78 -15.96
N ASN A 706 -74.66 -29.29 -16.90
CA ASN A 706 -74.98 -28.56 -18.12
C ASN A 706 -76.07 -27.52 -17.91
N ASN A 707 -77.01 -27.76 -16.99
CA ASN A 707 -78.18 -26.90 -16.85
C ASN A 707 -78.05 -25.85 -15.74
N SER A 708 -76.90 -25.75 -15.07
CA SER A 708 -76.76 -24.86 -13.92
C SER A 708 -76.03 -23.58 -14.30
N ILE A 709 -76.44 -22.49 -13.66
CA ILE A 709 -75.83 -21.17 -13.84
C ILE A 709 -75.94 -20.45 -12.50
N ALA A 710 -74.96 -19.58 -12.21
CA ALA A 710 -74.92 -18.80 -10.98
C ALA A 710 -74.73 -17.33 -11.32
N ILE A 711 -75.73 -16.52 -11.00
CA ILE A 711 -75.70 -15.08 -11.24
C ILE A 711 -75.62 -14.37 -9.90
N PRO A 712 -74.62 -13.50 -9.67
CA PRO A 712 -74.58 -12.73 -8.42
C PRO A 712 -75.67 -11.66 -8.35
N THR A 713 -76.38 -11.64 -7.22
CA THR A 713 -77.39 -10.62 -6.95
C THR A 713 -76.91 -9.49 -6.06
N ASN A 714 -75.66 -9.53 -5.58
CA ASN A 714 -75.16 -8.57 -4.62
C ASN A 714 -73.72 -8.25 -4.95
N PHE A 715 -73.28 -7.06 -4.54
CA PHE A 715 -71.92 -6.59 -4.79
C PHE A 715 -71.42 -5.77 -3.62
N THR A 716 -70.16 -5.98 -3.26
CA THR A 716 -69.47 -5.19 -2.23
C THR A 716 -68.27 -4.52 -2.88
N ILE A 717 -68.31 -3.20 -2.98
CA ILE A 717 -67.21 -2.44 -3.59
C ILE A 717 -66.16 -2.16 -2.52
N SER A 718 -64.94 -2.66 -2.73
CA SER A 718 -63.86 -2.54 -1.77
C SER A 718 -62.65 -1.88 -2.42
N VAL A 719 -61.74 -1.41 -1.58
CA VAL A 719 -60.53 -0.72 -2.02
C VAL A 719 -59.33 -1.62 -1.69
N THR A 720 -58.33 -1.62 -2.59
CA THR A 720 -57.10 -2.38 -2.39
C THR A 720 -55.93 -1.50 -2.83
N THR A 721 -55.00 -1.26 -1.92
CA THR A 721 -53.86 -0.39 -2.19
C THR A 721 -52.69 -1.18 -2.75
N GLU A 722 -52.13 -0.70 -3.87
CA GLU A 722 -50.95 -1.29 -4.49
C GLU A 722 -49.87 -0.22 -4.60
N ILE A 723 -48.66 -0.58 -4.18
CA ILE A 723 -47.55 0.37 -4.05
C ILE A 723 -46.38 -0.14 -4.88
N LEU A 724 -45.92 0.68 -5.83
CA LEU A 724 -44.66 0.44 -6.52
C LEU A 724 -43.79 1.68 -6.32
N PRO A 725 -42.48 1.52 -6.12
CA PRO A 725 -41.62 2.68 -5.89
C PRO A 725 -41.28 3.41 -7.19
N VAL A 726 -40.99 4.70 -7.05
CA VAL A 726 -40.68 5.56 -8.19
C VAL A 726 -39.24 6.02 -8.10
N SER A 727 -38.91 6.79 -7.08
CA SER A 727 -37.62 7.44 -6.94
C SER A 727 -36.87 6.88 -5.73
N MET A 728 -35.70 7.47 -5.48
CA MET A 728 -34.81 7.01 -4.41
C MET A 728 -33.98 8.18 -3.91
N THR A 729 -33.35 7.98 -2.75
CA THR A 729 -32.46 8.98 -2.17
C THR A 729 -31.15 8.97 -2.95
N LYS A 730 -30.77 10.14 -3.48
CA LYS A 730 -29.56 10.23 -4.28
C LYS A 730 -28.38 10.67 -3.41
N THR A 731 -27.37 9.81 -3.33
CA THR A 731 -26.11 10.11 -2.66
C THR A 731 -24.97 10.05 -3.66
N SER A 732 -24.03 10.97 -3.53
CA SER A 732 -22.89 11.05 -4.43
C SER A 732 -21.61 11.17 -3.63
N VAL A 733 -20.73 10.18 -3.74
CA VAL A 733 -19.43 10.22 -3.11
C VAL A 733 -18.51 11.10 -3.94
N ASP A 734 -17.46 11.60 -3.30
CA ASP A 734 -16.47 12.46 -3.94
C ASP A 734 -15.09 11.80 -3.93
N CYS A 735 -14.27 12.18 -4.90
CA CYS A 735 -12.98 11.55 -5.11
C CYS A 735 -11.91 12.06 -4.13
N THR A 736 -12.08 13.26 -3.60
CA THR A 736 -11.05 13.91 -2.81
C THR A 736 -11.20 13.70 -1.31
N MET A 737 -12.31 14.15 -0.71
CA MET A 737 -12.46 14.12 0.75
C MET A 737 -12.76 12.73 1.30
N TYR A 738 -13.36 11.85 0.49
CA TYR A 738 -13.71 10.53 0.99
C TYR A 738 -12.51 9.59 1.01
N ILE A 739 -11.66 9.67 -0.01
CA ILE A 739 -10.50 8.78 -0.12
C ILE A 739 -9.39 9.25 0.82
N CYS A 740 -9.16 10.55 0.87
CA CYS A 740 -8.02 11.11 1.58
C CYS A 740 -8.42 11.61 2.95
N GLY A 741 -7.49 11.51 3.90
CA GLY A 741 -7.66 11.93 5.28
C GLY A 741 -7.22 13.35 5.57
N ASP A 742 -7.27 14.20 4.54
CA ASP A 742 -6.73 15.58 4.47
C ASP A 742 -5.22 15.56 4.73
N SER A 743 -4.51 14.96 3.79
CA SER A 743 -3.05 14.95 3.75
C SER A 743 -2.60 15.17 2.32
N THR A 744 -1.46 15.82 2.15
CA THR A 744 -1.02 16.19 0.80
C THR A 744 -0.31 15.05 0.08
N GLU A 745 0.04 13.96 0.77
CA GLU A 745 0.63 12.82 0.08
C GLU A 745 -0.42 11.85 -0.43
N CYS A 746 -1.67 12.03 -0.01
CA CYS A 746 -2.75 11.17 -0.50
C CYS A 746 -3.21 11.60 -1.89
N SER A 747 -3.34 12.91 -2.11
CA SER A 747 -3.83 13.42 -3.39
C SER A 747 -2.77 13.35 -4.49
N ASN A 748 -1.49 13.27 -4.12
CA ASN A 748 -0.44 13.11 -5.12
C ASN A 748 -0.34 11.67 -5.61
N LEU A 749 -0.78 10.71 -4.78
CA LEU A 749 -0.76 9.30 -5.15
C LEU A 749 -2.05 8.84 -5.80
N LEU A 750 -3.00 9.75 -6.07
CA LEU A 750 -4.19 9.38 -6.83
C LEU A 750 -3.90 9.41 -8.33
N LEU A 751 -2.79 10.03 -8.74
CA LEU A 751 -2.49 10.19 -10.17
C LEU A 751 -1.74 8.99 -10.75
N GLN A 752 -1.23 8.09 -9.90
CA GLN A 752 -0.60 6.86 -10.40
C GLN A 752 -1.60 5.74 -10.61
N TYR A 753 -2.88 5.95 -10.30
CA TYR A 753 -3.94 5.08 -10.77
C TYR A 753 -4.58 5.60 -12.05
N GLY A 754 -4.03 6.68 -12.62
CA GLY A 754 -4.73 7.43 -13.63
C GLY A 754 -5.86 8.18 -12.96
N SER A 755 -7.06 8.09 -13.52
CA SER A 755 -8.25 8.55 -12.81
C SER A 755 -9.31 7.44 -12.84
N PHE A 756 -9.56 6.84 -11.70
CA PHE A 756 -10.64 5.85 -11.61
C PHE A 756 -11.94 6.47 -11.13
N CYS A 757 -11.90 7.72 -10.66
CA CYS A 757 -13.11 8.34 -10.14
C CYS A 757 -13.80 9.23 -11.18
N THR A 758 -13.19 9.40 -12.36
CA THR A 758 -13.89 10.09 -13.44
C THR A 758 -14.93 9.18 -14.09
N GLN A 759 -14.73 7.86 -14.01
CA GLN A 759 -15.80 6.94 -14.37
C GLN A 759 -16.84 6.85 -13.26
N LEU A 760 -16.45 7.16 -12.01
CA LEU A 760 -17.42 7.20 -10.92
C LEU A 760 -18.26 8.47 -10.98
N LYS A 761 -17.73 9.55 -11.56
CA LYS A 761 -18.51 10.78 -11.68
C LYS A 761 -19.50 10.71 -12.84
N ARG A 762 -19.11 10.15 -13.99
CA ARG A 762 -20.02 10.12 -15.13
C ARG A 762 -21.06 9.02 -15.03
N ALA A 763 -20.83 8.02 -14.18
CA ALA A 763 -21.87 7.02 -13.92
C ALA A 763 -22.91 7.56 -12.95
N LEU A 764 -22.46 8.27 -11.90
CA LEU A 764 -23.38 8.77 -10.88
C LEU A 764 -24.15 9.99 -11.35
N THR A 765 -23.59 10.78 -12.27
CA THR A 765 -24.40 11.78 -12.95
C THR A 765 -25.24 11.16 -14.06
N GLY A 766 -24.84 9.98 -14.54
CA GLY A 766 -25.72 9.21 -15.42
C GLY A 766 -26.82 8.52 -14.65
N ILE A 767 -26.61 8.27 -13.35
CA ILE A 767 -27.70 7.89 -12.46
C ILE A 767 -28.63 9.09 -12.24
N ALA A 768 -28.05 10.28 -12.04
CA ALA A 768 -28.82 11.45 -11.58
C ALA A 768 -29.65 12.08 -12.69
N VAL A 769 -29.35 11.76 -13.95
CA VAL A 769 -30.25 12.16 -15.03
C VAL A 769 -31.40 11.16 -15.20
N GLU A 770 -31.28 9.95 -14.64
CA GLU A 770 -32.38 8.98 -14.73
C GLU A 770 -33.47 9.22 -13.69
N GLN A 771 -33.13 9.80 -12.52
CA GLN A 771 -34.20 10.24 -11.62
C GLN A 771 -34.70 11.63 -11.99
N ASP A 772 -33.99 12.34 -12.88
CA ASP A 772 -34.58 13.50 -13.52
C ASP A 772 -35.40 13.10 -14.74
N LYS A 773 -35.26 11.86 -15.19
CA LYS A 773 -36.04 11.38 -16.33
C LYS A 773 -37.43 10.94 -15.89
N ASN A 774 -37.52 9.92 -15.04
CA ASN A 774 -38.80 9.23 -14.78
C ASN A 774 -39.74 10.01 -13.86
N THR A 775 -39.27 11.06 -13.20
CA THR A 775 -40.16 11.91 -12.43
C THR A 775 -40.89 12.92 -13.31
N GLN A 776 -40.45 13.11 -14.56
CA GLN A 776 -41.12 14.06 -15.45
C GLN A 776 -42.42 13.49 -16.01
N GLU A 777 -42.39 12.29 -16.59
CA GLU A 777 -43.57 11.76 -17.26
C GLU A 777 -44.58 11.14 -16.30
N VAL A 778 -44.13 10.57 -15.18
CA VAL A 778 -45.03 9.86 -14.27
C VAL A 778 -45.83 10.85 -13.42
N PHE A 779 -45.16 11.85 -12.84
CA PHE A 779 -45.86 12.82 -12.01
C PHE A 779 -46.60 13.86 -12.85
N ALA A 780 -46.06 14.21 -14.02
CA ALA A 780 -46.77 15.08 -14.96
C ALA A 780 -47.06 14.31 -16.24
N GLN A 781 -48.33 13.94 -16.41
CA GLN A 781 -48.77 13.36 -17.67
C GLN A 781 -49.08 14.44 -18.70
N VAL A 782 -49.73 15.52 -18.27
CA VAL A 782 -50.13 16.60 -19.16
C VAL A 782 -49.46 17.89 -18.69
N LYS A 783 -49.40 18.86 -19.60
CA LYS A 783 -48.74 20.13 -19.35
C LYS A 783 -49.70 21.21 -18.85
N GLN A 784 -50.97 20.88 -18.64
CA GLN A 784 -51.96 21.85 -18.21
C GLN A 784 -52.56 21.46 -16.87
N ILE A 785 -53.10 22.45 -16.17
CA ILE A 785 -53.60 22.32 -14.81
C ILE A 785 -55.10 22.60 -14.81
N TYR A 786 -55.88 21.66 -14.30
CA TYR A 786 -57.32 21.84 -14.15
C TYR A 786 -57.66 22.15 -12.70
N LYS A 787 -58.67 22.99 -12.51
CA LYS A 787 -59.05 23.49 -11.19
C LYS A 787 -60.42 22.94 -10.80
N THR A 788 -60.51 22.49 -9.55
CA THR A 788 -61.78 22.05 -8.98
C THR A 788 -62.69 23.27 -8.74
N PRO A 789 -64.01 23.11 -8.89
CA PRO A 789 -64.92 24.21 -8.57
C PRO A 789 -65.06 24.38 -7.06
N PRO A 790 -65.23 25.62 -6.57
CA PRO A 790 -65.31 25.83 -5.12
C PRO A 790 -66.60 25.38 -4.47
N ILE A 791 -67.73 25.38 -5.18
CA ILE A 791 -68.99 24.92 -4.62
C ILE A 791 -69.16 23.43 -4.95
N LYS A 792 -69.36 22.62 -3.92
CA LYS A 792 -69.43 21.17 -4.09
C LYS A 792 -70.78 20.62 -3.59
N TYR A 793 -71.61 20.20 -4.55
CA TYR A 793 -72.69 19.24 -4.29
C TYR A 793 -72.57 18.17 -5.38
N PHE A 794 -72.15 16.99 -4.98
CA PHE A 794 -71.85 15.90 -5.90
C PHE A 794 -72.98 14.87 -5.97
N GLY A 795 -74.06 15.09 -5.23
CA GLY A 795 -75.12 14.14 -5.13
C GLY A 795 -74.99 13.14 -4.01
N GLY A 796 -74.25 13.46 -2.95
CA GLY A 796 -74.00 12.51 -1.89
C GLY A 796 -72.62 11.87 -1.93
N PHE A 797 -71.71 12.41 -2.73
CA PHE A 797 -70.37 11.88 -2.88
C PHE A 797 -69.39 12.84 -2.25
N ASN A 798 -68.58 12.35 -1.31
CA ASN A 798 -67.58 13.18 -0.65
C ASN A 798 -66.25 12.92 -1.35
N PHE A 799 -65.79 13.90 -2.13
CA PHE A 799 -64.47 13.86 -2.76
C PHE A 799 -63.44 14.69 -2.01
N SER A 800 -63.82 15.33 -0.90
CA SER A 800 -62.97 16.37 -0.31
C SER A 800 -61.83 15.81 0.52
N GLN A 801 -61.85 14.52 0.88
CA GLN A 801 -60.79 13.96 1.68
C GLN A 801 -59.54 13.64 0.86
N ILE A 802 -59.67 13.41 -0.45
CA ILE A 802 -58.49 13.22 -1.29
C ILE A 802 -58.05 14.51 -1.97
N LEU A 803 -58.84 15.58 -1.89
CA LEU A 803 -58.45 16.86 -2.45
C LEU A 803 -57.69 17.69 -1.41
N PRO A 804 -56.68 18.46 -1.83
CA PRO A 804 -55.87 19.20 -0.85
C PRO A 804 -56.57 20.43 -0.28
N ASP A 805 -56.04 20.91 0.85
CA ASP A 805 -56.69 21.93 1.65
C ASP A 805 -56.07 23.29 1.35
N PRO A 806 -56.82 24.27 0.86
CA PRO A 806 -56.25 25.62 0.66
C PRO A 806 -55.99 26.42 1.93
N SER A 807 -56.58 26.04 3.07
CA SER A 807 -56.41 26.83 4.29
C SER A 807 -55.06 26.58 4.94
N LYS A 808 -54.55 25.37 4.84
CA LYS A 808 -53.20 25.05 5.30
C LYS A 808 -52.18 25.61 4.31
N PRO A 809 -51.13 26.31 4.79
CA PRO A 809 -50.17 26.95 3.87
C PRO A 809 -49.28 25.98 3.09
N SER A 810 -49.03 24.78 3.60
CA SER A 810 -48.53 23.69 2.79
C SER A 810 -49.73 23.05 2.10
N LYS A 811 -49.59 22.69 0.83
CA LYS A 811 -50.73 22.22 0.06
C LYS A 811 -50.66 20.70 -0.02
N ARG A 812 -51.51 20.05 0.78
CA ARG A 812 -51.56 18.60 0.97
C ARG A 812 -52.98 18.21 1.35
N SER A 813 -53.32 16.93 1.14
CA SER A 813 -54.63 16.43 1.50
C SER A 813 -54.59 15.71 2.85
N PHE A 814 -55.69 15.06 3.20
CA PHE A 814 -55.83 14.43 4.52
C PHE A 814 -55.09 13.09 4.60
N ILE A 815 -55.07 12.34 3.49
CA ILE A 815 -54.36 11.06 3.47
C ILE A 815 -52.86 11.29 3.38
N GLU A 816 -52.46 12.33 2.65
CA GLU A 816 -51.04 12.60 2.39
C GLU A 816 -50.34 13.21 3.60
N ASP A 817 -51.09 13.74 4.56
CA ASP A 817 -50.50 14.12 5.85
C ASP A 817 -50.15 12.89 6.67
N LEU A 818 -50.92 11.80 6.50
CA LEU A 818 -50.62 10.56 7.23
C LEU A 818 -49.51 9.78 6.54
N LEU A 819 -49.26 10.07 5.26
CA LEU A 819 -48.16 9.39 4.57
C LEU A 819 -46.82 10.04 4.86
N PHE A 820 -46.82 11.32 5.27
CA PHE A 820 -45.57 12.04 5.48
C PHE A 820 -44.93 11.69 6.81
N ASN A 821 -45.71 11.66 7.89
CA ASN A 821 -45.16 11.55 9.24
C ASN A 821 -44.76 10.14 9.63
N LYS A 822 -45.35 9.11 9.01
CA LYS A 822 -45.00 7.74 9.38
C LYS A 822 -43.80 7.21 8.60
N VAL A 823 -43.27 7.98 7.64
CA VAL A 823 -42.08 7.60 6.89
C VAL A 823 -40.95 8.52 7.33
N THR A 824 -39.93 7.93 7.95
CA THR A 824 -38.79 8.71 8.44
C THR A 824 -37.53 8.37 7.65
N LYS A 851 -21.30 11.07 6.20
CA LYS A 851 -22.08 12.29 6.34
C LYS A 851 -21.17 13.52 6.28
N PHE A 852 -20.20 13.58 7.20
CA PHE A 852 -19.23 14.66 7.22
C PHE A 852 -17.92 14.32 6.53
N LYS A 853 -17.80 13.11 5.97
CA LYS A 853 -16.59 12.64 5.29
C LYS A 853 -16.65 12.87 3.80
N GLY A 854 -17.66 13.59 3.32
CA GLY A 854 -17.90 13.73 1.90
C GLY A 854 -19.12 13.00 1.38
N LEU A 855 -19.91 12.38 2.26
CA LEU A 855 -21.15 11.72 1.87
C LEU A 855 -22.26 12.76 1.98
N THR A 856 -22.82 13.15 0.83
CA THR A 856 -23.86 14.16 0.79
C THR A 856 -25.11 13.60 0.14
N VAL A 857 -26.22 14.28 0.37
CA VAL A 857 -27.51 13.89 -0.20
C VAL A 857 -27.89 14.97 -1.21
N LEU A 858 -27.88 14.62 -2.48
CA LEU A 858 -28.29 15.56 -3.51
C LEU A 858 -29.82 15.63 -3.56
N PRO A 859 -30.42 16.81 -3.43
CA PRO A 859 -31.88 16.93 -3.55
C PRO A 859 -32.31 16.86 -4.99
N PRO A 860 -33.54 16.44 -5.28
CA PRO A 860 -34.03 16.46 -6.67
C PRO A 860 -34.55 17.85 -7.03
N LEU A 861 -35.16 17.92 -8.22
CA LEU A 861 -35.68 19.19 -8.70
C LEU A 861 -37.13 19.43 -8.28
N LEU A 862 -37.71 18.53 -7.50
CA LEU A 862 -39.07 18.66 -7.00
C LEU A 862 -39.08 18.40 -5.50
N THR A 863 -39.56 19.38 -4.74
CA THR A 863 -39.71 19.21 -3.30
C THR A 863 -41.01 18.49 -2.99
N ASP A 864 -41.24 18.23 -1.70
CA ASP A 864 -42.41 17.45 -1.29
C ASP A 864 -43.68 18.30 -1.21
N GLU A 865 -43.57 19.62 -1.35
CA GLU A 865 -44.77 20.47 -1.35
C GLU A 865 -45.51 20.37 -2.68
N MET A 866 -44.77 20.35 -3.79
CA MET A 866 -45.41 20.50 -5.10
C MET A 866 -45.76 19.18 -5.78
N ILE A 867 -45.44 18.03 -5.17
CA ILE A 867 -45.88 16.73 -5.71
C ILE A 867 -47.38 16.57 -5.52
N ALA A 868 -47.92 17.11 -4.42
CA ALA A 868 -49.34 17.01 -4.15
C ALA A 868 -50.18 17.96 -5.01
N GLN A 869 -49.56 18.98 -5.62
CA GLN A 869 -50.29 19.78 -6.61
C GLN A 869 -50.01 19.33 -8.04
N TYR A 870 -49.09 18.38 -8.27
CA TYR A 870 -49.19 17.59 -9.49
C TYR A 870 -50.41 16.68 -9.43
N THR A 871 -50.66 16.06 -8.27
CA THR A 871 -51.76 15.12 -8.15
C THR A 871 -53.08 15.82 -7.84
N SER A 872 -53.05 17.12 -7.55
CA SER A 872 -54.30 17.86 -7.38
C SER A 872 -54.97 18.12 -8.71
N ALA A 873 -54.19 18.37 -9.76
CA ALA A 873 -54.77 18.59 -11.09
C ALA A 873 -55.14 17.27 -11.75
N LEU A 874 -54.42 16.20 -11.44
CA LEU A 874 -54.70 14.90 -12.05
C LEU A 874 -55.90 14.24 -11.40
N LEU A 875 -56.18 14.54 -10.13
CA LEU A 875 -57.45 14.11 -9.54
C LEU A 875 -58.58 15.08 -9.88
N ALA A 876 -58.25 16.29 -10.33
CA ALA A 876 -59.28 17.18 -10.87
C ALA A 876 -59.69 16.72 -12.27
N GLY A 877 -58.79 16.06 -12.99
CA GLY A 877 -59.14 15.52 -14.28
C GLY A 877 -60.03 14.29 -14.19
N THR A 878 -59.92 13.53 -13.10
CA THR A 878 -60.77 12.36 -12.93
C THR A 878 -62.16 12.75 -12.43
N ILE A 879 -62.28 13.93 -11.83
CA ILE A 879 -63.57 14.41 -11.34
C ILE A 879 -64.25 15.29 -12.38
N THR A 880 -63.60 16.41 -12.75
CA THR A 880 -64.23 17.33 -13.69
C THR A 880 -64.09 16.84 -15.14
N SER A 881 -62.89 16.45 -15.57
CA SER A 881 -62.61 16.24 -16.98
C SER A 881 -62.86 14.81 -17.46
N GLY A 882 -63.05 13.87 -16.55
CA GLY A 882 -63.27 12.48 -16.92
C GLY A 882 -62.07 11.74 -17.49
N TRP A 883 -62.22 11.14 -18.66
CA TRP A 883 -61.14 10.42 -19.32
C TRP A 883 -60.44 11.27 -20.37
N THR A 884 -60.89 12.49 -20.61
CA THR A 884 -60.45 13.28 -21.76
C THR A 884 -59.30 14.23 -21.45
N PHE A 885 -58.77 14.25 -20.21
CA PHE A 885 -57.72 15.21 -19.89
C PHE A 885 -56.36 14.79 -20.42
N GLY A 886 -56.08 13.49 -20.45
CA GLY A 886 -54.88 12.97 -21.08
C GLY A 886 -55.06 12.58 -22.54
N ALA A 887 -56.23 12.85 -23.10
CA ALA A 887 -56.62 12.51 -24.47
C ALA A 887 -56.37 13.69 -25.41
N GLY A 888 -55.69 14.73 -24.93
CA GLY A 888 -55.76 16.03 -25.56
C GLY A 888 -56.71 16.94 -24.81
N ALA A 889 -57.36 17.87 -25.52
CA ALA A 889 -58.20 18.89 -24.90
C ALA A 889 -59.47 18.29 -24.29
N ALA A 890 -59.67 18.57 -23.01
CA ALA A 890 -60.68 17.90 -22.21
C ALA A 890 -62.08 18.41 -22.50
N LEU A 891 -63.07 17.60 -22.11
CA LEU A 891 -64.48 17.90 -22.24
C LEU A 891 -65.11 18.03 -20.86
N GLN A 892 -66.23 18.74 -20.78
CA GLN A 892 -66.96 18.84 -19.53
C GLN A 892 -68.03 17.75 -19.51
N ILE A 893 -67.73 16.69 -18.77
CA ILE A 893 -68.66 15.60 -18.49
C ILE A 893 -68.80 15.49 -16.97
N PRO A 894 -69.99 15.65 -16.41
CA PRO A 894 -70.16 15.45 -14.96
C PRO A 894 -70.16 13.96 -14.59
N PHE A 895 -70.18 13.69 -13.28
CA PHE A 895 -69.73 12.43 -12.72
C PHE A 895 -70.71 11.28 -12.95
N ALA A 896 -71.99 11.59 -13.20
CA ALA A 896 -72.98 10.55 -13.48
C ALA A 896 -72.79 9.96 -14.87
N MET A 897 -72.28 10.76 -15.81
CA MET A 897 -71.95 10.23 -17.13
C MET A 897 -70.47 9.88 -17.29
N GLN A 898 -69.64 10.14 -16.28
CA GLN A 898 -68.27 9.63 -16.32
C GLN A 898 -68.24 8.16 -15.95
N MET A 899 -69.18 7.73 -15.10
CA MET A 899 -69.32 6.32 -14.77
C MET A 899 -69.93 5.54 -15.93
N ALA A 900 -70.75 6.19 -16.75
CA ALA A 900 -71.49 5.49 -17.80
C ALA A 900 -70.60 5.15 -18.99
N TYR A 901 -69.47 5.85 -19.13
CA TYR A 901 -68.45 5.42 -20.09
C TYR A 901 -67.71 4.21 -19.56
N ARG A 902 -67.48 4.15 -18.24
CA ARG A 902 -66.66 3.08 -17.67
C ARG A 902 -67.44 1.78 -17.48
N PHE A 903 -68.74 1.86 -17.19
CA PHE A 903 -69.55 0.65 -17.11
C PHE A 903 -69.94 0.08 -18.47
N ASN A 904 -69.83 0.86 -19.55
CA ASN A 904 -70.08 0.30 -20.88
C ASN A 904 -68.89 -0.49 -21.41
N GLY A 905 -67.69 -0.25 -20.89
CA GLY A 905 -66.54 -1.07 -21.26
C GLY A 905 -66.58 -2.46 -20.68
N ILE A 906 -67.15 -2.62 -19.50
CA ILE A 906 -67.38 -3.92 -18.88
C ILE A 906 -68.78 -4.45 -19.17
N GLY A 907 -69.58 -3.72 -19.93
CA GLY A 907 -70.88 -4.21 -20.37
C GLY A 907 -71.97 -4.22 -19.33
N VAL A 908 -72.20 -3.10 -18.64
CA VAL A 908 -73.16 -3.00 -17.57
C VAL A 908 -74.30 -2.09 -18.00
N THR A 909 -75.53 -2.61 -17.94
CA THR A 909 -76.73 -1.82 -18.16
C THR A 909 -76.90 -0.84 -17.00
N GLN A 910 -77.28 0.41 -17.33
CA GLN A 910 -77.26 1.54 -16.40
C GLN A 910 -78.49 1.64 -15.50
N ASN A 911 -79.41 0.66 -15.56
CA ASN A 911 -80.60 0.67 -14.70
C ASN A 911 -80.27 0.43 -13.23
N VAL A 912 -79.15 -0.25 -12.94
CA VAL A 912 -78.73 -0.46 -11.56
C VAL A 912 -77.99 0.79 -11.05
N LEU A 913 -77.48 1.61 -11.97
CA LEU A 913 -76.63 2.76 -11.63
C LEU A 913 -77.44 3.91 -11.03
N TYR A 914 -78.54 4.31 -11.66
CA TYR A 914 -79.31 5.45 -11.21
C TYR A 914 -80.23 5.15 -10.03
N GLU A 915 -80.68 3.90 -9.88
CA GLU A 915 -81.58 3.55 -8.79
C GLU A 915 -80.85 3.37 -7.46
N ASN A 916 -79.68 2.74 -7.48
CA ASN A 916 -78.91 2.37 -6.29
C ASN A 916 -77.87 3.44 -5.96
N GLN A 917 -77.96 4.59 -6.64
CA GLN A 917 -77.01 5.71 -6.54
C GLN A 917 -76.95 6.31 -5.14
N LYS A 918 -78.09 6.36 -4.43
CA LYS A 918 -78.05 6.75 -3.02
C LYS A 918 -77.56 5.61 -2.14
N LEU A 919 -77.73 4.37 -2.57
CA LEU A 919 -77.27 3.24 -1.77
C LEU A 919 -75.77 3.00 -1.93
N ILE A 920 -75.21 3.34 -3.09
CA ILE A 920 -73.76 3.21 -3.26
C ILE A 920 -73.03 4.48 -2.85
N ALA A 921 -73.75 5.52 -2.42
CA ALA A 921 -73.10 6.73 -1.93
C ALA A 921 -72.52 6.54 -0.54
N ASN A 922 -73.17 5.72 0.28
CA ASN A 922 -72.71 5.53 1.65
C ASN A 922 -71.55 4.55 1.72
N GLN A 923 -71.49 3.57 0.81
CA GLN A 923 -70.41 2.59 0.85
C GLN A 923 -69.18 3.05 0.09
N PHE A 924 -69.28 4.10 -0.74
CA PHE A 924 -68.11 4.58 -1.46
C PHE A 924 -67.18 5.38 -0.57
N ASN A 925 -67.72 6.37 0.15
CA ASN A 925 -66.87 7.25 0.96
C ASN A 925 -66.44 6.63 2.27
N SER A 926 -67.11 5.55 2.70
CA SER A 926 -66.67 4.83 3.89
C SER A 926 -65.49 3.92 3.58
N ALA A 927 -65.28 3.58 2.30
CA ALA A 927 -64.17 2.71 1.91
C ALA A 927 -62.84 3.45 1.98
N ILE A 928 -62.84 4.75 1.69
CA ILE A 928 -61.67 5.59 1.95
C ILE A 928 -61.53 5.81 3.46
N GLY A 929 -62.65 5.83 4.20
CA GLY A 929 -62.57 5.87 5.65
C GLY A 929 -62.11 4.57 6.29
N LYS A 930 -62.19 3.45 5.56
CA LYS A 930 -61.55 2.22 6.02
C LYS A 930 -60.03 2.30 5.90
N ILE A 931 -59.52 2.86 4.80
CA ILE A 931 -58.07 2.90 4.62
C ILE A 931 -57.47 4.11 5.36
N GLN A 932 -58.32 5.08 5.77
CA GLN A 932 -57.88 6.14 6.67
C GLN A 932 -57.72 5.60 8.09
N ASP A 933 -58.59 4.68 8.52
CA ASP A 933 -58.45 4.06 9.83
C ASP A 933 -57.37 2.99 9.81
N SER A 934 -57.07 2.44 8.64
CA SER A 934 -56.04 1.40 8.54
C SER A 934 -54.64 1.99 8.59
N LEU A 935 -54.43 3.14 7.95
CA LEU A 935 -53.12 3.78 7.95
C LEU A 935 -52.89 4.61 9.21
N SER A 936 -53.93 4.88 10.00
CA SER A 936 -53.73 5.54 11.28
C SER A 936 -53.28 4.60 12.38
N SER A 937 -53.47 3.29 12.18
CA SER A 937 -53.08 2.29 13.17
C SER A 937 -51.99 1.34 12.68
N THR A 938 -52.27 0.55 11.65
CA THR A 938 -51.30 -0.43 11.14
C THR A 938 -50.29 0.28 10.25
N ALA A 939 -49.01 0.19 10.63
CA ALA A 939 -47.92 0.76 9.85
C ALA A 939 -47.27 -0.25 8.92
N SER A 940 -47.79 -1.48 8.86
CA SER A 940 -47.23 -2.53 8.02
C SER A 940 -47.63 -2.42 6.56
N ALA A 941 -48.64 -1.61 6.24
CA ALA A 941 -49.03 -1.39 4.85
C ALA A 941 -48.14 -0.37 4.15
N LEU A 942 -47.33 0.37 4.89
CA LEU A 942 -46.37 1.34 4.35
C LEU A 942 -44.99 0.72 4.17
N GLY A 943 -44.89 -0.62 4.33
CA GLY A 943 -43.59 -1.29 4.22
C GLY A 943 -43.07 -1.38 2.80
N LYS A 944 -43.96 -1.27 1.80
CA LYS A 944 -43.52 -1.13 0.42
C LYS A 944 -43.19 0.31 0.05
N LEU A 945 -43.51 1.28 0.90
CA LEU A 945 -42.98 2.63 0.72
C LEU A 945 -41.56 2.73 1.28
N GLN A 946 -41.33 2.16 2.46
CA GLN A 946 -40.11 2.40 3.21
C GLN A 946 -39.02 1.37 2.97
N ASP A 947 -39.22 0.44 2.04
CA ASP A 947 -38.21 -0.59 1.80
C ASP A 947 -37.05 -0.05 0.96
N VAL A 948 -37.27 1.03 0.21
CA VAL A 948 -36.19 1.61 -0.58
C VAL A 948 -35.29 2.50 0.29
N VAL A 949 -35.86 3.17 1.31
CA VAL A 949 -35.07 4.17 2.04
C VAL A 949 -34.18 3.53 3.13
N ASN A 950 -34.60 2.41 3.73
CA ASN A 950 -33.75 1.79 4.76
C ASN A 950 -32.64 0.95 4.16
N HIS A 951 -32.85 0.42 2.94
CA HIS A 951 -31.77 -0.23 2.22
C HIS A 951 -30.76 0.79 1.71
N ASN A 952 -31.21 2.02 1.43
CA ASN A 952 -30.26 3.09 1.13
C ASN A 952 -29.67 3.69 2.39
N ALA A 953 -30.32 3.49 3.55
CA ALA A 953 -29.74 3.94 4.81
C ALA A 953 -28.61 3.01 5.25
N GLN A 954 -28.80 1.69 5.09
CA GLN A 954 -27.73 0.76 5.40
C GLN A 954 -26.67 0.69 4.31
N ALA A 955 -26.96 1.19 3.11
CA ALA A 955 -25.91 1.42 2.13
C ALA A 955 -25.00 2.57 2.55
N LEU A 956 -25.56 3.57 3.24
CA LEU A 956 -24.73 4.59 3.87
C LEU A 956 -24.02 4.04 5.11
N ASN A 957 -24.66 3.10 5.83
CA ASN A 957 -24.02 2.53 7.01
C ASN A 957 -22.95 1.52 6.66
N THR A 958 -22.99 0.96 5.44
CA THR A 958 -21.87 0.17 4.95
C THR A 958 -20.82 1.01 4.22
N LEU A 959 -21.01 2.34 4.17
CA LEU A 959 -19.88 3.22 3.88
C LEU A 959 -19.23 3.72 5.16
N VAL A 960 -19.86 3.48 6.32
CA VAL A 960 -19.30 3.92 7.59
C VAL A 960 -18.22 2.96 8.08
N LYS A 961 -18.52 1.66 8.08
CA LYS A 961 -17.81 0.72 8.95
C LYS A 961 -16.47 0.23 8.40
N GLN A 962 -16.11 0.57 7.17
CA GLN A 962 -14.80 0.18 6.66
C GLN A 962 -13.71 1.21 6.95
N LEU A 963 -14.09 2.39 7.46
CA LEU A 963 -13.10 3.41 7.78
C LEU A 963 -12.38 3.10 9.10
N SER A 964 -12.92 2.22 9.93
CA SER A 964 -12.20 1.65 11.05
C SER A 964 -11.50 0.34 10.69
N SER A 965 -11.78 -0.21 9.50
CA SER A 965 -11.16 -1.46 9.07
C SER A 965 -9.76 -1.21 8.52
N LYS A 966 -8.83 -2.11 8.86
CA LYS A 966 -7.42 -1.88 8.57
C LYS A 966 -7.01 -2.28 7.15
N PHE A 967 -7.86 -3.05 6.46
CA PHE A 967 -7.69 -3.57 5.08
C PHE A 967 -6.41 -4.41 4.90
N GLY A 968 -6.01 -5.12 5.96
CA GLY A 968 -4.77 -5.87 5.94
C GLY A 968 -3.52 -5.08 6.30
N ALA A 969 -3.63 -3.78 6.51
CA ALA A 969 -2.49 -2.94 6.83
C ALA A 969 -2.38 -2.77 8.35
N ILE A 970 -1.51 -1.87 8.79
CA ILE A 970 -1.27 -1.65 10.21
C ILE A 970 -2.41 -0.85 10.83
N SER A 971 -2.79 0.27 10.22
CA SER A 971 -3.86 1.10 10.75
C SER A 971 -4.61 1.75 9.60
N SER A 972 -5.87 2.09 9.87
CA SER A 972 -6.75 2.71 8.89
C SER A 972 -6.53 4.20 8.73
N VAL A 973 -5.88 4.84 9.70
CA VAL A 973 -5.59 6.26 9.66
C VAL A 973 -4.43 6.47 8.69
N LEU A 974 -4.56 7.45 7.79
CA LEU A 974 -3.49 7.75 6.84
C LEU A 974 -2.39 8.63 7.43
N ASN A 975 -2.58 9.17 8.63
CA ASN A 975 -1.59 10.08 9.19
C ASN A 975 -0.40 9.34 9.79
N ASP A 976 -0.64 8.25 10.52
CA ASP A 976 0.45 7.56 11.20
C ASP A 976 1.14 6.51 10.33
N ILE A 977 0.69 6.32 9.10
CA ILE A 977 1.45 5.48 8.18
C ILE A 977 2.64 6.25 7.63
N PHE A 978 2.43 7.50 7.22
CA PHE A 978 3.49 8.30 6.62
C PHE A 978 4.44 8.86 7.68
N SER A 979 3.90 9.30 8.81
CA SER A 979 4.69 9.99 9.82
C SER A 979 5.55 9.08 10.67
N ARG A 980 5.01 7.96 11.17
CA ARG A 980 5.69 7.15 12.16
C ARG A 980 6.79 6.25 11.59
N LEU A 981 6.65 5.76 10.36
CA LEU A 981 7.62 4.82 9.81
C LEU A 981 8.13 5.34 8.47
N ASP A 982 8.94 4.51 7.82
CA ASP A 982 9.73 4.90 6.66
C ASP A 982 8.84 4.92 5.40
N PRO A 983 8.80 6.03 4.66
CA PRO A 983 7.95 6.11 3.44
C PRO A 983 8.44 5.26 2.26
N PRO A 984 9.71 4.78 2.21
CA PRO A 984 9.96 3.53 1.46
C PRO A 984 9.10 2.34 1.84
N GLU A 985 8.93 2.03 3.13
CA GLU A 985 8.09 0.91 3.53
C GLU A 985 6.65 1.31 3.84
N ALA A 986 6.30 2.59 3.74
CA ALA A 986 4.90 2.97 3.81
C ALA A 986 4.26 2.96 2.42
N GLU A 987 5.08 2.81 1.37
CA GLU A 987 4.56 2.81 0.00
C GLU A 987 3.86 1.49 -0.30
N VAL A 988 4.24 0.42 0.38
CA VAL A 988 3.50 -0.84 0.31
C VAL A 988 2.21 -0.73 1.13
N GLN A 989 2.25 0.07 2.21
CA GLN A 989 1.11 0.13 3.13
C GLN A 989 -0.01 1.03 2.61
N ILE A 990 0.34 2.09 1.87
CA ILE A 990 -0.65 3.08 1.46
C ILE A 990 -1.49 2.59 0.29
N ASP A 991 -0.85 2.03 -0.75
CA ASP A 991 -1.51 1.84 -2.04
C ASP A 991 -2.51 0.68 -2.09
N ARG A 992 -2.52 -0.20 -1.08
CA ARG A 992 -3.58 -1.19 -1.01
C ARG A 992 -4.72 -0.77 -0.09
N LEU A 993 -4.60 0.38 0.58
CA LEU A 993 -5.74 0.91 1.32
C LEU A 993 -6.74 1.57 0.38
N ILE A 994 -6.25 2.36 -0.58
CA ILE A 994 -7.08 3.00 -1.59
C ILE A 994 -7.60 1.95 -2.58
N THR A 995 -6.80 0.91 -2.85
CA THR A 995 -7.27 -0.26 -3.59
C THR A 995 -8.27 -1.06 -2.77
N GLY A 996 -8.07 -1.10 -1.44
CA GLY A 996 -9.05 -1.72 -0.57
C GLY A 996 -10.31 -0.91 -0.38
N ARG A 997 -10.21 0.42 -0.55
CA ARG A 997 -11.42 1.25 -0.52
C ARG A 997 -12.14 1.23 -1.86
N LEU A 998 -11.41 1.21 -2.98
CA LEU A 998 -12.07 1.21 -4.29
C LEU A 998 -12.62 -0.16 -4.67
N GLN A 999 -12.19 -1.23 -4.00
CA GLN A 999 -12.88 -2.50 -4.18
C GLN A 999 -14.16 -2.54 -3.35
N SER A 1000 -14.25 -1.71 -2.30
CA SER A 1000 -15.52 -1.53 -1.61
C SER A 1000 -16.40 -0.53 -2.36
N LEU A 1001 -15.80 0.37 -3.13
CA LEU A 1001 -16.59 1.31 -3.93
C LEU A 1001 -17.09 0.69 -5.23
N GLN A 1002 -16.37 -0.28 -5.80
CA GLN A 1002 -16.84 -0.86 -7.06
C GLN A 1002 -17.94 -1.90 -6.83
N THR A 1003 -18.06 -2.41 -5.61
CA THR A 1003 -19.25 -3.18 -5.27
C THR A 1003 -20.33 -2.29 -4.69
N TYR A 1004 -19.99 -1.02 -4.41
CA TYR A 1004 -21.01 -0.04 -4.02
C TYR A 1004 -21.70 0.53 -5.26
N VAL A 1005 -20.97 0.73 -6.35
CA VAL A 1005 -21.57 1.34 -7.53
C VAL A 1005 -22.40 0.32 -8.32
N THR A 1006 -22.07 -0.98 -8.24
CA THR A 1006 -22.86 -1.98 -8.93
C THR A 1006 -24.15 -2.33 -8.19
N GLN A 1007 -24.18 -2.17 -6.86
CA GLN A 1007 -25.43 -2.40 -6.15
C GLN A 1007 -26.35 -1.19 -6.21
N GLN A 1008 -25.82 -0.01 -6.54
CA GLN A 1008 -26.69 1.15 -6.73
C GLN A 1008 -27.15 1.29 -8.17
N LEU A 1009 -26.53 0.58 -9.11
CA LEU A 1009 -27.08 0.54 -10.46
C LEU A 1009 -28.25 -0.43 -10.57
N ILE A 1010 -28.23 -1.53 -9.81
CA ILE A 1010 -29.38 -2.43 -9.83
C ILE A 1010 -30.54 -1.89 -9.00
N ARG A 1011 -30.27 -1.03 -8.02
CA ARG A 1011 -31.36 -0.30 -7.37
C ARG A 1011 -31.86 0.83 -8.25
N ALA A 1012 -31.01 1.34 -9.14
CA ALA A 1012 -31.49 2.21 -10.21
C ALA A 1012 -32.21 1.41 -11.29
N ALA A 1013 -31.87 0.13 -11.45
CA ALA A 1013 -32.58 -0.71 -12.41
C ALA A 1013 -33.90 -1.22 -11.83
N GLU A 1014 -33.97 -1.42 -10.51
CA GLU A 1014 -35.24 -1.85 -9.91
C GLU A 1014 -36.23 -0.70 -9.80
N ILE A 1015 -35.77 0.55 -9.81
CA ILE A 1015 -36.71 1.65 -9.96
C ILE A 1015 -36.88 2.04 -11.41
N ARG A 1016 -36.12 1.42 -12.32
CA ARG A 1016 -36.40 1.58 -13.75
C ARG A 1016 -37.51 0.63 -14.19
N ALA A 1017 -37.48 -0.61 -13.69
CA ALA A 1017 -38.46 -1.60 -14.12
C ALA A 1017 -39.79 -1.42 -13.41
N SER A 1018 -39.77 -0.93 -12.17
CA SER A 1018 -41.01 -0.67 -11.45
C SER A 1018 -41.70 0.59 -11.94
N ALA A 1019 -40.95 1.58 -12.45
CA ALA A 1019 -41.58 2.77 -13.00
C ALA A 1019 -42.01 2.56 -14.45
N ASN A 1020 -41.59 1.46 -15.07
CA ASN A 1020 -42.25 1.01 -16.29
C ASN A 1020 -43.68 0.58 -16.01
N LEU A 1021 -43.88 -0.18 -14.93
CA LEU A 1021 -45.23 -0.62 -14.59
C LEU A 1021 -46.00 0.45 -13.83
N ALA A 1022 -45.31 1.42 -13.22
CA ALA A 1022 -46.01 2.52 -12.56
C ALA A 1022 -46.51 3.53 -13.59
N ALA A 1023 -45.80 3.65 -14.72
CA ALA A 1023 -46.32 4.49 -15.79
C ALA A 1023 -47.24 3.70 -16.72
N THR A 1024 -47.30 2.38 -16.56
CA THR A 1024 -48.25 1.58 -17.33
C THR A 1024 -49.67 1.74 -16.77
N LYS A 1025 -49.82 1.60 -15.46
CA LYS A 1025 -51.12 1.81 -14.82
C LYS A 1025 -51.47 3.28 -14.69
N MET A 1026 -50.51 4.19 -14.81
CA MET A 1026 -50.84 5.59 -14.99
C MET A 1026 -51.39 5.83 -16.40
N SER A 1027 -50.91 5.06 -17.38
CA SER A 1027 -51.43 5.18 -18.74
C SER A 1027 -52.77 4.48 -18.89
N GLU A 1028 -52.92 3.28 -18.31
CA GLU A 1028 -54.11 2.47 -18.55
C GLU A 1028 -55.29 2.92 -17.70
N CYS A 1029 -55.24 2.64 -16.39
CA CYS A 1029 -56.41 2.72 -15.53
C CYS A 1029 -56.55 4.05 -14.80
N VAL A 1030 -55.66 5.01 -15.07
CA VAL A 1030 -55.85 6.39 -14.61
C VAL A 1030 -56.45 7.26 -15.70
N LEU A 1031 -55.76 7.37 -16.85
CA LEU A 1031 -56.20 8.13 -18.00
C LEU A 1031 -57.43 7.56 -18.71
N GLY A 1032 -57.77 6.31 -18.47
CA GLY A 1032 -58.88 5.68 -19.16
C GLY A 1032 -59.32 4.42 -18.45
N GLN A 1033 -60.09 3.61 -19.16
CA GLN A 1033 -60.54 2.32 -18.65
C GLN A 1033 -59.57 1.23 -19.10
N SER A 1034 -59.07 0.46 -18.13
CA SER A 1034 -58.22 -0.69 -18.42
C SER A 1034 -59.06 -1.96 -18.37
N LYS A 1035 -59.03 -2.71 -19.46
CA LYS A 1035 -59.89 -3.88 -19.62
C LYS A 1035 -59.23 -5.19 -19.18
N ARG A 1036 -58.02 -5.14 -18.63
CA ARG A 1036 -57.35 -6.37 -18.25
C ARG A 1036 -57.67 -6.74 -16.80
N VAL A 1037 -57.16 -7.90 -16.38
CA VAL A 1037 -57.45 -8.50 -15.08
C VAL A 1037 -56.15 -8.58 -14.31
N ASP A 1038 -56.19 -8.16 -13.03
CA ASP A 1038 -55.13 -8.31 -12.00
C ASP A 1038 -53.83 -7.59 -12.39
N PHE A 1039 -53.95 -6.28 -12.59
CA PHE A 1039 -52.83 -5.35 -12.76
C PHE A 1039 -53.05 -4.11 -11.91
N CYS A 1040 -54.19 -3.44 -12.15
CA CYS A 1040 -54.67 -2.27 -11.42
C CYS A 1040 -55.50 -2.64 -10.19
N GLY A 1041 -55.42 -3.89 -9.75
CA GLY A 1041 -56.18 -4.39 -8.62
C GLY A 1041 -57.17 -5.47 -9.02
N LYS A 1042 -57.59 -6.26 -8.04
CA LYS A 1042 -58.23 -7.55 -8.30
C LYS A 1042 -59.73 -7.34 -8.41
N GLY A 1043 -60.25 -7.49 -9.62
CA GLY A 1043 -61.67 -7.33 -9.87
C GLY A 1043 -61.90 -6.71 -11.23
N TYR A 1044 -63.11 -6.21 -11.47
CA TYR A 1044 -63.38 -5.35 -12.60
C TYR A 1044 -63.13 -3.91 -12.18
N HIS A 1045 -62.36 -3.17 -12.99
CA HIS A 1045 -61.84 -1.88 -12.57
C HIS A 1045 -62.88 -0.78 -12.73
N LEU A 1046 -62.88 0.15 -11.77
CA LEU A 1046 -63.66 1.38 -11.86
C LEU A 1046 -62.78 2.62 -11.88
N MET A 1047 -62.18 2.99 -10.75
CA MET A 1047 -61.37 4.20 -10.66
C MET A 1047 -60.02 3.88 -10.03
N SER A 1048 -59.05 4.75 -10.30
CA SER A 1048 -57.72 4.68 -9.70
C SER A 1048 -57.32 6.07 -9.24
N PHE A 1049 -57.02 6.21 -7.94
CA PHE A 1049 -56.71 7.51 -7.34
C PHE A 1049 -55.25 7.55 -6.88
N PRO A 1050 -54.38 8.29 -7.55
CA PRO A 1050 -53.02 8.46 -7.04
C PRO A 1050 -52.97 9.46 -5.89
N GLN A 1051 -52.00 9.25 -5.00
CA GLN A 1051 -51.74 10.16 -3.89
C GLN A 1051 -50.25 10.48 -3.84
N SER A 1052 -49.92 11.55 -3.14
CA SER A 1052 -48.53 11.98 -3.01
C SER A 1052 -47.86 11.34 -1.82
N ALA A 1053 -46.66 10.79 -2.03
CA ALA A 1053 -45.85 10.19 -1.00
C ALA A 1053 -44.39 10.44 -1.33
N PRO A 1054 -43.50 10.48 -0.34
CA PRO A 1054 -42.06 10.47 -0.65
C PRO A 1054 -41.63 9.12 -1.20
N HIS A 1055 -40.85 9.17 -2.31
CA HIS A 1055 -40.17 8.05 -2.97
C HIS A 1055 -41.14 6.97 -3.47
N GLY A 1056 -42.30 7.39 -3.93
CA GLY A 1056 -43.30 6.48 -4.44
C GLY A 1056 -44.65 7.16 -4.53
N VAL A 1057 -45.56 6.50 -5.24
CA VAL A 1057 -46.93 6.98 -5.41
C VAL A 1057 -47.87 5.96 -4.79
N VAL A 1058 -48.66 6.40 -3.81
CA VAL A 1058 -49.67 5.57 -3.17
C VAL A 1058 -50.94 5.63 -4.01
N PHE A 1059 -51.38 4.47 -4.49
CA PHE A 1059 -52.57 4.37 -5.33
C PHE A 1059 -53.76 3.84 -4.52
N LEU A 1060 -54.94 4.35 -4.87
CA LEU A 1060 -56.21 3.92 -4.30
C LEU A 1060 -57.05 3.35 -5.45
N HIS A 1061 -57.30 2.05 -5.41
CA HIS A 1061 -57.96 1.36 -6.52
C HIS A 1061 -59.40 1.00 -6.15
N VAL A 1062 -60.36 1.44 -6.94
CA VAL A 1062 -61.76 1.08 -6.75
C VAL A 1062 -62.10 -0.05 -7.70
N THR A 1063 -62.41 -1.23 -7.16
CA THR A 1063 -62.66 -2.44 -7.93
C THR A 1063 -64.07 -2.94 -7.69
N TYR A 1064 -64.56 -3.75 -8.62
CA TYR A 1064 -65.87 -4.38 -8.50
C TYR A 1064 -65.69 -5.81 -8.01
N VAL A 1065 -66.14 -6.09 -6.79
CA VAL A 1065 -66.09 -7.41 -6.19
C VAL A 1065 -67.51 -7.90 -5.95
N PRO A 1066 -67.95 -8.99 -6.60
CA PRO A 1066 -69.25 -9.56 -6.26
C PRO A 1066 -69.17 -10.36 -4.96
N ALA A 1067 -70.32 -10.48 -4.29
CA ALA A 1067 -70.36 -11.13 -2.98
C ALA A 1067 -71.31 -12.32 -2.95
N GLN A 1068 -72.62 -12.10 -2.93
CA GLN A 1068 -73.62 -13.15 -2.79
C GLN A 1068 -74.14 -13.55 -4.16
N GLU A 1069 -74.37 -14.85 -4.36
CA GLU A 1069 -74.83 -15.37 -5.64
C GLU A 1069 -76.05 -16.26 -5.43
N LYS A 1070 -76.85 -16.39 -6.50
CA LYS A 1070 -78.00 -17.28 -6.54
C LYS A 1070 -77.88 -18.21 -7.73
N ASN A 1071 -78.39 -19.43 -7.58
CA ASN A 1071 -78.31 -20.44 -8.62
C ASN A 1071 -79.60 -20.49 -9.43
N PHE A 1072 -79.45 -20.60 -10.76
CA PHE A 1072 -80.60 -20.66 -11.66
C PHE A 1072 -80.45 -21.77 -12.69
N THR A 1073 -81.37 -21.85 -13.63
CA THR A 1073 -81.42 -22.90 -14.63
C THR A 1073 -81.18 -22.29 -16.00
N THR A 1074 -80.23 -22.84 -16.76
CA THR A 1074 -79.84 -22.28 -18.05
C THR A 1074 -80.14 -23.26 -19.18
N ALA A 1075 -80.25 -22.69 -20.39
CA ALA A 1075 -80.45 -23.42 -21.63
C ALA A 1075 -79.66 -22.68 -22.71
N PRO A 1076 -79.11 -23.38 -23.73
CA PRO A 1076 -78.36 -22.66 -24.76
C PRO A 1076 -79.21 -21.85 -25.74
N ALA A 1077 -80.44 -22.28 -26.03
CA ALA A 1077 -81.23 -21.67 -27.09
C ALA A 1077 -82.71 -21.90 -26.85
N ILE A 1078 -83.53 -21.13 -27.56
CA ILE A 1078 -84.98 -21.19 -27.49
C ILE A 1078 -85.51 -21.59 -28.87
N CYS A 1079 -86.27 -22.69 -28.92
CA CYS A 1079 -86.91 -23.15 -30.15
C CYS A 1079 -88.38 -22.72 -30.10
N HIS A 1080 -88.88 -22.19 -31.21
CA HIS A 1080 -90.26 -21.71 -31.24
C HIS A 1080 -91.11 -22.43 -32.29
N ASP A 1081 -90.97 -22.03 -33.55
CA ASP A 1081 -91.66 -22.66 -34.68
C ASP A 1081 -90.73 -23.64 -35.39
N GLY A 1082 -89.54 -23.87 -34.83
CA GLY A 1082 -88.52 -24.64 -35.50
C GLY A 1082 -87.29 -23.87 -35.94
N LYS A 1083 -87.19 -22.58 -35.61
CA LYS A 1083 -85.95 -21.85 -35.77
C LYS A 1083 -85.37 -21.53 -34.39
N ALA A 1084 -84.06 -21.40 -34.32
CA ALA A 1084 -83.37 -21.19 -33.05
C ALA A 1084 -83.06 -19.72 -32.84
N HIS A 1085 -83.15 -19.28 -31.58
CA HIS A 1085 -82.90 -17.90 -31.20
C HIS A 1085 -81.66 -17.83 -30.34
N PHE A 1086 -80.82 -16.82 -30.57
CA PHE A 1086 -79.59 -16.61 -29.84
C PHE A 1086 -79.43 -15.14 -29.46
N PRO A 1087 -78.96 -14.82 -28.25
CA PRO A 1087 -78.90 -13.42 -27.84
C PRO A 1087 -77.67 -12.71 -28.40
N ARG A 1088 -77.82 -11.41 -28.61
CA ARG A 1088 -76.66 -10.57 -28.95
C ARG A 1088 -75.87 -10.13 -27.72
N GLU A 1089 -76.53 -9.75 -26.62
CA GLU A 1089 -75.88 -9.42 -25.35
C GLU A 1089 -76.70 -10.07 -24.25
N GLY A 1090 -76.11 -11.05 -23.55
CA GLY A 1090 -76.69 -11.59 -22.34
C GLY A 1090 -76.44 -13.06 -22.19
N VAL A 1091 -77.06 -13.64 -21.17
CA VAL A 1091 -77.10 -15.09 -20.94
C VAL A 1091 -78.56 -15.47 -20.69
N PHE A 1092 -78.81 -16.76 -20.75
CA PHE A 1092 -80.14 -17.30 -20.50
C PHE A 1092 -80.22 -17.86 -19.08
N VAL A 1093 -81.21 -17.39 -18.31
CA VAL A 1093 -81.50 -17.98 -17.00
C VAL A 1093 -82.96 -18.38 -16.95
N SER A 1094 -83.36 -19.01 -15.84
CA SER A 1094 -84.75 -19.32 -15.55
C SER A 1094 -84.93 -19.36 -14.04
N ASN A 1095 -86.10 -18.90 -13.57
CA ASN A 1095 -86.40 -18.90 -12.15
C ASN A 1095 -87.18 -20.13 -11.70
N GLY A 1096 -87.44 -21.07 -12.61
CA GLY A 1096 -88.18 -22.27 -12.30
C GLY A 1096 -89.61 -22.25 -12.81
N THR A 1097 -90.15 -21.08 -13.13
CA THR A 1097 -91.50 -20.95 -13.67
C THR A 1097 -91.54 -20.15 -14.95
N HIS A 1098 -91.16 -18.88 -14.92
CA HIS A 1098 -91.13 -18.01 -16.08
C HIS A 1098 -89.76 -18.09 -16.75
N TRP A 1099 -89.52 -17.18 -17.69
CA TRP A 1099 -88.28 -17.16 -18.45
C TRP A 1099 -87.77 -15.73 -18.54
N PHE A 1100 -86.48 -15.54 -18.25
CA PHE A 1100 -85.86 -14.23 -18.27
C PHE A 1100 -84.51 -14.31 -18.98
N VAL A 1101 -84.22 -13.28 -19.76
CA VAL A 1101 -82.93 -13.15 -20.46
C VAL A 1101 -82.23 -11.93 -19.89
N THR A 1102 -81.15 -12.15 -19.14
CA THR A 1102 -80.51 -11.10 -18.37
C THR A 1102 -79.00 -11.15 -18.55
N GLN A 1103 -78.35 -10.10 -18.06
CA GLN A 1103 -76.90 -9.99 -17.98
C GLN A 1103 -76.34 -11.03 -17.00
N ARG A 1104 -75.15 -11.56 -17.32
CA ARG A 1104 -74.44 -12.50 -16.47
C ARG A 1104 -73.92 -11.88 -15.16
N ASN A 1105 -73.76 -10.56 -15.08
CA ASN A 1105 -73.29 -9.93 -13.85
C ASN A 1105 -74.41 -9.51 -12.91
N PHE A 1106 -75.15 -8.47 -13.26
CA PHE A 1106 -76.31 -8.03 -12.47
C PHE A 1106 -77.55 -8.83 -12.86
N TYR A 1107 -78.41 -9.08 -11.88
CA TYR A 1107 -79.62 -9.85 -12.06
C TYR A 1107 -80.83 -8.91 -12.00
N GLU A 1108 -81.54 -8.81 -13.12
CA GLU A 1108 -82.74 -7.98 -13.22
C GLU A 1108 -83.68 -8.71 -14.18
N PRO A 1109 -85.00 -8.53 -14.08
CA PRO A 1109 -85.91 -9.16 -15.06
C PRO A 1109 -85.98 -8.43 -16.39
N GLN A 1110 -86.23 -9.20 -17.44
CA GLN A 1110 -86.54 -8.68 -18.76
C GLN A 1110 -87.69 -9.43 -19.40
N ILE A 1111 -88.47 -8.70 -20.20
CA ILE A 1111 -89.54 -9.28 -21.01
C ILE A 1111 -88.92 -9.68 -22.35
N ILE A 1112 -89.38 -10.82 -22.91
CA ILE A 1112 -88.84 -11.40 -24.14
C ILE A 1112 -89.25 -10.52 -25.32
N THR A 1113 -88.27 -10.02 -26.06
CA THR A 1113 -88.48 -9.21 -27.26
C THR A 1113 -87.78 -9.87 -28.44
N THR A 1114 -88.19 -9.45 -29.65
CA THR A 1114 -87.56 -9.94 -30.86
C THR A 1114 -86.31 -9.17 -31.24
N ASP A 1115 -86.06 -8.01 -30.61
CA ASP A 1115 -84.88 -7.22 -30.92
C ASP A 1115 -83.63 -7.78 -30.26
N ASN A 1116 -83.78 -8.48 -29.14
CA ASN A 1116 -82.65 -9.04 -28.41
C ASN A 1116 -82.10 -10.31 -29.03
N THR A 1117 -82.88 -11.01 -29.85
CA THR A 1117 -82.49 -12.28 -30.43
C THR A 1117 -82.39 -12.17 -31.95
N PHE A 1118 -81.53 -13.03 -32.52
CA PHE A 1118 -81.40 -13.16 -33.96
C PHE A 1118 -81.63 -14.61 -34.37
N VAL A 1119 -81.88 -14.81 -35.65
CA VAL A 1119 -82.21 -16.14 -36.17
C VAL A 1119 -80.98 -16.74 -36.85
N SER A 1120 -80.48 -17.85 -36.30
CA SER A 1120 -79.38 -18.59 -36.91
C SER A 1120 -79.69 -20.07 -36.81
N GLY A 1121 -79.83 -20.74 -37.96
CA GLY A 1121 -79.97 -22.18 -38.00
C GLY A 1121 -81.31 -22.70 -37.55
N ASN A 1122 -81.37 -24.03 -37.41
CA ASN A 1122 -82.55 -24.75 -36.95
C ASN A 1122 -82.35 -25.21 -35.51
N CYS A 1123 -83.33 -25.95 -34.99
CA CYS A 1123 -83.30 -26.44 -33.62
C CYS A 1123 -82.61 -27.79 -33.47
N ASP A 1124 -82.31 -28.47 -34.57
CA ASP A 1124 -81.72 -29.80 -34.52
C ASP A 1124 -80.23 -29.80 -34.21
N VAL A 1125 -79.54 -28.69 -34.47
CA VAL A 1125 -78.09 -28.62 -34.28
C VAL A 1125 -77.68 -28.10 -32.91
N VAL A 1126 -78.63 -27.82 -32.03
CA VAL A 1126 -78.32 -27.29 -30.70
C VAL A 1126 -78.59 -28.37 -29.67
N ILE A 1127 -77.58 -28.70 -28.89
CA ILE A 1127 -77.67 -29.74 -27.87
C ILE A 1127 -78.23 -29.13 -26.59
N GLY A 1128 -79.38 -29.62 -26.14
CA GLY A 1128 -80.00 -29.12 -24.94
C GLY A 1128 -81.00 -28.01 -25.14
N ILE A 1129 -81.56 -27.87 -26.34
CA ILE A 1129 -82.45 -26.77 -26.67
C ILE A 1129 -83.84 -27.08 -26.09
N VAL A 1130 -84.51 -26.04 -25.59
CA VAL A 1130 -85.84 -26.18 -25.01
C VAL A 1130 -86.83 -25.40 -25.85
N ASN A 1131 -88.11 -25.79 -25.75
CA ASN A 1131 -89.18 -25.17 -26.50
C ASN A 1131 -89.85 -24.11 -25.64
N ASN A 1132 -89.91 -22.88 -26.15
CA ASN A 1132 -90.54 -21.78 -25.43
C ASN A 1132 -91.08 -20.81 -26.47
N THR A 1133 -92.12 -20.08 -26.06
CA THR A 1133 -92.79 -19.13 -26.95
C THR A 1133 -92.07 -17.78 -26.92
N VAL A 1134 -91.71 -17.29 -28.10
CA VAL A 1134 -91.04 -16.01 -28.26
C VAL A 1134 -92.12 -14.94 -28.42
N TYR A 1135 -92.12 -13.96 -27.51
CA TYR A 1135 -93.14 -12.91 -27.51
C TYR A 1135 -92.80 -11.89 -28.59
N ASP A 1136 -93.75 -11.65 -29.50
CA ASP A 1136 -93.60 -10.65 -30.53
C ASP A 1136 -94.32 -9.39 -30.09
N PRO A 1137 -93.60 -8.25 -29.89
CA PRO A 1137 -94.29 -7.02 -29.48
C PRO A 1137 -95.12 -6.34 -30.57
N LEU A 1138 -94.92 -6.69 -31.84
CA LEU A 1138 -95.68 -6.06 -32.92
C LEU A 1138 -97.11 -6.60 -33.02
N GLN A 1139 -97.34 -7.86 -32.67
CA GLN A 1139 -98.65 -8.51 -32.75
C GLN A 1139 -99.77 -7.95 -31.84
N PRO A 1140 -99.55 -7.51 -30.58
CA PRO A 1140 -100.60 -6.70 -29.93
C PRO A 1140 -100.75 -5.29 -30.47
N GLU A 1141 -99.74 -4.75 -31.17
CA GLU A 1141 -99.79 -3.39 -31.67
C GLU A 1141 -100.44 -3.28 -33.05
N LEU A 1142 -100.91 -4.39 -33.63
CA LEU A 1142 -101.59 -4.31 -34.92
C LEU A 1142 -103.01 -3.79 -34.77
N ASP A 1143 -103.76 -4.32 -33.81
CA ASP A 1143 -105.14 -3.91 -33.56
C ASP A 1143 -105.25 -2.81 -32.50
N SER A 1144 -104.14 -2.41 -31.90
CA SER A 1144 -104.15 -1.37 -30.88
C SER A 1144 -103.25 -0.21 -31.26
N GLN B 14 36.33 -57.49 -28.94
CA GLN B 14 35.88 -56.31 -28.21
C GLN B 14 35.77 -55.10 -29.13
N CYS B 15 36.92 -54.67 -29.65
CA CYS B 15 36.97 -53.49 -30.51
C CYS B 15 36.47 -53.76 -31.92
N VAL B 16 36.67 -54.99 -32.43
CA VAL B 16 36.27 -55.33 -33.79
C VAL B 16 34.76 -55.56 -33.82
N ASN B 17 34.12 -55.13 -34.91
CA ASN B 17 32.67 -55.20 -35.06
C ASN B 17 32.28 -56.33 -36.01
N LEU B 18 30.97 -56.45 -36.24
CA LEU B 18 30.45 -57.43 -37.17
C LEU B 18 30.39 -56.83 -38.58
N THR B 19 31.05 -57.49 -39.53
CA THR B 19 31.13 -57.02 -40.90
C THR B 19 30.04 -57.59 -41.79
N THR B 20 29.11 -58.37 -41.23
CA THR B 20 28.04 -59.02 -41.99
C THR B 20 26.77 -58.19 -42.03
N ARG B 21 26.81 -56.97 -41.49
CA ARG B 21 25.64 -56.10 -41.42
C ARG B 21 25.37 -55.46 -42.78
N THR B 22 24.14 -55.67 -43.28
CA THR B 22 23.65 -55.01 -44.47
C THR B 22 22.68 -53.93 -44.06
N GLN B 23 23.03 -52.66 -44.32
CA GLN B 23 22.29 -51.52 -43.80
C GLN B 23 21.02 -51.28 -44.62
N LEU B 24 19.88 -51.08 -43.90
CA LEU B 24 18.53 -50.80 -44.35
C LEU B 24 18.30 -49.29 -44.48
N PRO B 25 17.51 -48.85 -45.46
CA PRO B 25 17.19 -47.41 -45.56
C PRO B 25 16.15 -47.01 -44.51
N PRO B 26 16.23 -45.64 -43.97
CA PRO B 26 15.26 -45.15 -42.94
C PRO B 26 13.89 -44.79 -43.49
N ALA B 27 13.05 -45.81 -43.64
CA ALA B 27 11.68 -45.62 -44.09
C ALA B 27 10.81 -45.07 -42.96
N TYR B 28 9.77 -44.34 -43.33
CA TYR B 28 8.92 -43.65 -42.38
C TYR B 28 7.50 -44.21 -42.42
N THR B 29 6.81 -44.09 -41.28
CA THR B 29 5.43 -44.56 -41.15
C THR B 29 4.66 -43.67 -40.17
N ASN B 30 3.39 -43.99 -39.93
CA ASN B 30 2.51 -43.15 -39.13
C ASN B 30 2.12 -43.87 -37.84
N SER B 31 2.01 -43.11 -36.76
CA SER B 31 1.53 -43.60 -35.47
C SER B 31 0.23 -42.89 -35.14
N PHE B 32 -0.60 -43.50 -34.30
CA PHE B 32 -1.95 -42.98 -34.08
C PHE B 32 -2.20 -42.60 -32.63
N THR B 33 -2.46 -43.59 -31.78
CA THR B 33 -2.92 -43.36 -30.41
C THR B 33 -1.85 -43.41 -29.33
N ARG B 34 -0.58 -43.61 -29.69
CA ARG B 34 0.49 -43.81 -28.73
C ARG B 34 0.91 -42.46 -28.13
N GLY B 35 1.43 -42.50 -26.90
CA GLY B 35 1.77 -41.29 -26.17
C GLY B 35 0.83 -40.97 -25.03
N VAL B 36 0.00 -41.94 -24.63
CA VAL B 36 -0.90 -41.80 -23.49
C VAL B 36 -0.18 -42.36 -22.27
N TYR B 37 0.00 -41.51 -21.25
CA TYR B 37 0.63 -41.92 -20.00
C TYR B 37 0.10 -41.06 -18.86
N TYR B 38 0.29 -41.55 -17.64
CA TYR B 38 -0.07 -40.77 -16.46
C TYR B 38 1.04 -39.76 -16.17
N PRO B 39 0.75 -38.46 -16.13
CA PRO B 39 1.82 -37.46 -15.88
C PRO B 39 2.33 -37.42 -14.46
N ASP B 40 1.54 -37.81 -13.46
CA ASP B 40 1.96 -37.74 -12.08
C ASP B 40 1.49 -38.97 -11.32
N LYS B 41 1.84 -39.01 -10.04
CA LYS B 41 1.47 -40.10 -9.13
C LYS B 41 0.18 -39.81 -8.37
N VAL B 42 -0.47 -38.68 -8.67
CA VAL B 42 -1.74 -38.30 -8.05
C VAL B 42 -2.87 -38.98 -8.81
N PHE B 43 -3.67 -39.76 -8.09
CA PHE B 43 -4.82 -40.42 -8.71
C PHE B 43 -5.93 -39.42 -8.97
N ARG B 44 -6.60 -39.57 -10.10
CA ARG B 44 -7.70 -38.71 -10.51
C ARG B 44 -8.89 -39.56 -10.92
N SER B 45 -10.03 -39.33 -10.26
CA SER B 45 -11.21 -40.16 -10.46
C SER B 45 -12.28 -39.34 -11.17
N SER B 46 -12.54 -39.72 -12.44
CA SER B 46 -13.70 -39.29 -13.26
C SER B 46 -13.71 -37.80 -13.54
N VAL B 47 -12.53 -37.20 -13.68
CA VAL B 47 -12.40 -35.77 -13.95
C VAL B 47 -11.84 -35.57 -15.35
N LEU B 48 -11.71 -34.31 -15.74
CA LEU B 48 -11.08 -33.91 -16.99
C LEU B 48 -10.02 -32.89 -16.61
N HIS B 49 -8.75 -33.24 -16.82
CA HIS B 49 -7.63 -32.42 -16.37
C HIS B 49 -6.69 -32.15 -17.55
N SER B 50 -6.13 -30.95 -17.57
CA SER B 50 -5.23 -30.52 -18.63
C SER B 50 -3.82 -30.34 -18.07
N THR B 51 -2.88 -31.10 -18.60
CA THR B 51 -1.47 -30.98 -18.23
C THR B 51 -0.69 -30.46 -19.43
N GLN B 52 0.32 -29.63 -19.17
CA GLN B 52 1.26 -29.20 -20.20
C GLN B 52 2.61 -29.81 -19.85
N ASP B 53 2.99 -30.85 -20.61
CA ASP B 53 4.24 -31.58 -20.46
C ASP B 53 4.69 -31.98 -21.87
N LEU B 54 5.71 -32.82 -21.95
CA LEU B 54 6.19 -33.31 -23.24
C LEU B 54 5.25 -34.43 -23.69
N PHE B 55 4.64 -34.25 -24.86
CA PHE B 55 3.74 -35.23 -25.44
C PHE B 55 4.00 -35.41 -26.93
N LEU B 56 3.43 -36.48 -27.47
CA LEU B 56 3.58 -36.75 -28.90
C LEU B 56 2.43 -36.11 -29.69
N PRO B 57 2.73 -35.36 -30.75
CA PRO B 57 1.65 -34.95 -31.67
C PRO B 57 1.14 -36.15 -32.46
N PHE B 58 -0.18 -36.24 -32.54
CA PHE B 58 -0.82 -37.36 -33.23
C PHE B 58 -0.79 -37.14 -34.74
N PHE B 59 -0.88 -38.26 -35.48
CA PHE B 59 -0.74 -38.37 -36.95
C PHE B 59 0.58 -37.78 -37.44
N SER B 60 1.67 -38.20 -36.81
CA SER B 60 3.00 -37.71 -37.13
C SER B 60 3.89 -38.83 -37.64
N ASN B 61 4.94 -38.44 -38.35
CA ASN B 61 5.83 -39.40 -39.00
C ASN B 61 6.83 -39.96 -38.00
N VAL B 62 6.83 -41.28 -37.86
CA VAL B 62 7.84 -41.99 -37.08
C VAL B 62 8.60 -42.90 -38.02
N THR B 63 9.82 -43.25 -37.64
CA THR B 63 10.73 -43.96 -38.53
C THR B 63 10.55 -45.47 -38.35
N TRP B 64 10.27 -46.15 -39.46
CA TRP B 64 10.01 -47.58 -39.45
C TRP B 64 11.32 -48.36 -39.48
N PHE B 65 11.49 -49.24 -38.49
CA PHE B 65 12.65 -50.12 -38.41
C PHE B 65 12.19 -51.58 -38.42
N HIS B 66 13.09 -52.46 -38.84
CA HIS B 66 12.86 -53.90 -38.74
C HIS B 66 14.20 -54.59 -38.57
N VAL B 67 14.22 -55.63 -37.74
CA VAL B 67 15.42 -56.43 -37.51
C VAL B 67 15.15 -57.84 -38.04
N ILE B 68 15.90 -58.25 -39.06
CA ILE B 68 15.75 -59.57 -39.63
C ILE B 68 17.09 -60.07 -40.16
N LYS B 75 20.02 -61.42 -43.68
CA LYS B 75 21.02 -60.76 -42.84
C LYS B 75 20.87 -59.25 -42.92
N ARG B 76 19.66 -58.75 -42.67
CA ARG B 76 19.39 -57.32 -42.75
C ARG B 76 19.27 -56.77 -41.32
N PHE B 77 20.28 -56.01 -40.93
CA PHE B 77 20.36 -55.37 -39.63
C PHE B 77 20.36 -53.86 -39.78
N ASP B 78 19.90 -53.17 -38.74
CA ASP B 78 19.86 -51.70 -38.76
C ASP B 78 20.32 -51.16 -37.41
N ASN B 79 21.35 -50.30 -37.45
CA ASN B 79 21.82 -49.57 -36.28
C ASN B 79 22.27 -48.19 -36.73
N PRO B 80 21.33 -47.25 -36.95
CA PRO B 80 21.72 -45.97 -37.56
C PRO B 80 22.26 -44.96 -36.55
N VAL B 81 22.51 -43.74 -37.02
CA VAL B 81 23.01 -42.66 -36.19
C VAL B 81 21.92 -41.59 -36.15
N LEU B 82 21.33 -41.38 -34.97
CA LEU B 82 20.29 -40.38 -34.79
C LEU B 82 20.50 -39.67 -33.46
N PRO B 83 20.28 -38.35 -33.39
CA PRO B 83 20.58 -37.62 -32.15
C PRO B 83 19.41 -37.60 -31.17
N PHE B 84 19.60 -36.83 -30.09
CA PHE B 84 18.62 -36.68 -29.03
C PHE B 84 18.41 -35.19 -28.79
N ASN B 85 17.16 -34.79 -28.54
CA ASN B 85 16.83 -33.40 -28.26
C ASN B 85 16.00 -33.25 -27.00
N ASP B 86 14.75 -33.69 -27.02
CA ASP B 86 13.84 -33.53 -25.88
C ASP B 86 13.47 -34.87 -25.25
N GLY B 87 12.79 -35.75 -25.98
CA GLY B 87 12.49 -37.09 -25.51
C GLY B 87 12.00 -37.98 -26.62
N VAL B 88 12.20 -39.30 -26.47
CA VAL B 88 11.87 -40.26 -27.53
C VAL B 88 10.98 -41.37 -26.95
N TYR B 89 10.38 -42.12 -27.86
CA TYR B 89 9.66 -43.34 -27.54
C TYR B 89 10.35 -44.54 -28.16
N PHE B 90 10.13 -45.71 -27.55
CA PHE B 90 10.53 -47.00 -28.13
C PHE B 90 9.30 -47.89 -28.10
N ALA B 91 8.76 -48.21 -29.28
CA ALA B 91 7.63 -49.12 -29.38
C ALA B 91 8.09 -50.39 -30.09
N SER B 92 8.22 -51.46 -29.30
CA SER B 92 8.86 -52.68 -29.78
C SER B 92 7.88 -53.83 -29.79
N ILE B 93 7.74 -54.47 -30.96
CA ILE B 93 7.07 -55.76 -31.08
C ILE B 93 8.14 -56.85 -31.11
N GLU B 94 7.93 -57.87 -30.28
CA GLU B 94 8.98 -58.87 -30.04
C GLU B 94 8.42 -60.27 -30.19
N LYS B 95 9.27 -61.18 -30.61
CA LYS B 95 8.98 -62.61 -30.55
C LYS B 95 10.12 -63.38 -29.92
N SER B 96 11.31 -63.35 -30.51
CA SER B 96 12.50 -63.98 -29.96
C SER B 96 13.29 -63.08 -29.03
N ASN B 97 12.79 -61.86 -28.77
CA ASN B 97 13.30 -60.85 -27.82
C ASN B 97 14.73 -60.40 -28.18
N ILE B 98 14.82 -59.71 -29.31
CA ILE B 98 16.11 -59.25 -29.83
C ILE B 98 16.62 -58.03 -29.06
N ILE B 99 15.79 -57.00 -28.91
CA ILE B 99 16.26 -55.76 -28.28
C ILE B 99 15.92 -55.85 -26.79
N ARG B 100 16.96 -56.04 -25.96
CA ARG B 100 16.79 -56.13 -24.53
C ARG B 100 17.18 -54.86 -23.79
N GLY B 101 17.68 -53.83 -24.47
CA GLY B 101 18.11 -52.63 -23.78
C GLY B 101 18.83 -51.68 -24.72
N TRP B 102 19.31 -50.59 -24.15
CA TRP B 102 19.96 -49.52 -24.90
C TRP B 102 21.15 -49.01 -24.09
N ILE B 103 21.99 -48.21 -24.73
CA ILE B 103 23.07 -47.51 -24.05
C ILE B 103 22.89 -46.02 -24.26
N PHE B 104 23.52 -45.24 -23.37
CA PHE B 104 23.41 -43.79 -23.40
C PHE B 104 24.78 -43.17 -23.15
N GLY B 105 24.88 -41.89 -23.48
CA GLY B 105 26.12 -41.17 -23.30
C GLY B 105 26.18 -39.98 -24.23
N THR B 106 27.23 -39.19 -24.07
CA THR B 106 27.45 -38.01 -24.90
C THR B 106 28.34 -38.33 -26.10
N THR B 107 29.62 -38.56 -25.87
CA THR B 107 30.55 -38.95 -26.93
C THR B 107 30.81 -40.46 -26.98
N LEU B 108 30.20 -41.23 -26.06
CA LEU B 108 30.28 -42.70 -25.94
C LEU B 108 31.71 -43.22 -25.78
N ASP B 109 32.42 -42.67 -24.80
CA ASP B 109 33.79 -43.07 -24.50
C ASP B 109 34.01 -42.95 -23.00
N SER B 110 35.27 -43.05 -22.57
CA SER B 110 35.62 -42.93 -21.17
C SER B 110 35.80 -41.49 -20.69
N LYS B 111 35.65 -40.52 -21.59
CA LYS B 111 35.76 -39.11 -21.20
C LYS B 111 34.51 -38.58 -20.51
N THR B 112 33.38 -39.25 -20.67
CA THR B 112 32.12 -38.81 -20.08
C THR B 112 31.38 -40.02 -19.52
N GLN B 113 30.33 -39.73 -18.74
CA GLN B 113 29.54 -40.78 -18.10
C GLN B 113 28.64 -41.47 -19.12
N SER B 114 28.21 -42.69 -18.79
CA SER B 114 27.37 -43.49 -19.67
C SER B 114 26.33 -44.22 -18.83
N LEU B 115 25.08 -44.17 -19.27
CA LEU B 115 23.99 -44.90 -18.64
C LEU B 115 23.80 -46.23 -19.36
N LEU B 116 23.79 -47.32 -18.59
CA LEU B 116 23.68 -48.67 -19.13
C LEU B 116 22.42 -49.33 -18.62
N ILE B 117 21.49 -49.62 -19.51
CA ILE B 117 20.30 -50.42 -19.21
C ILE B 117 20.34 -51.67 -20.10
N VAL B 118 20.53 -52.82 -19.48
CA VAL B 118 20.78 -54.06 -20.22
C VAL B 118 20.27 -55.21 -19.35
N ASN B 119 19.96 -56.34 -19.99
CA ASN B 119 19.47 -57.52 -19.29
C ASN B 119 20.47 -58.64 -19.57
N ASN B 120 21.12 -59.13 -18.51
CA ASN B 120 22.09 -60.23 -18.58
C ASN B 120 21.44 -61.59 -18.28
N ALA B 121 20.10 -61.61 -18.21
CA ALA B 121 19.22 -62.75 -17.89
C ALA B 121 19.47 -63.32 -16.49
N THR B 122 19.88 -62.46 -15.55
CA THR B 122 19.78 -62.72 -14.12
C THR B 122 18.83 -61.73 -13.47
N ASN B 123 19.17 -60.44 -13.51
CA ASN B 123 18.27 -59.36 -13.14
C ASN B 123 18.32 -58.28 -14.22
N VAL B 124 17.63 -57.17 -13.98
CA VAL B 124 17.66 -56.02 -14.88
C VAL B 124 18.71 -55.04 -14.35
N VAL B 125 19.75 -54.81 -15.15
CA VAL B 125 20.99 -54.18 -14.70
C VAL B 125 20.97 -52.71 -15.08
N ILE B 126 21.05 -51.84 -14.07
CA ILE B 126 21.21 -50.40 -14.27
C ILE B 126 22.53 -50.00 -13.62
N LYS B 127 23.51 -49.59 -14.42
CA LYS B 127 24.80 -49.13 -13.92
C LYS B 127 25.13 -47.78 -14.56
N VAL B 128 25.68 -46.86 -13.77
CA VAL B 128 26.18 -45.59 -14.27
C VAL B 128 27.70 -45.61 -14.04
N CYS B 129 28.46 -45.72 -15.13
CA CYS B 129 29.92 -45.75 -15.10
C CYS B 129 30.45 -45.04 -16.34
N GLU B 130 31.76 -45.15 -16.58
CA GLU B 130 32.36 -44.67 -17.83
C GLU B 130 32.87 -45.90 -18.59
N PHE B 131 32.20 -46.22 -19.68
CA PHE B 131 32.57 -47.35 -20.51
C PHE B 131 33.16 -46.84 -21.82
N GLN B 132 34.16 -47.54 -22.34
CA GLN B 132 34.67 -47.26 -23.68
C GLN B 132 33.96 -48.21 -24.65
N PHE B 133 33.03 -47.67 -25.42
CA PHE B 133 32.24 -48.46 -26.36
C PHE B 133 32.98 -48.66 -27.68
N CYS B 134 32.62 -49.75 -28.36
CA CYS B 134 33.11 -50.03 -29.70
C CYS B 134 32.16 -49.41 -30.73
N ASN B 135 32.34 -49.78 -32.00
CA ASN B 135 31.48 -49.26 -33.06
C ASN B 135 30.11 -49.94 -33.05
N ASP B 136 30.09 -51.27 -33.01
CA ASP B 136 28.84 -52.03 -33.01
C ASP B 136 28.80 -52.93 -31.77
N PRO B 137 28.26 -52.43 -30.65
CA PRO B 137 28.07 -53.31 -29.49
C PRO B 137 26.90 -54.26 -29.69
N PHE B 138 27.07 -55.49 -29.18
CA PHE B 138 26.05 -56.52 -29.31
C PHE B 138 26.12 -57.44 -28.09
N LEU B 139 25.03 -58.19 -27.89
CA LEU B 139 24.95 -59.15 -26.80
C LEU B 139 25.10 -60.56 -27.34
N ASP B 140 26.21 -61.20 -27.02
CA ASP B 140 26.48 -62.56 -27.50
C ASP B 140 26.63 -63.56 -26.35
N MET B 148 22.34 -70.46 -24.54
CA MET B 148 22.16 -69.34 -23.62
C MET B 148 23.26 -68.29 -23.82
N GLU B 149 23.41 -67.41 -22.83
CA GLU B 149 24.37 -66.32 -22.92
C GLU B 149 25.72 -66.79 -22.41
N SER B 150 26.78 -66.56 -23.21
CA SER B 150 28.11 -67.03 -22.85
C SER B 150 28.88 -65.96 -22.08
N GLU B 151 29.29 -64.90 -22.77
CA GLU B 151 30.11 -63.86 -22.15
C GLU B 151 29.61 -62.50 -22.62
N PHE B 152 29.39 -61.59 -21.68
CA PHE B 152 28.91 -60.24 -21.98
C PHE B 152 30.08 -59.27 -21.83
N ARG B 153 30.62 -58.79 -22.95
CA ARG B 153 31.60 -57.69 -22.95
C ARG B 153 31.13 -56.67 -24.00
N VAL B 154 30.67 -55.51 -23.52
CA VAL B 154 30.45 -54.35 -24.38
C VAL B 154 31.55 -53.32 -24.27
N TYR B 155 32.55 -53.54 -23.42
CA TYR B 155 33.51 -52.50 -23.07
C TYR B 155 34.90 -53.08 -22.89
N SER B 156 35.90 -52.24 -23.14
CA SER B 156 37.28 -52.57 -22.85
C SER B 156 37.65 -52.36 -21.39
N SER B 157 37.20 -51.25 -20.79
CA SER B 157 37.51 -50.93 -19.40
C SER B 157 36.39 -50.09 -18.81
N ALA B 158 36.34 -50.04 -17.49
CA ALA B 158 35.33 -49.27 -16.79
C ALA B 158 35.95 -48.64 -15.55
N ASN B 159 35.63 -47.36 -15.32
CA ASN B 159 36.13 -46.61 -14.17
C ASN B 159 35.16 -45.50 -13.82
N ASN B 160 35.31 -44.98 -12.59
CA ASN B 160 34.63 -43.80 -12.01
C ASN B 160 33.09 -43.95 -12.00
N CYS B 161 32.65 -45.06 -11.43
CA CYS B 161 31.22 -45.37 -11.36
C CYS B 161 30.54 -44.52 -10.29
N THR B 162 29.25 -44.25 -10.49
CA THR B 162 28.50 -43.36 -9.61
C THR B 162 27.23 -43.99 -9.07
N PHE B 163 26.27 -44.31 -9.93
CA PHE B 163 24.96 -44.77 -9.49
C PHE B 163 24.76 -46.23 -9.89
N GLU B 164 24.30 -47.04 -8.93
CA GLU B 164 24.02 -48.45 -9.14
C GLU B 164 22.62 -48.76 -8.61
N TYR B 165 21.85 -49.52 -9.39
CA TYR B 165 20.49 -49.88 -8.99
C TYR B 165 20.16 -51.25 -9.56
N VAL B 166 19.43 -52.05 -8.77
CA VAL B 166 19.00 -53.38 -9.16
C VAL B 166 17.48 -53.38 -9.25
N SER B 167 16.96 -53.68 -10.45
CA SER B 167 15.53 -53.66 -10.69
C SER B 167 14.94 -55.05 -10.45
N GLN B 168 13.68 -55.23 -10.87
CA GLN B 168 12.98 -56.49 -10.68
C GLN B 168 13.49 -57.53 -11.68
N PRO B 169 13.94 -58.71 -11.23
CA PRO B 169 14.42 -59.72 -12.17
C PRO B 169 13.29 -60.46 -12.88
N PHE B 170 13.61 -60.90 -14.10
CA PHE B 170 12.70 -61.68 -14.93
C PHE B 170 13.48 -62.78 -15.62
N LEU B 171 12.76 -63.73 -16.21
CA LEU B 171 13.36 -64.85 -16.94
C LEU B 171 13.32 -64.55 -18.43
N MET B 172 14.44 -64.78 -19.10
CA MET B 172 14.63 -64.42 -20.50
C MET B 172 14.80 -65.67 -21.36
N ASP B 173 14.48 -65.52 -22.65
CA ASP B 173 14.57 -66.61 -23.61
C ASP B 173 15.34 -66.11 -24.84
N LEU B 174 16.50 -66.73 -25.09
CA LEU B 174 17.39 -66.36 -26.18
C LEU B 174 17.16 -67.21 -27.42
N GLU B 175 16.15 -68.08 -27.38
CA GLU B 175 15.86 -69.00 -28.48
C GLU B 175 15.21 -68.27 -29.64
N GLY B 176 15.82 -68.38 -30.83
CA GLY B 176 15.33 -67.72 -32.02
C GLY B 176 14.05 -68.31 -32.58
N LYS B 177 13.05 -67.45 -32.77
CA LYS B 177 11.76 -67.82 -33.36
C LYS B 177 11.39 -66.77 -34.39
N GLN B 178 10.74 -67.20 -35.47
CA GLN B 178 10.29 -66.31 -36.53
C GLN B 178 8.79 -66.52 -36.75
N GLY B 179 8.05 -65.42 -36.82
CA GLY B 179 6.60 -65.51 -36.97
C GLY B 179 5.92 -64.22 -36.56
N ASN B 180 4.66 -64.35 -36.18
CA ASN B 180 3.85 -63.19 -35.80
C ASN B 180 4.24 -62.69 -34.40
N PHE B 181 3.94 -61.42 -34.16
CA PHE B 181 4.29 -60.74 -32.91
C PHE B 181 3.09 -60.73 -31.98
N LYS B 182 3.24 -61.36 -30.82
CA LYS B 182 2.11 -61.58 -29.91
C LYS B 182 2.04 -60.55 -28.79
N ASN B 183 2.99 -59.63 -28.70
CA ASN B 183 3.00 -58.68 -27.58
C ASN B 183 3.40 -57.28 -28.04
N LEU B 184 3.20 -56.32 -27.14
CA LEU B 184 3.59 -54.93 -27.35
C LEU B 184 4.41 -54.45 -26.17
N ARG B 185 5.61 -53.95 -26.45
CA ARG B 185 6.52 -53.44 -25.42
C ARG B 185 6.71 -51.94 -25.66
N GLU B 186 6.72 -51.17 -24.57
CA GLU B 186 6.91 -49.72 -24.64
C GLU B 186 7.91 -49.29 -23.57
N PHE B 187 8.90 -48.50 -23.99
CA PHE B 187 9.87 -47.92 -23.08
C PHE B 187 10.04 -46.43 -23.40
N VAL B 188 9.77 -45.59 -22.41
CA VAL B 188 9.74 -44.15 -22.58
C VAL B 188 10.97 -43.56 -21.89
N PHE B 189 11.80 -42.87 -22.65
CA PHE B 189 12.99 -42.20 -22.13
C PHE B 189 12.79 -40.70 -22.21
N LYS B 190 13.02 -40.01 -21.10
CA LYS B 190 12.90 -38.56 -21.03
C LYS B 190 13.84 -38.04 -19.96
N ASN B 191 14.20 -36.76 -20.08
CA ASN B 191 15.02 -36.08 -19.08
C ASN B 191 14.31 -34.77 -18.71
N ILE B 192 13.81 -34.69 -17.49
CA ILE B 192 13.20 -33.47 -16.97
C ILE B 192 13.99 -33.07 -15.72
N ASP B 193 14.75 -31.96 -15.84
CA ASP B 193 15.55 -31.31 -14.78
C ASP B 193 16.59 -32.25 -14.16
N GLY B 194 17.17 -33.13 -14.97
CA GLY B 194 18.10 -34.12 -14.49
C GLY B 194 17.49 -35.45 -14.12
N TYR B 195 16.20 -35.50 -13.83
CA TYR B 195 15.52 -36.72 -13.43
C TYR B 195 15.14 -37.53 -14.67
N PHE B 196 15.29 -38.85 -14.58
CA PHE B 196 14.99 -39.76 -15.68
C PHE B 196 13.83 -40.65 -15.24
N LYS B 197 12.78 -40.70 -16.08
CA LYS B 197 11.62 -41.52 -15.77
C LYS B 197 11.55 -42.68 -16.75
N ILE B 198 11.59 -43.90 -16.22
CA ILE B 198 11.43 -45.12 -17.01
C ILE B 198 9.97 -45.54 -16.92
N TYR B 199 9.30 -45.59 -18.06
CA TYR B 199 7.90 -45.99 -18.14
C TYR B 199 7.78 -47.27 -18.95
N SER B 200 6.92 -48.18 -18.51
CA SER B 200 6.77 -49.47 -19.17
C SER B 200 5.34 -49.98 -19.01
N LYS B 201 4.85 -50.63 -20.06
CA LYS B 201 3.58 -51.35 -20.01
C LYS B 201 3.71 -52.61 -20.86
N HIS B 202 3.26 -53.73 -20.33
CA HIS B 202 3.32 -55.02 -21.02
C HIS B 202 1.90 -55.49 -21.32
N THR B 203 1.56 -55.60 -22.61
CA THR B 203 0.25 -56.07 -23.02
C THR B 203 0.37 -56.95 -24.26
N PRO B 204 -0.46 -57.98 -24.39
CA PRO B 204 -0.52 -58.71 -25.65
C PRO B 204 -1.38 -58.00 -26.69
N ILE B 205 -1.11 -58.29 -27.95
CA ILE B 205 -1.91 -57.78 -29.05
C ILE B 205 -2.56 -58.94 -29.80
N ASP B 212 2.31 -54.34 -39.62
CA ASP B 212 3.46 -54.45 -38.74
C ASP B 212 3.38 -53.46 -37.57
N LEU B 213 2.17 -52.99 -37.29
CA LEU B 213 1.97 -52.05 -36.20
C LEU B 213 0.73 -52.43 -35.39
N PRO B 214 0.78 -52.35 -34.07
CA PRO B 214 -0.44 -52.55 -33.28
C PRO B 214 -1.38 -51.35 -33.34
N GLN B 215 -2.62 -51.61 -32.98
CA GLN B 215 -3.66 -50.59 -32.89
C GLN B 215 -4.30 -50.60 -31.51
N GLY B 216 -5.00 -49.53 -31.19
CA GLY B 216 -5.67 -49.42 -29.91
C GLY B 216 -4.99 -48.46 -28.94
N PHE B 217 -5.54 -48.37 -27.72
CA PHE B 217 -5.08 -47.41 -26.73
C PHE B 217 -4.59 -48.15 -25.49
N SER B 218 -3.81 -47.45 -24.67
CA SER B 218 -3.23 -48.05 -23.48
C SER B 218 -3.14 -47.00 -22.37
N ALA B 219 -3.38 -47.46 -21.15
CA ALA B 219 -3.21 -46.64 -19.94
C ALA B 219 -1.91 -47.06 -19.28
N LEU B 220 -0.86 -46.21 -19.56
CA LEU B 220 0.52 -46.42 -19.06
C LEU B 220 0.94 -45.88 -17.71
N GLU B 221 1.26 -46.72 -16.78
CA GLU B 221 1.63 -46.51 -15.39
C GLU B 221 3.12 -46.14 -15.25
N PRO B 222 3.49 -45.38 -14.23
CA PRO B 222 4.93 -45.17 -13.95
C PRO B 222 5.57 -46.33 -13.21
N LEU B 223 6.88 -46.48 -13.42
CA LEU B 223 7.65 -47.53 -12.75
C LEU B 223 8.89 -46.99 -12.03
N VAL B 224 9.92 -46.57 -12.76
CA VAL B 224 11.25 -46.35 -12.21
C VAL B 224 11.64 -44.90 -12.45
N ASP B 225 11.97 -44.18 -11.37
CA ASP B 225 12.52 -42.84 -11.45
C ASP B 225 14.02 -42.91 -11.17
N LEU B 226 14.82 -42.27 -12.02
CA LEU B 226 16.27 -42.24 -11.84
C LEU B 226 16.74 -40.81 -11.60
N PRO B 227 17.23 -40.46 -10.34
CA PRO B 227 17.81 -39.12 -10.10
C PRO B 227 19.31 -39.08 -10.40
N ILE B 228 19.66 -39.13 -11.69
CA ILE B 228 21.06 -39.21 -12.08
C ILE B 228 21.62 -37.83 -12.38
N GLY B 229 21.06 -37.15 -13.39
CA GLY B 229 21.50 -35.81 -13.73
C GLY B 229 22.75 -35.70 -14.57
N ILE B 230 22.85 -36.52 -15.61
CA ILE B 230 23.95 -36.43 -16.58
C ILE B 230 23.33 -36.13 -17.95
N ASN B 231 24.17 -35.60 -18.85
CA ASN B 231 23.75 -35.18 -20.17
C ASN B 231 24.01 -36.30 -21.19
N ILE B 232 22.98 -36.63 -21.97
CA ILE B 232 23.07 -37.65 -23.01
C ILE B 232 22.65 -37.02 -24.32
N THR B 233 23.60 -36.91 -25.26
CA THR B 233 23.29 -36.49 -26.61
C THR B 233 23.20 -37.63 -27.62
N ARG B 234 23.49 -38.88 -27.23
CA ARG B 234 23.66 -39.94 -28.20
C ARG B 234 23.15 -41.26 -27.65
N PHE B 235 22.40 -42.01 -28.47
CA PHE B 235 21.99 -43.37 -28.15
C PHE B 235 21.82 -44.13 -29.45
N GLN B 236 21.98 -45.46 -29.37
CA GLN B 236 21.59 -46.34 -30.46
C GLN B 236 21.08 -47.65 -29.86
N THR B 237 20.68 -48.58 -30.74
CA THR B 237 19.94 -49.76 -30.35
C THR B 237 20.89 -50.96 -30.21
N LEU B 238 20.89 -51.56 -29.03
CA LEU B 238 21.62 -52.80 -28.80
C LEU B 238 20.85 -53.95 -29.44
N LEU B 239 21.58 -54.95 -29.94
CA LEU B 239 20.98 -56.12 -30.57
C LEU B 239 21.60 -57.39 -30.00
N ALA B 240 20.76 -58.23 -29.41
CA ALA B 240 21.19 -59.54 -28.92
C ALA B 240 21.06 -60.57 -30.03
N LEU B 241 22.15 -61.29 -30.28
CA LEU B 241 22.20 -62.28 -31.36
C LEU B 241 22.46 -63.66 -30.78
N HIS B 242 21.94 -64.68 -31.47
CA HIS B 242 22.08 -66.06 -31.05
C HIS B 242 22.74 -66.85 -32.17
N ARG B 243 22.94 -68.14 -31.94
CA ARG B 243 23.53 -69.03 -32.94
C ARG B 243 22.48 -69.96 -33.53
N SER B 251 34.15 -66.89 -34.79
CA SER B 251 33.67 -66.14 -33.64
C SER B 251 32.81 -64.97 -34.09
N SER B 252 33.18 -64.34 -35.21
CA SER B 252 32.43 -63.23 -35.76
C SER B 252 31.46 -63.64 -36.85
N SER B 253 31.36 -64.93 -37.16
CA SER B 253 30.62 -65.41 -38.33
C SER B 253 29.20 -65.86 -38.04
N GLY B 254 29.02 -66.90 -37.23
CA GLY B 254 27.76 -67.61 -37.11
C GLY B 254 26.70 -67.03 -36.19
N TRP B 255 26.80 -65.76 -35.81
CA TRP B 255 25.77 -65.14 -34.98
C TRP B 255 24.66 -64.57 -35.86
N THR B 256 23.42 -64.96 -35.59
CA THR B 256 22.27 -64.52 -36.37
C THR B 256 21.21 -63.99 -35.41
N ALA B 257 20.10 -63.50 -35.97
CA ALA B 257 19.04 -62.93 -35.17
C ALA B 257 17.69 -63.27 -35.79
N GLY B 258 16.63 -63.09 -34.99
CA GLY B 258 15.29 -63.38 -35.43
C GLY B 258 14.54 -62.17 -35.97
N ALA B 259 13.22 -62.15 -35.79
CA ALA B 259 12.37 -61.08 -36.30
C ALA B 259 12.01 -60.13 -35.18
N ALA B 260 12.28 -58.83 -35.38
CA ALA B 260 11.95 -57.80 -34.41
C ALA B 260 11.77 -56.48 -35.15
N ALA B 261 11.11 -55.54 -34.47
CA ALA B 261 10.89 -54.19 -35.01
C ALA B 261 10.78 -53.21 -33.87
N TYR B 262 11.23 -51.98 -34.11
CA TYR B 262 11.08 -50.92 -33.12
C TYR B 262 10.75 -49.61 -33.83
N TYR B 263 10.29 -48.63 -33.06
CA TYR B 263 9.88 -47.34 -33.59
C TYR B 263 10.39 -46.23 -32.69
N VAL B 264 10.78 -45.10 -33.30
CA VAL B 264 11.36 -43.97 -32.59
C VAL B 264 10.45 -42.76 -32.80
N GLY B 265 9.92 -42.22 -31.70
CA GLY B 265 9.12 -41.01 -31.71
C GLY B 265 9.86 -39.81 -31.17
N TYR B 266 9.15 -38.69 -31.09
CA TYR B 266 9.69 -37.44 -30.54
C TYR B 266 8.61 -36.78 -29.69
N LEU B 267 9.02 -35.79 -28.90
CA LEU B 267 8.14 -35.12 -27.96
C LEU B 267 8.20 -33.60 -28.14
N GLN B 268 7.06 -32.94 -27.87
CA GLN B 268 6.97 -31.49 -27.83
C GLN B 268 6.28 -31.04 -26.56
N PRO B 269 6.74 -29.93 -25.93
CA PRO B 269 6.09 -29.48 -24.69
C PRO B 269 4.80 -28.70 -24.89
N ARG B 270 3.68 -29.41 -25.10
CA ARG B 270 2.43 -28.76 -25.44
C ARG B 270 1.23 -29.49 -24.83
N THR B 271 0.07 -28.85 -24.92
CA THR B 271 -1.12 -29.16 -24.14
C THR B 271 -1.80 -30.44 -24.64
N PHE B 272 -2.19 -31.32 -23.70
CA PHE B 272 -2.86 -32.59 -23.99
C PHE B 272 -3.90 -32.85 -22.90
N LEU B 273 -5.02 -33.49 -23.29
CA LEU B 273 -6.14 -33.73 -22.39
C LEU B 273 -6.25 -35.21 -22.02
N LEU B 274 -6.83 -35.46 -20.85
CA LEU B 274 -6.98 -36.79 -20.30
C LEU B 274 -8.44 -37.10 -20.01
N LYS B 275 -8.76 -38.39 -19.87
CA LYS B 275 -10.09 -38.85 -19.49
C LYS B 275 -9.91 -39.93 -18.43
N TYR B 276 -10.75 -39.92 -17.41
CA TYR B 276 -10.71 -40.95 -16.37
C TYR B 276 -12.09 -41.56 -16.17
N ASN B 277 -12.13 -42.87 -15.98
CA ASN B 277 -13.33 -43.58 -15.59
C ASN B 277 -13.35 -43.72 -14.06
N GLU B 278 -14.24 -44.58 -13.56
CA GLU B 278 -14.28 -44.86 -12.12
C GLU B 278 -13.11 -45.72 -11.67
N ASN B 279 -12.55 -46.53 -12.57
CA ASN B 279 -11.43 -47.40 -12.24
C ASN B 279 -10.07 -46.75 -12.46
N GLY B 280 -10.02 -45.59 -13.10
CA GLY B 280 -8.76 -44.92 -13.34
C GLY B 280 -8.02 -45.32 -14.60
N THR B 281 -8.73 -45.81 -15.61
CA THR B 281 -8.12 -46.24 -16.87
C THR B 281 -8.47 -45.23 -17.96
N ILE B 282 -7.45 -44.71 -18.64
CA ILE B 282 -7.65 -43.65 -19.63
C ILE B 282 -8.15 -44.26 -20.92
N THR B 283 -9.37 -43.91 -21.32
CA THR B 283 -10.01 -44.47 -22.51
C THR B 283 -9.96 -43.58 -23.74
N ASP B 284 -9.43 -42.36 -23.66
CA ASP B 284 -9.53 -41.42 -24.76
C ASP B 284 -8.34 -40.47 -24.72
N ALA B 285 -7.95 -40.00 -25.89
CA ALA B 285 -6.81 -39.10 -26.05
C ALA B 285 -7.19 -37.95 -26.97
N VAL B 286 -7.12 -36.72 -26.45
CA VAL B 286 -7.50 -35.53 -27.19
C VAL B 286 -6.28 -34.61 -27.30
N ASP B 287 -5.87 -34.32 -28.52
CA ASP B 287 -4.73 -33.44 -28.80
C ASP B 287 -5.25 -32.19 -29.47
N CYS B 288 -4.81 -31.01 -28.97
CA CYS B 288 -5.53 -29.76 -29.17
C CYS B 288 -5.39 -29.19 -30.58
N ALA B 289 -4.17 -29.04 -31.07
CA ALA B 289 -3.90 -28.31 -32.31
C ALA B 289 -3.95 -29.20 -33.54
N LEU B 290 -4.32 -30.47 -33.38
CA LEU B 290 -4.43 -31.42 -34.48
C LEU B 290 -5.64 -31.15 -35.36
N ASP B 291 -6.84 -31.29 -34.82
CA ASP B 291 -8.08 -31.09 -35.56
C ASP B 291 -8.85 -29.92 -34.98
N PRO B 292 -9.67 -29.23 -35.79
CA PRO B 292 -10.55 -28.19 -35.22
C PRO B 292 -11.70 -28.72 -34.38
N LEU B 293 -12.05 -30.02 -34.50
CA LEU B 293 -12.96 -30.65 -33.55
C LEU B 293 -12.38 -30.69 -32.15
N SER B 294 -11.06 -30.93 -32.04
CA SER B 294 -10.44 -30.98 -30.73
C SER B 294 -9.92 -29.62 -30.29
N GLU B 295 -10.01 -28.61 -31.16
CA GLU B 295 -9.81 -27.24 -30.70
C GLU B 295 -10.98 -26.77 -29.84
N THR B 296 -12.18 -27.25 -30.15
CA THR B 296 -13.34 -26.97 -29.31
C THR B 296 -13.32 -27.81 -28.04
N LYS B 297 -12.65 -28.97 -28.07
CA LYS B 297 -12.61 -29.83 -26.89
C LYS B 297 -11.62 -29.33 -25.84
N CYS B 298 -10.54 -28.66 -26.27
CA CYS B 298 -9.59 -28.12 -25.31
C CYS B 298 -10.06 -26.80 -24.71
N THR B 299 -10.83 -26.02 -25.47
CA THR B 299 -11.31 -24.73 -24.96
C THR B 299 -12.50 -24.91 -24.00
N LEU B 300 -13.50 -25.69 -24.40
CA LEU B 300 -14.70 -25.87 -23.60
C LEU B 300 -14.51 -26.86 -22.46
N LYS B 301 -13.45 -27.69 -22.52
CA LYS B 301 -13.17 -28.83 -21.62
C LYS B 301 -14.35 -29.80 -21.53
N SER B 302 -14.90 -30.15 -22.68
CA SER B 302 -15.98 -31.13 -22.79
C SER B 302 -15.74 -31.97 -24.03
N PHE B 303 -15.97 -33.27 -23.90
CA PHE B 303 -15.65 -34.22 -24.96
C PHE B 303 -16.81 -34.48 -25.90
N THR B 304 -17.98 -33.88 -25.65
CA THR B 304 -19.12 -33.97 -26.55
C THR B 304 -19.43 -32.56 -27.05
N VAL B 305 -19.20 -32.33 -28.34
CA VAL B 305 -19.35 -31.01 -28.95
C VAL B 305 -20.72 -30.95 -29.61
N GLU B 306 -21.53 -29.99 -29.18
CA GLU B 306 -22.87 -29.82 -29.73
C GLU B 306 -22.82 -28.95 -30.98
N LYS B 307 -23.99 -28.69 -31.55
CA LYS B 307 -24.09 -27.89 -32.77
C LYS B 307 -24.00 -26.42 -32.44
N GLY B 308 -23.00 -25.74 -33.00
CA GLY B 308 -22.82 -24.33 -32.75
C GLY B 308 -21.41 -23.90 -33.09
N ILE B 309 -21.20 -22.58 -33.04
CA ILE B 309 -19.91 -21.96 -33.31
C ILE B 309 -19.27 -21.60 -31.98
N TYR B 310 -17.98 -21.92 -31.84
CA TYR B 310 -17.24 -21.66 -30.62
C TYR B 310 -15.88 -21.04 -30.94
N GLN B 311 -15.54 -20.00 -30.19
CA GLN B 311 -14.24 -19.36 -30.29
C GLN B 311 -13.22 -20.16 -29.50
N THR B 312 -12.16 -20.61 -30.17
CA THR B 312 -11.18 -21.50 -29.57
C THR B 312 -9.88 -20.79 -29.22
N SER B 313 -9.16 -20.31 -30.23
CA SER B 313 -7.85 -19.69 -30.02
C SER B 313 -7.71 -18.54 -31.00
N ASN B 314 -6.49 -18.01 -31.09
CA ASN B 314 -6.21 -16.86 -31.95
C ASN B 314 -4.93 -17.13 -32.75
N PHE B 315 -5.00 -16.90 -34.05
CA PHE B 315 -3.86 -17.11 -34.94
C PHE B 315 -2.95 -15.89 -34.87
N ARG B 316 -1.70 -16.12 -34.43
CA ARG B 316 -0.70 -15.06 -34.34
C ARG B 316 0.54 -15.46 -35.13
N VAL B 317 1.00 -14.55 -35.98
CA VAL B 317 2.18 -14.80 -36.80
C VAL B 317 3.43 -14.56 -35.95
N GLN B 318 4.51 -15.38 -36.21
CA GLN B 318 5.77 -15.26 -35.47
C GLN B 318 6.67 -14.20 -36.13
N PRO B 319 7.53 -13.52 -35.36
CA PRO B 319 8.52 -12.64 -35.99
C PRO B 319 9.65 -13.46 -36.61
N THR B 320 10.22 -12.94 -37.69
CA THR B 320 11.28 -13.64 -38.40
C THR B 320 12.66 -13.12 -38.04
N GLU B 321 12.96 -11.88 -38.38
CA GLU B 321 14.26 -11.27 -38.13
C GLU B 321 14.15 -10.15 -37.12
N SER B 322 15.28 -9.50 -36.86
CA SER B 322 15.35 -8.38 -35.93
C SER B 322 16.25 -7.30 -36.52
N ILE B 323 15.77 -6.07 -36.54
CA ILE B 323 16.52 -4.94 -37.08
C ILE B 323 17.26 -4.27 -35.92
N VAL B 324 18.58 -4.22 -36.01
CA VAL B 324 19.42 -3.47 -35.08
C VAL B 324 19.86 -2.20 -35.80
N ARG B 325 19.59 -1.04 -35.21
CA ARG B 325 19.82 0.23 -35.88
C ARG B 325 20.76 1.09 -35.06
N PHE B 326 21.76 1.66 -35.72
CA PHE B 326 22.79 2.50 -35.12
C PHE B 326 22.98 3.73 -36.00
N PRO B 327 23.24 4.92 -35.41
CA PRO B 327 23.39 6.14 -36.21
C PRO B 327 24.65 6.19 -37.08
N ASN B 328 24.67 7.19 -37.97
CA ASN B 328 25.66 7.29 -39.04
C ASN B 328 27.04 7.72 -38.53
N ILE B 329 27.97 7.88 -39.47
CA ILE B 329 29.38 8.05 -39.16
C ILE B 329 29.76 9.52 -38.97
N THR B 330 28.78 10.42 -38.97
CA THR B 330 29.05 11.83 -38.71
C THR B 330 29.14 12.09 -37.20
N ASN B 331 29.41 13.36 -36.87
CA ASN B 331 29.65 13.91 -35.52
C ASN B 331 30.78 13.15 -34.80
N LEU B 332 31.95 13.12 -35.44
CA LEU B 332 33.10 12.42 -34.89
C LEU B 332 33.82 13.28 -33.84
N CYS B 333 34.86 12.71 -33.25
CA CYS B 333 35.59 13.39 -32.20
C CYS B 333 37.07 13.42 -32.55
N PRO B 334 37.79 14.53 -32.28
CA PRO B 334 39.22 14.59 -32.66
C PRO B 334 40.15 13.79 -31.77
N PHE B 335 40.24 12.48 -32.02
CA PHE B 335 41.20 11.63 -31.33
C PHE B 335 42.61 11.71 -31.89
N ASP B 336 42.80 12.34 -33.05
CA ASP B 336 44.10 12.34 -33.71
C ASP B 336 45.11 13.30 -33.08
N GLU B 337 44.67 14.23 -32.23
CA GLU B 337 45.60 15.12 -31.54
C GLU B 337 46.29 14.46 -30.37
N VAL B 338 45.66 13.48 -29.74
CA VAL B 338 46.32 12.68 -28.70
C VAL B 338 46.86 11.36 -29.22
N PHE B 339 46.66 11.03 -30.51
CA PHE B 339 47.16 9.78 -31.08
C PHE B 339 48.19 9.98 -32.18
N ASN B 340 47.80 10.60 -33.30
CA ASN B 340 48.56 10.58 -34.54
C ASN B 340 49.44 11.84 -34.65
N ALA B 341 49.48 12.63 -33.58
CA ALA B 341 50.24 13.87 -33.56
C ALA B 341 51.74 13.63 -33.51
N THR B 342 52.50 14.58 -34.05
CA THR B 342 53.94 14.40 -34.22
C THR B 342 54.70 14.58 -32.92
N ARG B 343 54.47 15.69 -32.22
CA ARG B 343 55.24 16.03 -31.03
C ARG B 343 54.61 15.40 -29.79
N PHE B 344 55.29 15.59 -28.66
CA PHE B 344 54.87 15.00 -27.39
C PHE B 344 55.45 15.83 -26.25
N ALA B 345 54.90 15.62 -25.06
CA ALA B 345 55.35 16.33 -23.87
C ALA B 345 56.18 15.39 -23.00
N SER B 346 56.64 15.93 -21.86
CA SER B 346 57.40 15.15 -20.89
C SER B 346 56.45 14.44 -19.93
N VAL B 347 57.02 13.84 -18.88
CA VAL B 347 56.21 13.05 -17.95
C VAL B 347 55.44 13.89 -16.94
N TYR B 348 55.94 15.07 -16.57
CA TYR B 348 55.19 16.00 -15.73
C TYR B 348 54.52 17.10 -16.54
N ALA B 349 54.72 17.10 -17.85
CA ALA B 349 54.28 18.17 -18.76
C ALA B 349 52.94 17.88 -19.40
N TRP B 350 52.21 16.87 -18.87
CA TRP B 350 50.94 16.38 -19.41
C TRP B 350 49.85 17.45 -19.48
N ASN B 351 49.28 17.61 -20.67
CA ASN B 351 48.12 18.46 -20.85
C ASN B 351 46.86 17.74 -20.38
N ARG B 352 45.84 18.53 -20.02
CA ARG B 352 44.55 17.99 -19.62
C ARG B 352 43.62 18.11 -20.82
N LYS B 353 43.29 16.96 -21.40
CA LYS B 353 42.45 16.90 -22.59
C LYS B 353 41.10 16.31 -22.19
N ARG B 354 40.05 17.14 -22.22
CA ARG B 354 38.71 16.72 -21.85
C ARG B 354 37.96 16.27 -23.09
N ILE B 355 37.66 14.99 -23.17
CA ILE B 355 36.92 14.42 -24.29
C ILE B 355 35.49 14.22 -23.81
N SER B 356 34.57 15.03 -24.33
CA SER B 356 33.17 14.98 -23.95
C SER B 356 32.34 15.56 -25.09
N ASN B 357 31.03 15.21 -25.08
CA ASN B 357 29.99 15.66 -26.02
C ASN B 357 30.31 15.32 -27.48
N CYS B 358 30.91 14.14 -27.69
CA CYS B 358 31.26 13.70 -29.02
C CYS B 358 31.08 12.19 -29.09
N VAL B 359 30.81 11.70 -30.30
CA VAL B 359 30.62 10.27 -30.51
C VAL B 359 31.98 9.64 -30.78
N ALA B 360 32.37 8.70 -29.92
CA ALA B 360 33.66 8.04 -30.05
C ALA B 360 33.59 6.95 -31.12
N ASP B 361 34.63 6.89 -31.96
CA ASP B 361 34.73 5.85 -32.98
C ASP B 361 35.91 4.93 -32.66
N TYR B 362 35.57 3.72 -32.19
CA TYR B 362 36.53 2.67 -31.98
C TYR B 362 36.53 1.63 -33.11
N SER B 363 35.65 1.79 -34.09
CA SER B 363 35.54 0.85 -35.20
C SER B 363 36.56 1.11 -36.30
N VAL B 364 37.25 2.25 -36.27
CA VAL B 364 38.35 2.54 -37.17
C VAL B 364 39.71 2.28 -36.53
N LEU B 365 39.75 1.79 -35.29
CA LEU B 365 40.98 1.74 -34.52
C LEU B 365 41.34 0.34 -34.03
N TYR B 366 40.49 -0.27 -33.20
CA TYR B 366 40.85 -1.51 -32.52
C TYR B 366 40.76 -2.74 -33.41
N ASN B 367 39.95 -2.68 -34.47
CA ASN B 367 39.79 -3.84 -35.35
C ASN B 367 40.96 -4.01 -36.32
N LEU B 368 41.53 -2.90 -36.80
CA LEU B 368 42.72 -3.00 -37.66
C LEU B 368 43.97 -3.21 -36.82
N ALA B 369 44.07 -2.50 -35.68
CA ALA B 369 45.15 -2.43 -34.70
C ALA B 369 46.54 -2.15 -35.30
N PRO B 370 46.83 -0.91 -35.74
CA PRO B 370 48.19 -0.61 -36.20
C PRO B 370 49.23 -0.50 -35.10
N PHE B 371 48.80 -0.33 -33.84
CA PHE B 371 49.69 -0.08 -32.72
C PHE B 371 50.40 -1.36 -32.29
N PHE B 372 51.55 -1.17 -31.61
CA PHE B 372 52.50 -2.27 -31.42
C PHE B 372 52.11 -3.15 -30.24
N THR B 373 52.25 -2.65 -29.01
CA THR B 373 51.85 -3.38 -27.82
C THR B 373 50.45 -2.93 -27.41
N PHE B 374 49.47 -3.82 -27.52
CA PHE B 374 48.14 -3.59 -26.98
C PHE B 374 47.91 -4.64 -25.90
N LYS B 375 48.08 -4.24 -24.64
CA LYS B 375 47.80 -5.08 -23.47
C LYS B 375 47.26 -4.19 -22.37
N CYS B 376 46.12 -4.56 -21.79
CA CYS B 376 45.59 -3.91 -20.59
C CYS B 376 44.68 -4.87 -19.84
N TYR B 377 44.44 -4.54 -18.58
CA TYR B 377 43.63 -5.32 -17.64
C TYR B 377 42.38 -4.53 -17.26
N GLY B 378 41.63 -5.07 -16.30
CA GLY B 378 40.39 -4.46 -15.88
C GLY B 378 39.26 -4.60 -16.87
N VAL B 379 38.68 -3.47 -17.28
CA VAL B 379 37.58 -3.41 -18.24
C VAL B 379 38.12 -3.79 -19.61
N SER B 380 37.47 -4.78 -20.23
CA SER B 380 37.91 -5.33 -21.50
C SER B 380 37.67 -4.35 -22.64
N PRO B 381 38.54 -4.35 -23.67
CA PRO B 381 38.28 -3.50 -24.85
C PRO B 381 37.13 -3.96 -25.73
N THR B 382 36.70 -5.23 -25.62
CA THR B 382 35.48 -5.65 -26.30
C THR B 382 34.24 -5.15 -25.56
N LYS B 383 34.36 -4.86 -24.26
CA LYS B 383 33.26 -4.31 -23.48
C LYS B 383 33.21 -2.79 -23.53
N LEU B 384 34.18 -2.13 -24.16
CA LEU B 384 34.13 -0.67 -24.27
C LEU B 384 33.15 -0.20 -25.33
N ASN B 385 32.79 -1.07 -26.28
CA ASN B 385 31.87 -0.70 -27.35
C ASN B 385 30.42 -0.66 -26.89
N ASP B 386 30.03 -1.51 -25.94
CA ASP B 386 28.64 -1.59 -25.49
C ASP B 386 28.38 -0.76 -24.24
N LEU B 387 29.39 -0.08 -23.71
CA LEU B 387 29.24 0.71 -22.51
C LEU B 387 29.54 2.17 -22.79
N CYS B 388 28.98 3.04 -21.95
CA CYS B 388 29.13 4.48 -22.09
C CYS B 388 29.94 5.02 -20.91
N PHE B 389 30.69 6.09 -21.16
CA PHE B 389 31.55 6.70 -20.16
C PHE B 389 31.38 8.22 -20.18
N THR B 390 31.37 8.81 -18.99
CA THR B 390 31.09 10.24 -18.85
C THR B 390 32.29 11.10 -19.20
N ASN B 391 33.36 11.01 -18.42
CA ASN B 391 34.56 11.82 -18.60
C ASN B 391 35.68 10.95 -19.15
N VAL B 392 36.24 11.36 -20.28
CA VAL B 392 37.36 10.67 -20.92
C VAL B 392 38.55 11.62 -20.95
N TYR B 393 39.66 11.21 -20.36
CA TYR B 393 40.89 11.98 -20.35
C TYR B 393 41.98 11.25 -21.12
N ALA B 394 42.94 12.02 -21.65
CA ALA B 394 44.04 11.47 -22.42
C ALA B 394 45.26 12.37 -22.28
N ASP B 395 46.43 11.80 -22.60
CA ASP B 395 47.69 12.52 -22.54
C ASP B 395 48.64 11.94 -23.59
N SER B 396 49.83 12.54 -23.70
CA SER B 396 50.83 12.06 -24.65
C SER B 396 52.19 12.10 -23.97
N PHE B 397 52.86 10.95 -23.91
CA PHE B 397 54.20 10.86 -23.33
C PHE B 397 54.92 9.67 -23.96
N VAL B 398 56.25 9.76 -24.01
CA VAL B 398 57.10 8.72 -24.56
C VAL B 398 58.06 8.27 -23.47
N ILE B 399 57.98 6.98 -23.10
CA ILE B 399 58.83 6.40 -22.07
C ILE B 399 59.66 5.25 -22.65
N ARG B 400 60.43 4.58 -21.79
CA ARG B 400 61.28 3.49 -22.21
C ARG B 400 60.49 2.18 -22.28
N GLY B 401 61.18 1.11 -22.67
CA GLY B 401 60.56 -0.21 -22.67
C GLY B 401 60.71 -0.93 -21.34
N ASP B 402 61.57 -0.42 -20.47
CA ASP B 402 61.63 -0.90 -19.10
C ASP B 402 60.65 -0.18 -18.19
N GLU B 403 60.10 0.95 -18.64
CA GLU B 403 59.12 1.69 -17.86
C GLU B 403 57.69 1.39 -18.26
N VAL B 404 57.47 0.54 -19.28
CA VAL B 404 56.12 0.18 -19.67
C VAL B 404 55.60 -0.95 -18.77
N ARG B 405 56.48 -1.66 -18.08
CA ARG B 405 56.08 -2.63 -17.06
C ARG B 405 55.81 -1.98 -15.70
N GLN B 406 56.10 -0.68 -15.57
CA GLN B 406 55.88 0.04 -14.33
C GLN B 406 54.49 0.66 -14.23
N ILE B 407 53.61 0.40 -15.19
CA ILE B 407 52.25 0.92 -15.12
C ILE B 407 51.34 -0.19 -14.63
N ALA B 408 50.92 -0.11 -13.36
CA ALA B 408 49.97 -1.02 -12.77
C ALA B 408 49.22 -0.26 -11.68
N PRO B 409 48.00 -0.67 -11.34
CA PRO B 409 47.41 -0.19 -10.08
C PRO B 409 48.13 -0.80 -8.88
N GLY B 410 48.51 0.08 -7.94
CA GLY B 410 49.30 -0.34 -6.80
C GLY B 410 50.72 -0.73 -7.11
N GLN B 411 51.41 0.02 -7.96
CA GLN B 411 52.76 -0.30 -8.40
C GLN B 411 53.78 0.56 -7.68
N THR B 412 54.81 -0.08 -7.14
CA THR B 412 55.89 0.60 -6.44
C THR B 412 57.19 0.40 -7.21
N GLY B 413 58.12 1.34 -7.05
CA GLY B 413 59.39 1.26 -7.73
C GLY B 413 60.02 2.63 -7.87
N ASN B 414 60.93 2.74 -8.84
CA ASN B 414 61.59 4.00 -9.12
C ASN B 414 60.82 4.88 -10.09
N ILE B 415 59.76 4.36 -10.69
CA ILE B 415 59.02 5.06 -11.72
C ILE B 415 57.62 5.46 -11.24
N ALA B 416 56.78 4.49 -10.89
CA ALA B 416 55.39 4.73 -10.51
C ALA B 416 55.23 5.42 -9.16
N ASP B 417 56.22 5.32 -8.27
CA ASP B 417 56.21 6.08 -7.04
C ASP B 417 56.68 7.52 -7.22
N TYR B 418 57.70 7.76 -8.03
CA TYR B 418 58.33 9.07 -8.13
C TYR B 418 57.87 9.94 -9.30
N ASN B 419 56.96 9.46 -10.16
CA ASN B 419 56.48 10.25 -11.28
C ASN B 419 54.96 10.32 -11.35
N TYR B 420 54.29 9.20 -11.64
CA TYR B 420 52.84 9.19 -11.75
C TYR B 420 52.29 7.90 -11.16
N LYS B 421 51.24 8.05 -10.37
CA LYS B 421 50.60 6.95 -9.66
C LYS B 421 49.23 6.71 -10.28
N LEU B 422 48.79 5.44 -10.28
CA LEU B 422 47.47 5.17 -10.81
C LEU B 422 46.54 4.66 -9.70
N PRO B 423 45.28 5.06 -9.68
CA PRO B 423 44.36 4.58 -8.64
C PRO B 423 43.87 3.16 -8.92
N ASP B 424 43.30 2.56 -7.87
CA ASP B 424 42.86 1.17 -7.95
C ASP B 424 41.55 1.01 -8.71
N ASP B 425 40.73 2.06 -8.79
CA ASP B 425 39.44 2.02 -9.49
C ASP B 425 39.55 2.48 -10.93
N PHE B 426 40.77 2.67 -11.43
CA PHE B 426 41.04 3.18 -12.78
C PHE B 426 40.68 2.11 -13.81
N THR B 427 39.77 2.47 -14.73
CA THR B 427 39.22 1.54 -15.69
C THR B 427 39.86 1.63 -17.08
N GLY B 428 40.86 2.49 -17.26
CA GLY B 428 41.41 2.78 -18.57
C GLY B 428 42.34 1.70 -19.09
N CYS B 429 42.81 1.92 -20.32
CA CYS B 429 43.66 0.97 -21.02
C CYS B 429 44.94 1.66 -21.46
N VAL B 430 46.03 0.89 -21.50
CA VAL B 430 47.37 1.41 -21.78
C VAL B 430 47.84 0.81 -23.10
N ILE B 431 48.13 1.68 -24.08
CA ILE B 431 48.51 1.27 -25.42
C ILE B 431 49.90 1.84 -25.73
N ALA B 432 50.83 0.97 -26.11
CA ALA B 432 52.18 1.37 -26.46
C ALA B 432 52.43 1.16 -27.96
N TRP B 433 53.33 1.98 -28.52
CA TRP B 433 53.69 1.93 -29.93
C TRP B 433 55.14 2.37 -30.09
N ASN B 434 55.85 1.76 -31.04
CA ASN B 434 57.29 1.95 -31.16
C ASN B 434 57.60 3.30 -31.83
N SER B 435 58.42 4.11 -31.15
CA SER B 435 58.65 5.51 -31.48
C SER B 435 59.89 5.68 -32.35
N ASN B 436 60.48 4.56 -32.79
CA ASN B 436 61.76 4.59 -33.50
C ASN B 436 61.67 5.10 -34.93
N LYS B 437 60.50 5.07 -35.56
CA LYS B 437 60.36 5.55 -36.93
C LYS B 437 59.93 7.01 -37.03
N LEU B 438 59.52 7.64 -35.93
CA LEU B 438 59.08 9.03 -35.94
C LEU B 438 59.76 9.86 -34.86
N ASP B 439 59.55 9.52 -33.59
CA ASP B 439 59.97 10.35 -32.47
C ASP B 439 61.41 10.12 -32.04
N SER B 440 62.15 9.27 -32.74
CA SER B 440 63.53 8.96 -32.39
C SER B 440 64.46 10.11 -32.79
N LYS B 441 65.59 10.19 -32.09
CA LYS B 441 66.58 11.23 -32.32
C LYS B 441 67.96 10.59 -32.28
N VAL B 442 68.81 10.97 -33.24
CA VAL B 442 70.16 10.43 -33.31
C VAL B 442 71.01 11.10 -32.22
N SER B 443 71.91 10.28 -31.61
CA SER B 443 72.88 10.64 -30.55
C SER B 443 72.20 11.17 -29.28
N GLY B 444 71.07 10.59 -28.93
CA GLY B 444 70.40 10.94 -27.68
C GLY B 444 69.45 12.11 -27.84
N ASN B 445 68.43 12.14 -26.98
CA ASN B 445 67.47 13.23 -26.94
C ASN B 445 67.74 13.98 -25.63
N TYR B 446 68.33 15.17 -25.75
CA TYR B 446 68.63 16.00 -24.59
C TYR B 446 67.60 17.10 -24.37
N ASN B 447 66.59 17.21 -25.23
CA ASN B 447 65.62 18.29 -25.13
C ASN B 447 64.58 18.08 -24.04
N TYR B 448 64.32 16.83 -23.67
CA TYR B 448 63.34 16.49 -22.65
C TYR B 448 64.02 15.83 -21.47
N LEU B 449 63.44 15.99 -20.29
CA LEU B 449 64.03 15.52 -19.03
C LEU B 449 62.97 14.71 -18.27
N TYR B 450 63.45 13.79 -17.43
CA TYR B 450 62.57 13.04 -16.55
C TYR B 450 63.10 13.15 -15.12
N ARG B 451 62.21 12.96 -14.15
CA ARG B 451 62.51 13.18 -12.74
C ARG B 451 62.61 11.85 -12.01
N LEU B 452 63.83 11.49 -11.61
CA LEU B 452 64.08 10.22 -10.93
C LEU B 452 63.79 10.25 -9.43
N PHE B 453 64.20 11.31 -8.71
CA PHE B 453 64.06 11.35 -7.26
C PHE B 453 62.99 12.35 -6.85
N ARG B 454 62.33 12.04 -5.74
CA ARG B 454 61.34 12.90 -5.11
C ARG B 454 61.32 12.56 -3.63
N LYS B 455 60.97 13.55 -2.79
CA LYS B 455 61.01 13.39 -1.34
C LYS B 455 59.94 12.45 -0.79
N SER B 456 58.68 12.65 -1.15
CA SER B 456 57.58 11.91 -0.55
C SER B 456 56.73 11.26 -1.63
N ASN B 457 55.66 10.60 -1.19
CA ASN B 457 54.72 9.93 -2.07
C ASN B 457 53.85 11.00 -2.74
N LEU B 458 53.32 10.65 -3.92
CA LEU B 458 52.52 11.59 -4.70
C LEU B 458 51.10 11.07 -4.92
N LYS B 459 50.19 12.01 -5.15
CA LYS B 459 48.80 11.68 -5.43
C LYS B 459 48.66 11.19 -6.88
N PRO B 460 47.67 10.34 -7.15
CA PRO B 460 47.41 9.97 -8.56
C PRO B 460 46.81 11.12 -9.35
N PHE B 461 47.24 11.21 -10.62
CA PHE B 461 46.98 12.30 -11.58
C PHE B 461 47.35 13.68 -11.00
N GLU B 462 48.57 13.77 -10.49
CA GLU B 462 49.11 15.00 -9.93
C GLU B 462 50.40 15.36 -10.66
N ARG B 463 50.51 16.61 -11.07
CA ARG B 463 51.65 17.10 -11.85
C ARG B 463 52.55 17.90 -10.91
N ASP B 464 53.84 17.58 -10.93
CA ASP B 464 54.81 18.29 -10.12
C ASP B 464 55.68 19.22 -10.98
N ILE B 465 55.71 20.49 -10.57
CA ILE B 465 56.44 21.54 -11.28
C ILE B 465 57.77 21.75 -10.54
N SER B 466 57.95 21.01 -9.45
CA SER B 466 59.07 21.24 -8.53
C SER B 466 60.38 20.67 -9.08
N THR B 467 61.36 21.56 -9.25
CA THR B 467 62.68 21.25 -9.76
C THR B 467 63.68 21.02 -8.64
N GLU B 468 63.18 20.94 -7.40
CA GLU B 468 64.00 20.99 -6.19
C GLU B 468 64.88 19.75 -6.00
N ILE B 469 65.92 19.91 -5.19
CA ILE B 469 66.99 18.93 -5.07
C ILE B 469 66.64 17.94 -3.98
N TYR B 470 66.79 16.64 -4.27
CA TYR B 470 66.62 15.58 -3.28
C TYR B 470 67.75 15.62 -2.26
N GLN B 471 67.39 15.56 -0.98
CA GLN B 471 68.33 15.64 0.13
C GLN B 471 68.38 14.27 0.81
N ALA B 472 69.50 13.57 0.67
CA ALA B 472 69.62 12.23 1.24
C ALA B 472 69.96 12.28 2.73
N GLY B 473 70.88 13.14 3.13
CA GLY B 473 71.34 13.22 4.50
C GLY B 473 70.83 14.44 5.23
N ASN B 474 71.55 14.80 6.29
CA ASN B 474 71.22 15.98 7.09
C ASN B 474 71.91 17.25 6.60
N LYS B 475 72.83 17.15 5.65
CA LYS B 475 73.49 18.32 5.09
C LYS B 475 72.56 19.00 4.10
N PRO B 476 72.37 20.33 4.18
CA PRO B 476 71.52 21.01 3.21
C PRO B 476 72.18 21.15 1.84
N CYS B 477 71.37 20.96 0.80
CA CYS B 477 71.88 21.00 -0.57
C CYS B 477 72.05 22.41 -1.09
N ASN B 478 71.14 23.32 -0.68
CA ASN B 478 71.06 24.75 -1.05
C ASN B 478 70.98 24.97 -2.56
N GLY B 479 70.23 24.11 -3.24
CA GLY B 479 70.00 24.24 -4.66
C GLY B 479 71.16 23.84 -5.56
N VAL B 480 72.12 23.06 -5.05
CA VAL B 480 73.27 22.62 -5.82
C VAL B 480 73.63 21.22 -5.34
N ALA B 481 74.30 20.45 -6.21
CA ALA B 481 74.73 19.11 -5.86
C ALA B 481 75.92 19.16 -4.91
N GLY B 482 76.14 18.04 -4.21
CA GLY B 482 77.15 17.99 -3.17
C GLY B 482 77.11 16.73 -2.36
N PHE B 483 77.60 16.80 -1.12
CA PHE B 483 77.62 15.66 -0.21
C PHE B 483 76.21 15.36 0.28
N ASN B 484 75.78 14.09 0.09
CA ASN B 484 74.43 13.54 0.34
C ASN B 484 73.34 14.34 -0.37
N CYS B 485 73.61 14.72 -1.63
CA CYS B 485 72.67 15.43 -2.46
C CYS B 485 72.72 14.85 -3.87
N TYR B 486 71.56 14.46 -4.39
CA TYR B 486 71.45 13.86 -5.72
C TYR B 486 70.59 14.73 -6.61
N PHE B 487 71.10 15.06 -7.79
CA PHE B 487 70.36 15.86 -8.75
C PHE B 487 69.35 14.95 -9.46
N PRO B 488 68.03 15.17 -9.28
CA PRO B 488 67.04 14.17 -9.72
C PRO B 488 66.79 14.09 -11.22
N LEU B 489 67.15 15.11 -11.99
CA LEU B 489 66.74 15.20 -13.39
C LEU B 489 67.80 14.58 -14.29
N ARG B 490 67.35 13.71 -15.20
CA ARG B 490 68.23 13.07 -16.18
C ARG B 490 67.65 13.25 -17.58
N SER B 491 68.54 13.30 -18.56
CA SER B 491 68.14 13.35 -19.96
C SER B 491 67.78 11.97 -20.48
N TYR B 492 66.97 11.94 -21.53
CA TYR B 492 66.57 10.66 -22.12
C TYR B 492 67.69 10.09 -22.99
N SER B 493 67.71 8.76 -23.06
CA SER B 493 68.78 7.95 -23.64
C SER B 493 68.47 7.58 -25.08
N PHE B 494 67.44 8.20 -25.67
CA PHE B 494 66.75 7.65 -26.84
C PHE B 494 67.55 7.79 -28.13
N ARG B 495 67.88 6.64 -28.74
CA ARG B 495 68.46 6.51 -30.06
C ARG B 495 67.96 5.19 -30.61
N PRO B 496 67.65 5.07 -31.91
CA PRO B 496 67.19 3.78 -32.45
C PRO B 496 68.26 2.70 -32.58
N THR B 497 69.55 3.05 -32.58
CA THR B 497 70.60 2.08 -32.85
C THR B 497 71.17 1.43 -31.61
N TYR B 498 70.65 1.73 -30.43
CA TYR B 498 71.12 1.12 -29.19
C TYR B 498 70.38 -0.20 -28.92
N GLY B 499 70.53 -0.71 -27.68
CA GLY B 499 69.86 -1.92 -27.26
C GLY B 499 68.36 -1.76 -27.04
N VAL B 500 67.74 -2.87 -26.63
CA VAL B 500 66.30 -3.06 -26.78
C VAL B 500 65.51 -2.31 -25.70
N GLY B 501 66.01 -2.32 -24.46
CA GLY B 501 65.26 -1.88 -23.29
C GLY B 501 65.01 -0.38 -23.15
N HIS B 502 66.00 0.46 -23.46
CA HIS B 502 65.87 1.91 -23.26
C HIS B 502 65.46 2.62 -24.54
N GLN B 503 64.99 1.85 -25.54
CA GLN B 503 64.33 2.37 -26.74
C GLN B 503 63.09 3.20 -26.40
N PRO B 504 62.80 4.26 -27.18
CA PRO B 504 61.57 5.03 -26.95
C PRO B 504 60.33 4.30 -27.41
N TYR B 505 59.25 4.44 -26.63
CA TYR B 505 57.95 3.90 -26.98
C TYR B 505 56.90 4.94 -26.61
N ARG B 506 56.03 5.28 -27.56
CA ARG B 506 54.95 6.23 -27.29
C ARG B 506 53.83 5.49 -26.55
N VAL B 507 53.54 5.93 -25.34
CA VAL B 507 52.49 5.32 -24.51
C VAL B 507 51.41 6.37 -24.29
N VAL B 508 50.21 6.08 -24.78
CA VAL B 508 49.06 6.98 -24.64
C VAL B 508 48.05 6.30 -23.73
N VAL B 509 47.81 6.89 -22.58
CA VAL B 509 46.85 6.38 -21.60
C VAL B 509 45.49 6.99 -21.91
N LEU B 510 44.52 6.14 -22.23
CA LEU B 510 43.15 6.55 -22.52
C LEU B 510 42.33 6.25 -21.26
N SER B 511 41.90 7.31 -20.58
CA SER B 511 41.31 7.18 -19.26
C SER B 511 39.78 7.19 -19.35
N PHE B 512 39.15 6.40 -18.48
CA PHE B 512 37.70 6.34 -18.38
C PHE B 512 37.29 6.45 -16.92
N GLU B 513 36.36 7.35 -16.62
CA GLU B 513 35.82 7.52 -15.28
C GLU B 513 34.31 7.49 -15.35
N LEU B 514 33.67 6.91 -14.34
CA LEU B 514 32.23 6.82 -14.24
C LEU B 514 31.76 7.58 -13.01
N LEU B 515 30.99 8.63 -13.23
CA LEU B 515 30.50 9.51 -12.17
C LEU B 515 28.97 9.52 -12.19
N HIS B 516 28.39 10.39 -11.34
CA HIS B 516 26.94 10.53 -11.25
C HIS B 516 26.34 11.38 -12.37
N ALA B 517 27.17 12.05 -13.16
CA ALA B 517 26.70 12.76 -14.34
C ALA B 517 26.32 11.74 -15.43
N PRO B 518 25.33 12.06 -16.27
CA PRO B 518 24.99 11.14 -17.38
C PRO B 518 26.03 11.16 -18.48
N ALA B 519 26.27 9.98 -19.04
CA ALA B 519 27.37 9.77 -19.97
C ALA B 519 27.00 10.22 -21.38
N THR B 520 27.77 11.18 -21.90
CA THR B 520 27.58 11.67 -23.27
C THR B 520 28.44 10.97 -24.30
N VAL B 521 29.39 10.13 -23.90
CA VAL B 521 30.31 9.46 -24.80
C VAL B 521 30.06 7.96 -24.71
N CYS B 522 29.73 7.33 -25.84
CA CYS B 522 29.46 5.90 -25.89
C CYS B 522 30.28 5.26 -26.99
N GLY B 523 30.35 3.93 -26.96
CA GLY B 523 31.12 3.18 -27.92
C GLY B 523 30.34 2.85 -29.18
N PRO B 524 31.03 2.49 -30.26
CA PRO B 524 30.34 2.19 -31.52
C PRO B 524 29.71 0.81 -31.53
N LYS B 525 28.68 0.67 -32.35
CA LYS B 525 28.01 -0.60 -32.59
C LYS B 525 27.83 -0.81 -34.08
N LYS B 526 27.47 -2.02 -34.47
CA LYS B 526 27.22 -2.36 -35.86
C LYS B 526 25.73 -2.59 -36.08
N SER B 527 25.19 -2.02 -37.16
CA SER B 527 23.78 -2.10 -37.47
C SER B 527 23.49 -3.24 -38.44
N THR B 528 22.21 -3.42 -38.75
CA THR B 528 21.73 -4.45 -39.67
C THR B 528 21.06 -3.82 -40.87
N ASN B 529 20.54 -4.68 -41.75
CA ASN B 529 19.87 -4.23 -42.96
C ASN B 529 18.38 -4.03 -42.72
N LEU B 530 17.84 -2.98 -43.34
CA LEU B 530 16.42 -2.64 -43.24
C LEU B 530 15.60 -3.58 -44.12
N VAL B 531 14.55 -4.14 -43.54
CA VAL B 531 13.67 -5.07 -44.25
C VAL B 531 12.32 -4.38 -44.42
N LYS B 532 11.60 -4.75 -45.48
CA LYS B 532 10.35 -4.10 -45.84
C LYS B 532 9.25 -5.16 -46.01
N ASN B 533 8.07 -4.84 -45.42
CA ASN B 533 6.79 -5.56 -45.54
C ASN B 533 6.89 -6.99 -45.01
N LYS B 534 7.44 -7.13 -43.81
CA LYS B 534 7.44 -8.39 -43.07
C LYS B 534 7.11 -8.09 -41.61
N CYS B 535 6.66 -9.12 -40.89
CA CYS B 535 6.38 -8.97 -39.47
C CYS B 535 7.66 -9.37 -38.73
N VAL B 536 8.33 -8.37 -38.15
CA VAL B 536 9.61 -8.55 -37.49
C VAL B 536 9.57 -7.85 -36.14
N ASN B 537 10.57 -8.14 -35.31
CA ASN B 537 10.81 -7.36 -34.11
C ASN B 537 11.73 -6.19 -34.44
N PHE B 538 12.00 -5.35 -33.44
CA PHE B 538 12.84 -4.17 -33.64
C PHE B 538 13.75 -3.99 -32.44
N ASN B 539 14.98 -3.52 -32.72
CA ASN B 539 15.92 -3.10 -31.67
C ASN B 539 16.37 -1.70 -32.09
N PHE B 540 15.96 -0.70 -31.31
CA PHE B 540 16.32 0.68 -31.57
C PHE B 540 17.24 1.17 -30.46
N ASN B 541 17.60 2.46 -30.51
CA ASN B 541 18.42 3.05 -29.46
C ASN B 541 17.62 3.25 -28.18
N GLY B 542 16.49 3.95 -28.25
CA GLY B 542 15.65 4.14 -27.08
C GLY B 542 14.33 3.40 -27.09
N LEU B 543 14.04 2.67 -28.17
CA LEU B 543 12.71 2.10 -28.37
C LEU B 543 12.79 0.60 -28.63
N LYS B 544 11.64 -0.06 -28.50
CA LYS B 544 11.48 -1.46 -28.83
C LYS B 544 10.04 -1.66 -29.31
N GLY B 545 9.87 -2.46 -30.36
CA GLY B 545 8.53 -2.67 -30.88
C GLY B 545 8.48 -3.87 -31.80
N THR B 546 7.26 -4.17 -32.25
CA THR B 546 7.00 -5.24 -33.22
C THR B 546 5.93 -4.75 -34.20
N GLY B 547 6.22 -4.83 -35.49
CA GLY B 547 5.26 -4.37 -36.48
C GLY B 547 5.83 -4.46 -37.89
N VAL B 548 5.02 -3.99 -38.83
CA VAL B 548 5.34 -4.02 -40.26
C VAL B 548 5.51 -2.57 -40.71
N LEU B 549 6.67 -2.26 -41.30
CA LEU B 549 6.98 -0.90 -41.72
C LEU B 549 6.36 -0.59 -43.07
N THR B 550 5.52 0.44 -43.11
CA THR B 550 4.98 1.02 -44.33
C THR B 550 5.39 2.49 -44.41
N GLU B 551 4.93 3.18 -45.45
CA GLU B 551 5.34 4.56 -45.70
C GLU B 551 4.33 5.53 -45.09
N SER B 552 4.84 6.53 -44.38
CA SER B 552 4.02 7.56 -43.77
C SER B 552 3.99 8.80 -44.65
N ASN B 553 2.78 9.29 -44.94
CA ASN B 553 2.57 10.47 -45.78
C ASN B 553 2.40 11.74 -44.95
N LYS B 554 2.52 11.62 -43.63
CA LYS B 554 2.28 12.72 -42.71
C LYS B 554 3.51 13.61 -42.57
N LYS B 555 3.39 14.60 -41.69
CA LYS B 555 4.50 15.49 -41.38
C LYS B 555 5.00 15.25 -39.96
N PHE B 556 6.32 15.26 -39.81
CA PHE B 556 6.95 14.93 -38.54
C PHE B 556 8.15 15.84 -38.32
N LEU B 557 8.27 16.36 -37.09
CA LEU B 557 9.35 17.26 -36.72
C LEU B 557 10.65 16.48 -36.52
N PRO B 558 11.74 16.83 -37.22
CA PRO B 558 12.99 16.07 -37.09
C PRO B 558 13.74 16.23 -35.77
N PHE B 559 13.39 17.23 -34.95
CA PHE B 559 14.02 17.44 -33.65
C PHE B 559 13.45 16.54 -32.55
N GLN B 560 12.41 15.78 -32.84
CA GLN B 560 11.78 14.90 -31.86
C GLN B 560 11.97 13.44 -32.26
N GLN B 561 11.92 12.56 -31.27
CA GLN B 561 12.21 11.14 -31.51
C GLN B 561 11.06 10.42 -32.19
N PHE B 562 9.84 10.55 -31.67
CA PHE B 562 8.70 9.79 -32.18
C PHE B 562 7.43 10.59 -31.92
N GLY B 563 6.29 9.94 -32.16
CA GLY B 563 5.00 10.55 -31.92
C GLY B 563 3.98 9.50 -31.52
N ARG B 564 2.82 9.97 -31.05
CA ARG B 564 1.77 9.09 -30.58
C ARG B 564 0.41 9.60 -31.07
N ASP B 565 -0.35 8.70 -31.69
CA ASP B 565 -1.63 9.03 -32.27
C ASP B 565 -2.75 8.89 -31.24
N ILE B 566 -4.01 8.88 -31.72
CA ILE B 566 -5.16 8.83 -30.82
C ILE B 566 -5.44 7.43 -30.29
N ALA B 567 -4.80 6.39 -30.83
CA ALA B 567 -4.95 5.03 -30.35
C ALA B 567 -3.93 4.66 -29.27
N ASP B 568 -3.11 5.65 -28.85
CA ASP B 568 -2.06 5.56 -27.80
C ASP B 568 -1.02 4.49 -28.11
N THR B 569 -0.46 4.55 -29.31
CA THR B 569 0.64 3.70 -29.73
C THR B 569 1.62 4.53 -30.55
N THR B 570 2.79 3.95 -30.80
CA THR B 570 3.79 4.62 -31.63
C THR B 570 3.61 4.14 -33.06
N ASP B 571 3.11 5.02 -33.93
CA ASP B 571 2.88 4.68 -35.33
C ASP B 571 3.98 5.16 -36.27
N ALA B 572 4.98 5.88 -35.77
CA ALA B 572 6.04 6.40 -36.62
C ALA B 572 7.32 6.51 -35.81
N VAL B 573 8.44 6.19 -36.44
CA VAL B 573 9.76 6.36 -35.86
C VAL B 573 10.60 7.22 -36.78
N ARG B 574 11.67 7.77 -36.21
CA ARG B 574 12.62 8.60 -36.95
C ARG B 574 13.88 7.80 -37.22
N ASP B 575 14.33 7.80 -38.48
CA ASP B 575 15.55 7.09 -38.82
C ASP B 575 16.76 7.89 -38.35
N PRO B 576 17.75 7.24 -37.71
CA PRO B 576 18.95 7.96 -37.29
C PRO B 576 19.89 8.41 -38.41
N GLN B 577 20.17 7.55 -39.40
CA GLN B 577 21.20 7.85 -40.38
C GLN B 577 20.74 8.66 -41.58
N THR B 578 19.44 8.70 -41.85
CA THR B 578 18.85 9.48 -42.94
C THR B 578 17.62 10.20 -42.41
N LEU B 579 17.08 11.12 -43.20
CA LEU B 579 15.82 11.76 -42.83
C LEU B 579 14.71 11.07 -43.62
N GLU B 580 13.96 10.22 -42.91
CA GLU B 580 12.86 9.46 -43.47
C GLU B 580 11.92 9.12 -42.31
N ILE B 581 10.63 9.09 -42.58
CA ILE B 581 9.65 8.58 -41.62
C ILE B 581 8.99 7.35 -42.21
N LEU B 582 8.60 6.44 -41.34
CA LEU B 582 7.99 5.18 -41.73
C LEU B 582 6.76 4.91 -40.86
N ASP B 583 5.65 4.59 -41.51
CA ASP B 583 4.41 4.29 -40.79
C ASP B 583 4.49 2.88 -40.24
N ILE B 584 4.15 2.72 -38.98
CA ILE B 584 4.18 1.42 -38.31
C ILE B 584 2.79 0.81 -38.38
N THR B 585 2.66 -0.28 -39.12
CA THR B 585 1.47 -1.09 -39.20
C THR B 585 1.65 -2.32 -38.33
N PRO B 586 0.73 -2.64 -37.42
CA PRO B 586 0.87 -3.86 -36.62
C PRO B 586 0.55 -5.10 -37.45
N CYS B 587 1.03 -6.24 -36.95
CA CYS B 587 0.89 -7.52 -37.63
C CYS B 587 -0.56 -8.02 -37.51
N SER B 588 -0.92 -8.95 -38.39
CA SER B 588 -2.31 -9.34 -38.61
C SER B 588 -2.81 -10.23 -37.48
N PHE B 589 -3.90 -9.82 -36.84
CA PHE B 589 -4.50 -10.55 -35.73
C PHE B 589 -5.98 -10.72 -36.00
N GLY B 590 -6.60 -11.66 -35.28
CA GLY B 590 -8.02 -11.89 -35.42
C GLY B 590 -8.44 -13.16 -34.70
N GLY B 591 -9.75 -13.27 -34.52
CA GLY B 591 -10.30 -14.44 -33.86
C GLY B 591 -10.46 -15.62 -34.80
N VAL B 592 -10.27 -16.82 -34.25
CA VAL B 592 -10.41 -18.06 -35.00
C VAL B 592 -11.61 -18.82 -34.44
N SER B 593 -12.63 -19.00 -35.25
CA SER B 593 -13.83 -19.72 -34.87
C SER B 593 -13.93 -21.01 -35.67
N VAL B 594 -14.44 -22.06 -35.04
CA VAL B 594 -14.60 -23.37 -35.65
C VAL B 594 -16.06 -23.57 -35.99
N ILE B 595 -16.35 -23.76 -37.27
CA ILE B 595 -17.71 -24.01 -37.74
C ILE B 595 -17.78 -25.50 -38.08
N THR B 596 -18.47 -26.27 -37.24
CA THR B 596 -18.55 -27.71 -37.41
C THR B 596 -19.89 -28.20 -36.88
N PRO B 597 -20.38 -29.36 -37.36
CA PRO B 597 -21.47 -30.04 -36.66
C PRO B 597 -21.00 -30.89 -35.50
N GLY B 598 -21.89 -31.70 -34.94
CA GLY B 598 -21.58 -32.48 -33.75
C GLY B 598 -20.69 -33.67 -34.04
N THR B 599 -20.24 -34.31 -32.94
CA THR B 599 -19.30 -35.42 -33.02
C THR B 599 -19.96 -36.71 -33.48
N ASN B 600 -21.27 -36.83 -33.35
CA ASN B 600 -21.98 -37.99 -33.87
C ASN B 600 -22.48 -37.79 -35.30
N THR B 601 -22.16 -36.66 -35.93
CA THR B 601 -22.68 -36.33 -37.25
C THR B 601 -21.63 -36.50 -38.35
N SER B 602 -20.59 -35.69 -38.34
CA SER B 602 -19.63 -35.67 -39.44
C SER B 602 -18.26 -35.27 -38.91
N ASN B 603 -17.23 -35.57 -39.70
CA ASN B 603 -15.85 -35.18 -39.41
C ASN B 603 -15.47 -33.85 -40.03
N GLN B 604 -16.31 -33.27 -40.88
CA GLN B 604 -15.97 -32.08 -41.67
C GLN B 604 -16.02 -30.82 -40.81
N VAL B 605 -14.98 -29.99 -40.94
CA VAL B 605 -14.84 -28.74 -40.21
C VAL B 605 -14.68 -27.61 -41.21
N ALA B 606 -14.89 -26.39 -40.71
CA ALA B 606 -14.66 -25.18 -41.49
C ALA B 606 -13.85 -24.22 -40.65
N VAL B 607 -12.64 -23.89 -41.11
CA VAL B 607 -11.73 -23.01 -40.38
C VAL B 607 -11.99 -21.57 -40.79
N LEU B 608 -12.38 -20.74 -39.84
CA LEU B 608 -12.73 -19.34 -40.09
C LEU B 608 -11.66 -18.46 -39.48
N TYR B 609 -10.96 -17.70 -40.33
CA TYR B 609 -10.04 -16.65 -39.87
C TYR B 609 -10.77 -15.33 -40.02
N GLN B 610 -11.13 -14.75 -38.88
CA GLN B 610 -12.06 -13.63 -38.86
C GLN B 610 -11.32 -12.33 -38.56
N GLY B 611 -11.42 -11.37 -39.49
CA GLY B 611 -10.69 -10.14 -39.41
C GLY B 611 -9.48 -10.04 -40.33
N VAL B 612 -8.98 -11.18 -40.82
CA VAL B 612 -7.83 -11.23 -41.72
C VAL B 612 -8.34 -11.74 -43.06
N ASN B 613 -7.98 -11.01 -44.14
CA ASN B 613 -8.38 -11.40 -45.50
C ASN B 613 -7.61 -12.60 -46.00
N CYS B 614 -8.15 -13.24 -47.02
CA CYS B 614 -7.57 -14.49 -47.48
C CYS B 614 -6.23 -14.39 -48.13
N THR B 615 -5.88 -13.21 -48.56
CA THR B 615 -4.62 -13.04 -49.23
C THR B 615 -3.64 -13.11 -48.12
N GLU B 616 -4.00 -12.55 -46.99
CA GLU B 616 -3.07 -12.52 -45.90
C GLU B 616 -3.04 -13.85 -45.24
N VAL B 617 -4.13 -14.60 -45.34
CA VAL B 617 -4.18 -15.85 -44.58
C VAL B 617 -3.12 -16.97 -44.76
N PRO B 618 -2.72 -17.35 -46.01
CA PRO B 618 -1.80 -18.50 -46.12
C PRO B 618 -0.56 -18.35 -45.26
N ASN B 638 -13.27 -23.68 -51.85
CA ASN B 638 -12.76 -24.00 -50.53
C ASN B 638 -12.37 -22.73 -49.77
N VAL B 639 -11.89 -21.73 -50.50
CA VAL B 639 -11.46 -20.46 -49.94
C VAL B 639 -12.46 -19.39 -50.38
N PHE B 640 -13.14 -18.79 -49.42
CA PHE B 640 -14.15 -17.77 -49.69
C PHE B 640 -13.93 -16.58 -48.77
N GLN B 641 -14.06 -15.38 -49.32
CA GLN B 641 -13.88 -14.14 -48.58
C GLN B 641 -15.24 -13.62 -48.13
N THR B 642 -15.40 -13.44 -46.82
CA THR B 642 -16.59 -12.83 -46.24
C THR B 642 -16.28 -11.39 -45.84
N ARG B 643 -17.29 -10.72 -45.30
CA ARG B 643 -17.08 -9.38 -44.76
C ARG B 643 -16.45 -9.41 -43.38
N ALA B 644 -16.69 -10.49 -42.61
CA ALA B 644 -16.08 -10.61 -41.30
C ALA B 644 -14.65 -11.11 -41.37
N GLY B 645 -14.30 -11.89 -42.39
CA GLY B 645 -12.96 -12.41 -42.49
C GLY B 645 -12.88 -13.46 -43.60
N CYS B 646 -11.87 -14.32 -43.47
CA CYS B 646 -11.63 -15.37 -44.45
C CYS B 646 -12.13 -16.71 -43.93
N LEU B 647 -12.94 -17.38 -44.75
CA LEU B 647 -13.53 -18.68 -44.40
C LEU B 647 -12.92 -19.75 -45.29
N ILE B 648 -12.26 -20.72 -44.68
CA ILE B 648 -11.52 -21.75 -45.38
C ILE B 648 -12.16 -23.10 -45.07
N GLY B 649 -12.54 -23.83 -46.10
CA GLY B 649 -13.11 -25.16 -45.93
C GLY B 649 -14.61 -25.21 -46.12
N ALA B 650 -15.19 -24.16 -46.68
CA ALA B 650 -16.62 -24.14 -46.97
C ALA B 650 -16.81 -23.79 -48.44
N GLU B 651 -17.89 -24.32 -49.02
CA GLU B 651 -18.21 -24.11 -50.42
C GLU B 651 -19.38 -23.14 -50.53
N TYR B 652 -19.17 -22.04 -51.24
CA TYR B 652 -20.20 -21.02 -51.39
C TYR B 652 -21.21 -21.45 -52.43
N VAL B 653 -22.49 -21.42 -52.06
CA VAL B 653 -23.58 -21.76 -52.97
C VAL B 653 -24.46 -20.54 -53.16
N ASN B 654 -25.14 -20.51 -54.32
CA ASN B 654 -26.04 -19.41 -54.66
C ASN B 654 -27.42 -19.57 -54.03
N ASN B 655 -27.96 -20.78 -54.01
CA ASN B 655 -29.32 -21.00 -53.54
C ASN B 655 -29.36 -21.02 -52.02
N SER B 656 -30.46 -20.49 -51.48
CA SER B 656 -30.62 -20.30 -50.04
C SER B 656 -31.53 -21.38 -49.47
N TYR B 657 -31.22 -21.80 -48.24
CA TYR B 657 -32.05 -22.77 -47.52
C TYR B 657 -32.17 -22.34 -46.06
N GLU B 658 -32.79 -23.20 -45.24
CA GLU B 658 -32.84 -22.98 -43.80
C GLU B 658 -31.57 -23.54 -43.17
N CYS B 659 -30.90 -22.72 -42.38
CA CYS B 659 -29.61 -23.07 -41.80
C CYS B 659 -29.73 -23.21 -40.29
N ASP B 660 -28.60 -23.50 -39.65
CA ASP B 660 -28.55 -23.68 -38.20
C ASP B 660 -27.56 -22.71 -37.55
N ILE B 661 -26.28 -22.87 -37.88
CA ILE B 661 -25.21 -22.13 -37.22
C ILE B 661 -24.95 -20.81 -37.95
N PRO B 662 -25.16 -19.66 -37.32
CA PRO B 662 -24.85 -18.39 -37.97
C PRO B 662 -23.35 -18.08 -37.92
N ILE B 663 -22.92 -17.24 -38.85
CA ILE B 663 -21.55 -16.72 -38.90
C ILE B 663 -21.54 -15.23 -38.62
N GLY B 664 -22.03 -14.43 -39.56
CA GLY B 664 -22.19 -12.99 -39.39
C GLY B 664 -22.20 -12.31 -40.74
N ALA B 665 -22.56 -11.00 -40.71
CA ALA B 665 -22.63 -10.06 -41.84
C ALA B 665 -23.54 -10.54 -42.98
N GLY B 666 -24.62 -11.23 -42.62
CA GLY B 666 -25.54 -11.78 -43.60
C GLY B 666 -25.16 -13.14 -44.16
N ILE B 667 -24.22 -13.84 -43.55
CA ILE B 667 -23.76 -15.14 -44.01
C ILE B 667 -24.06 -16.15 -42.91
N CYS B 668 -24.76 -17.24 -43.26
CA CYS B 668 -25.07 -18.32 -42.33
C CYS B 668 -24.30 -19.57 -42.77
N ALA B 669 -24.49 -20.65 -42.02
CA ALA B 669 -23.84 -21.92 -42.34
C ALA B 669 -24.79 -23.07 -42.06
N SER B 670 -24.77 -24.06 -42.94
CA SER B 670 -25.65 -25.20 -42.82
C SER B 670 -24.89 -26.47 -43.18
N TYR B 671 -25.49 -27.61 -42.84
CA TYR B 671 -24.95 -28.93 -43.15
C TYR B 671 -25.85 -29.56 -44.21
N GLN B 672 -25.31 -29.71 -45.42
CA GLN B 672 -26.09 -30.15 -46.57
C GLN B 672 -25.33 -31.24 -47.31
N THR B 673 -26.04 -32.29 -47.70
CA THR B 673 -25.46 -33.39 -48.47
C THR B 673 -25.16 -32.96 -49.90
N SER B 686 -19.62 -36.90 -49.87
CA SER B 686 -20.61 -36.12 -50.59
C SER B 686 -21.35 -35.16 -49.66
N GLN B 687 -20.83 -35.01 -48.45
CA GLN B 687 -21.41 -34.14 -47.43
C GLN B 687 -20.39 -33.11 -47.01
N SER B 688 -20.77 -31.84 -47.04
CA SER B 688 -19.83 -30.76 -46.75
C SER B 688 -20.57 -29.57 -46.16
N ILE B 689 -19.81 -28.68 -45.55
CA ILE B 689 -20.35 -27.47 -44.93
C ILE B 689 -20.42 -26.37 -45.97
N ILE B 690 -21.61 -25.78 -46.14
CA ILE B 690 -21.79 -24.70 -47.10
C ILE B 690 -22.11 -23.41 -46.35
N ALA B 691 -21.81 -22.29 -47.01
CA ALA B 691 -22.06 -20.96 -46.49
C ALA B 691 -22.65 -20.10 -47.59
N TYR B 692 -23.68 -19.33 -47.25
CA TYR B 692 -24.46 -18.61 -48.24
C TYR B 692 -25.11 -17.39 -47.59
N THR B 693 -25.53 -16.45 -48.45
CA THR B 693 -26.33 -15.30 -48.06
C THR B 693 -27.72 -15.82 -47.68
N MET B 694 -28.25 -15.31 -46.56
CA MET B 694 -29.33 -15.96 -45.82
C MET B 694 -30.68 -15.89 -46.54
N SER B 695 -31.55 -16.84 -46.19
CA SER B 695 -32.83 -16.98 -46.87
C SER B 695 -33.83 -15.95 -46.38
N LEU B 696 -34.41 -15.22 -47.32
CA LEU B 696 -35.47 -14.26 -47.05
C LEU B 696 -36.80 -14.96 -46.78
N GLY B 697 -36.98 -16.17 -47.29
CA GLY B 697 -38.24 -16.89 -47.18
C GLY B 697 -38.99 -16.95 -48.48
N ALA B 698 -40.20 -17.49 -48.39
CA ALA B 698 -41.07 -17.66 -49.56
C ALA B 698 -41.67 -16.30 -49.92
N GLU B 699 -41.44 -15.85 -51.14
CA GLU B 699 -41.90 -14.54 -51.58
C GLU B 699 -43.18 -14.71 -52.38
N ASN B 700 -44.29 -14.21 -51.86
CA ASN B 700 -45.58 -14.24 -52.54
C ASN B 700 -46.13 -12.84 -52.67
N SER B 701 -46.89 -12.60 -53.73
CA SER B 701 -47.49 -11.31 -53.99
C SER B 701 -49.00 -11.39 -53.86
N VAL B 702 -49.56 -10.44 -53.11
CA VAL B 702 -50.99 -10.36 -52.88
C VAL B 702 -51.61 -9.42 -53.90
N ALA B 703 -52.83 -9.74 -54.31
CA ALA B 703 -53.54 -8.91 -55.27
C ALA B 703 -54.35 -7.84 -54.55
N TYR B 704 -54.00 -6.59 -54.81
CA TYR B 704 -54.61 -5.45 -54.13
C TYR B 704 -55.45 -4.66 -55.13
N SER B 705 -56.75 -4.56 -54.85
CA SER B 705 -57.65 -3.70 -55.61
C SER B 705 -58.73 -3.21 -54.67
N ASN B 706 -59.63 -2.39 -55.19
CA ASN B 706 -60.72 -1.83 -54.39
C ASN B 706 -61.85 -2.82 -54.13
N ASN B 707 -62.08 -3.77 -55.06
CA ASN B 707 -63.17 -4.73 -54.89
C ASN B 707 -62.70 -6.05 -54.28
N SER B 708 -61.44 -6.17 -53.90
CA SER B 708 -60.87 -7.43 -53.44
C SER B 708 -61.17 -7.65 -51.96
N ILE B 709 -61.71 -8.83 -51.66
CA ILE B 709 -61.98 -9.27 -50.30
C ILE B 709 -61.69 -10.77 -50.20
N ALA B 710 -60.98 -11.17 -49.15
CA ALA B 710 -60.69 -12.57 -48.87
C ALA B 710 -61.38 -12.97 -47.57
N ILE B 711 -62.28 -13.95 -47.65
CA ILE B 711 -62.98 -14.50 -46.51
C ILE B 711 -62.49 -15.92 -46.29
N PRO B 712 -61.94 -16.25 -45.12
CA PRO B 712 -61.54 -17.65 -44.86
C PRO B 712 -62.73 -18.56 -44.65
N THR B 713 -62.71 -19.71 -45.31
CA THR B 713 -63.73 -20.73 -45.15
C THR B 713 -63.35 -21.85 -44.20
N ASN B 714 -62.14 -21.82 -43.66
CA ASN B 714 -61.65 -22.88 -42.78
C ASN B 714 -60.65 -22.27 -41.81
N PHE B 715 -60.49 -22.91 -40.66
CA PHE B 715 -59.55 -22.48 -39.64
C PHE B 715 -58.83 -23.69 -39.05
N THR B 716 -57.70 -23.44 -38.42
CA THR B 716 -56.88 -24.49 -37.83
C THR B 716 -56.56 -24.11 -36.40
N ILE B 717 -56.98 -24.94 -35.45
CA ILE B 717 -56.74 -24.71 -34.03
C ILE B 717 -55.48 -25.47 -33.63
N SER B 718 -54.45 -24.75 -33.20
CA SER B 718 -53.19 -25.34 -32.78
C SER B 718 -52.70 -24.67 -31.52
N VAL B 719 -51.93 -25.42 -30.73
CA VAL B 719 -51.36 -24.94 -29.47
C VAL B 719 -49.85 -24.90 -29.61
N THR B 720 -49.28 -23.70 -29.60
CA THR B 720 -47.84 -23.51 -29.69
C THR B 720 -47.15 -23.87 -28.38
N THR B 721 -45.84 -24.11 -28.48
CA THR B 721 -45.02 -24.51 -27.34
C THR B 721 -44.08 -23.37 -26.97
N GLU B 722 -44.19 -22.89 -25.73
CA GLU B 722 -43.37 -21.79 -25.23
C GLU B 722 -42.93 -22.11 -23.81
N ILE B 723 -41.72 -21.65 -23.46
CA ILE B 723 -41.16 -21.84 -22.12
C ILE B 723 -40.54 -20.51 -21.70
N LEU B 724 -41.01 -19.95 -20.58
CA LEU B 724 -40.35 -18.83 -19.92
C LEU B 724 -40.18 -19.16 -18.44
N PRO B 725 -39.03 -18.84 -17.84
CA PRO B 725 -38.77 -19.26 -16.46
C PRO B 725 -39.49 -18.37 -15.43
N VAL B 726 -39.58 -18.92 -14.22
CA VAL B 726 -40.15 -18.24 -13.05
C VAL B 726 -39.12 -18.05 -11.96
N SER B 727 -38.56 -19.14 -11.45
CA SER B 727 -37.55 -19.12 -10.40
C SER B 727 -36.26 -19.76 -10.90
N MET B 728 -35.28 -19.88 -10.01
CA MET B 728 -33.98 -20.42 -10.38
C MET B 728 -33.42 -21.22 -9.20
N THR B 729 -32.23 -21.79 -9.41
CA THR B 729 -31.58 -22.63 -8.41
C THR B 729 -30.95 -21.75 -7.34
N LYS B 730 -31.27 -22.02 -6.08
CA LYS B 730 -30.84 -21.18 -4.97
C LYS B 730 -29.66 -21.84 -4.23
N THR B 731 -28.56 -21.09 -4.08
CA THR B 731 -27.39 -21.51 -3.32
C THR B 731 -26.98 -20.40 -2.36
N SER B 732 -26.09 -20.75 -1.43
CA SER B 732 -25.57 -19.81 -0.45
C SER B 732 -24.11 -20.12 -0.16
N VAL B 733 -23.30 -19.07 -0.02
CA VAL B 733 -21.86 -19.17 0.25
C VAL B 733 -21.59 -18.49 1.59
N ASP B 734 -21.00 -19.23 2.53
CA ASP B 734 -20.72 -18.70 3.85
C ASP B 734 -19.40 -17.93 3.89
N CYS B 735 -19.10 -17.35 5.06
CA CYS B 735 -17.87 -16.59 5.26
C CYS B 735 -16.68 -17.47 5.58
N THR B 736 -16.88 -18.59 6.27
CA THR B 736 -15.79 -19.36 6.88
C THR B 736 -15.22 -20.41 5.94
N MET B 737 -16.05 -21.38 5.52
CA MET B 737 -15.58 -22.61 4.89
C MET B 737 -15.10 -22.40 3.46
N TYR B 738 -15.66 -21.41 2.76
CA TYR B 738 -15.25 -21.15 1.38
C TYR B 738 -13.91 -20.42 1.32
N ILE B 739 -13.66 -19.52 2.27
CA ILE B 739 -12.39 -18.79 2.31
C ILE B 739 -11.28 -19.66 2.90
N CYS B 740 -11.56 -20.30 4.02
CA CYS B 740 -10.52 -20.90 4.86
C CYS B 740 -10.53 -22.42 4.74
N GLY B 741 -9.35 -23.01 4.94
CA GLY B 741 -9.13 -24.43 4.90
C GLY B 741 -9.09 -25.06 6.29
N ASP B 742 -9.80 -24.41 7.23
CA ASP B 742 -9.87 -24.72 8.66
C ASP B 742 -8.48 -24.66 9.31
N SER B 743 -7.97 -23.43 9.41
CA SER B 743 -6.73 -23.14 10.09
C SER B 743 -6.94 -21.98 11.05
N THR B 744 -5.96 -21.76 11.93
CA THR B 744 -6.08 -20.77 12.99
C THR B 744 -5.90 -19.35 12.45
N GLU B 745 -4.88 -19.15 11.60
CA GLU B 745 -4.50 -17.82 11.12
C GLU B 745 -5.47 -17.27 10.08
N CYS B 746 -6.16 -18.15 9.33
CA CYS B 746 -7.14 -17.69 8.35
C CYS B 746 -8.40 -17.16 9.03
N SER B 747 -8.76 -17.70 10.19
CA SER B 747 -9.86 -17.15 10.97
C SER B 747 -9.46 -15.87 11.70
N ASN B 748 -8.16 -15.65 11.92
CA ASN B 748 -7.70 -14.40 12.51
C ASN B 748 -7.78 -13.26 11.51
N LEU B 749 -7.54 -13.56 10.23
CA LEU B 749 -7.52 -12.55 9.18
C LEU B 749 -8.91 -12.28 8.58
N LEU B 750 -9.96 -12.93 9.08
CA LEU B 750 -11.31 -12.60 8.64
C LEU B 750 -11.79 -11.26 9.16
N LEU B 751 -11.33 -10.84 10.34
CA LEU B 751 -11.71 -9.55 10.90
C LEU B 751 -10.75 -8.43 10.50
N GLN B 752 -9.65 -8.75 9.83
CA GLN B 752 -8.67 -7.72 9.46
C GLN B 752 -9.11 -6.92 8.24
N TYR B 753 -9.80 -7.55 7.28
CA TYR B 753 -10.46 -6.78 6.23
C TYR B 753 -11.88 -6.37 6.59
N GLY B 754 -12.33 -6.64 7.80
CA GLY B 754 -13.59 -6.12 8.27
C GLY B 754 -14.84 -6.89 7.91
N SER B 755 -15.89 -6.15 7.59
CA SER B 755 -17.28 -6.62 7.57
C SER B 755 -17.69 -7.15 6.20
N PHE B 756 -16.71 -7.39 5.32
CA PHE B 756 -16.96 -7.63 3.88
C PHE B 756 -17.63 -8.97 3.57
N CYS B 757 -17.66 -9.92 4.51
CA CYS B 757 -18.48 -11.10 4.27
C CYS B 757 -19.85 -11.02 4.92
N THR B 758 -20.15 -9.94 5.64
CA THR B 758 -21.47 -9.83 6.27
C THR B 758 -22.53 -9.36 5.28
N GLN B 759 -22.12 -8.66 4.21
CA GLN B 759 -23.09 -8.33 3.17
C GLN B 759 -23.22 -9.42 2.12
N LEU B 760 -22.41 -10.48 2.22
CA LEU B 760 -22.64 -11.66 1.40
C LEU B 760 -23.86 -12.44 1.87
N LYS B 761 -24.15 -12.38 3.18
CA LYS B 761 -25.29 -13.11 3.71
C LYS B 761 -26.60 -12.37 3.45
N ARG B 762 -26.62 -11.04 3.65
CA ARG B 762 -27.87 -10.31 3.52
C ARG B 762 -28.24 -9.99 2.08
N ALA B 763 -27.29 -10.11 1.14
CA ALA B 763 -27.65 -9.99 -0.27
C ALA B 763 -28.25 -11.30 -0.79
N LEU B 764 -27.67 -12.44 -0.40
CA LEU B 764 -28.18 -13.74 -0.86
C LEU B 764 -29.46 -14.13 -0.17
N THR B 765 -29.65 -13.74 1.09
CA THR B 765 -30.97 -13.90 1.70
C THR B 765 -31.94 -12.80 1.26
N GLY B 766 -31.43 -11.69 0.71
CA GLY B 766 -32.30 -10.73 0.05
C GLY B 766 -32.80 -11.23 -1.29
N ILE B 767 -32.03 -12.12 -1.93
CA ILE B 767 -32.53 -12.89 -3.08
C ILE B 767 -33.60 -13.88 -2.61
N ALA B 768 -33.41 -14.47 -1.42
CA ALA B 768 -34.35 -15.45 -0.87
C ALA B 768 -35.65 -14.81 -0.39
N VAL B 769 -35.64 -13.50 -0.11
CA VAL B 769 -36.90 -12.78 0.02
C VAL B 769 -37.58 -12.65 -1.35
N GLU B 770 -36.80 -12.27 -2.38
CA GLU B 770 -37.35 -12.04 -3.71
C GLU B 770 -37.67 -13.35 -4.44
N GLN B 771 -37.02 -14.46 -4.07
CA GLN B 771 -37.48 -15.75 -4.58
C GLN B 771 -38.75 -16.20 -3.88
N ASP B 772 -38.95 -15.78 -2.64
CA ASP B 772 -40.21 -16.04 -1.95
C ASP B 772 -41.28 -15.06 -2.40
N LYS B 773 -40.87 -13.88 -2.89
CA LYS B 773 -41.82 -12.87 -3.38
C LYS B 773 -42.41 -13.30 -4.73
N ASN B 774 -41.65 -14.06 -5.52
CA ASN B 774 -42.14 -14.50 -6.82
C ASN B 774 -42.98 -15.77 -6.74
N THR B 775 -43.13 -16.33 -5.54
CA THR B 775 -43.99 -17.50 -5.36
C THR B 775 -45.47 -17.14 -5.45
N GLN B 776 -45.93 -16.19 -4.66
CA GLN B 776 -47.34 -15.82 -4.67
C GLN B 776 -47.71 -14.88 -5.83
N GLU B 777 -46.73 -14.34 -6.54
CA GLU B 777 -47.04 -13.61 -7.76
C GLU B 777 -47.32 -14.54 -8.93
N VAL B 778 -46.81 -15.78 -8.89
CA VAL B 778 -46.95 -16.71 -10.00
C VAL B 778 -47.76 -17.95 -9.59
N PHE B 779 -47.26 -18.72 -8.61
CA PHE B 779 -47.80 -20.05 -8.30
C PHE B 779 -49.16 -20.03 -7.62
N ALA B 780 -49.30 -19.34 -6.49
CA ALA B 780 -50.62 -19.17 -5.87
C ALA B 780 -50.99 -17.70 -5.87
N GLN B 781 -51.87 -17.33 -6.79
CA GLN B 781 -52.41 -15.97 -6.84
C GLN B 781 -53.61 -15.77 -5.91
N VAL B 782 -54.33 -16.84 -5.58
CA VAL B 782 -55.53 -16.77 -4.76
C VAL B 782 -55.36 -17.70 -3.57
N LYS B 783 -56.17 -17.48 -2.54
CA LYS B 783 -56.25 -18.36 -1.39
C LYS B 783 -57.41 -19.35 -1.50
N GLN B 784 -58.15 -19.32 -2.61
CA GLN B 784 -59.34 -20.16 -2.78
C GLN B 784 -59.02 -21.26 -3.78
N ILE B 785 -59.22 -22.52 -3.35
CA ILE B 785 -58.84 -23.70 -4.12
C ILE B 785 -60.12 -24.43 -4.51
N TYR B 786 -60.25 -24.76 -5.80
CA TYR B 786 -61.40 -25.46 -6.34
C TYR B 786 -61.01 -26.86 -6.80
N LYS B 787 -62.00 -27.75 -6.84
CA LYS B 787 -61.80 -29.14 -7.18
C LYS B 787 -62.58 -29.51 -8.44
N THR B 788 -62.17 -30.60 -9.06
CA THR B 788 -62.86 -31.10 -10.24
C THR B 788 -63.99 -32.03 -9.82
N PRO B 789 -65.12 -32.05 -10.56
CA PRO B 789 -66.16 -33.04 -10.27
C PRO B 789 -65.76 -34.42 -10.76
N PRO B 790 -66.27 -35.50 -10.12
CA PRO B 790 -65.90 -36.85 -10.57
C PRO B 790 -66.53 -37.28 -11.89
N ILE B 791 -67.60 -36.63 -12.34
CA ILE B 791 -68.28 -37.01 -13.57
C ILE B 791 -67.82 -36.04 -14.66
N LYS B 792 -67.17 -36.58 -15.70
CA LYS B 792 -66.74 -35.78 -16.84
C LYS B 792 -67.50 -36.19 -18.11
N TYR B 793 -68.43 -35.34 -18.54
CA TYR B 793 -68.93 -35.35 -19.91
C TYR B 793 -68.98 -33.92 -20.41
N PHE B 794 -68.10 -33.58 -21.35
CA PHE B 794 -68.10 -32.28 -22.00
C PHE B 794 -68.71 -32.35 -23.40
N GLY B 795 -69.17 -33.54 -23.79
CA GLY B 795 -69.65 -33.74 -25.15
C GLY B 795 -68.53 -33.95 -26.15
N GLY B 796 -67.54 -34.76 -25.80
CA GLY B 796 -66.49 -35.13 -26.72
C GLY B 796 -65.16 -34.44 -26.53
N PHE B 797 -64.97 -33.72 -25.43
CA PHE B 797 -63.73 -33.01 -25.15
C PHE B 797 -62.97 -33.76 -24.06
N ASN B 798 -61.67 -33.96 -24.27
CA ASN B 798 -60.84 -34.71 -23.33
C ASN B 798 -60.02 -33.70 -22.54
N PHE B 799 -60.40 -33.48 -21.28
CA PHE B 799 -59.62 -32.71 -20.31
C PHE B 799 -58.85 -33.58 -19.33
N SER B 800 -58.88 -34.91 -19.51
CA SER B 800 -58.33 -35.81 -18.50
C SER B 800 -56.81 -35.91 -18.55
N GLN B 801 -56.17 -35.44 -19.63
CA GLN B 801 -54.72 -35.54 -19.72
C GLN B 801 -54.00 -34.44 -18.96
N ILE B 802 -54.66 -33.31 -18.68
CA ILE B 802 -54.01 -32.25 -17.90
C ILE B 802 -54.26 -32.40 -16.40
N LEU B 803 -55.19 -33.28 -15.99
CA LEU B 803 -55.56 -33.52 -14.60
C LEU B 803 -54.70 -34.63 -14.01
N PRO B 804 -54.27 -34.50 -12.75
CA PRO B 804 -53.39 -35.51 -12.16
C PRO B 804 -54.13 -36.79 -11.77
N ASP B 805 -53.35 -37.84 -11.58
CA ASP B 805 -53.88 -39.18 -11.32
C ASP B 805 -54.05 -39.36 -9.81
N PRO B 806 -55.26 -39.58 -9.30
CA PRO B 806 -55.44 -39.83 -7.87
C PRO B 806 -54.96 -41.19 -7.37
N SER B 807 -54.77 -42.16 -8.27
CA SER B 807 -54.27 -43.48 -7.85
C SER B 807 -52.77 -43.44 -7.57
N LYS B 808 -52.05 -42.55 -8.26
CA LYS B 808 -50.65 -42.29 -7.97
C LYS B 808 -50.56 -41.48 -6.67
N PRO B 809 -49.64 -41.82 -5.75
CA PRO B 809 -49.55 -41.11 -4.46
C PRO B 809 -49.03 -39.68 -4.55
N SER B 810 -48.33 -39.32 -5.62
CA SER B 810 -48.02 -37.93 -5.92
C SER B 810 -48.96 -37.48 -7.03
N LYS B 811 -49.38 -36.22 -7.00
CA LYS B 811 -50.35 -35.75 -7.99
C LYS B 811 -49.57 -35.16 -9.17
N ARG B 812 -49.60 -35.91 -10.29
CA ARG B 812 -48.93 -35.55 -11.53
C ARG B 812 -49.80 -36.03 -12.69
N SER B 813 -49.90 -35.20 -13.73
CA SER B 813 -50.66 -35.60 -14.91
C SER B 813 -49.72 -36.25 -15.92
N PHE B 814 -50.23 -36.47 -17.13
CA PHE B 814 -49.45 -37.11 -18.18
C PHE B 814 -48.46 -36.15 -18.84
N ILE B 815 -48.68 -34.83 -18.71
CA ILE B 815 -47.78 -33.86 -19.33
C ILE B 815 -46.52 -33.70 -18.51
N GLU B 816 -46.66 -33.56 -17.18
CA GLU B 816 -45.49 -33.32 -16.32
C GLU B 816 -44.68 -34.58 -16.03
N ASP B 817 -45.16 -35.76 -16.41
CA ASP B 817 -44.32 -36.95 -16.37
C ASP B 817 -43.24 -36.89 -17.44
N LEU B 818 -43.58 -36.31 -18.61
CA LEU B 818 -42.57 -36.08 -19.63
C LEU B 818 -41.74 -34.84 -19.35
N LEU B 819 -42.30 -33.85 -18.64
CA LEU B 819 -41.57 -32.62 -18.38
C LEU B 819 -40.54 -32.78 -17.26
N PHE B 820 -40.82 -33.65 -16.30
CA PHE B 820 -39.84 -33.90 -15.23
C PHE B 820 -38.72 -34.84 -15.69
N ASN B 821 -38.99 -35.67 -16.69
CA ASN B 821 -38.03 -36.70 -17.08
C ASN B 821 -36.93 -36.17 -17.98
N LYS B 822 -37.25 -35.27 -18.91
CA LYS B 822 -36.28 -34.89 -19.95
C LYS B 822 -35.26 -33.88 -19.47
N VAL B 823 -35.52 -33.19 -18.36
CA VAL B 823 -34.58 -32.23 -17.78
C VAL B 823 -34.17 -32.75 -16.40
N THR B 824 -32.90 -32.57 -16.06
CA THR B 824 -32.37 -33.02 -14.78
C THR B 824 -31.93 -31.83 -13.92
N LYS B 851 -18.81 -28.65 -3.40
CA LYS B 851 -19.94 -29.33 -2.78
C LYS B 851 -19.75 -29.41 -1.27
N PHE B 852 -18.67 -30.04 -0.85
CA PHE B 852 -18.32 -30.16 0.56
C PHE B 852 -17.35 -29.06 1.01
N LYS B 853 -17.06 -28.11 0.13
CA LYS B 853 -16.18 -26.97 0.40
C LYS B 853 -16.92 -25.77 0.98
N GLY B 854 -18.19 -25.93 1.33
CA GLY B 854 -19.00 -24.80 1.73
C GLY B 854 -20.05 -24.40 0.72
N LEU B 855 -20.30 -25.23 -0.29
CA LEU B 855 -21.34 -24.96 -1.28
C LEU B 855 -22.61 -25.61 -0.76
N THR B 856 -23.58 -24.78 -0.38
CA THR B 856 -24.83 -25.24 0.22
C THR B 856 -26.00 -24.88 -0.70
N VAL B 857 -26.70 -25.90 -1.15
CA VAL B 857 -27.90 -25.73 -1.97
C VAL B 857 -29.09 -25.70 -1.02
N LEU B 858 -29.75 -24.55 -0.95
CA LEU B 858 -30.88 -24.40 -0.05
C LEU B 858 -32.15 -24.97 -0.69
N PRO B 859 -33.00 -25.67 0.07
CA PRO B 859 -34.24 -26.18 -0.51
C PRO B 859 -35.27 -25.07 -0.65
N PRO B 860 -36.20 -25.18 -1.61
CA PRO B 860 -37.28 -24.20 -1.71
C PRO B 860 -38.32 -24.38 -0.61
N LEU B 861 -39.15 -23.34 -0.45
CA LEU B 861 -40.24 -23.38 0.51
C LEU B 861 -41.35 -24.31 0.06
N LEU B 862 -41.61 -24.36 -1.24
CA LEU B 862 -42.62 -25.24 -1.82
C LEU B 862 -41.90 -26.39 -2.53
N THR B 863 -42.18 -27.61 -2.11
CA THR B 863 -41.60 -28.77 -2.77
C THR B 863 -42.40 -29.11 -4.03
N ASP B 864 -41.92 -30.12 -4.77
CA ASP B 864 -42.43 -30.41 -6.11
C ASP B 864 -43.78 -31.13 -6.10
N GLU B 865 -44.22 -31.64 -4.95
CA GLU B 865 -45.59 -32.12 -4.84
C GLU B 865 -46.57 -30.95 -4.79
N MET B 866 -46.16 -29.83 -4.18
CA MET B 866 -47.08 -28.73 -3.94
C MET B 866 -47.02 -27.68 -5.05
N ILE B 867 -46.17 -27.88 -6.06
CA ILE B 867 -46.23 -27.02 -7.24
C ILE B 867 -47.44 -27.41 -8.09
N ALA B 868 -47.71 -28.71 -8.18
CA ALA B 868 -48.73 -29.21 -9.09
C ALA B 868 -50.15 -29.02 -8.54
N GLN B 869 -50.29 -28.96 -7.20
CA GLN B 869 -51.63 -28.81 -6.65
C GLN B 869 -52.13 -27.36 -6.71
N TYR B 870 -51.23 -26.38 -6.76
CA TYR B 870 -51.65 -25.03 -7.11
C TYR B 870 -51.67 -24.82 -8.61
N THR B 871 -51.03 -25.71 -9.37
CA THR B 871 -51.16 -25.69 -10.82
C THR B 871 -52.52 -26.25 -11.23
N SER B 872 -52.94 -27.34 -10.59
CA SER B 872 -54.24 -27.95 -10.88
C SER B 872 -55.40 -27.17 -10.26
N ALA B 873 -55.11 -26.30 -9.27
CA ALA B 873 -56.12 -25.36 -8.79
C ALA B 873 -56.38 -24.27 -9.82
N LEU B 874 -55.38 -23.92 -10.61
CA LEU B 874 -55.60 -23.03 -11.75
C LEU B 874 -56.33 -23.78 -12.87
N LEU B 875 -56.09 -25.08 -12.99
CA LEU B 875 -56.74 -25.86 -14.05
C LEU B 875 -58.19 -26.17 -13.73
N ALA B 876 -58.51 -26.34 -12.44
CA ALA B 876 -59.91 -26.58 -12.06
C ALA B 876 -60.71 -25.28 -12.11
N GLY B 877 -60.05 -24.14 -11.93
CA GLY B 877 -60.71 -22.86 -12.09
C GLY B 877 -60.88 -22.43 -13.53
N THR B 878 -60.03 -22.90 -14.43
CA THR B 878 -60.13 -22.52 -15.83
C THR B 878 -61.28 -23.27 -16.51
N ILE B 879 -61.45 -24.54 -16.16
CA ILE B 879 -62.50 -25.36 -16.76
C ILE B 879 -63.87 -25.02 -16.15
N THR B 880 -64.02 -25.25 -14.84
CA THR B 880 -65.33 -25.09 -14.21
C THR B 880 -65.70 -23.64 -13.95
N SER B 881 -64.80 -22.86 -13.35
CA SER B 881 -65.11 -21.48 -12.96
C SER B 881 -64.78 -20.47 -14.04
N GLY B 882 -64.04 -20.87 -15.07
CA GLY B 882 -63.69 -19.99 -16.17
C GLY B 882 -62.69 -18.90 -15.85
N TRP B 883 -63.06 -17.67 -16.16
CA TRP B 883 -62.21 -16.50 -15.95
C TRP B 883 -62.50 -15.79 -14.64
N THR B 884 -63.43 -16.31 -13.83
CA THR B 884 -63.98 -15.59 -12.70
C THR B 884 -63.32 -15.91 -11.35
N PHE B 885 -62.34 -16.82 -11.30
CA PHE B 885 -61.77 -17.17 -10.02
C PHE B 885 -60.74 -16.16 -9.53
N GLY B 886 -60.19 -15.35 -10.43
CA GLY B 886 -59.38 -14.21 -10.06
C GLY B 886 -60.14 -12.90 -10.07
N ALA B 887 -61.46 -12.97 -10.23
CA ALA B 887 -62.36 -11.83 -10.27
C ALA B 887 -62.98 -11.56 -8.91
N GLY B 888 -62.48 -12.24 -7.88
CA GLY B 888 -63.24 -12.40 -6.65
C GLY B 888 -63.90 -13.78 -6.60
N ALA B 889 -65.05 -13.86 -5.93
CA ALA B 889 -65.80 -15.11 -5.78
C ALA B 889 -66.36 -15.59 -7.10
N ALA B 890 -66.07 -16.84 -7.43
CA ALA B 890 -66.29 -17.40 -8.76
C ALA B 890 -67.76 -17.70 -9.01
N LEU B 891 -68.08 -17.84 -10.29
CA LEU B 891 -69.43 -18.10 -10.77
C LEU B 891 -69.46 -19.51 -11.35
N GLN B 892 -70.64 -20.13 -11.35
CA GLN B 892 -70.78 -21.45 -11.97
C GLN B 892 -71.25 -21.21 -13.40
N ILE B 893 -70.32 -21.37 -14.34
CA ILE B 893 -70.58 -21.19 -15.76
C ILE B 893 -70.26 -22.49 -16.46
N PRO B 894 -71.21 -23.11 -17.18
CA PRO B 894 -70.91 -24.30 -17.97
C PRO B 894 -70.06 -23.97 -19.20
N PHE B 895 -69.45 -25.02 -19.76
CA PHE B 895 -68.37 -24.87 -20.75
C PHE B 895 -68.89 -24.42 -22.11
N ALA B 896 -70.17 -24.65 -22.40
CA ALA B 896 -70.78 -24.14 -23.62
C ALA B 896 -71.01 -22.63 -23.54
N MET B 897 -71.16 -22.10 -22.34
CA MET B 897 -71.27 -20.65 -22.19
C MET B 897 -69.91 -19.98 -22.01
N GLN B 898 -68.85 -20.77 -21.79
CA GLN B 898 -67.53 -20.18 -21.67
C GLN B 898 -66.94 -19.85 -23.04
N MET B 899 -67.22 -20.71 -24.02
CA MET B 899 -66.69 -20.48 -25.37
C MET B 899 -67.49 -19.43 -26.12
N ALA B 900 -68.71 -19.13 -25.67
CA ALA B 900 -69.51 -18.08 -26.29
C ALA B 900 -68.98 -16.70 -25.93
N TYR B 901 -68.38 -16.57 -24.74
CA TYR B 901 -67.78 -15.30 -24.35
C TYR B 901 -66.45 -15.08 -25.05
N ARG B 902 -65.76 -16.17 -25.41
CA ARG B 902 -64.48 -16.07 -26.12
C ARG B 902 -64.67 -15.64 -27.57
N PHE B 903 -65.72 -16.15 -28.24
CA PHE B 903 -65.95 -15.81 -29.63
C PHE B 903 -66.62 -14.45 -29.80
N ASN B 904 -67.43 -14.00 -28.83
CA ASN B 904 -68.10 -12.71 -28.96
C ASN B 904 -67.18 -11.54 -28.65
N GLY B 905 -66.04 -11.78 -28.00
CA GLY B 905 -65.07 -10.71 -27.80
C GLY B 905 -64.27 -10.42 -29.06
N ILE B 906 -64.01 -11.45 -29.86
CA ILE B 906 -63.28 -11.30 -31.11
C ILE B 906 -64.23 -11.15 -32.30
N GLY B 907 -65.53 -11.10 -32.06
CA GLY B 907 -66.50 -10.88 -33.12
C GLY B 907 -66.82 -12.10 -33.95
N VAL B 908 -66.88 -13.28 -33.32
CA VAL B 908 -67.24 -14.53 -34.00
C VAL B 908 -68.61 -14.97 -33.45
N THR B 909 -69.55 -15.24 -34.36
CA THR B 909 -70.89 -15.65 -33.99
C THR B 909 -70.85 -17.10 -33.50
N GLN B 910 -71.75 -17.43 -32.56
CA GLN B 910 -71.80 -18.73 -31.87
C GLN B 910 -72.55 -19.82 -32.65
N ASN B 911 -72.93 -19.55 -33.90
CA ASN B 911 -73.41 -20.60 -34.81
C ASN B 911 -72.28 -21.57 -35.18
N VAL B 912 -71.02 -21.10 -35.16
CA VAL B 912 -69.84 -21.90 -35.47
C VAL B 912 -69.57 -22.93 -34.36
N LEU B 913 -70.01 -22.65 -33.13
CA LEU B 913 -69.94 -23.59 -32.00
C LEU B 913 -70.75 -24.87 -32.23
N TYR B 914 -72.08 -24.76 -32.30
CA TYR B 914 -72.98 -25.90 -32.15
C TYR B 914 -73.04 -26.83 -33.36
N GLU B 915 -72.82 -26.31 -34.57
CA GLU B 915 -72.81 -27.17 -35.76
C GLU B 915 -71.49 -27.89 -35.98
N ASN B 916 -70.36 -27.22 -35.74
CA ASN B 916 -69.03 -27.70 -36.11
C ASN B 916 -68.35 -28.39 -34.93
N GLN B 917 -69.13 -28.65 -33.86
CA GLN B 917 -68.67 -29.10 -32.53
C GLN B 917 -67.91 -30.42 -32.54
N LYS B 918 -68.27 -31.34 -33.45
CA LYS B 918 -67.53 -32.58 -33.57
C LYS B 918 -66.21 -32.36 -34.33
N LEU B 919 -66.15 -31.35 -35.18
CA LEU B 919 -64.90 -31.02 -35.87
C LEU B 919 -63.97 -30.21 -34.98
N ILE B 920 -64.53 -29.53 -33.97
CA ILE B 920 -63.73 -28.85 -32.96
C ILE B 920 -63.06 -29.87 -32.04
N ALA B 921 -63.76 -30.97 -31.75
CA ALA B 921 -63.28 -31.99 -30.82
C ALA B 921 -62.17 -32.85 -31.42
N ASN B 922 -62.11 -32.94 -32.75
CA ASN B 922 -61.00 -33.62 -33.39
C ASN B 922 -59.76 -32.74 -33.45
N GLN B 923 -59.95 -31.44 -33.66
CA GLN B 923 -58.81 -30.53 -33.80
C GLN B 923 -58.24 -30.11 -32.45
N PHE B 924 -59.03 -30.22 -31.38
CA PHE B 924 -58.53 -29.83 -30.06
C PHE B 924 -57.62 -30.89 -29.47
N ASN B 925 -57.98 -32.17 -29.63
CA ASN B 925 -57.18 -33.24 -29.06
C ASN B 925 -55.96 -33.55 -29.92
N SER B 926 -55.99 -33.17 -31.20
CA SER B 926 -54.82 -33.36 -32.06
C SER B 926 -53.76 -32.31 -31.78
N ALA B 927 -54.15 -31.14 -31.26
CA ALA B 927 -53.18 -30.14 -30.86
C ALA B 927 -52.49 -30.51 -29.56
N ILE B 928 -53.18 -31.26 -28.70
CA ILE B 928 -52.55 -31.77 -27.49
C ILE B 928 -51.63 -32.94 -27.82
N GLY B 929 -52.05 -33.79 -28.77
CA GLY B 929 -51.24 -34.91 -29.21
C GLY B 929 -50.06 -34.53 -30.09
N LYS B 930 -50.07 -33.32 -30.66
CA LYS B 930 -48.89 -32.78 -31.32
C LYS B 930 -47.80 -32.44 -30.30
N ILE B 931 -48.20 -31.98 -29.11
CA ILE B 931 -47.27 -31.69 -28.03
C ILE B 931 -46.72 -32.99 -27.43
N GLN B 932 -47.57 -34.03 -27.38
CA GLN B 932 -47.16 -35.33 -26.85
C GLN B 932 -46.23 -36.08 -27.79
N ASP B 933 -46.34 -35.84 -29.10
CA ASP B 933 -45.40 -36.43 -30.04
C ASP B 933 -44.08 -35.68 -30.10
N SER B 934 -44.10 -34.37 -29.87
CA SER B 934 -42.91 -33.55 -29.97
C SER B 934 -42.00 -33.65 -28.75
N LEU B 935 -42.58 -33.65 -27.55
CA LEU B 935 -41.77 -33.65 -26.33
C LEU B 935 -41.24 -35.04 -25.98
N SER B 936 -41.85 -36.09 -26.51
CA SER B 936 -41.37 -37.44 -26.25
C SER B 936 -40.18 -37.82 -27.10
N SER B 937 -39.92 -37.10 -28.20
CA SER B 937 -38.80 -37.34 -29.08
C SER B 937 -37.75 -36.24 -29.03
N THR B 938 -38.10 -35.04 -29.47
CA THR B 938 -37.17 -33.92 -29.54
C THR B 938 -37.05 -33.30 -28.15
N ALA B 939 -35.84 -33.29 -27.59
CA ALA B 939 -35.57 -32.66 -26.32
C ALA B 939 -35.04 -31.23 -26.45
N SER B 940 -34.87 -30.74 -27.68
CA SER B 940 -34.35 -29.40 -27.92
C SER B 940 -35.41 -28.31 -27.82
N ALA B 941 -36.70 -28.68 -27.82
CA ALA B 941 -37.76 -27.70 -27.65
C ALA B 941 -37.94 -27.26 -26.21
N LEU B 942 -37.44 -28.04 -25.26
CA LEU B 942 -37.47 -27.74 -23.82
C LEU B 942 -36.22 -27.00 -23.36
N GLY B 943 -35.40 -26.54 -24.30
CA GLY B 943 -34.03 -26.13 -23.99
C GLY B 943 -33.86 -24.79 -23.30
N LYS B 944 -34.95 -24.05 -23.09
CA LYS B 944 -34.87 -22.86 -22.24
C LYS B 944 -34.75 -23.25 -20.77
N LEU B 945 -35.38 -24.35 -20.37
CA LEU B 945 -35.14 -24.91 -19.04
C LEU B 945 -33.77 -25.59 -18.96
N GLN B 946 -33.23 -26.03 -20.10
CA GLN B 946 -31.87 -26.59 -20.10
C GLN B 946 -30.83 -25.49 -19.97
N ASP B 947 -31.09 -24.29 -20.52
CA ASP B 947 -30.11 -23.22 -20.50
C ASP B 947 -30.02 -22.53 -19.14
N VAL B 948 -31.09 -22.61 -18.34
CA VAL B 948 -30.99 -21.99 -17.01
C VAL B 948 -30.29 -22.91 -16.03
N VAL B 949 -30.36 -24.23 -16.22
CA VAL B 949 -29.74 -25.13 -15.24
C VAL B 949 -28.24 -25.33 -15.51
N ASN B 950 -27.78 -25.20 -16.77
CA ASN B 950 -26.35 -25.39 -17.01
C ASN B 950 -25.53 -24.16 -16.65
N HIS B 951 -26.14 -22.97 -16.72
CA HIS B 951 -25.47 -21.76 -16.25
C HIS B 951 -25.40 -21.71 -14.73
N ASN B 952 -26.35 -22.37 -14.05
CA ASN B 952 -26.22 -22.57 -12.61
C ASN B 952 -25.31 -23.74 -12.30
N ALA B 953 -25.09 -24.64 -13.26
CA ALA B 953 -24.15 -25.74 -13.05
C ALA B 953 -22.71 -25.26 -13.18
N GLN B 954 -22.44 -24.39 -14.16
CA GLN B 954 -21.09 -23.86 -14.32
C GLN B 954 -20.78 -22.75 -13.33
N ALA B 955 -21.80 -22.17 -12.69
CA ALA B 955 -21.54 -21.24 -11.58
C ALA B 955 -21.08 -22.00 -10.34
N LEU B 956 -21.57 -23.22 -10.16
CA LEU B 956 -21.04 -24.09 -9.12
C LEU B 956 -19.70 -24.70 -9.52
N ASN B 957 -19.44 -24.82 -10.83
CA ASN B 957 -18.15 -25.33 -11.29
C ASN B 957 -17.07 -24.27 -11.19
N THR B 958 -17.44 -23.00 -11.16
CA THR B 958 -16.47 -21.94 -10.87
C THR B 958 -16.33 -21.67 -9.37
N LEU B 959 -17.08 -22.37 -8.52
CA LEU B 959 -16.74 -22.39 -7.11
C LEU B 959 -15.85 -23.58 -6.77
N VAL B 960 -15.76 -24.56 -7.68
CA VAL B 960 -14.85 -25.69 -7.48
C VAL B 960 -13.45 -25.34 -7.98
N LYS B 961 -13.36 -24.71 -9.16
CA LYS B 961 -12.14 -24.71 -9.95
C LYS B 961 -11.12 -23.69 -9.45
N GLN B 962 -11.58 -22.55 -8.95
CA GLN B 962 -10.68 -21.49 -8.50
C GLN B 962 -10.18 -21.68 -7.07
N LEU B 963 -10.55 -22.75 -6.38
CA LEU B 963 -9.86 -23.10 -5.13
C LEU B 963 -8.51 -23.74 -5.40
N SER B 964 -8.32 -24.34 -6.57
CA SER B 964 -7.02 -24.87 -6.97
C SER B 964 -6.18 -23.85 -7.73
N SER B 965 -6.66 -22.63 -7.88
CA SER B 965 -5.89 -21.58 -8.55
C SER B 965 -4.81 -21.05 -7.61
N LYS B 966 -3.63 -20.76 -8.17
CA LYS B 966 -2.50 -20.37 -7.35
C LYS B 966 -2.58 -18.91 -6.91
N PHE B 967 -3.22 -18.06 -7.75
CA PHE B 967 -3.33 -16.59 -7.62
C PHE B 967 -1.97 -15.90 -7.49
N GLY B 968 -0.99 -16.39 -8.25
CA GLY B 968 0.35 -15.84 -8.22
C GLY B 968 1.23 -16.34 -7.10
N ALA B 969 0.77 -17.30 -6.30
CA ALA B 969 1.54 -17.84 -5.19
C ALA B 969 2.11 -19.20 -5.57
N ILE B 970 2.80 -19.84 -4.63
CA ILE B 970 3.46 -21.10 -4.91
C ILE B 970 2.46 -22.27 -4.88
N SER B 971 1.47 -22.24 -3.99
CA SER B 971 0.54 -23.35 -3.86
C SER B 971 -0.81 -22.83 -3.40
N SER B 972 -1.87 -23.56 -3.80
CA SER B 972 -3.23 -23.24 -3.38
C SER B 972 -3.66 -23.94 -2.11
N VAL B 973 -2.87 -24.89 -1.62
CA VAL B 973 -3.16 -25.58 -0.36
C VAL B 973 -2.62 -24.72 0.78
N LEU B 974 -3.48 -24.42 1.75
CA LEU B 974 -3.14 -23.43 2.77
C LEU B 974 -2.22 -23.99 3.85
N ASN B 975 -2.08 -25.33 3.93
CA ASN B 975 -1.18 -25.92 4.91
C ASN B 975 0.28 -25.85 4.48
N ASP B 976 0.56 -25.60 3.20
CA ASP B 976 1.93 -25.63 2.72
C ASP B 976 2.63 -24.30 2.96
N ILE B 977 1.86 -23.23 3.24
CA ILE B 977 2.48 -21.93 3.48
C ILE B 977 3.05 -21.87 4.90
N PHE B 978 2.26 -22.26 5.90
CA PHE B 978 2.64 -22.09 7.29
C PHE B 978 3.65 -23.11 7.78
N SER B 979 3.73 -24.27 7.12
CA SER B 979 4.65 -25.33 7.52
C SER B 979 6.00 -25.24 6.82
N ARG B 980 6.17 -24.25 5.93
CA ARG B 980 7.41 -24.11 5.17
C ARG B 980 8.05 -22.74 5.31
N LEU B 981 7.36 -21.69 4.88
CA LEU B 981 7.94 -20.36 4.80
C LEU B 981 7.99 -19.67 6.16
N ASP B 982 8.53 -18.46 6.16
CA ASP B 982 8.69 -17.69 7.39
C ASP B 982 7.35 -17.08 7.79
N PRO B 983 7.06 -16.95 9.09
CA PRO B 983 5.79 -16.31 9.54
C PRO B 983 5.70 -14.80 9.28
N PRO B 984 6.79 -13.99 9.21
CA PRO B 984 6.61 -12.70 8.53
C PRO B 984 6.45 -12.81 7.02
N GLU B 985 6.98 -13.85 6.39
CA GLU B 985 6.83 -13.99 4.94
C GLU B 985 5.54 -14.72 4.57
N ALA B 986 4.85 -15.31 5.54
CA ALA B 986 3.59 -15.97 5.25
C ALA B 986 2.44 -14.98 5.09
N GLU B 987 2.47 -13.88 5.86
CA GLU B 987 1.33 -12.97 5.89
C GLU B 987 1.30 -12.04 4.67
N VAL B 988 2.41 -11.90 3.97
CA VAL B 988 2.38 -11.16 2.71
C VAL B 988 1.91 -12.09 1.57
N GLN B 989 1.76 -13.33 1.89
CA GLN B 989 1.23 -14.16 0.87
C GLN B 989 -0.19 -14.42 1.16
N ILE B 990 -0.56 -14.37 2.42
CA ILE B 990 -1.93 -14.77 2.72
C ILE B 990 -3.01 -13.90 2.23
N ASP B 991 -2.73 -12.63 2.25
CA ASP B 991 -3.72 -11.73 1.80
C ASP B 991 -3.88 -12.02 0.39
N ARG B 992 -2.75 -12.22 -0.23
CA ARG B 992 -2.78 -12.39 -1.61
C ARG B 992 -3.66 -13.53 -1.89
N LEU B 993 -3.50 -14.59 -1.12
CA LEU B 993 -4.25 -15.75 -1.49
C LEU B 993 -5.72 -15.64 -1.26
N ILE B 994 -6.16 -14.49 -0.88
CA ILE B 994 -7.57 -14.37 -0.52
C ILE B 994 -8.18 -13.08 -1.04
N THR B 995 -7.35 -12.15 -1.54
CA THR B 995 -7.86 -11.03 -2.33
C THR B 995 -8.45 -11.54 -3.63
N GLY B 996 -7.77 -12.49 -4.28
CA GLY B 996 -8.32 -13.13 -5.46
C GLY B 996 -9.46 -14.10 -5.15
N ARG B 997 -9.48 -14.64 -3.92
CA ARG B 997 -10.64 -15.42 -3.51
C ARG B 997 -11.83 -14.53 -3.18
N LEU B 998 -11.58 -13.29 -2.74
CA LEU B 998 -12.66 -12.31 -2.72
C LEU B 998 -13.03 -11.87 -4.12
N GLN B 999 -12.06 -11.59 -4.91
CA GLN B 999 -12.49 -11.12 -6.18
C GLN B 999 -13.36 -12.22 -6.61
N SER B 1000 -13.09 -13.39 -6.07
CA SER B 1000 -13.81 -14.49 -6.61
C SER B 1000 -15.24 -14.48 -6.37
N LEU B 1001 -15.58 -14.21 -5.15
CA LEU B 1001 -16.98 -14.34 -4.85
C LEU B 1001 -17.65 -13.31 -5.63
N GLN B 1002 -16.98 -12.22 -5.73
CA GLN B 1002 -17.58 -11.16 -6.41
C GLN B 1002 -17.93 -11.56 -7.81
N THR B 1003 -16.92 -11.86 -8.64
CA THR B 1003 -17.36 -12.26 -9.97
C THR B 1003 -18.50 -13.26 -9.89
N TYR B 1004 -18.63 -13.94 -8.74
CA TYR B 1004 -19.74 -14.87 -8.56
C TYR B 1004 -21.02 -14.14 -8.14
N VAL B 1005 -20.93 -13.22 -7.18
CA VAL B 1005 -22.15 -12.63 -6.62
C VAL B 1005 -22.68 -11.51 -7.52
N THR B 1006 -21.85 -10.90 -8.37
CA THR B 1006 -22.36 -9.95 -9.34
C THR B 1006 -22.92 -10.67 -10.56
N GLN B 1007 -22.53 -11.92 -10.77
CA GLN B 1007 -23.23 -12.77 -11.74
C GLN B 1007 -24.53 -13.30 -11.12
N GLN B 1008 -24.57 -13.41 -9.79
CA GLN B 1008 -25.74 -13.95 -9.11
C GLN B 1008 -26.88 -12.91 -9.07
N LEU B 1009 -26.54 -11.63 -8.91
CA LEU B 1009 -27.58 -10.61 -8.84
C LEU B 1009 -28.12 -10.23 -10.22
N ILE B 1010 -27.33 -10.39 -11.28
CA ILE B 1010 -27.89 -10.14 -12.61
C ILE B 1010 -28.66 -11.36 -13.10
N ARG B 1011 -28.43 -12.54 -12.53
CA ARG B 1011 -29.32 -13.66 -12.75
C ARG B 1011 -30.49 -13.62 -11.78
N ALA B 1012 -30.39 -12.80 -10.72
CA ALA B 1012 -31.56 -12.48 -9.93
C ALA B 1012 -32.39 -11.38 -10.60
N ALA B 1013 -31.74 -10.53 -11.40
CA ALA B 1013 -32.46 -9.46 -12.07
C ALA B 1013 -33.17 -9.96 -13.32
N GLU B 1014 -32.56 -10.91 -14.04
CA GLU B 1014 -33.22 -11.46 -15.22
C GLU B 1014 -34.28 -12.48 -14.86
N ILE B 1015 -34.22 -13.04 -13.64
CA ILE B 1015 -35.32 -13.90 -13.19
C ILE B 1015 -36.41 -13.05 -12.55
N ARG B 1016 -36.12 -11.77 -12.24
CA ARG B 1016 -37.14 -10.85 -11.79
C ARG B 1016 -37.96 -10.34 -12.96
N ALA B 1017 -37.30 -10.03 -14.07
CA ALA B 1017 -37.99 -9.49 -15.24
C ALA B 1017 -38.72 -10.58 -16.01
N SER B 1018 -38.26 -11.83 -15.90
CA SER B 1018 -39.01 -12.93 -16.49
C SER B 1018 -40.22 -13.29 -15.65
N ALA B 1019 -40.14 -13.06 -14.34
CA ALA B 1019 -41.31 -13.22 -13.47
C ALA B 1019 -42.25 -12.03 -13.59
N ASN B 1020 -41.75 -10.89 -14.05
CA ASN B 1020 -42.61 -9.80 -14.47
C ASN B 1020 -43.39 -10.17 -15.72
N LEU B 1021 -42.76 -10.91 -16.63
CA LEU B 1021 -43.46 -11.37 -17.83
C LEU B 1021 -44.36 -12.57 -17.52
N ALA B 1022 -44.00 -13.36 -16.51
CA ALA B 1022 -44.80 -14.53 -16.17
C ALA B 1022 -46.07 -14.13 -15.41
N ALA B 1023 -46.00 -13.06 -14.62
CA ALA B 1023 -47.19 -12.60 -13.91
C ALA B 1023 -48.08 -11.74 -14.80
N THR B 1024 -47.55 -11.23 -15.92
CA THR B 1024 -48.34 -10.40 -16.80
C THR B 1024 -49.23 -11.24 -17.71
N LYS B 1025 -48.71 -12.38 -18.18
CA LYS B 1025 -49.45 -13.23 -19.12
C LYS B 1025 -50.55 -14.03 -18.44
N MET B 1026 -50.29 -14.59 -17.25
CA MET B 1026 -51.31 -15.39 -16.58
C MET B 1026 -52.36 -14.54 -15.87
N SER B 1027 -52.13 -13.23 -15.71
CA SER B 1027 -53.18 -12.35 -15.25
C SER B 1027 -54.12 -11.96 -16.39
N GLU B 1028 -53.63 -12.00 -17.63
CA GLU B 1028 -54.46 -11.66 -18.79
C GLU B 1028 -55.02 -12.90 -19.49
N CYS B 1029 -54.14 -13.79 -19.98
CA CYS B 1029 -54.54 -14.87 -20.89
C CYS B 1029 -55.32 -15.96 -20.14
N VAL B 1030 -54.93 -16.27 -18.91
CA VAL B 1030 -55.68 -17.24 -18.09
C VAL B 1030 -56.95 -16.62 -17.53
N LEU B 1031 -56.84 -15.45 -16.91
CA LEU B 1031 -57.92 -14.87 -16.12
C LEU B 1031 -58.89 -14.00 -16.92
N GLY B 1032 -58.69 -13.89 -18.23
CA GLY B 1032 -59.58 -13.07 -19.01
C GLY B 1032 -59.34 -13.24 -20.49
N GLN B 1033 -59.94 -12.34 -21.27
CA GLN B 1033 -59.76 -12.31 -22.71
C GLN B 1033 -58.99 -11.06 -23.09
N SER B 1034 -57.93 -11.23 -23.88
CA SER B 1034 -57.06 -10.14 -24.28
C SER B 1034 -57.37 -9.72 -25.71
N LYS B 1035 -57.24 -8.41 -25.96
CA LYS B 1035 -57.28 -7.87 -27.31
C LYS B 1035 -55.90 -7.82 -27.96
N ARG B 1036 -54.87 -8.32 -27.27
CA ARG B 1036 -53.51 -8.22 -27.75
C ARG B 1036 -53.20 -9.29 -28.77
N VAL B 1037 -52.55 -8.88 -29.86
CA VAL B 1037 -52.03 -9.79 -30.87
C VAL B 1037 -50.54 -9.95 -30.60
N ASP B 1038 -50.05 -11.21 -30.62
CA ASP B 1038 -48.67 -11.64 -30.36
C ASP B 1038 -48.21 -11.25 -28.95
N PHE B 1039 -49.06 -11.54 -27.97
CA PHE B 1039 -48.77 -11.53 -26.55
C PHE B 1039 -49.18 -12.84 -25.90
N CYS B 1040 -50.44 -13.22 -26.07
CA CYS B 1040 -50.99 -14.54 -25.74
C CYS B 1040 -50.77 -15.56 -26.86
N GLY B 1041 -49.95 -15.24 -27.87
CA GLY B 1041 -49.62 -16.16 -28.94
C GLY B 1041 -50.12 -15.75 -30.31
N LYS B 1042 -49.47 -16.29 -31.35
CA LYS B 1042 -49.74 -15.96 -32.74
C LYS B 1042 -51.07 -16.60 -33.14
N GLY B 1043 -51.93 -15.82 -33.80
CA GLY B 1043 -53.34 -16.14 -33.92
C GLY B 1043 -54.14 -15.40 -32.85
N TYR B 1044 -55.29 -15.96 -32.51
CA TYR B 1044 -56.19 -15.32 -31.56
C TYR B 1044 -56.49 -16.27 -30.41
N HIS B 1045 -56.36 -15.76 -29.20
CA HIS B 1045 -56.34 -16.61 -28.01
C HIS B 1045 -57.76 -17.00 -27.59
N LEU B 1046 -57.91 -18.21 -27.07
CA LEU B 1046 -59.12 -18.65 -26.41
C LEU B 1046 -58.87 -18.95 -24.93
N MET B 1047 -58.27 -20.10 -24.63
CA MET B 1047 -58.07 -20.52 -23.25
C MET B 1047 -56.60 -20.91 -23.04
N SER B 1048 -56.11 -20.66 -21.83
CA SER B 1048 -54.75 -21.03 -21.44
C SER B 1048 -54.76 -22.02 -20.30
N PHE B 1049 -53.99 -23.09 -20.45
CA PHE B 1049 -53.79 -24.08 -19.39
C PHE B 1049 -52.32 -24.11 -19.00
N PRO B 1050 -51.95 -23.55 -17.84
CA PRO B 1050 -50.55 -23.64 -17.40
C PRO B 1050 -50.21 -25.00 -16.83
N GLN B 1051 -48.96 -25.43 -17.04
CA GLN B 1051 -48.47 -26.71 -16.57
C GLN B 1051 -47.24 -26.50 -15.70
N SER B 1052 -46.92 -27.51 -14.89
CA SER B 1052 -45.81 -27.41 -13.94
C SER B 1052 -44.49 -27.77 -14.60
N ALA B 1053 -43.42 -27.12 -14.14
CA ALA B 1053 -42.06 -27.36 -14.60
C ALA B 1053 -41.13 -27.11 -13.43
N PRO B 1054 -39.94 -27.73 -13.43
CA PRO B 1054 -38.90 -27.26 -12.50
C PRO B 1054 -38.35 -25.91 -12.94
N HIS B 1055 -38.25 -24.99 -11.96
CA HIS B 1055 -37.72 -23.61 -12.08
C HIS B 1055 -38.45 -22.78 -13.13
N GLY B 1056 -39.76 -22.97 -13.25
CA GLY B 1056 -40.54 -22.25 -14.24
C GLY B 1056 -41.94 -22.82 -14.31
N VAL B 1057 -42.78 -22.11 -15.06
CA VAL B 1057 -44.14 -22.56 -15.37
C VAL B 1057 -44.30 -22.52 -16.88
N VAL B 1058 -44.55 -23.67 -17.48
CA VAL B 1058 -44.75 -23.77 -18.92
C VAL B 1058 -46.22 -23.50 -19.22
N PHE B 1059 -46.50 -22.46 -19.99
CA PHE B 1059 -47.85 -22.13 -20.39
C PHE B 1059 -48.26 -22.93 -21.62
N LEU B 1060 -49.53 -22.77 -21.99
CA LEU B 1060 -50.10 -23.29 -23.25
C LEU B 1060 -51.10 -22.23 -23.70
N HIS B 1061 -51.26 -22.08 -25.01
CA HIS B 1061 -52.25 -21.15 -25.54
C HIS B 1061 -53.01 -21.79 -26.71
N VAL B 1062 -54.33 -21.82 -26.61
CA VAL B 1062 -55.19 -22.25 -27.70
C VAL B 1062 -55.34 -21.07 -28.65
N THR B 1063 -54.91 -21.26 -29.90
CA THR B 1063 -54.83 -20.18 -30.88
C THR B 1063 -55.82 -20.42 -32.02
N TYR B 1064 -56.21 -19.32 -32.66
CA TYR B 1064 -57.14 -19.34 -33.79
C TYR B 1064 -56.37 -18.90 -35.03
N VAL B 1065 -56.07 -19.86 -35.91
CA VAL B 1065 -55.34 -19.62 -37.15
C VAL B 1065 -56.24 -19.97 -38.33
N PRO B 1066 -56.59 -19.03 -39.20
CA PRO B 1066 -57.32 -19.38 -40.42
C PRO B 1066 -56.39 -20.02 -41.45
N ALA B 1067 -56.96 -20.84 -42.31
CA ALA B 1067 -56.18 -21.63 -43.26
C ALA B 1067 -56.56 -21.35 -44.71
N GLN B 1068 -57.71 -21.84 -45.18
CA GLN B 1068 -58.09 -21.76 -46.58
C GLN B 1068 -59.06 -20.61 -46.79
N GLU B 1069 -58.81 -19.80 -47.82
CA GLU B 1069 -59.64 -18.65 -48.14
C GLU B 1069 -59.95 -18.66 -49.63
N LYS B 1070 -60.92 -17.83 -50.02
CA LYS B 1070 -61.32 -17.69 -51.41
C LYS B 1070 -61.77 -16.25 -51.63
N ASN B 1071 -61.44 -15.69 -52.79
CA ASN B 1071 -61.72 -14.29 -53.07
C ASN B 1071 -63.19 -14.07 -53.42
N PHE B 1072 -63.64 -12.84 -53.19
CA PHE B 1072 -65.00 -12.41 -53.49
C PHE B 1072 -64.95 -10.98 -54.03
N THR B 1073 -66.13 -10.37 -54.17
CA THR B 1073 -66.26 -8.96 -54.54
C THR B 1073 -66.93 -8.20 -53.40
N THR B 1074 -66.72 -6.89 -53.37
CA THR B 1074 -67.26 -6.06 -52.30
C THR B 1074 -67.66 -4.69 -52.85
N ALA B 1075 -68.44 -3.96 -52.04
CA ALA B 1075 -68.81 -2.58 -52.29
C ALA B 1075 -68.82 -1.86 -50.95
N PRO B 1076 -68.39 -0.59 -50.88
CA PRO B 1076 -68.39 0.12 -49.59
C PRO B 1076 -69.77 0.52 -49.08
N ALA B 1077 -70.74 0.80 -49.95
CA ALA B 1077 -72.05 1.26 -49.53
C ALA B 1077 -73.09 0.88 -50.57
N ILE B 1078 -74.35 0.93 -50.17
CA ILE B 1078 -75.48 0.55 -51.02
C ILE B 1078 -76.37 1.77 -51.19
N CYS B 1079 -76.59 2.17 -52.45
CA CYS B 1079 -77.49 3.27 -52.79
C CYS B 1079 -78.86 2.65 -53.12
N HIS B 1080 -79.90 3.12 -52.43
CA HIS B 1080 -81.24 2.56 -52.62
C HIS B 1080 -82.24 3.62 -53.05
N ASP B 1081 -82.67 4.47 -52.11
CA ASP B 1081 -83.66 5.51 -52.37
C ASP B 1081 -82.98 6.86 -52.63
N GLY B 1082 -81.65 6.85 -52.68
CA GLY B 1082 -80.88 8.06 -52.70
C GLY B 1082 -80.14 8.35 -51.40
N LYS B 1083 -80.25 7.46 -50.42
CA LYS B 1083 -79.52 7.57 -49.16
C LYS B 1083 -78.58 6.40 -49.04
N ALA B 1084 -77.37 6.65 -48.54
CA ALA B 1084 -76.36 5.62 -48.41
C ALA B 1084 -76.64 4.73 -47.20
N HIS B 1085 -76.16 3.49 -47.25
CA HIS B 1085 -76.34 2.53 -46.17
C HIS B 1085 -74.98 2.01 -45.74
N PHE B 1086 -74.76 1.92 -44.43
CA PHE B 1086 -73.52 1.44 -43.86
C PHE B 1086 -73.80 0.42 -42.78
N PRO B 1087 -73.03 -0.66 -42.69
CA PRO B 1087 -73.36 -1.74 -41.76
C PRO B 1087 -72.98 -1.44 -40.32
N ARG B 1088 -73.72 -2.05 -39.40
CA ARG B 1088 -73.38 -2.00 -37.97
C ARG B 1088 -72.35 -3.06 -37.63
N GLU B 1089 -72.76 -4.33 -37.64
CA GLU B 1089 -71.83 -5.47 -37.49
C GLU B 1089 -71.89 -6.27 -38.79
N GLY B 1090 -70.83 -6.21 -39.57
CA GLY B 1090 -70.69 -7.05 -40.74
C GLY B 1090 -69.76 -6.45 -41.76
N VAL B 1091 -69.42 -7.27 -42.77
CA VAL B 1091 -68.61 -6.86 -43.92
C VAL B 1091 -69.46 -7.14 -45.15
N PHE B 1092 -69.53 -6.17 -46.08
CA PHE B 1092 -70.22 -6.39 -47.34
C PHE B 1092 -69.38 -7.31 -48.23
N VAL B 1093 -69.94 -8.46 -48.58
CA VAL B 1093 -69.31 -9.48 -49.41
C VAL B 1093 -70.32 -9.90 -50.46
N SER B 1094 -69.98 -9.73 -51.73
CA SER B 1094 -70.80 -10.18 -52.85
C SER B 1094 -70.06 -11.26 -53.64
N ASN B 1095 -70.77 -12.32 -53.99
CA ASN B 1095 -70.18 -13.43 -54.73
C ASN B 1095 -70.29 -13.25 -56.24
N GLY B 1096 -70.84 -12.13 -56.71
CA GLY B 1096 -71.02 -11.87 -58.11
C GLY B 1096 -72.41 -12.13 -58.63
N THR B 1097 -73.22 -12.88 -57.88
CA THR B 1097 -74.59 -13.21 -58.25
C THR B 1097 -75.62 -12.54 -57.36
N HIS B 1098 -75.65 -12.90 -56.08
CA HIS B 1098 -76.60 -12.36 -55.12
C HIS B 1098 -75.85 -11.52 -54.09
N TRP B 1099 -76.59 -11.04 -53.09
CA TRP B 1099 -76.05 -10.16 -52.06
C TRP B 1099 -76.19 -10.83 -50.71
N PHE B 1100 -75.08 -10.91 -49.96
CA PHE B 1100 -75.05 -11.55 -48.66
C PHE B 1100 -74.28 -10.69 -47.67
N VAL B 1101 -74.44 -11.02 -46.38
CA VAL B 1101 -73.71 -10.38 -45.29
C VAL B 1101 -72.80 -11.42 -44.65
N THR B 1102 -71.51 -11.13 -44.61
CA THR B 1102 -70.52 -12.11 -44.17
C THR B 1102 -69.64 -11.45 -43.12
N GLN B 1103 -69.31 -12.20 -42.06
CA GLN B 1103 -68.47 -11.69 -40.99
C GLN B 1103 -66.99 -11.74 -41.38
N ARG B 1104 -66.14 -11.35 -40.42
CA ARG B 1104 -64.73 -11.12 -40.70
C ARG B 1104 -63.93 -12.42 -40.82
N ASN B 1105 -64.06 -13.32 -39.86
CA ASN B 1105 -63.18 -14.48 -39.76
C ASN B 1105 -63.75 -15.74 -40.37
N PHE B 1106 -64.99 -15.71 -40.88
CA PHE B 1106 -65.64 -16.92 -41.35
C PHE B 1106 -66.66 -16.55 -42.43
N TYR B 1107 -67.09 -17.57 -43.17
CA TYR B 1107 -68.02 -17.40 -44.27
C TYR B 1107 -69.39 -17.97 -43.90
N GLU B 1108 -70.42 -17.11 -43.97
CA GLU B 1108 -71.79 -17.58 -43.84
C GLU B 1108 -72.67 -16.75 -44.78
N PRO B 1109 -73.71 -17.34 -45.38
CA PRO B 1109 -74.73 -16.52 -46.06
C PRO B 1109 -75.70 -15.90 -45.08
N GLN B 1110 -76.13 -14.68 -45.38
CA GLN B 1110 -77.15 -13.98 -44.61
C GLN B 1110 -78.07 -13.21 -45.54
N ILE B 1111 -79.29 -12.97 -45.08
CA ILE B 1111 -80.27 -12.18 -45.82
C ILE B 1111 -80.26 -10.76 -45.25
N ILE B 1112 -80.12 -9.78 -46.14
CA ILE B 1112 -79.99 -8.38 -45.72
C ILE B 1112 -81.35 -7.84 -45.29
N THR B 1113 -81.38 -7.21 -44.11
CA THR B 1113 -82.57 -6.56 -43.56
C THR B 1113 -82.24 -5.09 -43.31
N THR B 1114 -83.23 -4.38 -42.74
CA THR B 1114 -83.02 -2.99 -42.35
C THR B 1114 -82.43 -2.86 -40.95
N ASP B 1115 -82.39 -3.95 -40.18
CA ASP B 1115 -81.85 -3.89 -38.83
C ASP B 1115 -80.33 -3.92 -38.81
N ASN B 1116 -79.71 -4.55 -39.81
CA ASN B 1116 -78.26 -4.70 -39.84
C ASN B 1116 -77.52 -3.44 -40.27
N THR B 1117 -78.15 -2.58 -41.07
CA THR B 1117 -77.53 -1.35 -41.56
C THR B 1117 -78.29 -0.14 -41.05
N PHE B 1118 -77.58 0.99 -40.97
CA PHE B 1118 -78.16 2.26 -40.59
C PHE B 1118 -78.14 3.20 -41.79
N VAL B 1119 -79.11 4.09 -41.85
CA VAL B 1119 -79.26 5.02 -42.97
C VAL B 1119 -78.57 6.33 -42.61
N SER B 1120 -77.47 6.63 -43.31
CA SER B 1120 -76.75 7.89 -43.11
C SER B 1120 -76.09 8.27 -44.43
N GLY B 1121 -76.07 9.57 -44.74
CA GLY B 1121 -75.36 10.06 -45.90
C GLY B 1121 -76.12 9.90 -47.20
N ASN B 1122 -75.59 10.55 -48.24
CA ASN B 1122 -76.13 10.48 -49.58
C ASN B 1122 -75.26 9.58 -50.45
N CYS B 1123 -75.69 9.39 -51.70
CA CYS B 1123 -74.98 8.50 -52.62
C CYS B 1123 -73.86 9.19 -53.38
N ASP B 1124 -73.79 10.52 -53.36
CA ASP B 1124 -72.79 11.25 -54.12
C ASP B 1124 -71.45 11.37 -53.40
N VAL B 1125 -71.40 11.14 -52.08
CA VAL B 1125 -70.20 11.31 -51.30
C VAL B 1125 -69.37 10.04 -51.18
N VAL B 1126 -69.89 8.90 -51.64
CA VAL B 1126 -69.22 7.61 -51.49
C VAL B 1126 -68.58 7.22 -52.81
N ILE B 1127 -67.28 6.98 -52.79
CA ILE B 1127 -66.53 6.57 -53.97
C ILE B 1127 -66.69 5.06 -54.14
N GLY B 1128 -67.23 4.65 -55.28
CA GLY B 1128 -67.41 3.24 -55.58
C GLY B 1128 -68.72 2.63 -55.13
N ILE B 1129 -69.76 3.44 -54.96
CA ILE B 1129 -71.04 2.95 -54.45
C ILE B 1129 -71.81 2.31 -55.61
N VAL B 1130 -72.48 1.21 -55.33
CA VAL B 1130 -73.27 0.51 -56.33
C VAL B 1130 -74.74 0.77 -56.06
N ASN B 1131 -75.61 0.21 -56.90
CA ASN B 1131 -77.05 0.33 -56.76
C ASN B 1131 -77.64 -1.06 -56.50
N ASN B 1132 -78.19 -1.25 -55.31
CA ASN B 1132 -78.80 -2.51 -54.94
C ASN B 1132 -80.03 -2.20 -54.09
N THR B 1133 -81.00 -3.12 -54.13
CA THR B 1133 -82.22 -2.97 -53.35
C THR B 1133 -81.97 -3.33 -51.88
N VAL B 1134 -82.83 -2.80 -51.02
CA VAL B 1134 -82.80 -3.08 -49.59
C VAL B 1134 -84.09 -3.81 -49.24
N TYR B 1135 -83.96 -5.03 -48.72
CA TYR B 1135 -85.13 -5.84 -48.38
C TYR B 1135 -85.71 -5.35 -47.06
N ASP B 1136 -86.97 -4.96 -47.08
CA ASP B 1136 -87.65 -4.53 -45.86
C ASP B 1136 -88.46 -5.70 -45.32
N PRO B 1137 -88.17 -6.19 -44.10
CA PRO B 1137 -88.97 -7.29 -43.54
C PRO B 1137 -90.38 -6.90 -43.10
N LEU B 1138 -90.65 -5.60 -42.91
CA LEU B 1138 -91.99 -5.17 -42.49
C LEU B 1138 -93.01 -5.23 -43.61
N GLN B 1139 -92.57 -5.09 -44.87
CA GLN B 1139 -93.44 -5.12 -46.04
C GLN B 1139 -94.14 -6.46 -46.36
N PRO B 1140 -93.55 -7.66 -46.18
CA PRO B 1140 -94.41 -8.86 -46.20
C PRO B 1140 -95.29 -9.03 -44.97
N GLU B 1141 -95.00 -8.36 -43.84
CA GLU B 1141 -95.79 -8.52 -42.63
C GLU B 1141 -97.10 -7.75 -42.65
N LEU B 1142 -97.30 -6.85 -43.63
CA LEU B 1142 -98.60 -6.22 -43.79
C LEU B 1142 -99.62 -7.17 -44.40
N ASP B 1143 -99.21 -7.97 -45.37
CA ASP B 1143 -100.08 -8.98 -45.99
C ASP B 1143 -100.21 -10.21 -45.10
N SER B 1144 -99.11 -10.71 -44.55
CA SER B 1144 -99.14 -11.90 -43.70
C SER B 1144 -99.61 -11.56 -42.30
N GLN C 14 35.47 51.03 -14.40
CA GLN C 14 34.75 49.82 -14.75
C GLN C 14 33.53 49.63 -13.86
N CYS C 15 33.60 50.17 -12.65
CA CYS C 15 32.51 50.04 -11.69
C CYS C 15 31.53 51.21 -11.75
N VAL C 16 31.78 52.20 -12.61
CA VAL C 16 30.90 53.36 -12.71
C VAL C 16 29.79 53.04 -13.71
N ASN C 17 28.57 53.48 -13.38
CA ASN C 17 27.39 53.25 -14.21
C ASN C 17 27.00 54.53 -14.95
N LEU C 18 25.91 54.46 -15.71
CA LEU C 18 25.39 55.62 -16.42
C LEU C 18 24.44 56.39 -15.51
N THR C 19 24.79 57.65 -15.24
CA THR C 19 24.08 58.46 -14.26
C THR C 19 23.00 59.35 -14.88
N THR C 20 22.80 59.27 -16.20
CA THR C 20 21.85 60.12 -16.91
C THR C 20 20.50 59.44 -17.07
N ARG C 21 20.35 58.24 -16.50
CA ARG C 21 19.14 57.46 -16.63
C ARG C 21 18.03 58.00 -15.73
N THR C 22 16.78 57.71 -16.12
CA THR C 22 15.61 58.09 -15.35
C THR C 22 14.64 56.92 -15.35
N GLN C 23 14.28 56.44 -14.15
CA GLN C 23 13.43 55.27 -14.03
C GLN C 23 11.95 55.62 -14.19
N LEU C 24 11.20 54.68 -14.75
CA LEU C 24 9.76 54.78 -14.90
C LEU C 24 9.05 54.17 -13.69
N PRO C 25 7.84 54.67 -13.35
CA PRO C 25 7.07 54.01 -12.29
C PRO C 25 6.47 52.70 -12.77
N PRO C 26 6.33 51.68 -11.88
CA PRO C 26 5.85 50.37 -12.33
C PRO C 26 4.36 50.29 -12.58
N ALA C 27 3.94 50.71 -13.78
CA ALA C 27 2.56 50.56 -14.21
C ALA C 27 2.27 49.09 -14.55
N TYR C 28 0.98 48.74 -14.54
CA TYR C 28 0.56 47.36 -14.74
C TYR C 28 -0.34 47.25 -15.97
N THR C 29 -0.07 46.23 -16.80
CA THR C 29 -0.89 45.93 -17.97
C THR C 29 -1.36 44.48 -17.90
N ASN C 30 -2.00 43.99 -18.98
CA ASN C 30 -2.50 42.64 -19.02
C ASN C 30 -2.22 41.99 -20.37
N SER C 31 -2.35 40.67 -20.41
CA SER C 31 -2.18 39.88 -21.62
C SER C 31 -3.30 38.87 -21.73
N PHE C 32 -3.46 38.25 -22.90
CA PHE C 32 -4.61 37.38 -23.11
C PHE C 32 -4.22 35.92 -23.28
N THR C 33 -3.76 35.54 -24.48
CA THR C 33 -3.49 34.15 -24.83
C THR C 33 -2.02 33.77 -24.76
N ARG C 34 -1.15 34.68 -24.34
CA ARG C 34 0.30 34.50 -24.44
C ARG C 34 0.80 33.54 -23.35
N GLY C 35 1.82 32.76 -23.67
CA GLY C 35 2.42 31.84 -22.71
C GLY C 35 2.10 30.38 -22.90
N VAL C 36 1.58 30.01 -24.07
CA VAL C 36 1.24 28.63 -24.39
C VAL C 36 2.42 28.00 -25.11
N TYR C 37 2.92 26.88 -24.58
CA TYR C 37 4.10 26.22 -25.12
C TYR C 37 3.91 24.70 -25.13
N TYR C 38 4.83 24.02 -25.81
CA TYR C 38 4.84 22.56 -25.83
C TYR C 38 5.33 22.02 -24.49
N PRO C 39 4.54 21.22 -23.77
CA PRO C 39 5.00 20.68 -22.48
C PRO C 39 6.05 19.58 -22.57
N ASP C 40 6.11 18.84 -23.68
CA ASP C 40 7.02 17.70 -23.78
C ASP C 40 7.53 17.57 -25.21
N LYS C 41 8.36 16.54 -25.42
CA LYS C 41 8.96 16.26 -26.72
C LYS C 41 8.15 15.24 -27.54
N VAL C 42 7.01 14.82 -27.02
CA VAL C 42 6.18 13.81 -27.66
C VAL C 42 5.27 14.50 -28.66
N PHE C 43 5.35 14.09 -29.92
CA PHE C 43 4.51 14.64 -30.98
C PHE C 43 3.10 14.09 -30.86
N ARG C 44 2.11 14.96 -31.00
CA ARG C 44 0.71 14.58 -30.86
C ARG C 44 -0.07 14.99 -32.10
N SER C 45 -1.08 14.19 -32.44
CA SER C 45 -2.07 14.57 -33.44
C SER C 45 -3.45 14.27 -32.89
N SER C 46 -4.22 15.34 -32.62
CA SER C 46 -5.63 15.34 -32.17
C SER C 46 -5.84 14.55 -30.86
N VAL C 47 -4.87 14.61 -29.96
CA VAL C 47 -4.91 13.90 -28.69
C VAL C 47 -5.15 14.90 -27.58
N LEU C 48 -6.30 14.79 -26.91
CA LEU C 48 -6.63 15.68 -25.81
C LEU C 48 -5.97 15.15 -24.55
N HIS C 49 -5.12 15.97 -23.94
CA HIS C 49 -4.28 15.55 -22.82
C HIS C 49 -3.99 16.74 -21.93
N SER C 50 -3.87 16.48 -20.62
CA SER C 50 -3.56 17.51 -19.63
C SER C 50 -2.21 17.20 -19.01
N THR C 51 -1.31 18.19 -19.05
CA THR C 51 0.04 18.05 -18.51
C THR C 51 0.33 19.24 -17.62
N GLN C 52 0.64 18.98 -16.35
CA GLN C 52 0.96 20.05 -15.41
C GLN C 52 2.41 20.48 -15.53
N ASP C 53 2.59 21.79 -15.67
CA ASP C 53 3.90 22.44 -15.77
C ASP C 53 3.67 23.87 -15.29
N LEU C 54 4.70 24.70 -15.36
CA LEU C 54 4.58 26.11 -14.97
C LEU C 54 3.93 26.89 -16.11
N PHE C 55 2.78 27.50 -15.84
CA PHE C 55 2.04 28.26 -16.84
C PHE C 55 1.59 29.60 -16.27
N LEU C 56 1.29 30.52 -17.18
CA LEU C 56 0.79 31.87 -16.88
C LEU C 56 -0.74 31.83 -16.78
N PRO C 57 -1.34 32.67 -15.92
CA PRO C 57 -2.80 32.81 -15.95
C PRO C 57 -3.29 33.55 -17.19
N PHE C 58 -4.58 33.36 -17.47
CA PHE C 58 -5.24 34.17 -18.49
C PHE C 58 -5.88 35.38 -17.81
N PHE C 59 -5.86 36.52 -18.53
CA PHE C 59 -6.05 37.89 -18.00
C PHE C 59 -5.15 38.17 -16.80
N SER C 60 -3.89 37.80 -16.93
CA SER C 60 -2.91 37.93 -15.86
C SER C 60 -2.43 39.37 -15.72
N ASN C 61 -1.94 39.69 -14.52
CA ASN C 61 -1.40 41.01 -14.23
C ASN C 61 0.11 41.01 -14.48
N VAL C 62 0.54 41.75 -15.48
CA VAL C 62 1.95 41.87 -15.81
C VAL C 62 2.37 43.32 -15.65
N THR C 63 3.66 43.53 -15.45
CA THR C 63 4.22 44.86 -15.17
C THR C 63 4.66 45.49 -16.49
N TRP C 64 4.23 46.73 -16.73
CA TRP C 64 4.62 47.46 -17.93
C TRP C 64 6.07 47.93 -17.83
N PHE C 65 6.83 47.67 -18.89
CA PHE C 65 8.19 48.17 -19.03
C PHE C 65 8.34 48.79 -20.42
N HIS C 66 9.07 49.89 -20.49
CA HIS C 66 9.33 50.55 -21.76
C HIS C 66 10.69 51.22 -21.70
N VAL C 67 11.42 51.18 -22.82
CA VAL C 67 12.72 51.81 -22.95
C VAL C 67 12.62 52.87 -24.04
N ILE C 68 12.78 54.14 -23.67
CA ILE C 68 12.74 55.22 -24.63
C ILE C 68 13.67 56.35 -24.18
N LYS C 75 15.79 59.79 -22.86
CA LYS C 75 16.69 58.95 -22.07
C LYS C 75 15.95 58.34 -20.88
N ARG C 76 14.89 57.59 -21.17
CA ARG C 76 14.10 56.94 -20.12
C ARG C 76 14.43 55.45 -20.12
N PHE C 77 15.08 55.02 -19.04
CA PHE C 77 15.46 53.62 -18.90
C PHE C 77 14.86 53.04 -17.63
N ASP C 78 14.11 51.94 -17.80
CA ASP C 78 13.45 51.29 -16.67
C ASP C 78 14.13 49.93 -16.50
N ASN C 79 14.91 49.79 -15.43
CA ASN C 79 15.51 48.51 -15.05
C ASN C 79 15.48 48.35 -13.54
N PRO C 80 14.34 47.88 -12.98
CA PRO C 80 14.30 47.64 -11.52
C PRO C 80 14.74 46.23 -11.16
N VAL C 81 14.63 45.87 -9.89
CA VAL C 81 15.03 44.56 -9.39
C VAL C 81 13.77 43.77 -9.05
N LEU C 82 13.61 42.60 -9.67
CA LEU C 82 12.45 41.76 -9.44
C LEU C 82 12.88 40.37 -8.96
N PRO C 83 12.15 39.76 -8.03
CA PRO C 83 12.54 38.43 -7.54
C PRO C 83 12.18 37.32 -8.52
N PHE C 84 12.89 36.20 -8.37
CA PHE C 84 12.71 35.02 -9.22
C PHE C 84 12.43 33.83 -8.31
N ASN C 85 11.28 33.19 -8.51
CA ASN C 85 10.87 32.05 -7.69
C ASN C 85 10.95 30.72 -8.43
N ASP C 86 10.19 30.55 -9.52
CA ASP C 86 10.22 29.31 -10.28
C ASP C 86 10.54 29.57 -11.76
N GLY C 87 9.73 30.36 -12.45
CA GLY C 87 10.00 30.73 -13.82
C GLY C 87 9.38 32.06 -14.19
N VAL C 88 9.94 32.75 -15.19
CA VAL C 88 9.41 34.01 -15.69
C VAL C 88 9.35 33.94 -17.21
N TYR C 89 8.64 34.90 -17.79
CA TYR C 89 8.63 35.10 -19.23
C TYR C 89 9.28 36.43 -19.59
N PHE C 90 9.80 36.49 -20.82
CA PHE C 90 10.21 37.73 -21.45
C PHE C 90 9.63 37.75 -22.86
N ALA C 91 8.71 38.68 -23.11
CA ALA C 91 8.22 38.94 -24.46
C ALA C 91 8.65 40.36 -24.81
N SER C 92 9.62 40.47 -25.72
CA SER C 92 10.21 41.75 -26.06
C SER C 92 9.92 42.08 -27.52
N ILE C 93 9.09 43.10 -27.74
CA ILE C 93 8.91 43.70 -29.05
C ILE C 93 10.17 44.51 -29.35
N GLU C 94 10.62 44.46 -30.60
CA GLU C 94 11.97 44.91 -30.92
C GLU C 94 11.96 45.68 -32.23
N LYS C 95 12.51 46.89 -32.20
CA LYS C 95 12.66 47.75 -33.37
C LYS C 95 14.08 48.26 -33.53
N SER C 96 14.57 49.02 -32.56
CA SER C 96 15.91 49.61 -32.58
C SER C 96 16.99 48.69 -32.01
N ASN C 97 16.63 47.43 -31.69
CA ASN C 97 17.46 46.32 -31.23
C ASN C 97 18.18 46.62 -29.93
N ILE C 98 17.46 47.11 -28.93
CA ILE C 98 18.02 47.50 -27.65
C ILE C 98 18.29 46.29 -26.77
N ILE C 99 17.33 45.37 -26.66
CA ILE C 99 17.44 44.31 -25.67
C ILE C 99 18.17 43.13 -26.29
N ARG C 100 19.41 42.91 -25.86
CA ARG C 100 20.26 41.83 -26.31
C ARG C 100 20.04 40.52 -25.56
N GLY C 101 19.94 40.59 -24.24
CA GLY C 101 19.87 39.41 -23.40
C GLY C 101 19.67 39.79 -21.96
N TRP C 102 19.88 38.81 -21.06
CA TRP C 102 19.63 39.00 -19.64
C TRP C 102 20.75 38.37 -18.82
N ILE C 103 20.99 38.95 -17.65
CA ILE C 103 22.02 38.51 -16.72
C ILE C 103 21.32 37.94 -15.48
N PHE C 104 21.88 36.88 -14.91
CA PHE C 104 21.25 36.13 -13.84
C PHE C 104 22.23 35.93 -12.69
N GLY C 105 21.71 35.51 -11.55
CA GLY C 105 22.54 35.27 -10.38
C GLY C 105 21.70 35.28 -9.12
N THR C 106 22.36 34.97 -8.01
CA THR C 106 21.73 34.98 -6.69
C THR C 106 22.01 36.27 -5.94
N THR C 107 23.26 36.45 -5.48
CA THR C 107 23.69 37.69 -4.85
C THR C 107 24.42 38.62 -5.81
N LEU C 108 24.52 38.22 -7.09
CA LEU C 108 25.09 38.97 -8.23
C LEU C 108 26.55 39.36 -8.01
N ASP C 109 27.36 38.36 -7.64
CA ASP C 109 28.78 38.55 -7.40
C ASP C 109 29.51 37.26 -7.74
N SER C 110 30.79 37.20 -7.36
CA SER C 110 31.62 36.02 -7.62
C SER C 110 31.54 35.00 -6.50
N LYS C 111 30.71 35.21 -5.48
CA LYS C 111 30.53 34.21 -4.45
C LYS C 111 29.59 33.09 -4.90
N THR C 112 28.77 33.35 -5.92
CA THR C 112 27.85 32.38 -6.48
C THR C 112 27.98 32.38 -7.99
N GLN C 113 27.38 31.38 -8.63
CA GLN C 113 27.44 31.25 -10.08
C GLN C 113 26.46 32.21 -10.74
N SER C 114 26.75 32.59 -11.98
CA SER C 114 25.95 33.56 -12.72
C SER C 114 25.81 33.10 -14.16
N LEU C 115 24.61 33.23 -14.71
CA LEU C 115 24.34 32.88 -16.11
C LEU C 115 24.46 34.12 -16.97
N LEU C 116 25.34 34.07 -17.98
CA LEU C 116 25.61 35.18 -18.86
C LEU C 116 25.20 34.82 -20.29
N ILE C 117 24.23 35.53 -20.83
CA ILE C 117 23.86 35.45 -22.24
C ILE C 117 24.10 36.82 -22.86
N VAL C 118 25.09 36.90 -23.75
CA VAL C 118 25.50 38.17 -24.34
C VAL C 118 25.98 37.87 -25.75
N ASN C 119 25.88 38.86 -26.64
CA ASN C 119 26.24 38.70 -28.04
C ASN C 119 27.29 39.75 -28.40
N ASN C 120 28.39 39.30 -29.01
CA ASN C 120 29.44 40.14 -29.56
C ASN C 120 29.22 40.44 -31.04
N ALA C 121 28.00 40.15 -31.54
CA ALA C 121 27.49 40.31 -32.92
C ALA C 121 28.19 39.39 -33.91
N THR C 122 28.59 38.20 -33.46
CA THR C 122 28.85 37.07 -34.34
C THR C 122 28.09 35.83 -33.85
N ASN C 123 28.35 35.36 -32.63
CA ASN C 123 27.66 34.21 -32.07
C ASN C 123 27.20 34.59 -30.66
N VAL C 124 26.10 34.00 -30.21
CA VAL C 124 25.58 34.25 -28.87
C VAL C 124 26.38 33.39 -27.89
N VAL C 125 27.04 34.04 -26.93
CA VAL C 125 27.90 33.35 -25.98
C VAL C 125 27.11 33.05 -24.71
N ILE C 126 26.98 31.76 -24.40
CA ILE C 126 26.28 31.31 -23.20
C ILE C 126 27.29 30.55 -22.34
N LYS C 127 27.55 31.06 -21.14
CA LYS C 127 28.48 30.44 -20.22
C LYS C 127 28.07 30.74 -18.79
N VAL C 128 28.46 29.86 -17.87
CA VAL C 128 28.19 30.02 -16.45
C VAL C 128 29.53 30.12 -15.73
N CYS C 129 29.80 31.28 -15.15
CA CYS C 129 31.04 31.51 -14.41
C CYS C 129 30.78 32.59 -13.37
N GLU C 130 31.69 32.71 -12.42
CA GLU C 130 31.57 33.67 -11.34
C GLU C 130 32.20 34.99 -11.77
N PHE C 131 31.40 36.05 -11.79
CA PHE C 131 31.85 37.37 -12.23
C PHE C 131 31.53 38.42 -11.17
N GLN C 132 32.47 39.34 -10.95
CA GLN C 132 32.16 40.56 -10.20
C GLN C 132 31.51 41.58 -11.12
N PHE C 133 30.40 42.14 -10.69
CA PHE C 133 29.62 43.06 -11.52
C PHE C 133 29.88 44.51 -11.14
N CYS C 134 29.29 45.41 -11.91
CA CYS C 134 29.16 46.82 -11.57
C CYS C 134 27.75 47.05 -11.03
N ASN C 135 27.38 48.32 -10.84
CA ASN C 135 26.05 48.64 -10.35
C ASN C 135 24.98 48.43 -11.43
N ASP C 136 25.14 49.09 -12.57
CA ASP C 136 24.25 48.89 -13.73
C ASP C 136 25.07 48.37 -14.90
N PRO C 137 24.90 47.11 -15.31
CA PRO C 137 25.60 46.63 -16.51
C PRO C 137 24.95 47.13 -17.79
N PHE C 138 25.81 47.46 -18.76
CA PHE C 138 25.37 47.93 -20.07
C PHE C 138 26.45 47.58 -21.09
N LEU C 139 26.06 47.62 -22.36
CA LEU C 139 26.98 47.40 -23.47
C LEU C 139 26.93 48.62 -24.37
N ASP C 140 28.08 49.00 -24.91
CA ASP C 140 28.18 50.19 -25.76
C ASP C 140 28.71 49.87 -27.17
N MET C 148 27.99 50.57 -35.53
CA MET C 148 28.21 49.16 -35.26
C MET C 148 28.83 48.95 -33.88
N GLU C 149 29.14 47.69 -33.55
CA GLU C 149 29.70 47.34 -32.26
C GLU C 149 31.18 47.67 -32.28
N SER C 150 31.67 48.31 -31.20
CA SER C 150 33.09 48.61 -31.09
C SER C 150 33.77 47.71 -30.06
N GLU C 151 33.46 47.91 -28.79
CA GLU C 151 33.97 47.05 -27.72
C GLU C 151 32.85 46.75 -26.74
N PHE C 152 33.04 45.75 -25.90
CA PHE C 152 32.04 45.32 -24.94
C PHE C 152 32.69 45.04 -23.60
N ARG C 153 32.02 45.44 -22.53
CA ARG C 153 32.44 45.07 -21.18
C ARG C 153 31.21 44.84 -20.31
N VAL C 154 31.27 43.79 -19.49
CA VAL C 154 30.27 43.52 -18.47
C VAL C 154 30.90 43.43 -17.08
N TYR C 155 31.82 42.49 -16.89
CA TYR C 155 32.41 42.14 -15.60
C TYR C 155 33.69 42.93 -15.36
N SER C 156 34.40 42.55 -14.31
CA SER C 156 35.74 43.03 -14.00
C SER C 156 36.75 41.90 -13.87
N SER C 157 36.56 41.01 -12.89
CA SER C 157 37.43 39.85 -12.73
C SER C 157 36.59 38.58 -12.87
N ALA C 158 37.26 37.49 -13.18
CA ALA C 158 36.57 36.22 -13.44
C ALA C 158 37.40 35.07 -12.89
N ASN C 159 36.73 34.14 -12.21
CA ASN C 159 37.37 32.93 -11.70
C ASN C 159 36.34 31.81 -11.62
N ASN C 160 36.84 30.56 -11.72
CA ASN C 160 36.12 29.29 -11.58
C ASN C 160 34.99 29.17 -12.61
N CYS C 161 35.40 29.01 -13.87
CA CYS C 161 34.46 28.87 -14.97
C CYS C 161 34.20 27.39 -15.27
N THR C 162 32.92 27.03 -15.31
CA THR C 162 32.51 25.64 -15.48
C THR C 162 31.81 25.39 -16.81
N PHE C 163 30.58 25.85 -16.97
CA PHE C 163 29.74 25.51 -18.12
C PHE C 163 30.10 26.42 -19.29
N GLU C 164 30.34 25.81 -20.46
CA GLU C 164 30.60 26.52 -21.70
C GLU C 164 29.72 25.93 -22.79
N TYR C 165 29.15 26.80 -23.62
CA TYR C 165 28.26 26.36 -24.70
C TYR C 165 28.45 27.26 -25.90
N VAL C 166 28.45 26.65 -27.09
CA VAL C 166 28.56 27.37 -28.36
C VAL C 166 27.23 27.21 -29.10
N SER C 167 26.56 28.33 -29.34
CA SER C 167 25.25 28.35 -29.97
C SER C 167 25.38 28.62 -31.47
N GLN C 168 24.24 28.80 -32.13
CA GLN C 168 24.23 29.13 -33.55
C GLN C 168 24.47 30.63 -33.74
N PRO C 169 25.14 31.02 -34.84
CA PRO C 169 25.42 32.45 -35.05
C PRO C 169 24.21 33.24 -35.51
N PHE C 170 24.28 34.55 -35.26
CA PHE C 170 23.25 35.50 -35.65
C PHE C 170 23.89 36.78 -36.16
N LEU C 171 23.08 37.63 -36.77
CA LEU C 171 23.49 38.95 -37.23
C LEU C 171 22.79 40.00 -36.38
N MET C 172 23.45 41.15 -36.21
CA MET C 172 22.96 42.17 -35.29
C MET C 172 23.09 43.54 -35.95
N ASP C 173 22.02 44.34 -35.89
CA ASP C 173 22.01 45.67 -36.46
C ASP C 173 21.72 46.69 -35.36
N LEU C 174 22.69 47.55 -35.08
CA LEU C 174 22.63 48.50 -33.97
C LEU C 174 22.13 49.88 -34.40
N GLU C 175 21.69 50.01 -35.67
CA GLU C 175 21.22 51.28 -36.20
C GLU C 175 19.85 51.63 -35.62
N GLY C 176 19.77 52.81 -35.00
CA GLY C 176 18.57 53.27 -34.33
C GLY C 176 17.42 53.66 -35.24
N LYS C 177 16.24 53.10 -34.98
CA LYS C 177 15.03 53.45 -35.70
C LYS C 177 13.86 53.40 -34.74
N GLN C 178 13.00 54.42 -34.78
CA GLN C 178 11.79 54.44 -33.97
C GLN C 178 10.57 54.35 -34.88
N GLY C 179 9.51 53.79 -34.34
CA GLY C 179 8.29 53.58 -35.11
C GLY C 179 7.51 52.40 -34.54
N ASN C 180 6.69 51.82 -35.40
CA ASN C 180 5.88 50.66 -35.03
C ASN C 180 6.73 49.40 -34.94
N PHE C 181 6.23 48.43 -34.18
CA PHE C 181 6.92 47.17 -33.97
C PHE C 181 6.34 46.09 -34.88
N LYS C 182 7.18 45.62 -35.81
CA LYS C 182 6.74 44.69 -36.84
C LYS C 182 6.95 43.23 -36.44
N ASN C 183 7.65 42.96 -35.33
CA ASN C 183 7.94 41.59 -34.93
C ASN C 183 8.07 41.53 -33.41
N LEU C 184 8.01 40.30 -32.89
CA LEU C 184 8.17 40.06 -31.46
C LEU C 184 9.14 38.90 -31.25
N ARG C 185 10.01 39.04 -30.26
CA ARG C 185 10.93 37.98 -29.85
C ARG C 185 10.59 37.58 -28.42
N GLU C 186 10.42 36.28 -28.19
CA GLU C 186 9.96 35.79 -26.90
C GLU C 186 10.88 34.66 -26.45
N PHE C 187 11.16 34.60 -25.15
CA PHE C 187 11.96 33.55 -24.55
C PHE C 187 11.29 33.07 -23.27
N VAL C 188 11.47 31.79 -22.96
CA VAL C 188 10.92 31.17 -21.76
C VAL C 188 12.09 30.69 -20.91
N PHE C 189 12.20 31.26 -19.70
CA PHE C 189 13.29 30.94 -18.78
C PHE C 189 12.68 30.32 -17.53
N LYS C 190 12.94 29.04 -17.31
CA LYS C 190 12.41 28.30 -16.17
C LYS C 190 13.47 27.32 -15.66
N ASN C 191 13.26 26.84 -14.44
CA ASN C 191 14.17 25.88 -13.80
C ASN C 191 13.35 24.68 -13.34
N ILE C 192 13.54 23.53 -13.99
CA ILE C 192 12.96 22.26 -13.58
C ILE C 192 14.11 21.27 -13.46
N ASP C 193 14.38 20.84 -12.21
CA ASP C 193 15.36 19.81 -11.80
C ASP C 193 16.79 20.19 -12.23
N GLY C 194 17.10 21.48 -12.15
CA GLY C 194 18.40 21.98 -12.56
C GLY C 194 18.57 22.20 -14.05
N TYR C 195 17.54 21.99 -14.86
CA TYR C 195 17.63 22.16 -16.31
C TYR C 195 17.00 23.49 -16.71
N PHE C 196 17.63 24.19 -17.63
CA PHE C 196 17.12 25.43 -18.21
C PHE C 196 16.67 25.13 -19.63
N LYS C 197 15.36 25.15 -19.85
CA LYS C 197 14.80 24.81 -21.14
C LYS C 197 14.42 26.09 -21.90
N ILE C 198 14.83 26.17 -23.16
CA ILE C 198 14.71 27.39 -23.96
C ILE C 198 13.62 27.19 -24.99
N TYR C 199 12.63 28.09 -25.00
CA TYR C 199 11.57 28.13 -25.99
C TYR C 199 11.65 29.44 -26.77
N SER C 200 11.56 29.35 -28.10
CA SER C 200 11.63 30.55 -28.94
C SER C 200 10.72 30.40 -30.15
N LYS C 201 9.98 31.46 -30.45
CA LYS C 201 9.17 31.54 -31.66
C LYS C 201 9.18 32.98 -32.16
N HIS C 202 9.38 33.17 -33.46
CA HIS C 202 9.30 34.48 -34.08
C HIS C 202 8.14 34.52 -35.07
N THR C 203 7.37 35.62 -35.03
CA THR C 203 6.28 35.84 -35.96
C THR C 203 6.16 37.33 -36.24
N PRO C 204 5.76 37.72 -37.46
CA PRO C 204 5.41 39.13 -37.70
C PRO C 204 4.01 39.46 -37.22
N ILE C 205 3.84 40.72 -36.85
CA ILE C 205 2.53 41.24 -36.45
C ILE C 205 2.17 42.44 -37.32
N ASP C 212 1.58 48.01 -29.97
CA ASP C 212 2.29 48.21 -28.71
C ASP C 212 1.95 47.03 -27.80
N LEU C 213 0.71 46.55 -27.91
CA LEU C 213 0.25 45.41 -27.13
C LEU C 213 -0.27 44.35 -28.08
N PRO C 214 0.55 43.38 -28.49
CA PRO C 214 0.10 42.37 -29.44
C PRO C 214 -0.78 41.30 -28.80
N GLN C 215 -1.64 40.72 -29.64
CA GLN C 215 -2.55 39.66 -29.24
C GLN C 215 -2.45 38.51 -30.25
N GLY C 216 -3.27 37.49 -30.04
CA GLY C 216 -3.26 36.31 -30.89
C GLY C 216 -2.56 35.15 -30.22
N PHE C 217 -2.56 34.02 -30.91
CA PHE C 217 -1.97 32.79 -30.41
C PHE C 217 -0.77 32.41 -31.28
N SER C 218 0.01 31.44 -30.74
CA SER C 218 1.15 30.87 -31.47
C SER C 218 1.57 29.60 -30.71
N ALA C 219 2.80 29.14 -30.90
CA ALA C 219 3.25 27.94 -30.24
C ALA C 219 4.70 28.11 -29.86
N LEU C 220 5.18 27.36 -28.89
CA LEU C 220 6.59 27.53 -28.61
C LEU C 220 7.42 26.41 -29.09
N GLU C 221 8.27 26.74 -30.05
CA GLU C 221 9.15 25.74 -30.59
C GLU C 221 10.35 25.65 -29.67
N PRO C 222 10.48 24.52 -28.94
CA PRO C 222 11.63 24.52 -28.02
C PRO C 222 12.96 24.56 -28.77
N LEU C 223 13.98 25.11 -28.10
CA LEU C 223 15.27 25.36 -28.72
C LEU C 223 16.35 24.42 -28.20
N VAL C 224 16.78 24.55 -26.95
CA VAL C 224 17.86 23.73 -26.41
C VAL C 224 17.59 23.54 -24.91
N ASP C 225 18.19 22.49 -24.34
CA ASP C 225 18.18 22.24 -22.91
C ASP C 225 19.56 22.54 -22.36
N LEU C 226 19.62 23.08 -21.14
CA LEU C 226 20.86 23.51 -20.51
C LEU C 226 21.01 22.83 -19.15
N PRO C 227 21.75 21.56 -19.08
CA PRO C 227 22.01 20.88 -17.79
C PRO C 227 23.07 21.58 -16.95
N ILE C 228 22.65 22.65 -16.27
CA ILE C 228 23.56 23.48 -15.50
C ILE C 228 23.43 23.17 -14.00
N GLY C 229 22.25 23.42 -13.44
CA GLY C 229 21.99 23.08 -12.05
C GLY C 229 22.58 24.00 -11.01
N ILE C 230 22.40 25.31 -11.16
CA ILE C 230 22.83 26.28 -10.17
C ILE C 230 21.60 26.94 -9.55
N ASN C 231 21.85 27.84 -8.60
CA ASN C 231 20.81 28.53 -7.85
C ASN C 231 20.78 29.99 -8.28
N ILE C 232 19.65 30.42 -8.86
CA ILE C 232 19.47 31.78 -9.35
C ILE C 232 18.19 32.33 -8.73
N THR C 233 18.34 33.35 -7.86
CA THR C 233 17.18 34.03 -7.29
C THR C 233 16.85 35.38 -7.90
N ARG C 234 17.68 35.92 -8.80
CA ARG C 234 17.52 37.30 -9.26
C ARG C 234 17.74 37.37 -10.77
N PHE C 235 17.19 38.41 -11.39
CA PHE C 235 17.42 38.67 -12.81
C PHE C 235 17.40 40.17 -13.05
N GLN C 236 18.27 40.61 -13.96
CA GLN C 236 18.33 41.99 -14.42
C GLN C 236 18.27 42.01 -15.95
N THR C 237 18.02 43.19 -16.50
CA THR C 237 17.84 43.37 -17.94
C THR C 237 19.03 44.12 -18.50
N LEU C 238 19.72 43.50 -19.46
CA LEU C 238 20.85 44.13 -20.15
C LEU C 238 20.31 45.03 -21.25
N LEU C 239 20.84 46.24 -21.36
CA LEU C 239 20.44 47.21 -22.37
C LEU C 239 21.64 47.69 -23.17
N ALA C 240 21.44 47.84 -24.48
CA ALA C 240 22.48 48.30 -25.39
C ALA C 240 22.37 49.81 -25.59
N LEU C 241 23.52 50.47 -25.72
CA LEU C 241 23.59 51.90 -25.95
C LEU C 241 24.35 52.17 -27.24
N HIS C 242 23.76 53.00 -28.10
CA HIS C 242 24.36 53.34 -29.38
C HIS C 242 24.28 54.84 -29.60
N ARG C 243 25.32 55.40 -30.20
CA ARG C 243 25.39 56.82 -30.49
C ARG C 243 24.52 57.17 -31.69
N SER C 251 28.14 63.91 -28.67
CA SER C 251 29.36 63.58 -27.94
C SER C 251 29.46 62.07 -27.71
N SER C 252 30.69 61.61 -27.45
CA SER C 252 30.91 60.19 -27.24
C SER C 252 30.54 59.76 -25.82
N SER C 253 30.45 60.71 -24.88
CA SER C 253 30.08 60.37 -23.51
C SER C 253 28.59 60.14 -23.36
N GLY C 254 27.76 60.85 -24.14
CA GLY C 254 26.33 60.66 -24.09
C GLY C 254 25.86 59.48 -24.92
N TRP C 255 24.83 58.79 -24.45
CA TRP C 255 24.32 57.63 -25.15
C TRP C 255 22.80 57.69 -25.24
N THR C 256 22.27 57.58 -26.45
CA THR C 256 20.84 57.62 -26.70
C THR C 256 20.31 56.20 -26.96
N ALA C 257 19.00 56.11 -27.17
CA ALA C 257 18.34 54.83 -27.37
C ALA C 257 17.07 55.03 -28.19
N GLY C 258 16.57 53.92 -28.73
CA GLY C 258 15.33 53.92 -29.50
C GLY C 258 14.13 53.55 -28.66
N ALA C 259 13.14 52.89 -29.27
CA ALA C 259 11.92 52.49 -28.60
C ALA C 259 11.92 50.98 -28.44
N ALA C 260 11.74 50.50 -27.20
CA ALA C 260 11.66 49.07 -26.92
C ALA C 260 10.80 48.87 -25.69
N ALA C 261 10.26 47.65 -25.57
CA ALA C 261 9.40 47.30 -24.45
C ALA C 261 9.51 45.80 -24.19
N TYR C 262 9.31 45.41 -22.92
CA TYR C 262 9.35 44.00 -22.55
C TYR C 262 8.33 43.76 -21.44
N TYR C 263 8.03 42.48 -21.21
CA TYR C 263 7.05 42.06 -20.22
C TYR C 263 7.65 40.96 -19.35
N VAL C 264 7.38 41.03 -18.04
CA VAL C 264 7.83 40.03 -17.08
C VAL C 264 6.59 39.42 -16.42
N GLY C 265 6.40 38.11 -16.61
CA GLY C 265 5.32 37.38 -16.00
C GLY C 265 5.76 36.47 -14.87
N TYR C 266 4.76 35.87 -14.22
CA TYR C 266 4.97 34.93 -13.14
C TYR C 266 4.27 33.62 -13.46
N LEU C 267 4.81 32.51 -12.95
CA LEU C 267 4.33 31.18 -13.28
C LEU C 267 3.89 30.44 -12.03
N GLN C 268 2.98 29.47 -12.20
CA GLN C 268 2.45 28.69 -11.08
C GLN C 268 2.15 27.25 -11.53
N PRO C 269 2.01 26.31 -10.58
CA PRO C 269 1.81 24.91 -10.96
C PRO C 269 0.37 24.42 -11.18
N ARG C 270 -0.12 24.47 -12.42
CA ARG C 270 -1.45 23.94 -12.75
C ARG C 270 -1.47 23.56 -14.23
N THR C 271 -2.51 22.84 -14.62
CA THR C 271 -2.56 22.21 -15.94
C THR C 271 -3.61 22.84 -16.84
N PHE C 272 -3.35 22.76 -18.15
CA PHE C 272 -4.24 23.23 -19.22
C PHE C 272 -4.64 22.04 -20.09
N LEU C 273 -5.40 22.33 -21.14
CA LEU C 273 -5.60 21.44 -22.27
C LEU C 273 -5.12 22.12 -23.55
N LEU C 274 -4.78 21.31 -24.55
CA LEU C 274 -4.24 21.82 -25.80
C LEU C 274 -5.04 21.26 -26.98
N LYS C 275 -5.29 22.12 -27.96
CA LYS C 275 -5.93 21.73 -29.22
C LYS C 275 -4.84 21.54 -30.27
N TYR C 276 -4.79 20.36 -30.86
CA TYR C 276 -3.72 19.98 -31.78
C TYR C 276 -4.20 19.98 -33.23
N ASN C 277 -3.31 20.34 -34.13
CA ASN C 277 -3.51 20.26 -35.56
C ASN C 277 -3.04 18.87 -36.01
N GLU C 278 -3.20 18.55 -37.30
CA GLU C 278 -2.56 17.36 -37.83
C GLU C 278 -1.09 17.58 -38.17
N ASN C 279 -0.66 18.84 -38.27
CA ASN C 279 0.74 19.19 -38.46
C ASN C 279 1.47 19.42 -37.15
N GLY C 280 0.76 19.44 -36.02
CA GLY C 280 1.38 19.66 -34.73
C GLY C 280 1.39 21.09 -34.24
N THR C 281 0.51 21.95 -34.78
CA THR C 281 0.45 23.34 -34.38
C THR C 281 -0.63 23.54 -33.33
N ILE C 282 -0.24 23.99 -32.15
CA ILE C 282 -1.20 24.23 -31.07
C ILE C 282 -1.90 25.56 -31.29
N THR C 283 -3.18 25.63 -30.90
CA THR C 283 -4.00 26.82 -31.07
C THR C 283 -4.61 27.34 -29.78
N ASP C 284 -5.54 26.61 -29.18
CA ASP C 284 -6.31 27.10 -28.05
C ASP C 284 -5.83 26.41 -26.78
N ALA C 285 -5.88 27.15 -25.67
CA ALA C 285 -5.57 26.62 -24.35
C ALA C 285 -6.71 26.96 -23.40
N VAL C 286 -7.01 26.04 -22.50
CA VAL C 286 -8.16 26.13 -21.61
C VAL C 286 -7.66 26.18 -20.16
N ASP C 287 -7.99 27.27 -19.47
CA ASP C 287 -7.67 27.42 -18.05
C ASP C 287 -8.93 27.08 -17.26
N CYS C 288 -8.80 26.19 -16.28
CA CYS C 288 -9.96 25.78 -15.47
C CYS C 288 -10.38 26.87 -14.49
N ALA C 289 -9.46 27.40 -13.70
CA ALA C 289 -9.77 28.16 -12.50
C ALA C 289 -10.03 29.65 -12.76
N LEU C 290 -10.00 30.09 -14.02
CA LEU C 290 -10.31 31.48 -14.35
C LEU C 290 -11.80 31.77 -14.30
N ASP C 291 -12.57 31.12 -15.16
CA ASP C 291 -14.01 31.34 -15.26
C ASP C 291 -14.73 30.01 -15.12
N PRO C 292 -16.00 30.00 -14.70
CA PRO C 292 -16.78 28.75 -14.70
C PRO C 292 -17.13 28.21 -16.08
N LEU C 293 -17.04 29.02 -17.14
CA LEU C 293 -17.32 28.55 -18.51
C LEU C 293 -16.25 27.57 -18.99
N SER C 294 -14.99 27.85 -18.70
CA SER C 294 -13.93 26.92 -19.07
C SER C 294 -13.58 25.94 -17.96
N GLU C 295 -14.21 26.09 -16.79
CA GLU C 295 -14.17 25.03 -15.78
C GLU C 295 -14.98 23.82 -16.24
N THR C 296 -16.12 24.06 -16.89
CA THR C 296 -16.93 23.00 -17.46
C THR C 296 -16.26 22.41 -18.71
N LYS C 297 -15.52 23.25 -19.44
CA LYS C 297 -14.88 22.82 -20.68
C LYS C 297 -13.66 21.94 -20.43
N CYS C 298 -12.87 22.22 -19.38
CA CYS C 298 -11.65 21.46 -19.15
C CYS C 298 -11.89 20.11 -18.48
N THR C 299 -12.91 20.01 -17.62
CA THR C 299 -13.16 18.75 -16.92
C THR C 299 -13.89 17.73 -17.79
N LEU C 300 -14.75 18.19 -18.71
CA LEU C 300 -15.52 17.31 -19.56
C LEU C 300 -14.70 16.78 -20.74
N LYS C 301 -13.57 17.42 -21.03
CA LYS C 301 -12.62 17.12 -22.12
C LYS C 301 -13.28 17.13 -23.51
N SER C 302 -13.95 18.24 -23.81
CA SER C 302 -14.44 18.52 -25.15
C SER C 302 -14.41 20.02 -25.37
N PHE C 303 -14.07 20.42 -26.59
CA PHE C 303 -14.00 21.83 -26.94
C PHE C 303 -15.35 22.43 -27.33
N THR C 304 -16.34 21.59 -27.63
CA THR C 304 -17.70 22.05 -27.85
C THR C 304 -18.58 21.49 -26.74
N VAL C 305 -19.05 22.38 -25.86
CA VAL C 305 -19.78 21.98 -24.67
C VAL C 305 -21.28 21.94 -24.97
N GLU C 306 -21.94 20.87 -24.54
CA GLU C 306 -23.38 20.77 -24.61
C GLU C 306 -24.00 21.62 -23.51
N LYS C 307 -25.12 22.27 -23.84
CA LYS C 307 -25.87 23.08 -22.87
C LYS C 307 -26.54 22.15 -21.86
N GLY C 308 -26.24 22.36 -20.58
CA GLY C 308 -26.70 21.46 -19.55
C GLY C 308 -25.99 21.74 -18.24
N ILE C 309 -26.51 21.15 -17.18
CA ILE C 309 -25.93 21.27 -15.85
C ILE C 309 -24.90 20.17 -15.66
N TYR C 310 -23.72 20.54 -15.15
CA TYR C 310 -22.64 19.59 -14.97
C TYR C 310 -21.91 19.88 -13.67
N GLN C 311 -21.49 18.81 -13.00
CA GLN C 311 -20.66 18.93 -11.80
C GLN C 311 -19.20 18.69 -12.19
N THR C 312 -18.34 19.65 -11.85
CA THR C 312 -16.95 19.64 -12.28
C THR C 312 -15.98 19.28 -11.19
N SER C 313 -15.73 20.19 -10.24
CA SER C 313 -14.72 19.99 -9.20
C SER C 313 -15.37 20.20 -7.84
N ASN C 314 -14.53 20.17 -6.81
CA ASN C 314 -14.97 20.37 -5.43
C ASN C 314 -14.26 21.59 -4.86
N PHE C 315 -14.91 22.24 -3.89
CA PHE C 315 -14.33 23.40 -3.23
C PHE C 315 -13.92 23.03 -1.82
N ARG C 316 -12.85 23.65 -1.33
CA ARG C 316 -12.39 23.44 0.03
C ARG C 316 -11.74 24.71 0.55
N VAL C 317 -11.66 24.82 1.87
CA VAL C 317 -11.06 25.97 2.53
C VAL C 317 -9.79 25.51 3.25
N GLN C 318 -8.75 26.34 3.20
CA GLN C 318 -7.48 25.99 3.84
C GLN C 318 -7.41 26.63 5.23
N PRO C 319 -7.07 25.86 6.27
CA PRO C 319 -6.85 26.47 7.59
C PRO C 319 -5.55 27.28 7.63
N THR C 320 -5.65 28.49 8.20
CA THR C 320 -4.50 29.36 8.34
C THR C 320 -3.86 29.29 9.72
N GLU C 321 -4.43 28.53 10.66
CA GLU C 321 -3.85 28.38 11.98
C GLU C 321 -4.12 26.97 12.49
N SER C 322 -3.08 26.34 13.04
CA SER C 322 -3.19 25.03 13.66
C SER C 322 -3.08 25.22 15.17
N ILE C 323 -4.09 24.77 15.90
CA ILE C 323 -4.14 24.96 17.35
C ILE C 323 -3.34 23.84 18.00
N VAL C 324 -2.27 24.19 18.70
CA VAL C 324 -1.40 23.24 19.38
C VAL C 324 -1.56 23.50 20.87
N ARG C 325 -2.14 22.55 21.60
CA ARG C 325 -2.51 22.75 23.00
C ARG C 325 -1.91 21.65 23.86
N PHE C 326 -1.26 22.06 24.95
CA PHE C 326 -0.64 21.18 25.92
C PHE C 326 -1.35 21.30 27.27
N PRO C 327 -1.31 20.24 28.11
CA PRO C 327 -1.92 20.35 29.45
C PRO C 327 -1.17 21.24 30.44
N ASN C 328 -1.72 21.38 31.64
CA ASN C 328 -1.10 22.23 32.65
C ASN C 328 -0.08 21.45 33.47
N ILE C 329 0.23 21.94 34.66
CA ILE C 329 1.18 21.26 35.51
C ILE C 329 0.64 19.88 35.87
N THR C 330 -0.64 19.80 36.22
CA THR C 330 -1.28 18.52 36.53
C THR C 330 -0.51 17.76 37.59
N ASN C 331 -0.25 16.48 37.36
CA ASN C 331 0.59 15.72 38.29
C ASN C 331 2.03 15.98 37.94
N LEU C 332 2.74 16.76 38.76
CA LEU C 332 4.11 17.11 38.41
C LEU C 332 5.04 16.05 38.97
N CYS C 333 6.10 15.75 38.20
CA CYS C 333 7.10 14.79 38.64
C CYS C 333 7.97 15.39 39.73
N PRO C 334 8.45 14.48 40.83
CA PRO C 334 9.29 14.99 41.94
C PRO C 334 10.72 15.34 41.51
N PHE C 335 10.86 16.48 40.85
CA PHE C 335 12.16 16.99 40.42
C PHE C 335 12.82 17.87 41.46
N ASP C 336 12.12 18.22 42.53
CA ASP C 336 12.72 19.00 43.60
C ASP C 336 13.65 18.16 44.46
N GLU C 337 13.34 16.88 44.62
CA GLU C 337 14.14 15.97 45.43
C GLU C 337 15.45 15.56 44.78
N VAL C 338 15.52 15.54 43.45
CA VAL C 338 16.74 15.17 42.75
C VAL C 338 17.63 16.37 42.39
N PHE C 339 17.14 17.59 42.54
CA PHE C 339 17.87 18.80 42.15
C PHE C 339 18.15 19.72 43.32
N ASN C 340 17.11 20.26 43.94
CA ASN C 340 17.22 21.36 44.90
C ASN C 340 17.35 20.89 46.34
N ALA C 341 17.51 19.59 46.57
CA ALA C 341 17.54 19.02 47.91
C ALA C 341 18.88 19.28 48.59
N THR C 342 18.99 18.84 49.85
CA THR C 342 20.11 19.23 50.70
C THR C 342 21.36 18.40 50.42
N ARG C 343 21.37 17.14 50.85
CA ARG C 343 22.55 16.30 50.69
C ARG C 343 22.17 14.98 50.03
N PHE C 344 23.12 14.43 49.29
CA PHE C 344 22.95 13.26 48.45
C PHE C 344 24.00 12.21 48.81
N ALA C 345 24.04 11.15 48.00
CA ALA C 345 24.97 10.06 48.22
C ALA C 345 26.31 10.32 47.53
N SER C 346 27.17 9.31 47.54
CA SER C 346 28.51 9.42 46.97
C SER C 346 28.53 8.85 45.55
N VAL C 347 29.71 8.79 44.95
CA VAL C 347 29.83 8.34 43.56
C VAL C 347 29.78 6.81 43.46
N TYR C 348 30.21 6.08 44.50
CA TYR C 348 29.96 4.64 44.57
C TYR C 348 28.58 4.32 45.15
N ALA C 349 28.04 5.20 45.98
CA ALA C 349 26.93 4.95 46.89
C ALA C 349 25.59 5.35 46.28
N TRP C 350 25.60 5.64 44.97
CA TRP C 350 24.54 6.34 44.23
C TRP C 350 23.22 5.56 44.19
N ASN C 351 22.12 6.28 44.32
CA ASN C 351 20.81 5.64 44.33
C ASN C 351 20.06 5.89 43.02
N ARG C 352 19.27 4.91 42.62
CA ARG C 352 18.43 5.03 41.44
C ARG C 352 17.05 5.51 41.87
N LYS C 353 16.42 6.32 41.03
CA LYS C 353 15.05 6.75 41.25
C LYS C 353 14.31 6.64 39.92
N ARG C 354 13.28 5.79 39.88
CA ARG C 354 12.50 5.58 38.67
C ARG C 354 11.24 6.43 38.80
N ILE C 355 11.15 7.46 37.95
CA ILE C 355 10.09 8.44 38.04
C ILE C 355 9.06 8.15 36.96
N SER C 356 7.83 7.87 37.37
CA SER C 356 6.79 7.47 36.43
C SER C 356 5.45 8.05 36.89
N ASN C 357 4.47 7.98 35.96
CA ASN C 357 3.05 8.33 36.12
C ASN C 357 2.88 9.82 36.50
N CYS C 358 3.55 10.68 35.75
CA CYS C 358 3.47 12.14 35.91
C CYS C 358 3.81 12.77 34.56
N VAL C 359 3.96 14.08 34.54
CA VAL C 359 4.33 14.83 33.34
C VAL C 359 5.64 15.55 33.62
N ALA C 360 6.70 15.18 32.89
CA ALA C 360 8.01 15.75 33.09
C ALA C 360 8.14 17.08 32.34
N ASP C 361 8.83 18.02 32.98
CA ASP C 361 9.12 19.32 32.36
C ASP C 361 10.62 19.42 32.11
N TYR C 362 11.02 19.23 30.85
CA TYR C 362 12.43 19.31 30.49
C TYR C 362 12.86 20.74 30.16
N SER C 363 11.99 21.49 29.49
CA SER C 363 12.43 22.63 28.69
C SER C 363 12.69 23.89 29.49
N VAL C 364 12.14 23.99 30.72
CA VAL C 364 12.34 25.22 31.49
C VAL C 364 13.70 25.29 32.17
N LEU C 365 14.40 24.16 32.28
CA LEU C 365 15.76 24.17 32.79
C LEU C 365 16.75 24.60 31.72
N TYR C 366 16.45 24.32 30.46
CA TYR C 366 17.31 24.74 29.35
C TYR C 366 17.06 26.19 28.94
N ASN C 367 15.80 26.62 28.91
CA ASN C 367 15.43 27.93 28.39
C ASN C 367 15.74 29.08 29.33
N LEU C 368 15.40 28.95 30.62
CA LEU C 368 15.76 29.99 31.59
C LEU C 368 17.25 29.93 31.93
N ALA C 369 17.75 28.71 32.11
CA ALA C 369 19.14 28.30 32.34
C ALA C 369 19.90 28.98 33.48
N PRO C 370 19.64 28.68 34.76
CA PRO C 370 20.68 28.89 35.78
C PRO C 370 21.82 27.89 35.67
N PHE C 371 21.54 26.71 35.13
CA PHE C 371 22.50 25.63 34.97
C PHE C 371 23.11 25.74 33.56
N PHE C 372 24.39 25.42 33.44
CA PHE C 372 25.17 25.86 32.28
C PHE C 372 25.36 24.79 31.22
N THR C 373 26.25 23.82 31.48
CA THR C 373 26.87 23.04 30.42
C THR C 373 26.05 21.81 30.05
N PHE C 374 25.79 21.65 28.75
CA PHE C 374 25.31 20.40 28.21
C PHE C 374 25.91 20.21 26.81
N LYS C 375 26.42 19.01 26.54
CA LYS C 375 26.90 18.61 25.22
C LYS C 375 26.29 17.25 24.93
N CYS C 376 25.45 17.16 23.90
CA CYS C 376 24.58 16.01 23.80
C CYS C 376 24.68 15.36 22.43
N TYR C 377 24.73 14.02 22.42
CA TYR C 377 24.91 13.24 21.21
C TYR C 377 23.74 12.28 21.03
N GLY C 378 23.25 12.22 19.81
CA GLY C 378 22.21 11.26 19.40
C GLY C 378 20.78 11.72 19.56
N VAL C 379 20.55 12.66 20.48
CA VAL C 379 19.17 13.19 20.72
C VAL C 379 19.27 14.68 21.08
N SER C 380 18.64 15.54 20.27
CA SER C 380 18.62 17.00 20.57
C SER C 380 17.74 17.26 21.79
N PRO C 381 18.05 18.24 22.66
CA PRO C 381 17.18 18.57 23.79
C PRO C 381 15.75 18.80 23.31
N THR C 382 15.57 19.35 22.11
CA THR C 382 14.27 19.60 21.60
C THR C 382 13.69 18.24 21.29
N LYS C 383 14.48 17.34 20.72
CA LYS C 383 14.03 15.99 20.42
C LYS C 383 13.86 15.20 21.70
N LEU C 384 14.60 15.57 22.73
CA LEU C 384 14.49 14.92 24.00
C LEU C 384 13.12 15.20 24.47
N ASN C 385 12.70 16.43 24.27
CA ASN C 385 11.35 16.77 24.60
C ASN C 385 10.48 15.88 23.72
N ASP C 386 10.86 15.72 22.45
CA ASP C 386 10.06 14.93 21.53
C ASP C 386 9.78 13.43 21.79
N LEU C 387 10.76 12.60 22.17
CA LEU C 387 10.36 11.13 22.33
C LEU C 387 10.21 10.49 23.74
N CYS C 388 9.16 10.75 24.54
CA CYS C 388 9.19 10.36 25.96
C CYS C 388 9.54 8.89 26.17
N PHE C 389 10.37 8.59 27.14
CA PHE C 389 10.73 7.21 27.33
C PHE C 389 9.99 6.64 28.48
N THR C 390 9.44 5.44 28.28
CA THR C 390 8.69 4.77 29.33
C THR C 390 9.35 4.83 30.71
N ASN C 391 10.63 5.21 30.80
CA ASN C 391 11.33 5.26 32.08
C ASN C 391 12.34 6.38 32.07
N VAL C 392 12.73 6.83 33.25
CA VAL C 392 13.81 7.80 33.43
C VAL C 392 14.53 7.46 34.74
N TYR C 393 15.87 7.55 34.72
CA TYR C 393 16.70 7.25 35.89
C TYR C 393 17.48 8.51 36.24
N ALA C 394 17.67 8.73 37.55
CA ALA C 394 18.42 9.87 38.06
C ALA C 394 19.36 9.38 39.16
N ASP C 395 20.66 9.58 38.97
CA ASP C 395 21.67 9.17 39.93
C ASP C 395 22.42 10.38 40.47
N SER C 396 22.40 10.54 41.79
CA SER C 396 22.93 11.72 42.46
C SER C 396 24.35 11.45 42.95
N PHE C 397 25.31 12.15 42.37
CA PHE C 397 26.70 12.05 42.79
C PHE C 397 27.36 13.40 42.56
N VAL C 398 28.63 13.49 42.94
CA VAL C 398 29.41 14.71 42.76
C VAL C 398 30.85 14.31 42.41
N ILE C 399 31.43 14.98 41.42
CA ILE C 399 32.77 14.73 40.94
C ILE C 399 33.52 16.07 40.82
N ARG C 400 34.75 16.00 40.34
CA ARG C 400 35.62 17.18 40.24
C ARG C 400 35.54 17.77 38.83
N GLY C 401 36.37 18.78 38.57
CA GLY C 401 36.28 19.54 37.34
C GLY C 401 37.07 18.98 36.18
N ASP C 402 38.07 18.15 36.46
CA ASP C 402 38.72 17.38 35.41
C ASP C 402 37.99 16.07 35.11
N GLU C 403 37.05 15.68 35.98
CA GLU C 403 36.32 14.44 35.85
C GLU C 403 35.00 14.60 35.10
N VAL C 404 34.58 15.83 34.82
CA VAL C 404 33.37 16.02 34.01
C VAL C 404 33.63 15.80 32.52
N ARG C 405 34.89 15.85 32.09
CA ARG C 405 35.24 15.43 30.74
C ARG C 405 35.21 13.91 30.63
N GLN C 406 35.53 13.21 31.73
CA GLN C 406 35.65 11.76 31.72
C GLN C 406 34.30 11.04 31.72
N ILE C 407 33.21 11.74 32.01
CA ILE C 407 31.89 11.11 31.93
C ILE C 407 31.34 11.37 30.53
N ALA C 408 31.31 10.31 29.72
CA ALA C 408 31.11 10.33 28.28
C ALA C 408 31.06 8.89 27.81
N PRO C 409 30.31 8.59 26.74
CA PRO C 409 30.39 7.23 26.16
C PRO C 409 31.69 7.01 25.40
N GLY C 410 32.26 5.82 25.57
CA GLY C 410 33.42 5.42 24.82
C GLY C 410 34.75 6.02 25.27
N GLN C 411 34.92 6.26 26.57
CA GLN C 411 36.18 6.77 27.10
C GLN C 411 36.62 5.94 28.30
N THR C 412 37.89 6.08 28.66
CA THR C 412 38.46 5.45 29.84
C THR C 412 38.99 6.53 30.78
N GLY C 413 39.13 6.18 32.06
CA GLY C 413 39.62 7.13 33.04
C GLY C 413 39.47 6.68 34.48
N ASN C 414 39.44 7.64 35.41
CA ASN C 414 39.31 7.36 36.83
C ASN C 414 37.88 6.98 37.21
N ILE C 415 36.94 7.89 37.00
CA ILE C 415 35.54 7.63 37.34
C ILE C 415 34.90 6.71 36.29
N ALA C 416 35.40 6.77 35.06
CA ALA C 416 34.89 6.00 33.93
C ALA C 416 35.16 4.49 34.04
N ASP C 417 36.41 4.08 34.27
CA ASP C 417 36.71 2.67 34.45
C ASP C 417 36.38 2.12 35.82
N TYR C 418 36.76 2.82 36.90
CA TYR C 418 36.70 2.26 38.25
C TYR C 418 35.41 2.55 39.01
N ASN C 419 34.54 3.44 38.52
CA ASN C 419 33.32 3.79 39.24
C ASN C 419 32.07 3.70 38.38
N TYR C 420 31.90 4.61 37.43
CA TYR C 420 30.64 4.73 36.69
C TYR C 420 30.97 4.80 35.20
N LYS C 421 30.50 3.80 34.45
CA LYS C 421 30.81 3.67 33.03
C LYS C 421 29.55 3.88 32.20
N LEU C 422 29.67 4.76 31.15
CA LEU C 422 28.58 4.92 30.20
C LEU C 422 28.77 3.99 29.00
N PRO C 423 27.74 3.26 28.60
CA PRO C 423 27.84 2.43 27.38
C PRO C 423 27.76 3.27 26.12
N ASP C 424 28.13 2.65 25.00
CA ASP C 424 28.19 3.35 23.72
C ASP C 424 26.82 3.62 23.12
N ASP C 425 25.80 2.85 23.49
CA ASP C 425 24.45 2.99 22.97
C ASP C 425 23.56 3.87 23.87
N PHE C 426 24.17 4.53 24.87
CA PHE C 426 23.44 5.28 25.88
C PHE C 426 22.86 6.57 25.30
N THR C 427 21.57 6.78 25.56
CA THR C 427 20.70 7.69 24.83
C THR C 427 20.61 9.08 25.45
N GLY C 428 21.47 9.38 26.43
CA GLY C 428 21.32 10.58 27.23
C GLY C 428 22.67 11.21 27.51
N CYS C 429 22.63 12.39 28.12
CA CYS C 429 23.82 13.22 28.16
C CYS C 429 23.96 13.93 29.51
N VAL C 430 25.13 14.54 29.68
CA VAL C 430 25.63 15.00 30.97
C VAL C 430 25.34 16.49 31.13
N ILE C 431 24.69 16.86 32.23
CA ILE C 431 24.49 18.25 32.62
C ILE C 431 25.30 18.47 33.89
N ALA C 432 26.22 19.44 33.85
CA ALA C 432 27.08 19.73 35.00
C ALA C 432 27.04 21.23 35.29
N TRP C 433 27.18 21.56 36.57
CA TRP C 433 27.09 22.96 37.01
C TRP C 433 27.88 23.16 38.29
N ASN C 434 28.19 24.42 38.58
CA ASN C 434 28.93 24.79 39.78
C ASN C 434 27.94 25.26 40.84
N SER C 435 27.98 24.61 42.00
CA SER C 435 27.31 25.13 43.21
C SER C 435 28.35 25.15 44.32
N ASN C 436 28.80 26.34 44.68
CA ASN C 436 29.80 26.53 45.73
C ASN C 436 29.18 26.76 47.11
N LYS C 437 27.90 27.12 47.17
CA LYS C 437 27.29 27.60 48.42
C LYS C 437 26.88 26.47 49.35
N LEU C 438 26.17 25.48 48.85
CA LEU C 438 25.55 24.45 49.69
C LEU C 438 26.38 23.17 49.80
N ASP C 439 27.53 23.10 49.13
CA ASP C 439 28.31 21.87 49.08
C ASP C 439 29.56 21.92 49.96
N SER C 440 30.49 22.84 49.68
CA SER C 440 31.78 22.90 50.37
C SER C 440 31.62 23.41 51.78
N LYS C 441 32.60 23.10 52.63
CA LYS C 441 32.58 23.44 54.04
C LYS C 441 33.96 23.93 54.46
N VAL C 442 33.98 24.99 55.28
CA VAL C 442 35.22 25.48 55.87
C VAL C 442 35.72 24.47 56.90
N SER C 443 37.02 24.18 56.85
CA SER C 443 37.77 23.18 57.63
C SER C 443 37.22 21.76 57.41
N GLY C 444 36.94 21.49 56.14
CA GLY C 444 36.76 20.13 55.66
C GLY C 444 35.33 19.63 55.64
N ASN C 445 35.01 18.78 54.66
CA ASN C 445 33.75 18.04 54.63
C ASN C 445 34.15 16.58 54.35
N TYR C 446 33.94 15.72 55.34
CA TYR C 446 34.47 14.36 55.33
C TYR C 446 33.43 13.32 54.90
N ASN C 447 32.22 13.76 54.50
CA ASN C 447 31.09 12.88 54.31
C ASN C 447 31.16 12.01 53.06
N TYR C 448 31.83 12.46 52.00
CA TYR C 448 31.82 11.76 50.72
C TYR C 448 33.14 11.03 50.52
N LEU C 449 33.07 9.86 49.90
CA LEU C 449 34.23 9.05 49.57
C LEU C 449 34.15 8.62 48.11
N TYR C 450 35.30 8.29 47.53
CA TYR C 450 35.34 7.75 46.18
C TYR C 450 36.20 6.49 46.14
N ARG C 451 35.82 5.55 45.28
CA ARG C 451 36.54 4.29 45.17
C ARG C 451 37.59 4.38 44.07
N LEU C 452 38.86 4.37 44.46
CA LEU C 452 39.97 4.55 43.53
C LEU C 452 40.40 3.26 42.85
N PHE C 453 40.13 2.10 43.44
CA PHE C 453 40.67 0.84 42.93
C PHE C 453 39.56 -0.16 42.65
N ARG C 454 39.75 -0.94 41.59
CA ARG C 454 38.87 -2.04 41.23
C ARG C 454 39.73 -3.09 40.50
N LYS C 455 39.44 -4.38 40.74
CA LYS C 455 40.25 -5.46 40.22
C LYS C 455 40.11 -5.64 38.71
N SER C 456 38.95 -5.28 38.14
CA SER C 456 38.71 -5.44 36.72
C SER C 456 38.02 -4.20 36.19
N ASN C 457 37.63 -4.26 34.91
CA ASN C 457 36.83 -3.20 34.33
C ASN C 457 35.35 -3.46 34.60
N LEU C 458 34.65 -2.43 35.05
CA LEU C 458 33.26 -2.57 35.43
C LEU C 458 32.34 -2.59 34.21
N LYS C 459 31.23 -3.30 34.37
CA LYS C 459 30.16 -3.24 33.40
C LYS C 459 29.39 -1.93 33.55
N PRO C 460 28.73 -1.45 32.49
CA PRO C 460 27.82 -0.31 32.65
C PRO C 460 26.58 -0.70 33.43
N PHE C 461 26.04 0.31 34.15
CA PHE C 461 24.87 0.23 35.06
C PHE C 461 25.06 -0.81 36.16
N GLU C 462 26.21 -0.74 36.83
CA GLU C 462 26.54 -1.65 37.91
C GLU C 462 27.04 -0.87 39.11
N ARG C 463 26.42 -1.11 40.26
CA ARG C 463 26.83 -0.51 41.53
C ARG C 463 27.40 -1.59 42.42
N ASP C 464 28.59 -1.36 42.96
CA ASP C 464 29.21 -2.24 43.95
C ASP C 464 29.43 -1.47 45.25
N ILE C 465 28.97 -2.04 46.35
CA ILE C 465 29.29 -1.56 47.69
C ILE C 465 30.18 -2.62 48.34
N SER C 466 31.34 -2.19 48.83
CA SER C 466 32.33 -3.14 49.31
C SER C 466 33.00 -2.59 50.56
N THR C 467 32.98 -3.37 51.64
CA THR C 467 33.83 -3.15 52.80
C THR C 467 35.07 -4.02 52.74
N GLU C 468 35.22 -4.79 51.65
CA GLU C 468 36.35 -5.69 51.49
C GLU C 468 37.60 -4.91 51.14
N ILE C 469 38.69 -5.21 51.85
CA ILE C 469 39.95 -4.49 51.70
C ILE C 469 40.65 -5.01 50.45
N TYR C 470 41.17 -4.09 49.62
CA TYR C 470 41.73 -4.42 48.32
C TYR C 470 43.10 -5.08 48.48
N GLN C 471 43.27 -6.26 47.88
CA GLN C 471 44.53 -6.97 47.92
C GLN C 471 45.35 -6.64 46.67
N ALA C 472 46.53 -6.06 46.88
CA ALA C 472 47.35 -5.57 45.77
C ALA C 472 48.40 -6.58 45.31
N GLY C 473 48.49 -7.73 45.96
CA GLY C 473 49.56 -8.66 45.65
C GLY C 473 49.38 -10.08 46.15
N ASN C 474 50.46 -10.85 46.13
CA ASN C 474 50.43 -12.26 46.51
C ASN C 474 50.32 -12.50 48.01
N LYS C 475 50.64 -11.51 48.84
CA LYS C 475 50.54 -11.66 50.28
C LYS C 475 49.09 -11.53 50.70
N PRO C 476 48.51 -12.51 51.42
CA PRO C 476 47.09 -12.43 51.78
C PRO C 476 46.81 -11.49 52.94
N CYS C 477 45.60 -10.93 52.97
CA CYS C 477 45.19 -10.07 54.06
C CYS C 477 43.76 -10.38 54.49
N ASN C 478 43.55 -10.36 55.82
CA ASN C 478 42.34 -10.89 56.45
C ASN C 478 41.28 -9.82 56.66
N GLY C 479 41.51 -8.61 56.16
CA GLY C 479 40.60 -7.51 56.35
C GLY C 479 41.11 -6.40 57.26
N VAL C 480 42.23 -6.62 57.93
CA VAL C 480 42.97 -5.54 58.58
C VAL C 480 43.80 -4.85 57.48
N ALA C 481 44.17 -3.60 57.68
CA ALA C 481 44.98 -2.90 56.70
C ALA C 481 46.46 -3.10 57.01
N GLY C 482 47.09 -3.90 56.15
CA GLY C 482 48.46 -4.33 56.36
C GLY C 482 49.46 -3.77 55.37
N PHE C 483 50.56 -4.49 55.20
CA PHE C 483 51.59 -4.14 54.23
C PHE C 483 51.12 -4.59 52.84
N ASN C 484 50.99 -3.61 51.92
CA ASN C 484 50.54 -3.74 50.52
C ASN C 484 49.14 -4.35 50.39
N CYS C 485 48.27 -4.10 51.37
CA CYS C 485 46.84 -4.39 51.27
C CYS C 485 46.12 -3.17 51.84
N TYR C 486 45.36 -2.48 50.99
CA TYR C 486 44.96 -1.11 51.27
C TYR C 486 43.45 -0.91 51.13
N PHE C 487 42.95 0.06 51.89
CA PHE C 487 41.53 0.37 51.94
C PHE C 487 41.14 1.17 50.70
N PRO C 488 40.14 0.71 49.93
CA PRO C 488 39.90 1.30 48.59
C PRO C 488 39.25 2.69 48.57
N LEU C 489 38.44 3.05 49.55
CA LEU C 489 37.68 4.30 49.52
C LEU C 489 38.59 5.44 49.99
N ARG C 490 38.62 6.52 49.23
CA ARG C 490 39.46 7.68 49.52
C ARG C 490 38.61 8.93 49.73
N SER C 491 39.08 9.79 50.62
CA SER C 491 38.32 10.94 51.10
C SER C 491 38.33 12.10 50.12
N TYR C 492 37.34 12.98 50.24
CA TYR C 492 37.35 14.26 49.55
C TYR C 492 37.77 15.38 50.50
N SER C 493 38.39 16.43 49.94
CA SER C 493 38.73 17.63 50.75
C SER C 493 38.01 18.83 50.12
N PHE C 494 37.08 19.48 50.85
CA PHE C 494 36.26 20.56 50.24
C PHE C 494 36.68 21.95 50.74
N ARG C 495 36.91 22.89 49.82
CA ARG C 495 37.27 24.29 50.19
C ARG C 495 36.86 25.22 49.04
N PRO C 496 36.17 26.36 49.27
CA PRO C 496 35.74 27.23 48.16
C PRO C 496 36.88 27.90 47.40
N THR C 497 38.08 27.95 47.97
CA THR C 497 39.18 28.78 47.50
C THR C 497 40.08 28.08 46.48
N TYR C 498 39.68 26.90 45.99
CA TYR C 498 40.52 26.11 45.09
C TYR C 498 40.65 26.75 43.69
N GLY C 499 39.53 27.08 43.07
CA GLY C 499 39.51 27.40 41.66
C GLY C 499 38.86 26.30 40.86
N VAL C 500 38.84 26.52 39.53
CA VAL C 500 37.85 25.96 38.61
C VAL C 500 37.99 24.46 38.41
N GLY C 501 39.21 23.95 38.29
CA GLY C 501 39.42 22.52 38.14
C GLY C 501 39.23 21.67 39.39
N HIS C 502 39.48 22.22 40.57
CA HIS C 502 39.38 21.46 41.80
C HIS C 502 38.08 21.70 42.58
N GLN C 503 37.15 22.50 42.07
CA GLN C 503 35.84 22.62 42.68
C GLN C 503 35.02 21.34 42.47
N PRO C 504 34.12 21.02 43.40
CA PRO C 504 33.16 19.94 43.14
C PRO C 504 32.06 20.40 42.19
N TYR C 505 31.58 19.46 41.37
CA TYR C 505 30.50 19.69 40.41
C TYR C 505 29.51 18.54 40.55
N ARG C 506 28.27 18.84 40.93
CA ARG C 506 27.25 17.82 41.13
C ARG C 506 26.64 17.44 39.78
N VAL C 507 26.73 16.16 39.43
CA VAL C 507 26.36 15.66 38.11
C VAL C 507 25.24 14.63 38.29
N VAL C 508 24.10 14.88 37.65
CA VAL C 508 23.04 13.90 37.51
C VAL C 508 22.74 13.75 36.01
N VAL C 509 22.57 12.52 35.55
CA VAL C 509 22.28 12.24 34.15
C VAL C 509 20.93 11.54 34.06
N LEU C 510 20.33 11.59 32.86
CA LEU C 510 19.02 11.01 32.60
C LEU C 510 19.22 9.79 31.69
N SER C 511 18.57 8.69 32.03
CA SER C 511 18.68 7.46 31.25
C SER C 511 17.35 7.13 30.59
N PHE C 512 17.37 7.00 29.26
CA PHE C 512 16.18 6.73 28.47
C PHE C 512 16.32 5.36 27.82
N GLU C 513 15.25 4.55 27.87
CA GLU C 513 15.29 3.21 27.31
C GLU C 513 13.88 2.83 26.85
N LEU C 514 13.81 1.80 26.02
CA LEU C 514 12.56 1.28 25.48
C LEU C 514 12.26 -0.08 26.09
N LEU C 515 11.02 -0.28 26.52
CA LEU C 515 10.57 -1.54 27.09
C LEU C 515 9.17 -1.83 26.55
N HIS C 516 8.54 -2.88 27.09
CA HIS C 516 7.20 -3.30 26.71
C HIS C 516 6.11 -2.33 27.19
N ALA C 517 6.37 -1.59 28.27
CA ALA C 517 5.43 -0.60 28.76
C ALA C 517 5.39 0.62 27.84
N PRO C 518 4.22 1.25 27.68
CA PRO C 518 4.14 2.46 26.84
C PRO C 518 4.78 3.67 27.52
N ALA C 519 5.02 4.70 26.69
CA ALA C 519 5.79 5.87 27.07
C ALA C 519 5.03 6.75 28.06
N THR C 520 5.70 7.09 29.16
CA THR C 520 5.05 7.67 30.33
C THR C 520 5.17 9.17 30.43
N VAL C 521 6.37 9.74 30.64
CA VAL C 521 6.51 11.20 30.89
C VAL C 521 6.69 12.13 29.66
N CYS C 522 5.65 12.77 29.13
CA CYS C 522 5.88 13.56 27.89
C CYS C 522 6.05 15.10 27.97
N GLY C 523 6.07 15.83 26.85
CA GLY C 523 6.39 17.27 26.88
C GLY C 523 5.62 18.53 26.53
N PRO C 524 5.76 19.39 27.54
CA PRO C 524 5.14 20.67 27.24
C PRO C 524 6.05 21.52 26.36
N LYS C 525 5.53 22.12 25.28
CA LYS C 525 6.31 23.02 24.41
C LYS C 525 5.43 24.22 24.20
N LYS C 526 4.93 24.88 25.24
CA LYS C 526 4.03 26.04 25.12
C LYS C 526 2.80 25.88 24.19
N SER C 527 1.77 26.67 24.45
CA SER C 527 0.59 26.44 23.63
C SER C 527 0.11 27.74 23.02
N THR C 528 -0.58 27.63 21.89
CA THR C 528 -1.08 28.80 21.18
C THR C 528 -2.41 29.26 21.76
N ASN C 529 -2.96 30.32 21.19
CA ASN C 529 -4.22 30.87 21.64
C ASN C 529 -5.40 30.14 20.98
N LEU C 530 -6.42 29.88 21.78
CA LEU C 530 -7.62 29.19 21.33
C LEU C 530 -8.51 30.18 20.59
N VAL C 531 -8.90 29.81 19.37
CA VAL C 531 -9.75 30.66 18.54
C VAL C 531 -11.06 29.94 18.25
N LYS C 532 -12.09 30.71 17.92
CA LYS C 532 -13.40 30.19 17.60
C LYS C 532 -13.85 30.71 16.23
N ASN C 533 -14.84 29.99 15.67
CA ASN C 533 -15.56 30.27 14.42
C ASN C 533 -14.61 30.33 13.21
N LYS C 534 -13.69 29.37 13.13
CA LYS C 534 -12.75 29.27 12.02
C LYS C 534 -12.43 27.79 11.83
N CYS C 535 -12.28 27.37 10.57
CA CYS C 535 -11.93 25.99 10.26
C CYS C 535 -10.44 25.85 10.52
N VAL C 536 -10.05 25.00 11.46
CA VAL C 536 -8.67 24.93 11.93
C VAL C 536 -8.09 23.56 11.62
N ASN C 537 -6.82 23.38 11.98
CA ASN C 537 -6.13 22.11 11.91
C ASN C 537 -5.80 21.63 13.32
N PHE C 538 -6.08 20.35 13.57
CA PHE C 538 -5.99 19.80 14.92
C PHE C 538 -4.59 19.28 15.20
N ASN C 539 -4.01 19.74 16.31
CA ASN C 539 -2.81 19.12 16.88
C ASN C 539 -3.11 18.87 18.35
N PHE C 540 -3.20 17.59 18.71
CA PHE C 540 -3.44 17.16 20.07
C PHE C 540 -2.46 16.03 20.39
N ASN C 541 -2.64 15.41 21.55
CA ASN C 541 -1.84 14.24 21.91
C ASN C 541 -2.26 13.01 21.10
N GLY C 542 -3.54 12.65 21.14
CA GLY C 542 -4.03 11.50 20.40
C GLY C 542 -4.96 11.80 19.24
N LEU C 543 -5.12 13.07 18.87
CA LEU C 543 -6.16 13.46 17.91
C LEU C 543 -5.59 14.37 16.84
N LYS C 544 -5.82 14.02 15.57
CA LYS C 544 -5.52 14.86 14.43
C LYS C 544 -6.77 14.99 13.58
N GLY C 545 -6.87 16.08 12.82
CA GLY C 545 -8.04 16.28 11.96
C GLY C 545 -8.30 17.75 11.71
N THR C 546 -9.56 18.05 11.40
CA THR C 546 -9.99 19.42 11.17
C THR C 546 -11.41 19.59 11.71
N GLY C 547 -11.83 20.83 11.87
CA GLY C 547 -13.16 21.11 12.37
C GLY C 547 -13.27 22.51 12.92
N VAL C 548 -14.49 22.85 13.32
CA VAL C 548 -14.83 24.14 13.91
C VAL C 548 -15.33 23.88 15.33
N LEU C 549 -14.72 24.55 16.31
CA LEU C 549 -15.03 24.31 17.72
C LEU C 549 -16.22 25.17 18.14
N THR C 550 -17.30 24.52 18.54
CA THR C 550 -18.48 25.16 19.12
C THR C 550 -18.72 24.59 20.52
N GLU C 551 -19.73 25.12 21.19
CA GLU C 551 -20.05 24.69 22.55
C GLU C 551 -20.81 23.37 22.53
N SER C 552 -20.67 22.62 23.64
CA SER C 552 -21.28 21.30 23.77
C SER C 552 -21.97 21.18 25.12
N ASN C 553 -23.23 20.74 25.09
CA ASN C 553 -24.06 20.59 26.27
C ASN C 553 -24.05 19.16 26.81
N LYS C 554 -23.24 18.31 26.21
CA LYS C 554 -23.21 16.88 26.50
C LYS C 554 -22.52 16.59 27.82
N LYS C 555 -22.98 15.53 28.50
CA LYS C 555 -22.39 15.09 29.75
C LYS C 555 -21.10 14.33 29.47
N PHE C 556 -20.03 14.71 30.20
CA PHE C 556 -18.71 14.18 29.94
C PHE C 556 -18.15 13.51 31.19
N LEU C 557 -17.17 12.63 30.97
CA LEU C 557 -16.29 11.94 31.90
C LEU C 557 -15.01 12.75 32.10
N PRO C 558 -14.45 12.79 33.31
CA PRO C 558 -13.14 13.43 33.50
C PRO C 558 -11.96 12.64 32.94
N PHE C 559 -12.11 11.34 32.72
CA PHE C 559 -11.03 10.47 32.26
C PHE C 559 -10.79 10.54 30.75
N GLN C 560 -11.81 10.88 29.96
CA GLN C 560 -11.90 10.58 28.54
C GLN C 560 -10.98 11.44 27.68
N GLN C 561 -10.98 11.16 26.38
CA GLN C 561 -10.12 11.85 25.42
C GLN C 561 -10.92 12.53 24.32
N PHE C 562 -11.51 11.77 23.41
CA PHE C 562 -12.29 12.33 22.32
C PHE C 562 -13.55 11.49 22.12
N GLY C 563 -14.65 12.16 21.79
CA GLY C 563 -15.93 11.51 21.64
C GLY C 563 -16.17 11.04 20.21
N ARG C 564 -17.02 10.07 19.90
CA ARG C 564 -17.09 9.67 18.47
C ARG C 564 -18.37 9.90 17.73
N ASP C 565 -18.41 9.46 16.49
CA ASP C 565 -19.64 9.60 15.75
C ASP C 565 -20.08 8.35 15.12
N ILE C 566 -21.39 8.23 15.01
CA ILE C 566 -21.93 7.09 14.33
C ILE C 566 -21.39 7.30 12.96
N ALA C 567 -21.42 8.55 12.51
CA ALA C 567 -20.92 8.87 11.19
C ALA C 567 -19.43 8.62 11.18
N ASP C 568 -18.91 8.02 12.25
CA ASP C 568 -17.48 7.63 12.28
C ASP C 568 -16.59 8.87 12.18
N THR C 569 -16.88 9.86 13.04
CA THR C 569 -16.22 11.15 13.06
C THR C 569 -15.96 11.48 14.53
N THR C 570 -14.92 12.26 14.81
CA THR C 570 -14.68 12.70 16.19
C THR C 570 -15.40 14.03 16.40
N ASP C 571 -16.48 14.01 17.19
CA ASP C 571 -17.31 15.18 17.39
C ASP C 571 -17.04 15.95 18.68
N ALA C 572 -16.13 15.47 19.52
CA ALA C 572 -15.84 16.13 20.79
C ALA C 572 -14.42 15.82 21.19
N VAL C 573 -13.89 16.64 22.11
CA VAL C 573 -12.57 16.43 22.71
C VAL C 573 -12.62 16.98 24.13
N ARG C 574 -11.92 16.32 25.06
CA ARG C 574 -11.80 16.83 26.41
C ARG C 574 -10.54 17.67 26.55
N ASP C 575 -10.68 18.90 27.03
CA ASP C 575 -9.54 19.76 27.27
C ASP C 575 -8.88 19.34 28.58
N PRO C 576 -7.57 18.98 28.58
CA PRO C 576 -6.94 18.50 29.82
C PRO C 576 -6.66 19.58 30.86
N GLN C 577 -6.44 20.83 30.46
CA GLN C 577 -6.06 21.88 31.39
C GLN C 577 -7.24 22.38 32.22
N THR C 578 -8.36 22.67 31.57
CA THR C 578 -9.60 23.06 32.22
C THR C 578 -10.68 22.10 31.73
N LEU C 579 -11.47 21.54 32.64
CA LEU C 579 -12.26 20.36 32.30
C LEU C 579 -13.59 20.82 31.70
N GLU C 580 -13.70 20.64 30.38
CA GLU C 580 -14.86 20.95 29.57
C GLU C 580 -14.74 20.17 28.27
N ILE C 581 -15.85 20.04 27.56
CA ILE C 581 -15.83 19.52 26.20
C ILE C 581 -16.42 20.56 25.27
N LEU C 582 -15.95 20.53 24.03
CA LEU C 582 -16.42 21.43 22.98
C LEU C 582 -16.82 20.60 21.78
N ASP C 583 -17.89 21.02 21.11
CA ASP C 583 -18.45 20.26 20.00
C ASP C 583 -17.61 20.51 18.75
N ILE C 584 -17.17 19.42 18.13
CA ILE C 584 -16.38 19.49 16.89
C ILE C 584 -17.31 19.16 15.73
N THR C 585 -17.53 20.14 14.86
CA THR C 585 -18.13 19.90 13.56
C THR C 585 -17.21 20.47 12.50
N PRO C 586 -17.03 19.77 11.37
CA PRO C 586 -16.32 20.37 10.25
C PRO C 586 -17.22 21.36 9.52
N CYS C 587 -16.58 22.26 8.78
CA CYS C 587 -17.32 23.30 8.08
C CYS C 587 -17.75 22.80 6.70
N SER C 588 -18.23 23.71 5.86
CA SER C 588 -19.00 23.32 4.66
C SER C 588 -18.06 22.93 3.53
N PHE C 589 -18.32 21.77 2.93
CA PHE C 589 -17.64 21.29 1.73
C PHE C 589 -18.67 20.73 0.76
N GLY C 590 -18.24 20.49 -0.46
CA GLY C 590 -19.11 19.90 -1.47
C GLY C 590 -18.57 20.17 -2.86
N GLY C 591 -19.46 19.96 -3.83
CA GLY C 591 -19.13 20.20 -5.22
C GLY C 591 -19.73 21.49 -5.75
N VAL C 592 -19.38 21.85 -6.97
CA VAL C 592 -19.93 23.04 -7.63
C VAL C 592 -20.75 22.61 -8.84
N SER C 593 -21.70 23.46 -9.22
CA SER C 593 -22.56 23.22 -10.35
C SER C 593 -22.63 24.49 -11.19
N VAL C 594 -22.19 24.39 -12.44
CA VAL C 594 -22.09 25.54 -13.33
C VAL C 594 -23.29 25.55 -14.26
N ILE C 595 -24.06 26.63 -14.21
CA ILE C 595 -25.19 26.85 -15.11
C ILE C 595 -24.67 27.69 -16.27
N THR C 596 -24.59 27.10 -17.45
CA THR C 596 -24.08 27.82 -18.61
C THR C 596 -24.79 27.36 -19.88
N PRO C 597 -24.97 28.26 -20.86
CA PRO C 597 -25.38 27.83 -22.20
C PRO C 597 -24.19 27.42 -23.06
N GLY C 598 -24.44 27.18 -24.35
CA GLY C 598 -23.38 26.82 -25.27
C GLY C 598 -22.49 27.98 -25.65
N THR C 599 -21.46 27.65 -26.43
CA THR C 599 -20.47 28.65 -26.84
C THR C 599 -20.97 29.56 -27.95
N ASN C 600 -22.01 29.14 -28.68
CA ASN C 600 -22.55 29.98 -29.74
C ASN C 600 -23.67 30.91 -29.28
N THR C 601 -23.99 30.91 -27.98
CA THR C 601 -25.09 31.70 -27.46
C THR C 601 -24.62 32.78 -26.48
N SER C 602 -24.13 32.37 -25.31
CA SER C 602 -23.75 33.34 -24.28
C SER C 602 -22.63 32.74 -23.43
N ASN C 603 -21.78 33.62 -22.92
CA ASN C 603 -20.67 33.26 -22.03
C ASN C 603 -21.02 33.44 -20.57
N GLN C 604 -22.26 33.82 -20.26
CA GLN C 604 -22.68 34.12 -18.89
C GLN C 604 -22.87 32.83 -18.10
N VAL C 605 -22.31 32.79 -16.89
CA VAL C 605 -22.29 31.61 -16.03
C VAL C 605 -22.86 31.95 -14.67
N ALA C 606 -23.20 30.91 -13.92
CA ALA C 606 -23.67 31.04 -12.55
C ALA C 606 -22.93 30.04 -11.66
N VAL C 607 -22.67 30.43 -10.42
CA VAL C 607 -21.92 29.61 -9.47
C VAL C 607 -22.90 29.14 -8.40
N LEU C 608 -23.01 27.82 -8.22
CA LEU C 608 -23.93 27.23 -7.27
C LEU C 608 -23.16 26.45 -6.21
N TYR C 609 -23.38 26.79 -4.94
CA TYR C 609 -22.89 26.00 -3.82
C TYR C 609 -24.09 25.25 -3.26
N GLN C 610 -24.08 23.92 -3.46
CA GLN C 610 -25.22 23.10 -3.06
C GLN C 610 -25.13 22.75 -1.58
N GLY C 611 -26.21 23.01 -0.84
CA GLY C 611 -26.32 22.75 0.57
C GLY C 611 -25.50 23.66 1.48
N VAL C 612 -24.95 24.75 0.96
CA VAL C 612 -24.00 25.60 1.67
C VAL C 612 -24.56 27.01 1.70
N ASN C 613 -24.67 27.57 2.91
CA ASN C 613 -25.02 28.98 3.06
C ASN C 613 -23.87 29.87 2.58
N CYS C 614 -24.20 30.93 1.86
CA CYS C 614 -23.23 31.81 1.22
C CYS C 614 -22.78 32.96 2.11
N THR C 615 -23.21 32.98 3.37
CA THR C 615 -22.70 33.97 4.31
C THR C 615 -21.26 33.67 4.72
N GLU C 616 -20.97 32.41 5.04
CA GLU C 616 -19.65 32.00 5.50
C GLU C 616 -18.68 31.71 4.38
N VAL C 617 -19.12 31.73 3.12
CA VAL C 617 -18.26 31.50 1.96
C VAL C 617 -17.23 32.61 1.72
N PRO C 618 -17.58 33.94 1.56
CA PRO C 618 -16.45 34.81 1.21
C PRO C 618 -15.71 35.36 2.44
N ASN C 638 -27.06 39.68 -6.73
CA ASN C 638 -27.21 38.37 -7.34
C ASN C 638 -27.32 37.23 -6.32
N VAL C 639 -27.36 37.57 -5.04
CA VAL C 639 -27.39 36.61 -3.95
C VAL C 639 -28.84 36.28 -3.63
N PHE C 640 -29.22 35.02 -3.83
CA PHE C 640 -30.55 34.53 -3.49
C PHE C 640 -30.41 33.16 -2.83
N GLN C 641 -31.10 32.99 -1.71
CA GLN C 641 -31.01 31.77 -0.91
C GLN C 641 -32.21 30.87 -1.20
N THR C 642 -31.93 29.67 -1.71
CA THR C 642 -32.94 28.66 -1.98
C THR C 642 -32.72 27.46 -1.06
N ARG C 643 -33.53 26.41 -1.28
CA ARG C 643 -33.44 25.20 -0.47
C ARG C 643 -32.23 24.35 -0.84
N ALA C 644 -31.91 24.25 -2.13
CA ALA C 644 -30.74 23.46 -2.56
C ALA C 644 -29.44 24.19 -2.25
N GLY C 645 -29.46 25.52 -2.29
CA GLY C 645 -28.27 26.28 -1.98
C GLY C 645 -28.40 27.71 -2.42
N CYS C 646 -27.34 28.48 -2.16
CA CYS C 646 -27.29 29.88 -2.51
C CYS C 646 -26.66 30.04 -3.90
N LEU C 647 -27.41 30.59 -4.84
CA LEU C 647 -26.97 30.74 -6.22
C LEU C 647 -26.48 32.16 -6.45
N ILE C 648 -25.28 32.29 -7.00
CA ILE C 648 -24.62 33.58 -7.20
C ILE C 648 -24.47 33.81 -8.69
N GLY C 649 -24.93 34.95 -9.19
CA GLY C 649 -24.78 35.29 -10.59
C GLY C 649 -26.06 35.23 -11.39
N ALA C 650 -27.19 34.97 -10.73
CA ALA C 650 -28.49 34.94 -11.37
C ALA C 650 -29.46 35.86 -10.65
N GLU C 651 -30.48 36.31 -11.35
CA GLU C 651 -31.49 37.21 -10.81
C GLU C 651 -32.81 36.46 -10.67
N TYR C 652 -33.59 36.83 -9.66
CA TYR C 652 -34.86 36.15 -9.40
C TYR C 652 -35.99 36.82 -10.16
N VAL C 653 -36.80 36.00 -10.83
CA VAL C 653 -37.97 36.44 -11.57
C VAL C 653 -39.20 35.86 -10.88
N ASN C 654 -40.14 36.73 -10.51
CA ASN C 654 -41.36 36.27 -9.86
C ASN C 654 -42.32 35.61 -10.84
N ASN C 655 -42.25 35.97 -12.12
CA ASN C 655 -43.06 35.33 -13.15
C ASN C 655 -42.45 33.96 -13.47
N SER C 656 -43.30 33.04 -13.91
CA SER C 656 -42.90 31.66 -14.16
C SER C 656 -43.24 31.29 -15.59
N TYR C 657 -42.21 30.98 -16.38
CA TYR C 657 -42.34 30.53 -17.75
C TYR C 657 -41.83 29.10 -17.88
N GLU C 658 -41.80 28.60 -19.11
CA GLU C 658 -41.16 27.34 -19.39
C GLU C 658 -39.64 27.52 -19.36
N CYS C 659 -38.94 26.42 -19.08
CA CYS C 659 -37.49 26.47 -18.95
C CYS C 659 -36.88 25.19 -19.52
N ASP C 660 -35.56 25.11 -19.41
CA ASP C 660 -34.81 23.94 -19.83
C ASP C 660 -33.85 23.38 -18.77
N ILE C 661 -32.88 24.15 -18.29
CA ILE C 661 -31.79 23.63 -17.45
C ILE C 661 -32.26 23.46 -16.01
N PRO C 662 -32.23 22.25 -15.45
CA PRO C 662 -32.62 22.09 -14.04
C PRO C 662 -31.51 22.51 -13.09
N ILE C 663 -31.93 22.96 -11.91
CA ILE C 663 -31.00 23.32 -10.85
C ILE C 663 -31.23 22.35 -9.70
N GLY C 664 -32.31 22.55 -8.96
CA GLY C 664 -32.81 21.60 -8.00
C GLY C 664 -33.63 22.29 -6.92
N ALA C 665 -34.36 21.48 -6.14
CA ALA C 665 -35.29 21.87 -5.06
C ALA C 665 -36.34 22.90 -5.49
N GLY C 666 -36.85 22.73 -6.71
CA GLY C 666 -38.00 23.47 -7.20
C GLY C 666 -37.69 24.74 -7.96
N ILE C 667 -36.44 25.00 -8.31
CA ILE C 667 -36.11 26.14 -9.15
C ILE C 667 -35.49 25.64 -10.45
N CYS C 668 -35.57 26.47 -11.49
CA CYS C 668 -35.15 26.07 -12.82
C CYS C 668 -34.39 27.22 -13.47
N ALA C 669 -33.60 26.89 -14.47
CA ALA C 669 -32.77 27.86 -15.17
C ALA C 669 -33.15 27.93 -16.64
N SER C 670 -33.15 29.14 -17.18
CA SER C 670 -33.41 29.36 -18.60
C SER C 670 -32.69 30.64 -19.02
N TYR C 671 -32.42 30.73 -20.32
CA TYR C 671 -31.77 31.90 -20.90
C TYR C 671 -32.83 32.74 -21.61
N GLN C 672 -33.14 33.91 -21.04
CA GLN C 672 -34.13 34.82 -21.60
C GLN C 672 -33.50 36.19 -21.76
N THR C 673 -34.16 37.03 -22.57
CA THR C 673 -33.70 38.39 -22.83
C THR C 673 -34.09 39.32 -21.67
N SER C 686 -28.11 43.44 -23.06
CA SER C 686 -29.34 43.48 -22.28
C SER C 686 -29.85 42.07 -21.99
N GLN C 687 -29.04 41.06 -22.34
CA GLN C 687 -29.39 39.67 -22.14
C GLN C 687 -28.55 39.09 -21.01
N SER C 688 -29.21 38.41 -20.07
CA SER C 688 -28.53 37.77 -18.96
C SER C 688 -29.34 36.57 -18.52
N ILE C 689 -28.69 35.67 -17.79
CA ILE C 689 -29.34 34.46 -17.30
C ILE C 689 -30.19 34.80 -16.07
N ILE C 690 -31.29 34.08 -15.90
CA ILE C 690 -32.22 34.28 -14.80
C ILE C 690 -32.49 32.93 -14.13
N ALA C 691 -32.98 33.00 -12.90
CA ALA C 691 -33.33 31.83 -12.12
C ALA C 691 -34.70 32.04 -11.48
N TYR C 692 -35.60 31.08 -11.69
CA TYR C 692 -36.97 31.20 -11.22
C TYR C 692 -37.50 29.80 -10.95
N THR C 693 -38.74 29.74 -10.45
CA THR C 693 -39.34 28.45 -10.11
C THR C 693 -40.13 27.91 -11.30
N MET C 694 -40.09 26.58 -11.45
CA MET C 694 -40.55 25.91 -12.67
C MET C 694 -42.07 25.90 -12.73
N SER C 695 -42.61 26.42 -13.83
CA SER C 695 -44.05 26.56 -13.99
C SER C 695 -44.70 25.23 -14.32
N LEU C 696 -45.97 25.10 -13.96
CA LEU C 696 -46.73 23.89 -14.26
C LEU C 696 -47.48 23.98 -15.58
N GLY C 697 -47.32 25.07 -16.32
CA GLY C 697 -47.99 25.28 -17.59
C GLY C 697 -49.20 26.18 -17.43
N ALA C 698 -50.01 26.20 -18.50
CA ALA C 698 -51.22 27.02 -18.52
C ALA C 698 -52.31 26.38 -17.66
N GLU C 699 -53.25 27.22 -17.22
CA GLU C 699 -54.31 26.79 -16.32
C GLU C 699 -55.66 27.09 -16.98
N ASN C 700 -56.60 26.14 -16.86
CA ASN C 700 -57.97 26.34 -17.29
C ASN C 700 -58.89 25.66 -16.29
N SER C 701 -60.10 26.18 -16.13
CA SER C 701 -61.02 25.66 -15.14
C SER C 701 -62.24 25.01 -15.80
N VAL C 702 -62.61 23.84 -15.32
CA VAL C 702 -63.78 23.11 -15.81
C VAL C 702 -64.87 23.21 -14.76
N ALA C 703 -65.98 23.85 -15.13
CA ALA C 703 -67.11 24.01 -14.23
C ALA C 703 -67.88 22.70 -14.09
N TYR C 704 -68.65 22.60 -13.01
CA TYR C 704 -69.45 21.43 -12.74
C TYR C 704 -70.93 21.76 -12.90
N SER C 705 -71.55 21.15 -13.90
CA SER C 705 -72.99 21.26 -14.11
C SER C 705 -73.53 19.91 -14.53
N ASN C 706 -74.58 19.47 -13.86
CA ASN C 706 -75.18 18.15 -14.09
C ASN C 706 -75.99 18.08 -15.38
N ASN C 707 -76.52 19.21 -15.86
CA ASN C 707 -77.40 19.19 -17.02
C ASN C 707 -76.68 19.48 -18.34
N SER C 708 -75.36 19.64 -18.32
CA SER C 708 -74.61 20.00 -19.52
C SER C 708 -73.55 18.95 -19.83
N ILE C 709 -73.24 18.82 -21.12
CA ILE C 709 -72.18 17.94 -21.59
C ILE C 709 -71.55 18.59 -22.83
N ALA C 710 -70.22 18.48 -22.94
CA ALA C 710 -69.46 19.04 -24.06
C ALA C 710 -69.05 17.91 -24.99
N ILE C 711 -69.50 17.98 -26.24
CA ILE C 711 -69.15 17.01 -27.27
C ILE C 711 -68.54 17.80 -28.42
N PRO C 712 -67.43 17.34 -29.02
CA PRO C 712 -66.81 18.11 -30.12
C PRO C 712 -67.57 17.99 -31.43
N THR C 713 -67.60 19.10 -32.16
CA THR C 713 -68.10 19.12 -33.53
C THR C 713 -67.00 19.04 -34.57
N ASN C 714 -65.74 19.03 -34.17
CA ASN C 714 -64.63 19.05 -35.11
C ASN C 714 -63.43 18.38 -34.45
N PHE C 715 -62.61 17.71 -35.27
CA PHE C 715 -61.41 17.04 -34.78
C PHE C 715 -60.25 17.36 -35.73
N THR C 716 -59.10 17.69 -35.14
CA THR C 716 -57.86 17.89 -35.89
C THR C 716 -56.83 16.91 -35.36
N ILE C 717 -56.38 16.00 -36.22
CA ILE C 717 -55.52 14.89 -35.81
C ILE C 717 -54.15 15.07 -36.44
N SER C 718 -53.13 14.48 -35.81
CA SER C 718 -51.75 14.65 -36.23
C SER C 718 -50.96 13.39 -35.93
N VAL C 719 -49.64 13.49 -36.08
CA VAL C 719 -48.73 12.37 -35.93
C VAL C 719 -47.87 12.60 -34.68
N THR C 720 -47.94 11.67 -33.73
CA THR C 720 -47.12 11.70 -32.52
C THR C 720 -46.06 10.61 -32.63
N THR C 721 -44.79 10.99 -32.51
CA THR C 721 -43.68 10.09 -32.77
C THR C 721 -43.01 9.67 -31.46
N GLU C 722 -42.55 8.43 -31.40
CA GLU C 722 -41.72 7.94 -30.31
C GLU C 722 -40.67 6.98 -30.86
N ILE C 723 -39.44 7.12 -30.38
CA ILE C 723 -38.27 6.41 -30.90
C ILE C 723 -37.57 5.72 -29.74
N LEU C 724 -37.47 4.38 -29.80
CA LEU C 724 -36.83 3.60 -28.74
C LEU C 724 -35.76 2.70 -29.34
N PRO C 725 -34.62 2.51 -28.65
CA PRO C 725 -33.56 1.65 -29.18
C PRO C 725 -33.87 0.16 -29.02
N VAL C 726 -33.12 -0.64 -29.77
CA VAL C 726 -33.19 -2.09 -29.68
C VAL C 726 -31.82 -2.74 -29.48
N SER C 727 -30.85 -2.53 -30.38
CA SER C 727 -29.57 -3.22 -30.29
C SER C 727 -28.44 -2.26 -29.98
N MET C 728 -27.22 -2.79 -29.88
CA MET C 728 -26.04 -2.00 -29.54
C MET C 728 -24.85 -2.52 -30.33
N THR C 729 -23.77 -1.74 -30.30
CA THR C 729 -22.51 -2.13 -30.94
C THR C 729 -21.84 -3.24 -30.15
N LYS C 730 -21.04 -4.05 -30.83
CA LYS C 730 -20.40 -5.20 -30.20
C LYS C 730 -18.90 -4.98 -30.08
N THR C 731 -18.37 -5.13 -28.87
CA THR C 731 -16.94 -5.14 -28.63
C THR C 731 -16.53 -6.48 -28.05
N SER C 732 -15.79 -7.26 -28.82
CA SER C 732 -15.28 -8.56 -28.37
C SER C 732 -13.80 -8.38 -28.07
N VAL C 733 -13.45 -8.46 -26.78
CA VAL C 733 -12.10 -8.18 -26.32
C VAL C 733 -11.40 -9.51 -26.09
N ASP C 734 -10.37 -9.77 -26.87
CA ASP C 734 -9.51 -10.93 -26.66
C ASP C 734 -8.54 -10.61 -25.53
N CYS C 735 -8.26 -11.59 -24.66
CA CYS C 735 -7.39 -11.34 -23.52
C CYS C 735 -5.92 -11.52 -23.87
N THR C 736 -5.63 -12.01 -25.07
CA THR C 736 -4.24 -12.21 -25.48
C THR C 736 -3.57 -10.89 -25.87
N MET C 737 -4.25 -10.09 -26.69
CA MET C 737 -3.69 -8.84 -27.20
C MET C 737 -4.02 -7.62 -26.35
N TYR C 738 -4.79 -7.79 -25.28
CA TYR C 738 -5.19 -6.65 -24.47
C TYR C 738 -4.19 -6.38 -23.35
N ILE C 739 -4.01 -7.35 -22.45
CA ILE C 739 -3.15 -7.18 -21.28
C ILE C 739 -1.66 -7.32 -21.57
N CYS C 740 -1.28 -7.73 -22.79
CA CYS C 740 0.10 -8.06 -23.10
C CYS C 740 0.68 -7.07 -24.10
N GLY C 741 2.00 -6.91 -24.06
CA GLY C 741 2.75 -5.99 -24.89
C GLY C 741 3.45 -6.67 -26.05
N ASP C 742 2.84 -7.79 -26.50
CA ASP C 742 3.40 -8.79 -27.44
C ASP C 742 4.72 -9.36 -26.92
N SER C 743 4.67 -9.85 -25.68
CA SER C 743 5.76 -10.59 -25.06
C SER C 743 5.25 -11.95 -24.62
N THR C 744 6.10 -12.96 -24.74
CA THR C 744 5.71 -14.32 -24.41
C THR C 744 5.66 -14.60 -22.92
N GLU C 745 6.31 -13.77 -22.10
CA GLU C 745 6.27 -13.95 -20.65
C GLU C 745 5.01 -13.37 -20.03
N CYS C 746 4.25 -12.57 -20.78
CA CYS C 746 2.95 -12.09 -20.32
C CYS C 746 1.93 -13.22 -20.29
N SER C 747 2.02 -14.15 -21.25
CA SER C 747 1.08 -15.27 -21.29
C SER C 747 1.43 -16.35 -20.28
N ASN C 748 2.68 -16.38 -19.81
CA ASN C 748 3.07 -17.37 -18.81
C ASN C 748 2.54 -16.99 -17.42
N LEU C 749 2.36 -15.70 -17.17
CA LEU C 749 1.77 -15.26 -15.91
C LEU C 749 0.25 -15.24 -15.97
N LEU C 750 -0.33 -15.34 -17.16
CA LEU C 750 -1.78 -15.43 -17.28
C LEU C 750 -2.26 -16.84 -16.96
N LEU C 751 -1.48 -17.85 -17.34
CA LEU C 751 -1.83 -19.25 -17.07
C LEU C 751 -1.60 -19.67 -15.63
N GLN C 752 -0.85 -18.87 -14.85
CA GLN C 752 -0.78 -19.10 -13.41
C GLN C 752 -2.08 -18.68 -12.73
N TYR C 753 -2.77 -17.68 -13.28
CA TYR C 753 -4.10 -17.32 -12.78
C TYR C 753 -5.17 -18.30 -13.25
N GLY C 754 -4.93 -19.01 -14.35
CA GLY C 754 -5.93 -19.92 -14.84
C GLY C 754 -7.01 -19.35 -15.75
N SER C 755 -8.23 -19.80 -15.53
CA SER C 755 -9.34 -19.83 -16.48
C SER C 755 -10.16 -18.55 -16.47
N PHE C 756 -9.66 -17.47 -15.82
CA PHE C 756 -10.38 -16.19 -15.68
C PHE C 756 -10.66 -15.46 -17.00
N CYS C 757 -9.94 -15.75 -18.08
CA CYS C 757 -10.32 -15.23 -19.39
C CYS C 757 -11.57 -15.93 -19.93
N THR C 758 -11.78 -17.20 -19.56
CA THR C 758 -12.72 -18.05 -20.29
C THR C 758 -14.18 -17.81 -19.92
N GLN C 759 -14.45 -17.20 -18.76
CA GLN C 759 -15.84 -16.85 -18.44
C GLN C 759 -16.25 -15.58 -19.19
N LEU C 760 -15.29 -14.71 -19.49
CA LEU C 760 -15.61 -13.46 -20.18
C LEU C 760 -15.66 -13.65 -21.69
N LYS C 761 -15.13 -14.77 -22.19
CA LYS C 761 -15.30 -15.08 -23.62
C LYS C 761 -16.71 -15.56 -23.92
N ARG C 762 -17.33 -16.25 -22.97
CA ARG C 762 -18.73 -16.61 -23.13
C ARG C 762 -19.68 -15.59 -22.51
N ALA C 763 -19.14 -14.54 -21.86
CA ALA C 763 -19.98 -13.42 -21.47
C ALA C 763 -20.18 -12.44 -22.63
N LEU C 764 -19.11 -12.20 -23.40
CA LEU C 764 -19.21 -11.26 -24.52
C LEU C 764 -19.90 -11.89 -25.73
N THR C 765 -19.81 -13.21 -25.87
CA THR C 765 -20.64 -13.89 -26.85
C THR C 765 -21.99 -14.29 -26.26
N GLY C 766 -22.15 -14.17 -24.94
CA GLY C 766 -23.46 -14.39 -24.35
C GLY C 766 -24.34 -13.16 -24.42
N ILE C 767 -23.72 -11.98 -24.46
CA ILE C 767 -24.49 -10.78 -24.75
C ILE C 767 -24.61 -10.54 -26.25
N ALA C 768 -23.84 -11.27 -27.06
CA ALA C 768 -24.03 -11.23 -28.51
C ALA C 768 -25.27 -12.03 -28.92
N VAL C 769 -25.50 -13.17 -28.26
CA VAL C 769 -26.72 -13.94 -28.53
C VAL C 769 -27.89 -13.42 -27.71
N GLU C 770 -27.65 -12.53 -26.74
CA GLU C 770 -28.74 -11.84 -26.07
C GLU C 770 -29.36 -10.79 -26.99
N GLN C 771 -28.53 -10.11 -27.79
CA GLN C 771 -29.09 -9.15 -28.74
C GLN C 771 -29.42 -9.81 -30.07
N ASP C 772 -29.11 -11.11 -30.23
CA ASP C 772 -29.61 -11.85 -31.38
C ASP C 772 -30.92 -12.55 -31.06
N LYS C 773 -31.42 -12.37 -29.84
CA LYS C 773 -32.77 -12.85 -29.51
C LYS C 773 -33.83 -11.89 -30.01
N ASN C 774 -33.61 -10.57 -29.84
CA ASN C 774 -34.65 -9.60 -30.13
C ASN C 774 -34.56 -8.98 -31.52
N THR C 775 -33.55 -9.32 -32.33
CA THR C 775 -33.56 -8.89 -33.72
C THR C 775 -34.54 -9.72 -34.55
N GLN C 776 -34.73 -10.99 -34.19
CA GLN C 776 -35.78 -11.79 -34.79
C GLN C 776 -37.08 -11.75 -34.00
N GLU C 777 -37.15 -10.98 -32.92
CA GLU C 777 -38.44 -10.64 -32.34
C GLU C 777 -39.09 -9.44 -33.03
N VAL C 778 -38.29 -8.41 -33.32
CA VAL C 778 -38.81 -7.14 -33.82
C VAL C 778 -38.90 -7.15 -35.35
N PHE C 779 -37.76 -7.32 -36.02
CA PHE C 779 -37.67 -7.06 -37.46
C PHE C 779 -38.26 -8.20 -38.27
N ALA C 780 -38.00 -9.44 -37.87
CA ALA C 780 -38.55 -10.60 -38.58
C ALA C 780 -39.73 -11.16 -37.79
N GLN C 781 -40.92 -10.98 -38.35
CA GLN C 781 -42.16 -11.45 -37.73
C GLN C 781 -42.94 -12.37 -38.66
N VAL C 782 -43.42 -11.84 -39.78
CA VAL C 782 -44.13 -12.62 -40.78
C VAL C 782 -43.08 -13.22 -41.71
N LYS C 783 -43.12 -14.55 -41.86
CA LYS C 783 -42.20 -15.27 -42.73
C LYS C 783 -42.45 -14.99 -44.21
N GLN C 784 -43.71 -14.88 -44.62
CA GLN C 784 -44.05 -14.61 -46.01
C GLN C 784 -43.80 -13.13 -46.34
N ILE C 785 -42.96 -12.89 -47.34
CA ILE C 785 -42.57 -11.54 -47.73
C ILE C 785 -43.50 -11.09 -48.85
N TYR C 786 -44.18 -9.97 -48.64
CA TYR C 786 -45.19 -9.49 -49.56
C TYR C 786 -44.58 -8.55 -50.61
N LYS C 787 -45.43 -8.07 -51.51
CA LYS C 787 -45.01 -7.23 -52.62
C LYS C 787 -46.05 -6.13 -52.83
N THR C 788 -45.56 -4.90 -53.01
CA THR C 788 -46.45 -3.78 -53.29
C THR C 788 -46.95 -3.85 -54.73
N PRO C 789 -48.21 -3.49 -54.99
CA PRO C 789 -48.71 -3.48 -56.37
C PRO C 789 -48.18 -2.29 -57.15
N PRO C 790 -48.01 -2.41 -58.47
CA PRO C 790 -47.50 -1.26 -59.25
C PRO C 790 -48.49 -0.12 -59.44
N ILE C 791 -49.78 -0.35 -59.26
CA ILE C 791 -50.79 0.68 -59.48
C ILE C 791 -51.24 1.22 -58.13
N LYS C 792 -51.03 2.51 -57.89
CA LYS C 792 -51.46 3.14 -56.65
C LYS C 792 -52.57 4.16 -56.93
N TYR C 793 -53.80 3.82 -56.53
CA TYR C 793 -54.87 4.79 -56.33
C TYR C 793 -55.56 4.42 -55.03
N PHE C 794 -55.39 5.27 -54.01
CA PHE C 794 -56.03 5.08 -52.72
C PHE C 794 -57.25 5.96 -52.52
N GLY C 795 -57.62 6.77 -53.51
CA GLY C 795 -58.68 7.74 -53.33
C GLY C 795 -58.17 9.12 -52.97
N GLY C 796 -56.91 9.38 -53.28
CA GLY C 796 -56.28 10.65 -52.97
C GLY C 796 -55.31 10.64 -51.81
N PHE C 797 -54.98 9.47 -51.27
CA PHE C 797 -54.01 9.32 -50.19
C PHE C 797 -52.65 9.00 -50.81
N ASN C 798 -51.62 9.76 -50.43
CA ASN C 798 -50.28 9.52 -50.95
C ASN C 798 -49.54 8.65 -49.94
N PHE C 799 -49.35 7.38 -50.29
CA PHE C 799 -48.55 6.44 -49.51
C PHE C 799 -47.16 6.20 -50.10
N SER C 800 -46.80 6.92 -51.17
CA SER C 800 -45.56 6.62 -51.89
C SER C 800 -44.32 7.14 -51.16
N GLN C 801 -44.49 8.10 -50.26
CA GLN C 801 -43.33 8.64 -49.54
C GLN C 801 -42.89 7.76 -48.39
N ILE C 802 -43.76 6.88 -47.89
CA ILE C 802 -43.37 5.95 -46.82
C ILE C 802 -42.78 4.68 -47.41
N LEU C 803 -42.94 4.44 -48.72
CA LEU C 803 -42.43 3.26 -49.40
C LEU C 803 -41.03 3.52 -49.95
N PRO C 804 -40.15 2.51 -49.96
CA PRO C 804 -38.80 2.71 -50.52
C PRO C 804 -38.80 2.78 -52.04
N ASP C 805 -37.70 3.32 -52.58
CA ASP C 805 -37.57 3.58 -54.00
C ASP C 805 -36.93 2.37 -54.68
N PRO C 806 -37.62 1.69 -55.60
CA PRO C 806 -37.00 0.58 -56.33
C PRO C 806 -35.94 0.98 -57.35
N SER C 807 -35.94 2.24 -57.82
CA SER C 807 -34.96 2.67 -58.80
C SER C 807 -33.61 2.94 -58.14
N LYS C 808 -33.61 3.30 -56.87
CA LYS C 808 -32.41 3.48 -56.07
C LYS C 808 -31.81 2.11 -55.74
N PRO C 809 -30.47 1.94 -55.93
CA PRO C 809 -29.87 0.60 -55.76
C PRO C 809 -29.80 0.11 -54.31
N SER C 810 -29.69 1.00 -53.33
CA SER C 810 -29.86 0.64 -51.92
C SER C 810 -31.29 0.97 -51.54
N LYS C 811 -31.97 0.02 -50.90
CA LYS C 811 -33.42 0.13 -50.78
C LYS C 811 -33.76 0.87 -49.49
N ARG C 812 -34.18 2.13 -49.65
CA ARG C 812 -34.57 3.03 -48.58
C ARG C 812 -35.62 4.00 -49.11
N SER C 813 -36.39 4.58 -48.19
CA SER C 813 -37.31 5.66 -48.54
C SER C 813 -36.65 7.00 -48.24
N PHE C 814 -37.42 8.08 -48.43
CA PHE C 814 -36.88 9.42 -48.21
C PHE C 814 -36.82 9.78 -46.73
N ILE C 815 -37.68 9.17 -45.92
CA ILE C 815 -37.70 9.49 -44.49
C ILE C 815 -36.57 8.77 -43.76
N GLU C 816 -36.37 7.49 -44.07
CA GLU C 816 -35.33 6.71 -43.39
C GLU C 816 -33.93 6.95 -43.96
N ASP C 817 -33.82 7.65 -45.09
CA ASP C 817 -32.51 8.14 -45.53
C ASP C 817 -32.03 9.28 -44.64
N LEU C 818 -32.96 10.08 -44.12
CA LEU C 818 -32.60 11.13 -43.17
C LEU C 818 -32.34 10.56 -41.78
N LEU C 819 -32.85 9.36 -41.49
CA LEU C 819 -32.53 8.72 -40.22
C LEU C 819 -31.11 8.17 -40.22
N PHE C 820 -30.61 7.78 -41.40
CA PHE C 820 -29.26 7.24 -41.48
C PHE C 820 -28.21 8.36 -41.48
N ASN C 821 -28.54 9.50 -42.08
CA ASN C 821 -27.54 10.55 -42.28
C ASN C 821 -27.27 11.38 -41.03
N LYS C 822 -28.25 11.52 -40.14
CA LYS C 822 -28.08 12.36 -38.96
C LYS C 822 -27.27 11.70 -37.85
N VAL C 823 -27.36 10.38 -37.70
CA VAL C 823 -26.63 9.66 -36.67
C VAL C 823 -25.39 9.05 -37.32
N THR C 824 -24.28 9.02 -36.57
CA THR C 824 -23.02 8.48 -37.06
C THR C 824 -22.64 7.21 -36.30
N LYS C 851 -7.79 0.92 -31.39
CA LYS C 851 -8.22 0.31 -32.64
C LYS C 851 -7.53 -1.04 -32.86
N PHE C 852 -6.19 -0.99 -32.85
CA PHE C 852 -5.34 -2.16 -33.10
C PHE C 852 -4.90 -2.81 -31.79
N LYS C 853 -5.48 -2.37 -30.67
CA LYS C 853 -5.13 -2.81 -29.33
C LYS C 853 -5.83 -4.10 -28.90
N GLY C 854 -6.59 -4.72 -29.80
CA GLY C 854 -7.34 -5.92 -29.48
C GLY C 854 -8.84 -5.75 -29.46
N LEU C 855 -9.35 -4.52 -29.61
CA LEU C 855 -10.77 -4.30 -29.79
C LEU C 855 -11.15 -4.72 -31.20
N THR C 856 -12.29 -5.41 -31.32
CA THR C 856 -12.83 -5.79 -32.62
C THR C 856 -14.19 -5.15 -32.80
N VAL C 857 -14.38 -4.47 -33.92
CA VAL C 857 -15.69 -3.91 -34.26
C VAL C 857 -16.42 -4.98 -35.07
N LEU C 858 -17.45 -5.55 -34.48
CA LEU C 858 -18.05 -6.73 -35.06
C LEU C 858 -19.39 -6.37 -35.70
N PRO C 859 -19.58 -6.65 -37.00
CA PRO C 859 -20.89 -6.42 -37.60
C PRO C 859 -21.89 -7.48 -37.16
N PRO C 860 -23.18 -7.15 -37.08
CA PRO C 860 -24.18 -8.12 -36.63
C PRO C 860 -24.59 -9.07 -37.76
N LEU C 861 -25.58 -9.91 -37.44
CA LEU C 861 -26.08 -10.89 -38.40
C LEU C 861 -26.93 -10.23 -39.48
N LEU C 862 -27.68 -9.20 -39.11
CA LEU C 862 -28.56 -8.49 -40.04
C LEU C 862 -27.92 -7.16 -40.41
N THR C 863 -27.52 -7.03 -41.68
CA THR C 863 -26.99 -5.78 -42.19
C THR C 863 -28.14 -4.88 -42.64
N ASP C 864 -27.81 -3.67 -43.10
CA ASP C 864 -28.81 -2.64 -43.36
C ASP C 864 -29.60 -2.83 -44.65
N GLU C 865 -29.21 -3.78 -45.50
CA GLU C 865 -29.99 -4.06 -46.70
C GLU C 865 -31.23 -4.87 -46.36
N MET C 866 -31.09 -5.93 -45.55
CA MET C 866 -32.22 -6.82 -45.30
C MET C 866 -33.09 -6.38 -44.13
N ILE C 867 -32.63 -5.43 -43.32
CA ILE C 867 -33.48 -4.85 -42.27
C ILE C 867 -34.55 -3.96 -42.89
N ALA C 868 -34.18 -3.20 -43.93
CA ALA C 868 -35.15 -2.43 -44.69
C ALA C 868 -36.01 -3.32 -45.59
N GLN C 869 -35.53 -4.52 -45.94
CA GLN C 869 -36.36 -5.50 -46.62
C GLN C 869 -37.36 -6.12 -45.65
N TYR C 870 -36.98 -6.27 -44.38
CA TYR C 870 -37.95 -6.70 -43.36
C TYR C 870 -38.88 -5.57 -42.98
N THR C 871 -38.43 -4.32 -43.15
CA THR C 871 -39.28 -3.16 -42.86
C THR C 871 -40.33 -2.98 -43.96
N SER C 872 -39.92 -3.10 -45.22
CA SER C 872 -40.85 -2.87 -46.34
C SER C 872 -41.77 -4.07 -46.58
N ALA C 873 -41.45 -5.23 -46.00
CA ALA C 873 -42.38 -6.36 -46.05
C ALA C 873 -43.57 -6.15 -45.12
N LEU C 874 -43.33 -5.62 -43.92
CA LEU C 874 -44.42 -5.35 -43.01
C LEU C 874 -45.12 -4.03 -43.31
N LEU C 875 -44.46 -3.13 -44.05
CA LEU C 875 -45.17 -1.96 -44.58
C LEU C 875 -46.03 -2.32 -45.78
N ALA C 876 -45.72 -3.43 -46.47
CA ALA C 876 -46.59 -3.91 -47.54
C ALA C 876 -47.85 -4.56 -46.97
N GLY C 877 -47.77 -5.11 -45.75
CA GLY C 877 -48.95 -5.67 -45.13
C GLY C 877 -49.73 -4.67 -44.30
N THR C 878 -49.10 -3.54 -43.95
CA THR C 878 -49.80 -2.50 -43.20
C THR C 878 -50.75 -1.72 -44.11
N ILE C 879 -50.29 -1.41 -45.33
CA ILE C 879 -51.10 -0.67 -46.28
C ILE C 879 -52.18 -1.56 -46.90
N THR C 880 -51.77 -2.73 -47.39
CA THR C 880 -52.69 -3.60 -48.12
C THR C 880 -53.48 -4.51 -47.18
N SER C 881 -52.78 -5.35 -46.41
CA SER C 881 -53.42 -6.48 -45.74
C SER C 881 -54.15 -6.08 -44.46
N GLY C 882 -53.95 -4.86 -43.97
CA GLY C 882 -54.62 -4.41 -42.76
C GLY C 882 -54.09 -5.00 -41.47
N TRP C 883 -54.99 -5.51 -40.62
CA TRP C 883 -54.62 -6.17 -39.38
C TRP C 883 -54.55 -7.69 -39.50
N THR C 884 -54.68 -8.23 -40.71
CA THR C 884 -54.75 -9.68 -40.89
C THR C 884 -53.42 -10.33 -41.28
N PHE C 885 -52.34 -9.55 -41.45
CA PHE C 885 -51.10 -10.17 -41.91
C PHE C 885 -50.31 -10.80 -40.77
N GLY C 886 -50.55 -10.39 -39.53
CA GLY C 886 -50.00 -11.07 -38.37
C GLY C 886 -50.95 -12.06 -37.75
N ALA C 887 -52.04 -12.37 -38.44
CA ALA C 887 -53.12 -13.24 -37.98
C ALA C 887 -52.92 -14.67 -38.47
N GLY C 888 -51.75 -14.98 -39.03
CA GLY C 888 -51.65 -16.13 -39.89
C GLY C 888 -51.66 -15.73 -41.35
N ALA C 889 -52.21 -16.60 -42.22
CA ALA C 889 -52.17 -16.49 -43.67
C ALA C 889 -52.92 -15.25 -44.18
N ALA C 890 -52.54 -14.83 -45.39
CA ALA C 890 -52.77 -13.45 -45.84
C ALA C 890 -54.20 -13.23 -46.30
N LEU C 891 -54.75 -12.08 -45.89
CA LEU C 891 -56.05 -11.59 -46.34
C LEU C 891 -55.86 -10.17 -46.85
N GLN C 892 -56.59 -9.80 -47.89
CA GLN C 892 -56.49 -8.47 -48.46
C GLN C 892 -57.76 -7.67 -48.18
N ILE C 893 -57.58 -6.36 -48.06
CA ILE C 893 -58.68 -5.45 -47.75
C ILE C 893 -58.37 -4.13 -48.48
N PRO C 894 -59.37 -3.36 -48.92
CA PRO C 894 -59.11 -1.99 -49.35
C PRO C 894 -59.01 -1.04 -48.16
N PHE C 895 -58.69 0.22 -48.46
CA PHE C 895 -58.39 1.19 -47.42
C PHE C 895 -59.66 1.80 -46.81
N ALA C 896 -60.76 1.81 -47.57
CA ALA C 896 -61.97 2.51 -47.17
C ALA C 896 -62.73 1.76 -46.08
N MET C 897 -62.83 0.44 -46.20
CA MET C 897 -63.40 -0.37 -45.13
C MET C 897 -62.35 -0.91 -44.17
N GLN C 898 -61.08 -0.52 -44.33
CA GLN C 898 -60.09 -0.76 -43.28
C GLN C 898 -60.36 0.12 -42.07
N MET C 899 -60.88 1.34 -42.31
CA MET C 899 -61.23 2.23 -41.20
C MET C 899 -62.58 1.88 -40.61
N ALA C 900 -63.37 1.04 -41.28
CA ALA C 900 -64.59 0.52 -40.68
C ALA C 900 -64.28 -0.54 -39.64
N TYR C 901 -63.12 -1.18 -39.72
CA TYR C 901 -62.68 -2.10 -38.67
C TYR C 901 -62.11 -1.35 -37.47
N ARG C 902 -61.31 -0.31 -37.73
CA ARG C 902 -60.54 0.34 -36.67
C ARG C 902 -61.39 1.31 -35.86
N PHE C 903 -62.22 2.12 -36.52
CA PHE C 903 -63.01 3.11 -35.81
C PHE C 903 -64.25 2.54 -35.13
N ASN C 904 -64.65 1.31 -35.48
CA ASN C 904 -65.78 0.69 -34.80
C ASN C 904 -65.42 0.19 -33.41
N GLY C 905 -64.15 -0.16 -33.20
CA GLY C 905 -63.72 -0.62 -31.89
C GLY C 905 -63.54 0.50 -30.89
N ILE C 906 -63.24 1.71 -31.36
CA ILE C 906 -63.05 2.85 -30.48
C ILE C 906 -64.31 3.70 -30.35
N GLY C 907 -65.42 3.29 -30.96
CA GLY C 907 -66.67 3.99 -30.80
C GLY C 907 -66.92 5.15 -31.73
N VAL C 908 -66.38 5.11 -32.95
CA VAL C 908 -66.59 6.15 -33.95
C VAL C 908 -67.46 5.56 -35.06
N THR C 909 -68.56 6.24 -35.38
CA THR C 909 -69.48 5.78 -36.41
C THR C 909 -68.88 5.95 -37.81
N GLN C 910 -69.44 5.20 -38.75
CA GLN C 910 -68.90 5.06 -40.10
C GLN C 910 -69.22 6.26 -41.00
N ASN C 911 -70.23 7.06 -40.64
CA ASN C 911 -70.71 8.13 -41.52
C ASN C 911 -69.79 9.35 -41.56
N VAL C 912 -68.88 9.49 -40.59
CA VAL C 912 -67.90 10.57 -40.64
C VAL C 912 -66.64 10.18 -41.40
N LEU C 913 -66.54 8.93 -41.85
CA LEU C 913 -65.37 8.50 -42.61
C LEU C 913 -65.47 8.89 -44.07
N TYR C 914 -66.66 8.73 -44.67
CA TYR C 914 -66.82 8.83 -46.11
C TYR C 914 -67.31 10.20 -46.59
N GLU C 915 -67.51 11.16 -45.69
CA GLU C 915 -68.09 12.45 -46.05
C GLU C 915 -67.03 13.50 -46.35
N ASN C 916 -66.21 13.83 -45.35
CA ASN C 916 -65.24 14.91 -45.39
C ASN C 916 -63.85 14.41 -45.81
N GLN C 917 -63.80 13.20 -46.38
CA GLN C 917 -62.56 12.47 -46.68
C GLN C 917 -61.67 13.10 -47.77
N LYS C 918 -62.14 14.11 -48.50
CA LYS C 918 -61.25 14.86 -49.39
C LYS C 918 -60.27 15.71 -48.60
N LEU C 919 -60.70 16.27 -47.46
CA LEU C 919 -59.77 17.04 -46.63
C LEU C 919 -59.11 16.19 -45.55
N ILE C 920 -59.54 14.93 -45.38
CA ILE C 920 -58.80 14.01 -44.53
C ILE C 920 -57.52 13.56 -45.23
N ALA C 921 -57.58 13.41 -46.56
CA ALA C 921 -56.37 13.15 -47.34
C ALA C 921 -55.50 14.41 -47.48
N ASN C 922 -56.08 15.59 -47.31
CA ASN C 922 -55.29 16.81 -47.33
C ASN C 922 -54.55 17.00 -46.01
N GLN C 923 -55.18 16.64 -44.89
CA GLN C 923 -54.52 16.82 -43.60
C GLN C 923 -53.58 15.67 -43.25
N PHE C 924 -53.68 14.54 -43.95
CA PHE C 924 -52.67 13.50 -43.79
C PHE C 924 -51.37 13.88 -44.48
N ASN C 925 -51.46 14.60 -45.61
CA ASN C 925 -50.25 14.98 -46.34
C ASN C 925 -49.53 16.15 -45.67
N SER C 926 -50.26 16.95 -44.89
CA SER C 926 -49.62 17.96 -44.06
C SER C 926 -49.05 17.35 -42.79
N ALA C 927 -49.57 16.20 -42.36
CA ALA C 927 -49.06 15.55 -41.15
C ALA C 927 -47.76 14.81 -41.41
N ILE C 928 -47.63 14.19 -42.60
CA ILE C 928 -46.36 13.61 -42.99
C ILE C 928 -45.39 14.72 -43.39
N GLY C 929 -45.92 15.83 -43.93
CA GLY C 929 -45.08 16.98 -44.23
C GLY C 929 -44.63 17.76 -43.01
N LYS C 930 -45.32 17.59 -41.87
CA LYS C 930 -44.85 18.19 -40.63
C LYS C 930 -43.67 17.42 -40.06
N ILE C 931 -43.75 16.09 -40.05
CA ILE C 931 -42.65 15.29 -39.50
C ILE C 931 -41.50 15.13 -40.49
N GLN C 932 -41.71 15.42 -41.78
CA GLN C 932 -40.59 15.55 -42.69
C GLN C 932 -39.83 16.85 -42.43
N ASP C 933 -40.56 17.90 -42.04
CA ASP C 933 -39.93 19.17 -41.70
C ASP C 933 -39.25 19.12 -40.34
N SER C 934 -39.78 18.31 -39.42
CA SER C 934 -39.22 18.25 -38.07
C SER C 934 -37.95 17.39 -38.03
N LEU C 935 -37.93 16.31 -38.82
CA LEU C 935 -36.76 15.43 -38.84
C LEU C 935 -35.62 15.98 -39.70
N SER C 936 -35.89 16.88 -40.63
CA SER C 936 -34.85 17.49 -41.45
C SER C 936 -34.28 18.76 -40.84
N SER C 937 -34.85 19.26 -39.75
CA SER C 937 -34.40 20.49 -39.10
C SER C 937 -33.98 20.26 -37.65
N THR C 938 -34.90 19.87 -36.80
CA THR C 938 -34.61 19.67 -35.38
C THR C 938 -33.88 18.34 -35.18
N ALA C 939 -32.70 18.41 -34.58
CA ALA C 939 -31.92 17.21 -34.28
C ALA C 939 -32.17 16.68 -32.87
N SER C 940 -33.05 17.31 -32.11
CA SER C 940 -33.34 16.88 -30.74
C SER C 940 -34.39 15.77 -30.67
N ALA C 941 -35.09 15.50 -31.78
CA ALA C 941 -36.03 14.38 -31.79
C ALA C 941 -35.30 13.04 -31.89
N LEU C 942 -34.17 13.01 -32.59
CA LEU C 942 -33.28 11.85 -32.62
C LEU C 942 -32.17 11.95 -31.58
N GLY C 943 -32.21 12.98 -30.74
CA GLY C 943 -31.16 13.24 -29.77
C GLY C 943 -31.12 12.29 -28.59
N LYS C 944 -32.23 11.59 -28.32
CA LYS C 944 -32.26 10.60 -27.25
C LYS C 944 -31.83 9.22 -27.72
N LEU C 945 -31.60 9.03 -29.02
CA LEU C 945 -30.75 7.95 -29.49
C LEU C 945 -29.34 8.40 -29.85
N GLN C 946 -29.06 9.70 -29.76
CA GLN C 946 -27.72 10.19 -30.02
C GLN C 946 -26.79 9.90 -28.85
N ASP C 947 -27.30 9.98 -27.62
CA ASP C 947 -26.49 9.67 -26.45
C ASP C 947 -26.34 8.17 -26.21
N VAL C 948 -27.16 7.34 -26.89
CA VAL C 948 -26.95 5.90 -26.89
C VAL C 948 -25.68 5.56 -27.67
N VAL C 949 -25.45 6.27 -28.78
CA VAL C 949 -24.22 6.14 -29.55
C VAL C 949 -23.05 6.79 -28.80
N ASN C 950 -23.33 7.87 -28.06
CA ASN C 950 -22.26 8.63 -27.39
C ASN C 950 -21.80 7.91 -26.11
N HIS C 951 -22.70 7.17 -25.46
CA HIS C 951 -22.27 6.32 -24.35
C HIS C 951 -21.50 5.08 -24.82
N ASN C 952 -21.44 4.73 -26.08
CA ASN C 952 -20.61 3.51 -26.34
C ASN C 952 -19.09 3.70 -26.43
N ALA C 953 -18.78 4.76 -27.11
CA ALA C 953 -17.38 4.98 -27.29
C ALA C 953 -16.82 5.46 -26.06
N GLN C 954 -17.69 5.90 -25.19
CA GLN C 954 -17.21 6.43 -23.98
C GLN C 954 -16.54 5.26 -23.48
N ALA C 955 -17.21 4.16 -23.67
CA ALA C 955 -16.70 2.99 -23.06
C ALA C 955 -15.36 2.62 -23.51
N LEU C 956 -15.19 2.55 -24.78
CA LEU C 956 -13.96 1.96 -25.18
C LEU C 956 -12.92 2.93 -24.86
N ASN C 957 -13.31 4.16 -24.91
CA ASN C 957 -12.25 5.11 -24.71
C ASN C 957 -11.69 4.88 -23.41
N THR C 958 -12.56 4.54 -22.54
CA THR C 958 -12.15 4.32 -21.24
C THR C 958 -11.19 3.21 -21.22
N LEU C 959 -11.42 2.28 -22.10
CA LEU C 959 -10.58 1.15 -22.07
C LEU C 959 -9.25 1.64 -22.47
N VAL C 960 -9.22 2.39 -23.52
CA VAL C 960 -7.96 2.84 -24.05
C VAL C 960 -7.15 3.74 -23.08
N LYS C 961 -7.82 4.58 -22.32
CA LYS C 961 -7.18 5.52 -21.39
C LYS C 961 -6.63 4.78 -20.27
N GLN C 962 -7.24 3.63 -20.12
CA GLN C 962 -6.86 2.80 -19.05
C GLN C 962 -5.46 2.34 -19.31
N LEU C 963 -4.84 2.86 -20.32
CA LEU C 963 -3.46 2.51 -20.45
C LEU C 963 -2.37 3.52 -19.99
N SER C 964 -2.25 4.79 -20.51
CA SER C 964 -1.32 5.76 -19.97
C SER C 964 -1.28 5.78 -18.44
N SER C 965 -2.15 5.01 -17.78
CA SER C 965 -2.18 4.99 -16.33
C SER C 965 -1.09 4.08 -15.80
N LYS C 966 -0.53 4.46 -14.65
CA LYS C 966 0.62 3.75 -14.09
C LYS C 966 0.20 2.52 -13.30
N PHE C 967 -1.10 2.44 -12.93
CA PHE C 967 -1.72 1.43 -12.05
C PHE C 967 -1.02 1.30 -10.70
N GLY C 968 -0.56 2.42 -10.15
CA GLY C 968 0.18 2.42 -8.90
C GLY C 968 1.63 1.98 -8.99
N ALA C 969 2.16 1.75 -10.20
CA ALA C 969 3.53 1.31 -10.38
C ALA C 969 4.37 2.47 -10.89
N ILE C 970 5.66 2.21 -11.13
CA ILE C 970 6.58 3.25 -11.58
C ILE C 970 6.63 3.39 -13.10
N SER C 971 6.05 2.45 -13.85
CA SER C 971 6.04 2.54 -15.31
C SER C 971 4.73 1.97 -15.84
N SER C 972 4.20 2.63 -16.87
CA SER C 972 2.98 2.19 -17.54
C SER C 972 3.26 1.27 -18.72
N VAL C 973 4.52 1.13 -19.11
CA VAL C 973 4.92 0.31 -20.25
C VAL C 973 5.67 -0.91 -19.71
N LEU C 974 5.22 -2.11 -20.10
CA LEU C 974 5.84 -3.33 -19.60
C LEU C 974 7.15 -3.66 -20.30
N ASN C 975 7.43 -3.02 -21.45
CA ASN C 975 8.72 -3.21 -22.11
C ASN C 975 9.80 -2.36 -21.47
N ASP C 976 9.42 -1.33 -20.70
CA ASP C 976 10.40 -0.48 -20.06
C ASP C 976 11.01 -1.14 -18.83
N ILE C 977 10.23 -1.97 -18.12
CA ILE C 977 10.71 -2.62 -16.92
C ILE C 977 11.43 -3.94 -17.19
N PHE C 978 11.51 -4.37 -18.45
CA PHE C 978 12.23 -5.60 -18.76
C PHE C 978 13.75 -5.36 -18.76
N SER C 979 14.18 -4.20 -19.25
CA SER C 979 15.59 -3.87 -19.32
C SER C 979 16.07 -3.04 -18.13
N ARG C 980 15.21 -2.75 -17.17
CA ARG C 980 15.57 -1.90 -16.03
C ARG C 980 15.48 -2.63 -14.70
N LEU C 981 14.29 -3.03 -14.28
CA LEU C 981 14.08 -3.65 -12.98
C LEU C 981 14.54 -5.10 -12.97
N ASP C 982 14.84 -5.59 -11.78
CA ASP C 982 15.25 -6.98 -11.57
C ASP C 982 14.01 -7.86 -11.63
N PRO C 983 13.95 -8.87 -12.52
CA PRO C 983 12.72 -9.71 -12.68
C PRO C 983 12.35 -10.61 -11.50
N PRO C 984 13.21 -10.84 -10.48
CA PRO C 984 12.65 -11.21 -9.17
C PRO C 984 11.59 -10.27 -8.59
N GLU C 985 11.82 -8.95 -8.52
CA GLU C 985 10.75 -8.08 -8.01
C GLU C 985 9.96 -7.36 -9.09
N ALA C 986 10.32 -7.53 -10.38
CA ALA C 986 9.55 -6.87 -11.42
C ALA C 986 8.27 -7.64 -11.74
N GLU C 987 8.25 -8.96 -11.48
CA GLU C 987 7.07 -9.77 -11.77
C GLU C 987 5.99 -9.58 -10.71
N VAL C 988 6.35 -9.06 -9.54
CA VAL C 988 5.35 -8.56 -8.60
C VAL C 988 4.71 -7.29 -9.15
N GLN C 989 5.41 -6.44 -9.83
CA GLN C 989 4.67 -5.31 -10.32
C GLN C 989 3.67 -5.86 -11.31
N ILE C 990 4.06 -6.95 -11.94
CA ILE C 990 3.21 -7.45 -13.01
C ILE C 990 1.91 -7.93 -12.57
N ASP C 991 1.92 -8.54 -11.44
CA ASP C 991 0.71 -9.10 -10.98
C ASP C 991 -0.24 -8.03 -10.72
N ARG C 992 0.25 -6.97 -10.15
CA ARG C 992 -0.62 -5.91 -9.76
C ARG C 992 -1.19 -5.38 -10.99
N LEU C 993 -0.34 -5.31 -11.96
CA LEU C 993 -0.84 -4.69 -13.14
C LEU C 993 -1.94 -5.47 -13.70
N ILE C 994 -1.73 -6.75 -13.67
CA ILE C 994 -2.69 -7.57 -14.29
C ILE C 994 -3.92 -7.44 -13.58
N THR C 995 -3.80 -7.37 -12.30
CA THR C 995 -5.00 -7.37 -11.56
C THR C 995 -5.77 -6.19 -11.90
N GLY C 996 -5.07 -5.10 -11.97
CA GLY C 996 -5.81 -3.89 -12.21
C GLY C 996 -6.49 -3.94 -13.54
N ARG C 997 -5.78 -4.45 -14.51
CA ARG C 997 -6.38 -4.40 -15.80
C ARG C 997 -7.58 -5.20 -15.80
N LEU C 998 -7.47 -6.31 -15.16
CA LEU C 998 -8.56 -7.18 -15.27
C LEU C 998 -9.64 -6.51 -14.62
N GLN C 999 -9.26 -5.74 -13.64
CA GLN C 999 -10.31 -5.22 -12.88
C GLN C 999 -11.10 -4.46 -13.87
N SER C 1000 -10.39 -3.88 -14.81
CA SER C 1000 -11.07 -3.03 -15.72
C SER C 1000 -11.95 -3.82 -16.52
N LEU C 1001 -11.47 -4.98 -16.85
CA LEU C 1001 -12.25 -5.79 -17.70
C LEU C 1001 -13.53 -6.15 -17.01
N GLN C 1002 -13.41 -6.43 -15.75
CA GLN C 1002 -14.61 -6.82 -15.08
C GLN C 1002 -15.56 -5.68 -15.05
N THR C 1003 -15.01 -4.53 -14.82
CA THR C 1003 -15.90 -3.45 -14.70
C THR C 1003 -16.61 -3.26 -15.99
N TYR C 1004 -15.86 -3.48 -17.04
CA TYR C 1004 -16.41 -3.26 -18.34
C TYR C 1004 -17.52 -4.17 -18.56
N VAL C 1005 -17.31 -5.40 -18.21
CA VAL C 1005 -18.36 -6.26 -18.55
C VAL C 1005 -19.56 -5.83 -17.80
N THR C 1006 -19.36 -5.49 -16.54
CA THR C 1006 -20.54 -5.21 -15.76
C THR C 1006 -21.32 -4.10 -16.33
N GLN C 1007 -20.65 -3.08 -16.76
CA GLN C 1007 -21.49 -2.05 -17.26
C GLN C 1007 -22.15 -2.60 -18.48
N GLN C 1008 -21.35 -2.78 -19.52
CA GLN C 1008 -21.85 -3.41 -20.73
C GLN C 1008 -23.09 -4.25 -20.45
N LEU C 1009 -23.05 -5.08 -19.40
CA LEU C 1009 -24.12 -6.06 -19.18
C LEU C 1009 -25.38 -5.45 -18.55
N ILE C 1010 -25.24 -4.38 -17.78
CA ILE C 1010 -26.41 -3.71 -17.21
C ILE C 1010 -27.15 -2.93 -18.30
N ARG C 1011 -26.40 -2.26 -19.18
CA ARG C 1011 -27.02 -1.55 -20.30
C ARG C 1011 -27.46 -2.49 -21.42
N ALA C 1012 -26.96 -3.73 -21.43
CA ALA C 1012 -27.57 -4.75 -22.28
C ALA C 1012 -28.92 -5.20 -21.73
N ALA C 1013 -29.08 -5.15 -20.40
CA ALA C 1013 -30.39 -5.43 -19.82
C ALA C 1013 -31.31 -4.21 -19.89
N GLU C 1014 -30.74 -3.01 -20.05
CA GLU C 1014 -31.57 -1.82 -20.25
C GLU C 1014 -32.13 -1.79 -21.67
N ILE C 1015 -31.37 -2.30 -22.64
CA ILE C 1015 -31.89 -2.39 -24.00
C ILE C 1015 -32.60 -3.72 -24.25
N ARG C 1016 -32.60 -4.63 -23.27
CA ARG C 1016 -33.45 -5.80 -23.36
C ARG C 1016 -34.89 -5.47 -22.98
N ALA C 1017 -35.06 -4.67 -21.93
CA ALA C 1017 -36.41 -4.34 -21.47
C ALA C 1017 -37.05 -3.25 -22.33
N SER C 1018 -36.23 -2.36 -22.90
CA SER C 1018 -36.79 -1.31 -23.73
C SER C 1018 -37.14 -1.83 -25.12
N ALA C 1019 -36.43 -2.84 -25.60
CA ALA C 1019 -36.84 -3.49 -26.85
C ALA C 1019 -37.92 -4.53 -26.60
N ASN C 1020 -38.13 -4.94 -25.35
CA ASN C 1020 -39.35 -5.67 -25.01
C ASN C 1020 -40.55 -4.73 -25.07
N LEU C 1021 -40.34 -3.46 -24.68
CA LEU C 1021 -41.36 -2.44 -24.84
C LEU C 1021 -41.53 -2.06 -26.31
N ALA C 1022 -40.45 -2.11 -27.10
CA ALA C 1022 -40.53 -1.73 -28.51
C ALA C 1022 -41.14 -2.84 -29.36
N ALA C 1023 -40.94 -4.10 -28.97
CA ALA C 1023 -41.58 -5.20 -29.69
C ALA C 1023 -43.04 -5.36 -29.28
N THR C 1024 -43.42 -4.81 -28.13
CA THR C 1024 -44.83 -4.81 -27.75
C THR C 1024 -45.59 -3.79 -28.58
N LYS C 1025 -44.94 -2.70 -28.98
CA LYS C 1025 -45.52 -1.80 -29.98
C LYS C 1025 -45.47 -2.40 -31.38
N MET C 1026 -44.56 -3.33 -31.64
CA MET C 1026 -44.62 -4.08 -32.89
C MET C 1026 -45.75 -5.11 -32.86
N SER C 1027 -46.05 -5.67 -31.69
CA SER C 1027 -47.08 -6.69 -31.60
C SER C 1027 -48.49 -6.09 -31.50
N GLU C 1028 -48.66 -5.03 -30.72
CA GLU C 1028 -50.00 -4.48 -30.49
C GLU C 1028 -50.37 -3.43 -31.54
N CYS C 1029 -49.58 -2.35 -31.64
CA CYS C 1029 -49.93 -1.17 -32.42
C CYS C 1029 -49.86 -1.43 -33.93
N VAL C 1030 -49.07 -2.41 -34.36
CA VAL C 1030 -48.89 -2.72 -35.77
C VAL C 1030 -49.76 -3.89 -36.21
N LEU C 1031 -49.56 -5.07 -35.60
CA LEU C 1031 -50.16 -6.32 -36.04
C LEU C 1031 -51.65 -6.45 -35.72
N GLY C 1032 -52.22 -5.57 -34.92
CA GLY C 1032 -53.58 -5.75 -34.44
C GLY C 1032 -54.16 -4.49 -33.86
N GLN C 1033 -55.24 -4.65 -33.11
CA GLN C 1033 -55.92 -3.54 -32.46
C GLN C 1033 -55.64 -3.55 -30.96
N SER C 1034 -55.64 -2.36 -30.36
CA SER C 1034 -55.34 -2.18 -28.95
C SER C 1034 -56.31 -1.16 -28.36
N LYS C 1035 -56.97 -1.54 -27.27
CA LYS C 1035 -57.92 -0.66 -26.59
C LYS C 1035 -57.27 0.21 -25.53
N ARG C 1036 -56.02 -0.04 -25.17
CA ARG C 1036 -55.32 0.72 -24.15
C ARG C 1036 -54.85 2.06 -24.71
N VAL C 1037 -54.67 3.03 -23.80
CA VAL C 1037 -54.28 4.38 -24.19
C VAL C 1037 -52.95 4.74 -23.54
N ASP C 1038 -52.28 5.73 -24.16
CA ASP C 1038 -50.94 6.27 -23.82
C ASP C 1038 -49.88 5.15 -23.80
N PHE C 1039 -49.93 4.33 -24.83
CA PHE C 1039 -48.97 3.29 -25.21
C PHE C 1039 -48.55 3.46 -26.65
N CYS C 1040 -49.52 3.46 -27.57
CA CYS C 1040 -49.33 3.67 -29.00
C CYS C 1040 -49.35 5.15 -29.38
N GLY C 1041 -49.30 6.05 -28.40
CA GLY C 1041 -49.53 7.47 -28.57
C GLY C 1041 -50.77 7.95 -27.84
N LYS C 1042 -50.84 9.27 -27.70
CA LYS C 1042 -51.78 9.92 -26.78
C LYS C 1042 -53.17 9.94 -27.40
N GLY C 1043 -54.13 9.33 -26.71
CA GLY C 1043 -55.48 9.22 -27.24
C GLY C 1043 -55.68 7.94 -28.01
N TYR C 1044 -56.60 7.93 -28.97
CA TYR C 1044 -56.91 6.73 -29.73
C TYR C 1044 -55.95 6.64 -30.92
N HIS C 1045 -55.32 5.48 -31.06
CA HIS C 1045 -54.37 5.24 -32.14
C HIS C 1045 -55.11 4.85 -33.43
N LEU C 1046 -54.58 5.30 -34.56
CA LEU C 1046 -55.13 4.96 -35.86
C LEU C 1046 -54.27 3.96 -36.62
N MET C 1047 -53.14 4.41 -37.21
CA MET C 1047 -52.29 3.54 -38.01
C MET C 1047 -50.83 3.75 -37.61
N SER C 1048 -50.12 2.64 -37.47
CA SER C 1048 -48.71 2.64 -37.08
C SER C 1048 -47.85 2.35 -38.29
N PHE C 1049 -46.71 3.05 -38.40
CA PHE C 1049 -45.73 2.81 -39.46
C PHE C 1049 -44.34 2.82 -38.84
N PRO C 1050 -43.85 1.67 -38.37
CA PRO C 1050 -42.48 1.62 -37.83
C PRO C 1050 -41.44 1.65 -38.94
N GLN C 1051 -40.32 2.30 -38.67
CA GLN C 1051 -39.29 2.54 -39.67
C GLN C 1051 -37.94 2.00 -39.22
N SER C 1052 -37.04 1.85 -40.19
CA SER C 1052 -35.72 1.30 -39.94
C SER C 1052 -34.73 2.39 -39.57
N ALA C 1053 -33.89 2.11 -38.60
CA ALA C 1053 -32.82 2.98 -38.14
C ALA C 1053 -31.66 2.11 -37.70
N PRO C 1054 -30.41 2.60 -37.80
CA PRO C 1054 -29.32 1.90 -37.11
C PRO C 1054 -29.41 2.04 -35.60
N HIS C 1055 -29.31 0.88 -34.92
CA HIS C 1055 -29.35 0.69 -33.45
C HIS C 1055 -30.62 1.26 -32.81
N GLY C 1056 -31.75 1.08 -33.47
CA GLY C 1056 -33.01 1.59 -32.95
C GLY C 1056 -34.11 1.42 -33.98
N VAL C 1057 -35.34 1.63 -33.51
CA VAL C 1057 -36.52 1.63 -34.37
C VAL C 1057 -37.25 2.96 -34.18
N VAL C 1058 -37.84 3.45 -35.26
CA VAL C 1058 -38.53 4.73 -35.29
C VAL C 1058 -39.99 4.46 -35.62
N PHE C 1059 -40.89 4.81 -34.71
CA PHE C 1059 -42.32 4.61 -34.89
C PHE C 1059 -42.99 5.90 -35.35
N LEU C 1060 -43.94 5.75 -36.26
CA LEU C 1060 -44.78 6.86 -36.72
C LEU C 1060 -46.22 6.47 -36.41
N HIS C 1061 -46.83 7.19 -35.46
CA HIS C 1061 -48.16 6.85 -34.96
C HIS C 1061 -49.11 8.01 -35.20
N VAL C 1062 -50.26 7.71 -35.81
CA VAL C 1062 -51.32 8.69 -36.02
C VAL C 1062 -52.33 8.57 -34.88
N THR C 1063 -52.54 9.66 -34.15
CA THR C 1063 -53.35 9.66 -32.95
C THR C 1063 -54.58 10.54 -33.15
N TYR C 1064 -55.64 10.25 -32.39
CA TYR C 1064 -56.91 10.97 -32.49
C TYR C 1064 -57.01 11.96 -31.33
N VAL C 1065 -56.90 13.24 -31.64
CA VAL C 1065 -57.03 14.33 -30.67
C VAL C 1065 -58.22 15.19 -31.06
N PRO C 1066 -59.26 15.31 -30.22
CA PRO C 1066 -60.31 16.28 -30.50
C PRO C 1066 -59.87 17.69 -30.17
N ALA C 1067 -60.46 18.67 -30.86
CA ALA C 1067 -60.02 20.05 -30.77
C ALA C 1067 -61.12 21.00 -30.31
N GLN C 1068 -62.07 21.34 -31.19
CA GLN C 1068 -63.08 22.35 -30.92
C GLN C 1068 -64.32 21.69 -30.34
N GLU C 1069 -64.79 22.22 -29.21
CA GLU C 1069 -65.90 21.62 -28.47
C GLU C 1069 -67.04 22.61 -28.33
N LYS C 1070 -68.23 22.07 -28.02
CA LYS C 1070 -69.41 22.87 -27.79
C LYS C 1070 -70.24 22.20 -26.69
N ASN C 1071 -70.72 22.98 -25.74
CA ASN C 1071 -71.59 22.46 -24.70
C ASN C 1071 -73.00 22.19 -25.23
N PHE C 1072 -73.73 21.33 -24.52
CA PHE C 1072 -75.09 20.96 -24.88
C PHE C 1072 -75.93 20.91 -23.61
N THR C 1073 -77.16 20.42 -23.75
CA THR C 1073 -78.09 20.24 -22.63
C THR C 1073 -78.61 18.80 -22.68
N THR C 1074 -78.49 18.08 -21.56
CA THR C 1074 -78.68 16.64 -21.54
C THR C 1074 -79.72 16.24 -20.49
N ALA C 1075 -80.17 14.99 -20.60
CA ALA C 1075 -81.03 14.31 -19.65
C ALA C 1075 -80.59 12.86 -19.60
N PRO C 1076 -80.64 12.19 -18.43
CA PRO C 1076 -80.27 10.77 -18.38
C PRO C 1076 -81.27 9.82 -19.01
N ALA C 1077 -82.56 10.16 -19.04
CA ALA C 1077 -83.58 9.24 -19.55
C ALA C 1077 -84.77 10.04 -20.08
N ILE C 1078 -85.61 9.36 -20.86
CA ILE C 1078 -86.79 9.96 -21.48
C ILE C 1078 -88.01 9.19 -20.95
N CYS C 1079 -88.97 9.93 -20.38
CA CYS C 1079 -90.21 9.34 -19.89
C CYS C 1079 -91.27 9.42 -20.97
N HIS C 1080 -92.03 8.35 -21.17
CA HIS C 1080 -93.06 8.35 -22.20
C HIS C 1080 -94.44 8.06 -21.62
N ASP C 1081 -94.72 6.79 -21.31
CA ASP C 1081 -96.02 6.37 -20.79
C ASP C 1081 -96.01 6.25 -19.26
N GLY C 1082 -94.90 6.61 -18.63
CA GLY C 1082 -94.66 6.30 -17.24
C GLY C 1082 -93.61 5.23 -17.01
N LYS C 1083 -93.00 4.72 -18.07
CA LYS C 1083 -91.85 3.82 -17.99
C LYS C 1083 -90.69 4.49 -18.70
N ALA C 1084 -89.51 4.45 -18.07
CA ALA C 1084 -88.35 5.15 -18.60
C ALA C 1084 -87.69 4.36 -19.73
N HIS C 1085 -87.14 5.11 -20.68
CA HIS C 1085 -86.36 4.56 -21.78
C HIS C 1085 -84.90 4.92 -21.58
N PHE C 1086 -84.01 3.95 -21.84
CA PHE C 1086 -82.60 4.13 -21.57
C PHE C 1086 -81.78 4.02 -22.86
N PRO C 1087 -80.73 4.83 -23.02
CA PRO C 1087 -79.91 4.74 -24.22
C PRO C 1087 -78.93 3.58 -24.17
N ARG C 1088 -78.55 3.12 -25.35
CA ARG C 1088 -77.49 2.13 -25.50
C ARG C 1088 -76.20 2.74 -26.04
N GLU C 1089 -76.21 3.24 -27.28
CA GLU C 1089 -75.04 3.93 -27.82
C GLU C 1089 -75.24 5.44 -27.59
N GLY C 1090 -74.15 6.10 -27.26
CA GLY C 1090 -74.11 7.54 -27.11
C GLY C 1090 -74.79 8.07 -25.86
N VAL C 1091 -74.96 9.40 -25.84
CA VAL C 1091 -75.68 10.10 -24.78
C VAL C 1091 -76.76 10.98 -25.43
N PHE C 1092 -77.68 11.43 -24.60
CA PHE C 1092 -78.75 12.32 -25.06
C PHE C 1092 -78.26 13.76 -25.11
N VAL C 1093 -78.62 14.47 -26.19
CA VAL C 1093 -78.30 15.89 -26.35
C VAL C 1093 -79.57 16.64 -26.72
N SER C 1094 -79.52 17.96 -26.53
CA SER C 1094 -80.53 18.88 -27.04
C SER C 1094 -79.89 20.24 -27.29
N ASN C 1095 -80.44 20.96 -28.26
CA ASN C 1095 -80.04 22.33 -28.54
C ASN C 1095 -80.91 23.35 -27.82
N GLY C 1096 -81.84 22.89 -26.99
CA GLY C 1096 -82.81 23.74 -26.35
C GLY C 1096 -84.23 23.58 -26.89
N THR C 1097 -84.38 22.88 -28.02
CA THR C 1097 -85.69 22.66 -28.62
C THR C 1097 -86.11 21.19 -28.59
N HIS C 1098 -85.43 20.33 -29.33
CA HIS C 1098 -85.77 18.92 -29.41
C HIS C 1098 -84.59 18.08 -28.93
N TRP C 1099 -84.89 16.85 -28.51
CA TRP C 1099 -83.91 15.94 -27.96
C TRP C 1099 -83.37 15.02 -29.05
N PHE C 1100 -82.04 14.86 -29.06
CA PHE C 1100 -81.37 14.06 -30.09
C PHE C 1100 -80.41 13.09 -29.43
N VAL C 1101 -79.99 12.08 -30.21
CA VAL C 1101 -79.06 11.06 -29.76
C VAL C 1101 -77.81 11.13 -30.62
N THR C 1102 -76.67 11.39 -29.98
CA THR C 1102 -75.39 11.37 -30.68
C THR C 1102 -74.33 10.73 -29.79
N GLN C 1103 -73.19 10.42 -30.40
CA GLN C 1103 -72.08 9.83 -29.69
C GLN C 1103 -71.23 10.91 -29.02
N ARG C 1104 -70.18 10.47 -28.32
CA ARG C 1104 -69.32 11.39 -27.59
C ARG C 1104 -68.27 12.07 -28.46
N ASN C 1105 -67.87 11.49 -29.58
CA ASN C 1105 -66.78 12.05 -30.38
C ASN C 1105 -67.21 13.02 -31.48
N PHE C 1106 -68.49 13.01 -31.87
CA PHE C 1106 -68.97 13.87 -32.93
C PHE C 1106 -70.46 14.10 -32.69
N TYR C 1107 -70.99 15.20 -33.21
CA TYR C 1107 -72.40 15.53 -33.07
C TYR C 1107 -73.15 15.11 -34.33
N GLU C 1108 -73.98 14.07 -34.18
CA GLU C 1108 -74.87 13.60 -35.26
C GLU C 1108 -76.29 13.59 -34.72
N PRO C 1109 -77.08 14.64 -34.94
CA PRO C 1109 -78.47 14.62 -34.45
C PRO C 1109 -79.39 13.71 -35.24
N GLN C 1110 -80.15 12.88 -34.53
CA GLN C 1110 -81.27 12.11 -35.09
C GLN C 1110 -82.39 12.11 -34.07
N ILE C 1111 -83.62 11.95 -34.56
CA ILE C 1111 -84.78 11.79 -33.68
C ILE C 1111 -84.77 10.40 -33.07
N ILE C 1112 -85.47 10.26 -31.95
CA ILE C 1112 -85.49 8.99 -31.23
C ILE C 1112 -86.48 8.04 -31.89
N THR C 1113 -86.15 6.74 -31.88
CA THR C 1113 -86.98 5.67 -32.42
C THR C 1113 -87.09 4.56 -31.37
N THR C 1114 -87.69 3.45 -31.78
CA THR C 1114 -87.68 2.24 -30.96
C THR C 1114 -86.37 1.46 -31.08
N ASP C 1115 -85.55 1.76 -32.09
CA ASP C 1115 -84.25 1.12 -32.22
C ASP C 1115 -83.24 1.72 -31.25
N ASN C 1116 -83.25 3.04 -31.07
CA ASN C 1116 -82.28 3.70 -30.21
C ASN C 1116 -82.58 3.57 -28.72
N THR C 1117 -83.84 3.39 -28.35
CA THR C 1117 -84.26 3.35 -26.96
C THR C 1117 -84.78 1.97 -26.58
N PHE C 1118 -84.56 1.59 -25.33
CA PHE C 1118 -85.08 0.34 -24.79
C PHE C 1118 -85.71 0.64 -23.43
N VAL C 1119 -86.87 0.06 -23.17
CA VAL C 1119 -87.61 0.37 -21.96
C VAL C 1119 -87.14 -0.51 -20.80
N SER C 1120 -86.71 0.13 -19.71
CA SER C 1120 -86.36 -0.57 -18.48
C SER C 1120 -86.75 0.34 -17.32
N GLY C 1121 -87.41 -0.25 -16.30
CA GLY C 1121 -87.78 0.49 -15.12
C GLY C 1121 -88.94 1.45 -15.33
N ASN C 1122 -89.07 2.37 -14.38
CA ASN C 1122 -90.10 3.40 -14.40
C ASN C 1122 -89.43 4.78 -14.33
N CYS C 1123 -90.26 5.83 -14.39
CA CYS C 1123 -89.76 7.19 -14.40
C CYS C 1123 -89.52 7.77 -13.01
N ASP C 1124 -90.07 7.17 -11.96
CA ASP C 1124 -89.95 7.74 -10.63
C ASP C 1124 -88.62 7.40 -9.95
N VAL C 1125 -87.92 6.37 -10.42
CA VAL C 1125 -86.73 5.89 -9.72
C VAL C 1125 -85.44 6.57 -10.19
N VAL C 1126 -85.53 7.52 -11.12
CA VAL C 1126 -84.36 8.21 -11.65
C VAL C 1126 -84.57 9.72 -11.45
N ILE C 1127 -83.50 10.41 -11.05
CA ILE C 1127 -83.54 11.83 -10.70
C ILE C 1127 -83.09 12.62 -11.92
N GLY C 1128 -83.93 13.57 -12.35
CA GLY C 1128 -83.61 14.43 -13.46
C GLY C 1128 -84.11 13.98 -14.82
N ILE C 1129 -85.12 13.13 -14.87
CA ILE C 1129 -85.65 12.61 -16.13
C ILE C 1129 -86.56 13.65 -16.77
N VAL C 1130 -86.36 13.88 -18.07
CA VAL C 1130 -87.14 14.84 -18.84
C VAL C 1130 -87.98 14.07 -19.86
N ASN C 1131 -89.30 14.26 -19.79
CA ASN C 1131 -90.21 13.48 -20.63
C ASN C 1131 -90.28 14.01 -22.05
N ASN C 1132 -90.39 13.09 -23.00
CA ASN C 1132 -90.62 13.41 -24.41
C ASN C 1132 -91.33 12.21 -25.02
N THR C 1133 -92.09 12.49 -26.09
CA THR C 1133 -92.79 11.43 -26.81
C THR C 1133 -91.82 10.65 -27.68
N VAL C 1134 -92.21 9.41 -28.00
CA VAL C 1134 -91.38 8.48 -28.75
C VAL C 1134 -92.02 8.24 -30.10
N TYR C 1135 -91.27 8.51 -31.17
CA TYR C 1135 -91.77 8.32 -32.53
C TYR C 1135 -91.37 6.93 -33.02
N ASP C 1136 -92.35 6.06 -33.15
CA ASP C 1136 -92.15 4.72 -33.69
C ASP C 1136 -92.37 4.72 -35.21
N PRO C 1137 -91.66 3.85 -35.96
CA PRO C 1137 -91.95 3.73 -37.40
C PRO C 1137 -93.26 3.07 -37.75
N LEU C 1138 -93.92 2.36 -36.82
CA LEU C 1138 -95.12 1.58 -37.11
C LEU C 1138 -96.35 2.47 -37.32
N GLN C 1139 -96.47 3.55 -36.56
CA GLN C 1139 -97.61 4.47 -36.69
C GLN C 1139 -97.70 5.28 -38.01
N PRO C 1140 -96.62 5.77 -38.67
CA PRO C 1140 -96.79 6.20 -40.07
C PRO C 1140 -96.99 5.06 -41.06
N GLU C 1141 -96.57 3.83 -40.71
CA GLU C 1141 -96.75 2.70 -41.62
C GLU C 1141 -98.19 2.21 -41.64
N LEU C 1142 -98.95 2.44 -40.58
CA LEU C 1142 -100.31 1.90 -40.47
C LEU C 1142 -101.31 2.69 -41.31
N ASP C 1143 -101.26 4.02 -41.25
CA ASP C 1143 -102.21 4.88 -41.95
C ASP C 1143 -101.78 5.20 -43.38
N SER C 1144 -100.54 4.90 -43.76
CA SER C 1144 -100.05 5.22 -45.08
C SER C 1144 -99.46 4.00 -45.78
N SER D 20 49.64 -8.63 41.86
CA SER D 20 50.34 -9.88 42.11
C SER D 20 51.85 -9.65 42.20
N THR D 21 52.33 -8.62 41.51
CA THR D 21 53.74 -8.28 41.46
C THR D 21 54.02 -7.07 42.35
N ILE D 22 55.29 -6.65 42.36
CA ILE D 22 55.72 -5.51 43.17
C ILE D 22 55.26 -4.21 42.49
N GLU D 23 55.10 -4.22 41.17
CA GLU D 23 54.66 -3.05 40.40
C GLU D 23 53.19 -2.74 40.66
N GLU D 24 52.37 -3.77 40.88
CA GLU D 24 50.98 -3.55 41.24
C GLU D 24 50.83 -3.17 42.71
N GLN D 25 51.80 -3.55 43.55
CA GLN D 25 51.78 -3.13 44.96
C GLN D 25 52.30 -1.70 45.12
N ALA D 26 53.16 -1.26 44.21
CA ALA D 26 53.75 0.08 44.33
C ALA D 26 52.77 1.17 43.90
N LYS D 27 51.84 0.84 42.99
CA LYS D 27 50.89 1.85 42.53
C LYS D 27 49.78 2.09 43.55
N THR D 28 49.50 1.09 44.40
CA THR D 28 48.42 1.24 45.37
C THR D 28 48.89 2.03 46.59
N PHE D 29 50.18 1.99 46.90
CA PHE D 29 50.69 2.77 48.02
C PHE D 29 50.84 4.24 47.64
N LEU D 30 51.26 4.51 46.42
CA LEU D 30 51.51 5.88 45.99
C LEU D 30 50.25 6.63 45.59
N ASP D 31 49.20 5.93 45.15
CA ASP D 31 47.92 6.59 44.91
C ASP D 31 47.17 6.86 46.22
N LYS D 32 47.50 6.10 47.28
CA LYS D 32 47.13 6.51 48.63
C LYS D 32 47.89 7.77 49.03
N PHE D 33 49.16 7.88 48.60
CA PHE D 33 50.01 8.99 48.99
C PHE D 33 49.65 10.27 48.23
N ASN D 34 48.97 10.16 47.07
CA ASN D 34 48.71 11.31 46.22
C ASN D 34 47.66 12.26 46.79
N HIS D 35 46.46 11.76 47.10
CA HIS D 35 45.39 12.65 47.55
C HIS D 35 45.52 12.98 49.04
N GLU D 36 46.27 12.16 49.79
CA GLU D 36 46.53 12.46 51.18
C GLU D 36 47.54 13.60 51.32
N ALA D 37 48.46 13.74 50.36
CA ALA D 37 49.39 14.86 50.39
C ALA D 37 48.82 16.11 49.73
N GLU D 38 47.66 16.02 49.07
CA GLU D 38 47.03 17.24 48.57
C GLU D 38 46.30 17.97 49.67
N ASP D 39 45.84 17.23 50.70
CA ASP D 39 45.12 17.86 51.81
C ASP D 39 46.08 18.56 52.76
N LEU D 40 47.18 17.88 53.11
CA LEU D 40 48.08 18.41 54.15
C LEU D 40 49.03 19.48 53.64
N PHE D 41 49.30 19.53 52.33
CA PHE D 41 50.15 20.59 51.80
C PHE D 41 49.37 21.89 51.65
N TYR D 42 48.08 21.81 51.30
CA TYR D 42 47.28 23.01 51.12
C TYR D 42 46.85 23.61 52.45
N GLN D 43 46.78 22.77 53.51
CA GLN D 43 46.29 23.22 54.81
C GLN D 43 47.30 24.09 55.55
N SER D 44 48.58 23.70 55.53
CA SER D 44 49.62 24.51 56.16
C SER D 44 50.12 25.66 55.30
N SER D 45 49.89 25.63 53.99
CA SER D 45 50.33 26.74 53.14
C SER D 45 49.28 27.83 53.04
N LEU D 46 48.06 27.56 53.54
CA LEU D 46 47.05 28.61 53.61
C LEU D 46 47.38 29.59 54.73
N ALA D 47 47.91 29.08 55.85
CA ALA D 47 48.40 29.97 56.89
C ALA D 47 49.78 30.53 56.55
N SER D 48 50.54 29.81 55.72
CA SER D 48 51.86 30.30 55.32
C SER D 48 51.76 31.38 54.25
N TRP D 49 50.66 31.40 53.49
CA TRP D 49 50.40 32.55 52.63
C TRP D 49 49.89 33.73 53.45
N ASN D 50 49.24 33.46 54.59
CA ASN D 50 48.88 34.50 55.54
C ASN D 50 50.03 34.87 56.47
N TYR D 51 51.15 34.13 56.42
CA TYR D 51 52.32 34.46 57.24
C TYR D 51 53.04 35.70 56.73
N ASN D 52 53.36 35.75 55.44
CA ASN D 52 53.96 36.95 54.87
C ASN D 52 52.94 38.05 54.58
N THR D 53 51.65 37.72 54.54
CA THR D 53 50.60 38.72 54.41
C THR D 53 50.42 39.49 55.72
N ASN D 54 50.28 38.79 56.84
CA ASN D 54 50.04 39.40 58.14
C ASN D 54 51.07 38.88 59.13
N ILE D 55 51.80 39.79 59.77
CA ILE D 55 52.65 39.42 60.91
C ILE D 55 51.81 39.63 62.16
N THR D 56 51.42 38.52 62.79
CA THR D 56 50.55 38.54 63.97
C THR D 56 51.11 37.59 65.02
N GLU D 57 50.56 37.71 66.24
CA GLU D 57 50.82 36.76 67.30
C GLU D 57 50.01 35.48 67.12
N GLU D 58 48.87 35.57 66.43
CA GLU D 58 47.99 34.43 66.23
C GLU D 58 48.50 33.45 65.18
N ASN D 59 49.08 33.93 64.09
CA ASN D 59 49.52 33.03 63.03
C ASN D 59 50.95 32.51 63.24
N VAL D 60 51.71 33.11 64.14
CA VAL D 60 53.07 32.63 64.39
C VAL D 60 53.06 31.38 65.28
N GLN D 61 52.00 31.17 66.07
CA GLN D 61 51.85 29.89 66.78
C GLN D 61 51.11 28.88 65.92
N ASN D 62 50.55 29.31 64.78
CA ASN D 62 50.06 28.38 63.78
C ASN D 62 51.20 27.84 62.91
N MET D 63 52.36 28.51 62.92
CA MET D 63 53.54 27.97 62.29
C MET D 63 54.15 26.84 63.14
N ASN D 64 53.91 26.88 64.45
CA ASN D 64 54.23 25.73 65.30
C ASN D 64 53.17 24.65 65.21
N ASN D 65 51.90 25.03 64.98
CA ASN D 65 50.80 24.07 64.91
C ASN D 65 50.77 23.31 63.58
N ALA D 66 50.86 24.01 62.45
CA ALA D 66 50.79 23.37 61.14
C ALA D 66 52.15 23.12 60.50
N GLY D 67 53.24 23.54 61.13
CA GLY D 67 54.55 23.36 60.53
C GLY D 67 55.12 21.97 60.77
N ASP D 68 54.77 21.36 61.91
CA ASP D 68 55.20 19.99 62.17
C ASP D 68 54.24 18.95 61.62
N LYS D 69 53.12 19.38 61.02
CA LYS D 69 52.25 18.45 60.31
C LYS D 69 52.86 17.99 59.00
N TRP D 70 53.71 18.81 58.38
CA TRP D 70 54.50 18.34 57.26
C TRP D 70 55.66 17.47 57.72
N SER D 71 56.18 17.74 58.92
CA SER D 71 57.35 17.01 59.41
C SER D 71 56.97 15.63 59.93
N ALA D 72 55.75 15.49 60.47
CA ALA D 72 55.30 14.20 60.96
C ALA D 72 54.83 13.29 59.83
N PHE D 73 54.35 13.88 58.74
CA PHE D 73 53.75 13.09 57.66
C PHE D 73 54.82 12.45 56.77
N LEU D 74 55.95 13.13 56.59
CA LEU D 74 56.97 12.62 55.66
C LEU D 74 57.78 11.49 56.27
N LYS D 75 57.95 11.49 57.60
CA LYS D 75 58.68 10.39 58.22
C LYS D 75 57.79 9.22 58.62
N GLU D 76 56.46 9.39 58.66
CA GLU D 76 55.60 8.22 58.85
C GLU D 76 55.33 7.50 57.54
N GLN D 77 55.51 8.18 56.39
CA GLN D 77 55.47 7.49 55.11
C GLN D 77 56.85 6.96 54.74
N SER D 78 57.89 7.42 55.44
CA SER D 78 59.21 6.82 55.29
C SER D 78 59.45 5.76 56.35
N THR D 79 58.46 5.52 57.22
CA THR D 79 58.48 4.39 58.14
C THR D 79 58.05 3.10 57.44
N LEU D 80 57.09 3.19 56.52
CA LEU D 80 56.63 2.02 55.78
C LEU D 80 57.52 1.67 54.58
N ALA D 81 57.98 2.67 53.84
CA ALA D 81 58.33 2.50 52.42
C ALA D 81 59.80 2.24 52.15
N GLN D 82 60.66 2.10 53.17
CA GLN D 82 62.07 1.87 52.88
C GLN D 82 62.39 0.41 52.56
N MET D 83 61.45 -0.50 52.77
CA MET D 83 61.64 -1.92 52.48
C MET D 83 61.22 -2.30 51.06
N TYR D 84 60.85 -1.32 50.23
CA TYR D 84 60.59 -1.57 48.82
C TYR D 84 61.91 -1.64 48.06
N PRO D 85 62.21 -2.72 47.35
CA PRO D 85 63.42 -2.75 46.52
C PRO D 85 63.23 -1.96 45.23
N LEU D 86 64.33 -1.42 44.73
CA LEU D 86 64.34 -0.69 43.47
C LEU D 86 64.80 -1.54 42.30
N GLN D 87 65.16 -2.81 42.52
CA GLN D 87 65.75 -3.63 41.48
C GLN D 87 64.73 -4.21 40.51
N GLU D 88 63.58 -4.68 41.00
CA GLU D 88 62.58 -5.33 40.16
C GLU D 88 61.55 -4.37 39.59
N ILE D 89 61.71 -3.06 39.79
CA ILE D 89 60.77 -2.08 39.26
C ILE D 89 61.05 -1.87 37.78
N GLN D 90 60.04 -2.16 36.95
CA GLN D 90 60.14 -2.06 35.50
C GLN D 90 59.94 -0.63 34.97
N ASN D 91 58.94 0.08 35.48
CA ASN D 91 58.53 1.35 34.90
C ASN D 91 59.44 2.47 35.40
N LEU D 92 59.68 3.48 34.55
CA LEU D 92 60.50 4.64 34.93
C LEU D 92 59.79 5.47 35.97
N THR D 93 58.57 5.89 35.73
CA THR D 93 57.94 6.81 36.70
C THR D 93 58.06 6.41 38.17
N VAL D 94 57.69 5.18 38.43
CA VAL D 94 57.66 4.74 39.82
C VAL D 94 59.03 4.85 40.41
N LYS D 95 60.10 4.56 39.67
CA LYS D 95 61.41 4.58 40.30
C LYS D 95 61.77 5.97 40.83
N LEU D 96 61.57 7.01 40.04
CA LEU D 96 61.92 8.34 40.48
C LEU D 96 61.07 8.67 41.65
N GLN D 97 59.78 8.36 41.53
CA GLN D 97 58.92 8.78 42.64
C GLN D 97 59.41 8.12 43.94
N LEU D 98 59.73 6.84 43.86
CA LEU D 98 60.23 6.11 45.03
C LEU D 98 61.61 6.53 45.57
N GLN D 99 62.56 6.93 44.73
CA GLN D 99 63.84 7.43 45.22
C GLN D 99 63.50 8.65 45.99
N ALA D 100 62.58 9.43 45.45
CA ALA D 100 62.24 10.66 46.12
C ALA D 100 61.67 10.34 47.50
N LEU D 101 60.79 9.35 47.57
CA LEU D 101 60.20 8.99 48.85
C LEU D 101 61.24 8.46 49.82
N GLN D 102 62.17 7.65 49.34
CA GLN D 102 63.15 7.00 50.19
C GLN D 102 64.25 7.85 50.79
N GLN D 103 64.81 8.81 50.06
CA GLN D 103 65.91 9.51 50.71
C GLN D 103 65.42 10.18 51.99
N ASN D 104 66.03 9.81 53.12
CA ASN D 104 65.46 10.13 54.42
C ASN D 104 65.89 11.48 54.96
N GLY D 105 66.92 12.10 54.37
CA GLY D 105 67.43 13.36 54.87
C GLY D 105 68.15 13.28 56.20
N SER D 106 67.70 14.06 57.18
CA SER D 106 68.37 14.21 58.46
C SER D 106 67.92 13.19 59.50
N SER D 107 67.05 12.25 59.14
CA SER D 107 66.50 11.27 60.07
C SER D 107 67.34 10.00 60.14
N VAL D 108 68.49 9.96 59.47
CA VAL D 108 69.34 8.77 59.45
C VAL D 108 70.28 8.70 60.65
N LEU D 109 70.29 9.70 61.53
CA LEU D 109 71.19 9.76 62.67
C LEU D 109 70.56 9.07 63.87
N SER D 110 71.19 9.26 65.03
CA SER D 110 70.67 8.83 66.32
C SER D 110 69.81 9.95 66.91
N GLU D 111 69.49 9.85 68.21
CA GLU D 111 68.63 10.83 68.87
C GLU D 111 69.34 12.15 69.12
N ASP D 112 70.43 12.12 69.91
CA ASP D 112 71.15 13.33 70.30
C ASP D 112 71.94 13.98 69.17
N LYS D 113 72.29 13.22 68.12
CA LYS D 113 72.94 13.84 66.97
C LYS D 113 71.96 14.57 66.07
N SER D 114 70.71 14.13 66.02
CA SER D 114 69.70 14.82 65.21
C SER D 114 69.18 16.07 65.89
N LYS D 115 69.09 16.08 67.22
CA LYS D 115 68.63 17.26 67.94
C LYS D 115 69.71 18.32 68.02
N ARG D 116 70.98 17.93 67.88
CA ARG D 116 72.05 18.90 67.71
C ARG D 116 71.95 19.57 66.34
N LEU D 117 71.53 18.81 65.32
CA LEU D 117 71.37 19.36 63.98
C LEU D 117 70.12 20.22 63.87
N ASN D 118 69.12 19.96 64.71
CA ASN D 118 67.90 20.76 64.69
C ASN D 118 68.08 22.13 65.35
N THR D 119 68.93 22.24 66.37
CA THR D 119 69.10 23.50 67.06
C THR D 119 70.19 24.39 66.46
N ILE D 120 71.04 23.85 65.58
CA ILE D 120 72.07 24.67 64.97
C ILE D 120 71.53 25.48 63.78
N LEU D 121 70.47 24.99 63.11
CA LEU D 121 69.92 25.70 61.96
C LEU D 121 69.03 26.86 62.38
N ASN D 122 68.56 26.86 63.62
CA ASN D 122 67.85 28.03 64.15
C ASN D 122 68.80 29.17 64.48
N THR D 123 70.05 28.84 64.82
CA THR D 123 71.08 29.85 65.11
C THR D 123 71.72 30.41 63.85
N MET D 124 71.65 29.70 62.73
CA MET D 124 72.23 30.21 61.49
C MET D 124 71.34 31.26 60.84
N SER D 125 70.02 31.09 60.96
CA SER D 125 69.08 32.01 60.31
C SER D 125 68.91 33.31 61.08
N THR D 126 69.01 33.27 62.42
CA THR D 126 68.83 34.48 63.21
C THR D 126 70.09 35.33 63.29
N ILE D 127 71.25 34.79 62.95
CA ILE D 127 72.49 35.56 63.00
C ILE D 127 72.71 36.34 61.69
N TYR D 128 71.98 36.01 60.62
CA TYR D 128 72.17 36.68 59.33
C TYR D 128 71.50 38.04 59.30
N SER D 129 70.22 38.12 59.70
CA SER D 129 69.49 39.37 59.66
C SER D 129 69.73 40.26 60.88
N THR D 130 69.82 39.68 62.07
CA THR D 130 69.80 40.42 63.33
C THR D 130 71.26 40.64 63.80
N GLY D 131 72.22 40.26 62.96
CA GLY D 131 73.65 40.38 63.24
C GLY D 131 74.20 41.78 63.45
N LYS D 132 74.91 41.97 64.55
CA LYS D 132 75.22 43.30 65.11
C LYS D 132 76.70 43.58 64.94
N VAL D 133 77.04 44.47 64.01
CA VAL D 133 78.41 44.96 63.86
C VAL D 133 78.38 46.44 63.47
N CYS D 134 79.16 47.25 64.18
CA CYS D 134 79.34 48.68 63.89
C CYS D 134 80.72 49.12 64.36
N ASN D 135 80.95 50.44 64.31
CA ASN D 135 82.30 51.02 64.39
C ASN D 135 82.67 51.34 65.83
N PRO D 136 83.83 50.84 66.31
CA PRO D 136 84.29 51.21 67.66
C PRO D 136 84.80 52.65 67.78
N ASP D 137 85.11 53.33 66.68
CA ASP D 137 85.60 54.71 66.77
C ASP D 137 84.47 55.67 67.11
N ASN D 138 83.26 55.41 66.60
CA ASN D 138 82.07 56.21 66.93
C ASN D 138 80.84 55.31 67.07
N PRO D 139 80.69 54.61 68.22
CA PRO D 139 79.56 53.69 68.36
C PRO D 139 78.29 54.33 68.94
N GLN D 140 77.86 55.46 68.39
CA GLN D 140 76.59 56.05 68.80
C GLN D 140 75.41 55.41 68.07
N GLU D 141 75.56 55.16 66.77
CA GLU D 141 74.49 54.65 65.93
C GLU D 141 75.07 53.54 65.06
N CYS D 142 74.35 52.42 64.99
CA CYS D 142 74.83 51.24 64.29
C CYS D 142 73.90 50.91 63.13
N LEU D 143 74.30 49.91 62.32
CA LEU D 143 73.50 49.59 61.10
C LEU D 143 73.25 48.08 61.03
N LEU D 144 72.44 47.64 60.05
CA LEU D 144 72.14 46.20 59.89
C LEU D 144 72.46 45.79 58.45
N LEU D 145 71.82 44.73 57.95
CA LEU D 145 72.11 44.22 56.58
C LEU D 145 71.03 44.70 55.60
N GLU D 146 69.84 45.01 56.11
CA GLU D 146 68.71 45.39 55.21
C GLU D 146 68.55 46.91 55.11
N PRO D 147 68.69 47.71 56.18
CA PRO D 147 68.42 49.16 56.12
C PRO D 147 69.54 50.00 55.50
N GLY D 148 69.84 51.16 56.11
CA GLY D 148 70.86 52.08 55.58
C GLY D 148 71.97 51.38 54.81
N LEU D 149 72.37 50.18 55.24
CA LEU D 149 73.48 49.50 54.58
C LEU D 149 73.32 49.66 53.10
N ASN D 150 72.09 49.43 52.64
CA ASN D 150 71.96 49.49 51.18
C ASN D 150 72.34 50.87 50.66
N GLU D 151 71.84 51.91 51.32
CA GLU D 151 72.10 53.24 50.83
C GLU D 151 73.58 53.60 50.83
N ILE D 152 74.29 53.27 51.91
CA ILE D 152 75.70 53.64 51.99
C ILE D 152 76.49 52.92 50.89
N MET D 153 76.20 51.63 50.72
CA MET D 153 76.99 50.92 49.72
C MET D 153 76.72 51.56 48.37
N ALA D 154 75.44 51.68 48.01
CA ALA D 154 75.07 52.29 46.71
C ALA D 154 76.06 53.40 46.34
N ASN D 155 76.31 54.34 47.27
CA ASN D 155 77.22 55.48 46.97
C ASN D 155 78.46 55.41 47.86
N SER D 156 79.56 54.87 47.35
CA SER D 156 80.83 54.81 48.13
C SER D 156 82.02 55.04 47.20
N LEU D 157 82.00 56.14 46.43
CA LEU D 157 83.12 56.45 45.50
C LEU D 157 84.42 56.59 46.30
N ASP D 158 84.32 56.58 47.64
CA ASP D 158 85.50 56.69 48.48
C ASP D 158 86.33 55.40 48.44
N TYR D 159 87.31 55.32 49.33
CA TYR D 159 88.20 54.16 49.44
C TYR D 159 88.14 53.50 50.82
N ASN D 160 88.50 54.24 51.88
CA ASN D 160 88.45 53.69 53.23
C ASN D 160 87.04 53.58 53.79
N GLU D 161 86.06 54.28 53.20
CA GLU D 161 84.69 54.19 53.68
C GLU D 161 84.03 52.88 53.23
N ARG D 162 84.40 52.37 52.05
CA ARG D 162 83.93 51.07 51.58
C ARG D 162 84.86 49.92 51.95
N LEU D 163 86.05 50.21 52.49
CA LEU D 163 86.98 49.14 52.86
C LEU D 163 86.57 48.51 54.18
N TRP D 164 86.03 49.31 55.11
CA TRP D 164 85.64 48.79 56.42
C TRP D 164 84.34 48.00 56.34
N ALA D 165 83.43 48.39 55.44
CA ALA D 165 82.10 47.80 55.36
C ALA D 165 82.12 46.39 54.79
N TRP D 166 83.12 46.04 54.00
CA TRP D 166 83.31 44.65 53.60
C TRP D 166 84.02 43.83 54.65
N GLU D 167 85.00 44.43 55.35
CA GLU D 167 85.85 43.67 56.27
C GLU D 167 85.15 43.37 57.59
N SER D 168 84.41 44.34 58.13
CA SER D 168 83.65 44.13 59.37
C SER D 168 82.42 43.25 59.17
N TRP D 169 81.92 43.14 57.95
CA TRP D 169 80.85 42.20 57.64
C TRP D 169 81.37 40.77 57.57
N ARG D 170 82.64 40.57 57.21
CA ARG D 170 83.27 39.26 57.26
C ARG D 170 83.77 38.88 58.64
N SER D 171 84.41 39.80 59.36
CA SER D 171 85.18 39.49 60.57
C SER D 171 84.35 39.14 61.79
N GLU D 172 83.42 40.00 62.22
CA GLU D 172 82.63 39.74 63.42
C GLU D 172 81.48 38.78 63.21
N VAL D 173 81.00 38.59 62.00
CA VAL D 173 79.97 37.59 61.72
C VAL D 173 80.56 36.19 61.70
N GLY D 174 81.69 36.01 60.98
CA GLY D 174 82.31 34.71 60.87
C GLY D 174 83.31 34.36 61.95
N LYS D 175 83.37 35.12 63.04
CA LYS D 175 84.27 34.79 64.14
C LYS D 175 83.73 33.62 64.96
N GLN D 176 82.47 33.69 65.37
CA GLN D 176 81.88 32.62 66.17
C GLN D 176 81.28 31.51 65.33
N LEU D 177 81.05 31.74 64.03
CA LEU D 177 80.54 30.71 63.14
C LEU D 177 81.60 29.73 62.66
N ARG D 178 82.87 30.15 62.64
CA ARG D 178 83.95 29.28 62.19
C ARG D 178 84.26 28.09 63.12
N PRO D 179 84.25 28.17 64.46
CA PRO D 179 84.18 26.92 65.24
C PRO D 179 82.83 26.21 65.16
N LEU D 180 81.74 26.93 64.84
CA LEU D 180 80.44 26.29 64.63
C LEU D 180 80.38 25.53 63.31
N TYR D 181 81.19 25.90 62.31
CA TYR D 181 81.26 25.15 61.08
C TYR D 181 82.29 24.02 61.11
N GLU D 182 83.04 23.89 62.21
CA GLU D 182 83.86 22.70 62.39
C GLU D 182 82.99 21.50 62.75
N GLU D 183 81.91 21.73 63.51
CA GLU D 183 80.97 20.66 63.79
C GLU D 183 80.05 20.40 62.60
N TYR D 184 79.86 21.40 61.74
CA TYR D 184 78.97 21.27 60.59
C TYR D 184 79.56 20.42 59.47
N VAL D 185 80.89 20.44 59.31
CA VAL D 185 81.49 19.68 58.23
C VAL D 185 81.59 18.18 58.59
N VAL D 186 81.75 17.85 59.88
CA VAL D 186 81.84 16.45 60.28
C VAL D 186 80.45 15.80 60.40
N LEU D 187 79.41 16.58 60.70
CA LEU D 187 78.07 16.02 60.86
C LEU D 187 77.38 15.76 59.52
N LYS D 188 77.63 16.60 58.52
CA LYS D 188 77.02 16.39 57.21
C LYS D 188 77.70 15.31 56.38
N ASN D 189 78.87 14.80 56.81
CA ASN D 189 79.46 13.63 56.16
C ASN D 189 78.75 12.34 56.57
N GLU D 190 77.99 12.35 57.67
CA GLU D 190 77.14 11.22 58.06
C GLU D 190 75.80 11.21 57.33
N MET D 191 75.49 12.25 56.54
CA MET D 191 74.27 12.24 55.73
C MET D 191 74.39 11.27 54.57
N ALA D 192 75.49 11.36 53.82
CA ALA D 192 75.64 10.61 52.58
C ALA D 192 76.01 9.15 52.76
N ARG D 193 76.78 8.81 53.80
CA ARG D 193 77.23 7.44 54.00
C ARG D 193 76.13 6.51 54.51
N ALA D 194 75.10 7.05 55.15
CA ALA D 194 73.91 6.26 55.44
C ALA D 194 72.96 6.16 54.25
N ASN D 195 73.06 7.10 53.30
CA ASN D 195 72.28 7.09 52.08
C ASN D 195 73.01 6.44 50.92
N HIS D 196 74.18 5.82 51.21
CA HIS D 196 75.09 5.12 50.27
C HIS D 196 75.61 6.04 49.16
N TYR D 197 75.91 7.28 49.55
CA TYR D 197 76.64 8.23 48.72
C TYR D 197 77.97 8.55 49.41
N GLU D 198 78.73 9.47 48.83
CA GLU D 198 80.03 9.84 49.36
C GLU D 198 80.03 11.09 50.25
N ASP D 199 79.63 12.26 49.76
CA ASP D 199 79.74 13.48 50.55
C ASP D 199 78.45 14.30 50.45
N TYR D 200 78.39 15.34 51.29
CA TYR D 200 77.26 16.26 51.34
C TYR D 200 77.23 17.22 50.16
N GLY D 201 78.37 17.42 49.49
CA GLY D 201 78.39 18.23 48.28
C GLY D 201 77.73 17.56 47.09
N ASP D 202 77.70 16.23 47.07
CA ASP D 202 77.00 15.51 46.02
C ASP D 202 75.55 15.20 46.36
N TYR D 203 75.05 15.69 47.50
CA TYR D 203 73.63 15.58 47.83
C TYR D 203 72.80 16.52 46.97
N TRP D 204 73.37 17.65 46.52
CA TRP D 204 72.66 18.54 45.60
C TRP D 204 72.55 17.95 44.20
N ARG D 205 73.54 17.17 43.77
CA ARG D 205 73.47 16.61 42.43
C ARG D 205 72.84 15.22 42.40
N GLY D 206 72.36 14.73 43.54
CA GLY D 206 71.60 13.48 43.59
C GLY D 206 70.22 13.54 42.98
N ASP D 207 69.65 14.75 42.84
CA ASP D 207 68.41 14.96 42.11
C ASP D 207 68.58 14.79 40.60
N TYR D 208 69.77 15.05 40.07
CA TYR D 208 70.01 15.13 38.63
C TYR D 208 70.20 13.77 37.96
N GLU D 209 70.26 12.67 38.70
CA GLU D 209 70.61 11.39 38.10
C GLU D 209 69.41 10.75 37.40
N VAL D 210 69.66 10.17 36.23
CA VAL D 210 68.67 9.49 35.42
C VAL D 210 69.19 8.07 35.17
N ASN D 211 68.42 7.08 35.63
CA ASN D 211 68.80 5.69 35.43
C ASN D 211 67.64 4.91 34.83
N GLY D 212 67.97 3.83 34.12
CA GLY D 212 66.99 2.97 33.50
C GLY D 212 66.73 3.26 32.04
N VAL D 213 67.57 4.06 31.39
CA VAL D 213 67.38 4.44 30.00
C VAL D 213 68.62 3.99 29.22
N ASP D 214 68.44 3.69 27.94
CA ASP D 214 69.52 3.15 27.11
C ASP D 214 70.22 4.29 26.37
N GLY D 215 71.47 4.56 26.77
CA GLY D 215 72.30 5.53 26.08
C GLY D 215 72.20 6.96 26.56
N TYR D 216 71.09 7.34 27.20
CA TYR D 216 70.85 8.70 27.69
C TYR D 216 71.24 8.83 29.16
N ASP D 217 71.86 7.78 29.71
CA ASP D 217 72.16 7.63 31.13
C ASP D 217 73.20 8.63 31.62
N TYR D 218 73.08 8.97 32.91
CA TYR D 218 73.86 10.05 33.53
C TYR D 218 74.73 9.42 34.61
N SER D 219 76.04 9.55 34.47
CA SER D 219 76.95 8.99 35.45
C SER D 219 77.15 9.95 36.63
N ARG D 220 77.92 9.50 37.61
CA ARG D 220 78.15 10.29 38.81
C ARG D 220 79.44 11.12 38.75
N GLY D 221 80.23 10.97 37.69
CA GLY D 221 81.38 11.82 37.46
C GLY D 221 81.24 12.80 36.32
N GLN D 222 80.03 12.96 35.78
CA GLN D 222 79.80 13.75 34.57
C GLN D 222 79.75 15.24 34.83
N LEU D 223 79.29 15.68 36.01
CA LEU D 223 79.10 17.11 36.29
C LEU D 223 80.43 17.81 36.55
N ILE D 224 81.45 17.07 36.98
CA ILE D 224 82.81 17.60 37.01
C ILE D 224 83.34 17.73 35.58
N GLU D 225 82.98 16.77 34.73
CA GLU D 225 83.48 16.74 33.35
C GLU D 225 82.77 17.72 32.43
N ASP D 226 81.45 17.90 32.57
CA ASP D 226 80.67 18.68 31.61
C ASP D 226 80.84 20.18 31.86
N VAL D 227 80.98 20.59 33.12
CA VAL D 227 81.12 22.01 33.47
C VAL D 227 82.52 22.52 33.12
N GLU D 228 83.55 21.68 33.29
CA GLU D 228 84.93 22.06 32.99
C GLU D 228 85.20 22.16 31.49
N HIS D 229 84.48 21.37 30.68
CA HIS D 229 84.60 21.50 29.23
C HIS D 229 83.86 22.75 28.71
N THR D 230 82.84 23.20 29.45
CA THR D 230 82.19 24.46 29.09
C THR D 230 82.87 25.66 29.74
N PHE D 231 83.80 25.41 30.67
CA PHE D 231 84.48 26.50 31.35
C PHE D 231 85.57 27.12 30.48
N GLU D 232 86.20 26.31 29.62
CA GLU D 232 87.25 26.80 28.73
C GLU D 232 86.70 27.66 27.60
N GLU D 233 85.50 27.35 27.12
CA GLU D 233 84.88 28.16 26.07
C GLU D 233 84.30 29.47 26.59
N ILE D 234 83.96 29.56 27.88
CA ILE D 234 83.55 30.83 28.47
C ILE D 234 84.70 31.56 29.14
N LYS D 235 85.91 30.99 29.09
CA LYS D 235 87.09 31.70 29.57
C LYS D 235 87.49 32.94 28.74
N PRO D 236 87.44 32.97 27.38
CA PRO D 236 87.50 34.30 26.72
C PRO D 236 86.25 35.15 26.86
N LEU D 237 85.11 34.57 27.25
CA LEU D 237 83.87 35.34 27.40
C LEU D 237 83.93 36.26 28.62
N TYR D 238 84.53 35.78 29.72
CA TYR D 238 84.69 36.62 30.89
C TYR D 238 85.86 37.58 30.73
N GLU D 239 86.85 37.22 29.88
CA GLU D 239 88.12 37.94 29.83
C GLU D 239 87.99 39.26 29.09
N HIS D 240 87.08 39.35 28.12
CA HIS D 240 86.78 40.66 27.52
C HIS D 240 85.89 41.49 28.45
N LEU D 241 85.11 40.84 29.32
CA LEU D 241 84.37 41.57 30.34
C LEU D 241 85.26 41.94 31.51
N HIS D 242 86.37 41.21 31.71
CA HIS D 242 87.29 41.51 32.81
C HIS D 242 88.15 42.72 32.49
N ALA D 243 88.50 42.92 31.22
CA ALA D 243 89.31 44.08 30.85
C ALA D 243 88.47 45.34 30.69
N TYR D 244 87.15 45.19 30.59
CA TYR D 244 86.28 46.36 30.43
C TYR D 244 86.05 47.06 31.75
N VAL D 245 86.01 46.30 32.86
CA VAL D 245 85.81 46.87 34.19
C VAL D 245 87.07 47.59 34.65
N ARG D 246 88.24 47.08 34.25
CA ARG D 246 89.52 47.71 34.56
C ARG D 246 89.73 48.99 33.75
N ALA D 247 89.20 49.04 32.52
CA ALA D 247 89.42 50.19 31.65
C ALA D 247 88.54 51.39 32.02
N LYS D 248 87.33 51.17 32.51
CA LYS D 248 86.40 52.25 32.80
C LYS D 248 86.54 52.80 34.21
N LEU D 249 87.29 52.13 35.08
CA LEU D 249 87.51 52.59 36.45
C LEU D 249 88.83 53.35 36.61
N MET D 250 89.55 53.62 35.52
CA MET D 250 90.83 54.33 35.60
C MET D 250 90.66 55.81 35.95
N ASN D 251 89.53 56.41 35.57
CA ASN D 251 89.29 57.80 35.94
C ASN D 251 88.83 57.96 37.38
N ALA D 252 88.11 56.96 37.93
CA ALA D 252 87.64 57.03 39.30
C ALA D 252 88.77 56.81 40.31
N TYR D 253 89.49 55.70 40.18
CA TYR D 253 90.58 55.39 41.11
C TYR D 253 91.91 55.37 40.36
N PRO D 254 92.76 56.41 40.48
CA PRO D 254 94.07 56.38 39.83
C PRO D 254 95.11 55.44 40.46
N SER D 255 95.20 55.43 41.78
CA SER D 255 96.33 54.82 42.50
C SER D 255 96.00 53.43 43.01
N TYR D 256 94.77 52.96 42.79
CA TYR D 256 94.32 51.74 43.45
C TYR D 256 94.39 50.53 42.53
N ILE D 257 93.61 50.55 41.44
CA ILE D 257 93.53 49.42 40.52
C ILE D 257 94.75 49.45 39.61
N SER D 258 95.54 48.37 39.65
CA SER D 258 96.69 48.25 38.77
C SER D 258 96.26 47.71 37.41
N PRO D 259 96.83 48.21 36.30
CA PRO D 259 96.51 47.64 34.98
C PRO D 259 97.06 46.24 34.75
N ILE D 260 98.24 45.91 35.25
CA ILE D 260 98.78 44.56 35.16
C ILE D 260 98.18 43.64 36.25
N GLY D 261 97.84 44.18 37.41
CA GLY D 261 97.36 43.39 38.54
C GLY D 261 95.88 43.07 38.47
N CYS D 262 95.35 42.62 39.59
CA CYS D 262 93.97 42.18 39.71
C CYS D 262 93.13 43.24 40.41
N LEU D 263 91.81 42.94 40.52
CA LEU D 263 90.78 43.74 41.14
C LEU D 263 90.58 43.35 42.60
N PRO D 264 90.43 44.32 43.49
CA PRO D 264 89.88 44.04 44.82
C PRO D 264 88.40 43.67 44.73
N ALA D 265 87.94 42.93 45.74
CA ALA D 265 86.62 42.31 45.73
C ALA D 265 85.49 43.29 46.04
N HIS D 266 85.74 44.34 46.80
CA HIS D 266 84.68 45.16 47.36
C HIS D 266 84.34 46.38 46.50
N LEU D 267 84.94 46.49 45.31
CA LEU D 267 84.59 47.54 44.37
C LEU D 267 83.52 47.10 43.37
N LEU D 268 82.97 45.90 43.54
CA LEU D 268 82.05 45.31 42.57
C LEU D 268 80.60 45.75 42.78
N GLY D 269 80.33 46.59 43.77
CA GLY D 269 79.01 47.15 43.96
C GLY D 269 78.02 46.28 44.71
N ASP D 270 78.50 45.37 45.55
CA ASP D 270 77.66 44.42 46.25
C ASP D 270 78.40 44.02 47.54
N MET D 271 77.67 43.41 48.48
CA MET D 271 78.23 42.83 49.69
C MET D 271 79.16 41.63 49.44
N TRP D 272 79.02 40.95 48.31
CA TRP D 272 79.88 39.87 47.83
C TRP D 272 80.48 40.22 46.47
N GLY D 273 79.66 40.65 45.52
CA GLY D 273 80.03 40.73 44.12
C GLY D 273 79.25 39.77 43.25
N ARG D 274 78.17 39.23 43.81
CA ARG D 274 77.27 38.36 43.05
C ARG D 274 76.44 39.18 42.06
N PHE D 275 76.08 40.41 42.43
CA PHE D 275 75.38 41.32 41.55
C PHE D 275 76.28 42.48 41.13
N TRP D 276 76.37 42.70 39.82
CA TRP D 276 77.11 43.81 39.23
C TRP D 276 76.23 45.02 38.92
N THR D 277 74.97 45.00 39.37
CA THR D 277 73.97 45.96 38.89
C THR D 277 74.14 47.38 39.46
N ASN D 278 75.04 47.60 40.46
CA ASN D 278 75.35 48.96 41.08
C ASN D 278 76.58 49.70 40.52
N LEU D 279 77.61 48.94 40.23
CA LEU D 279 78.85 49.52 39.70
C LEU D 279 78.58 50.14 38.35
N TYR D 280 77.49 49.77 37.72
CA TYR D 280 77.14 50.28 36.40
C TYR D 280 77.02 51.80 36.38
N SER D 281 76.59 52.41 37.49
CA SER D 281 76.52 53.87 37.60
C SER D 281 77.88 54.52 37.37
N LEU D 282 78.85 53.93 36.66
CA LEU D 282 80.22 54.32 36.34
C LEU D 282 80.73 53.71 35.04
N THR D 283 80.33 52.49 34.72
CA THR D 283 80.91 51.67 33.66
C THR D 283 80.15 51.80 32.33
N VAL D 284 79.22 52.77 32.26
CA VAL D 284 78.36 53.03 31.10
C VAL D 284 79.18 53.47 29.88
N PRO D 285 78.92 52.89 28.68
CA PRO D 285 79.68 53.28 27.48
C PRO D 285 79.42 54.70 26.99
N PHE D 286 78.15 55.11 26.98
CA PHE D 286 77.76 56.42 26.44
C PHE D 286 76.86 57.10 27.47
N GLY D 287 77.32 58.24 27.98
CA GLY D 287 76.50 59.06 28.83
C GLY D 287 75.62 60.06 28.10
N GLN D 288 75.91 60.31 26.82
CA GLN D 288 75.07 61.20 26.03
C GLN D 288 73.78 60.51 25.61
N LYS D 289 73.88 59.27 25.12
CA LYS D 289 72.69 58.49 24.81
C LYS D 289 72.07 57.93 26.09
N PRO D 290 70.82 58.29 26.39
CA PRO D 290 70.22 57.84 27.66
C PRO D 290 69.75 56.40 27.62
N ASN D 291 69.64 55.81 28.82
CA ASN D 291 69.14 54.46 28.94
C ASN D 291 67.61 54.46 28.80
N ILE D 292 67.09 53.40 28.20
CA ILE D 292 65.66 53.28 27.92
C ILE D 292 64.92 52.92 29.20
N ASP D 293 63.88 53.69 29.52
CA ASP D 293 63.09 53.47 30.71
C ASP D 293 61.62 53.76 30.41
N VAL D 294 60.75 52.87 30.90
CA VAL D 294 59.31 52.99 30.74
C VAL D 294 58.66 53.61 31.97
N THR D 295 59.47 54.03 32.96
CA THR D 295 58.96 54.49 34.25
C THR D 295 58.30 55.86 34.14
N ASP D 296 58.98 56.81 33.48
CA ASP D 296 58.41 58.14 33.26
C ASP D 296 57.34 58.16 32.18
N ALA D 297 57.25 57.12 31.34
CA ALA D 297 56.21 57.01 30.32
C ALA D 297 54.88 56.53 30.88
N MET D 298 54.89 55.59 31.84
CA MET D 298 53.63 55.06 32.34
C MET D 298 52.95 55.95 33.37
N VAL D 299 53.67 56.91 33.97
CA VAL D 299 53.06 57.73 35.02
C VAL D 299 52.23 58.88 34.45
N ASP D 300 52.45 59.26 33.19
CA ASP D 300 51.65 60.30 32.56
C ASP D 300 50.39 59.76 31.90
N GLN D 301 50.30 58.45 31.68
CA GLN D 301 49.15 57.82 31.07
C GLN D 301 48.17 57.26 32.10
N ALA D 302 48.43 57.52 33.40
CA ALA D 302 47.61 57.17 34.57
C ALA D 302 47.37 55.66 34.69
N TRP D 303 48.43 54.92 35.02
CA TRP D 303 48.32 53.48 35.16
C TRP D 303 48.49 53.07 36.61
N ASP D 304 47.87 51.96 36.98
CA ASP D 304 47.94 51.40 38.32
C ASP D 304 48.67 50.06 38.29
N ALA D 305 48.72 49.38 39.44
CA ALA D 305 49.41 48.11 39.54
C ALA D 305 48.61 46.95 38.96
N GLN D 306 47.31 47.13 38.73
CA GLN D 306 46.50 46.08 38.14
C GLN D 306 46.74 45.95 36.64
N ARG D 307 46.95 47.08 35.95
CA ARG D 307 47.04 47.14 34.49
C ARG D 307 48.38 46.60 33.96
N ILE D 308 49.39 46.46 34.84
CA ILE D 308 50.65 45.83 34.48
C ILE D 308 50.45 44.33 34.24
N PHE D 309 49.56 43.71 35.01
CA PHE D 309 49.21 42.31 34.79
C PHE D 309 47.99 42.14 33.90
N LYS D 310 47.31 43.22 33.50
CA LYS D 310 46.31 43.11 32.45
C LYS D 310 46.96 43.09 31.08
N GLU D 311 48.02 43.88 30.90
CA GLU D 311 48.76 43.85 29.64
C GLU D 311 49.67 42.63 29.54
N ALA D 312 50.07 42.06 30.68
CA ALA D 312 50.87 40.84 30.64
C ALA D 312 50.01 39.61 30.38
N GLU D 313 48.71 39.69 30.68
CA GLU D 313 47.79 38.57 30.45
C GLU D 313 47.48 38.38 28.97
N LYS D 314 47.54 39.47 28.19
CA LYS D 314 47.34 39.38 26.75
C LYS D 314 48.60 38.92 26.02
N PHE D 315 49.75 38.86 26.70
CA PHE D 315 50.95 38.32 26.10
C PHE D 315 50.87 36.80 25.97
N PHE D 316 50.19 36.14 26.91
CA PHE D 316 50.11 34.68 26.88
C PHE D 316 49.07 34.15 25.91
N VAL D 317 48.07 34.95 25.53
CA VAL D 317 47.03 34.45 24.63
C VAL D 317 47.42 34.58 23.16
N SER D 318 48.46 35.36 22.84
CA SER D 318 48.96 35.46 21.48
C SER D 318 50.06 34.45 21.19
N VAL D 319 50.61 33.80 22.20
CA VAL D 319 51.63 32.77 22.00
C VAL D 319 51.01 31.37 21.93
N GLY D 320 49.73 31.22 22.26
CA GLY D 320 49.06 29.93 22.22
C GLY D 320 48.73 29.33 23.58
N LEU D 321 49.16 29.93 24.69
CA LEU D 321 48.85 29.39 26.00
C LEU D 321 47.40 29.72 26.40
N PRO D 322 46.67 28.78 26.99
CA PRO D 322 45.28 29.05 27.35
C PRO D 322 45.14 29.94 28.58
N ASN D 323 43.92 30.45 28.75
CA ASN D 323 43.59 31.30 29.89
C ASN D 323 43.47 30.47 31.16
N MET D 324 43.91 31.05 32.27
CA MET D 324 43.92 30.39 33.57
C MET D 324 42.56 30.57 34.27
N THR D 325 42.51 30.21 35.56
CA THR D 325 41.28 30.17 36.33
C THR D 325 40.80 31.57 36.69
N GLN D 326 39.48 31.67 36.92
CA GLN D 326 38.81 32.95 37.15
C GLN D 326 38.91 33.43 38.59
N GLY D 327 39.41 32.60 39.51
CA GLY D 327 39.51 33.02 40.91
C GLY D 327 40.84 33.61 41.29
N PHE D 328 41.64 34.03 40.30
CA PHE D 328 42.96 34.60 40.60
C PHE D 328 42.86 36.05 41.05
N TRP D 329 41.98 36.82 40.41
CA TRP D 329 41.95 38.27 40.62
C TRP D 329 41.20 38.67 41.89
N GLU D 330 40.12 37.98 42.26
CA GLU D 330 39.26 38.42 43.35
C GLU D 330 39.78 38.10 44.74
N ASN D 331 40.48 36.99 44.96
CA ASN D 331 40.95 36.60 46.28
C ASN D 331 42.40 36.95 46.57
N SER D 332 43.14 37.50 45.61
CA SER D 332 44.54 37.82 45.79
C SER D 332 44.74 39.33 45.79
N MET D 333 45.76 39.77 46.52
CA MET D 333 46.07 41.19 46.67
C MET D 333 47.42 41.52 46.05
N LEU D 334 47.57 42.78 45.66
CA LEU D 334 48.78 43.30 45.04
C LEU D 334 49.34 44.51 45.77
N THR D 335 48.58 45.60 45.84
CA THR D 335 49.00 46.82 46.52
C THR D 335 48.93 46.62 48.03
N ASP D 336 50.00 47.04 48.73
CA ASP D 336 50.16 46.96 50.18
C ASP D 336 49.12 47.83 50.87
N PRO D 337 48.07 47.17 51.72
CA PRO D 337 46.94 47.92 52.33
C PRO D 337 47.34 48.70 53.58
N GLY D 338 48.15 49.75 53.37
CA GLY D 338 48.47 50.68 54.43
C GLY D 338 49.55 50.21 55.37
N ASN D 339 49.86 51.09 56.32
CA ASN D 339 50.90 50.85 57.31
C ASN D 339 50.36 50.26 58.61
N VAL D 340 49.07 49.92 58.67
CA VAL D 340 48.47 49.44 59.90
C VAL D 340 48.81 47.97 60.20
N GLN D 341 49.33 47.23 59.24
CA GLN D 341 49.76 45.86 59.46
C GLN D 341 51.11 45.64 58.79
N LYS D 342 51.84 44.64 59.28
CA LYS D 342 53.17 44.37 58.76
C LYS D 342 53.12 43.21 57.77
N ALA D 343 53.67 43.43 56.57
CA ALA D 343 53.68 42.44 55.51
C ALA D 343 55.09 42.28 54.98
N VAL D 344 55.48 41.03 54.70
CA VAL D 344 56.74 40.77 54.02
C VAL D 344 56.43 40.68 52.53
N CYS D 345 56.89 41.65 51.76
CA CYS D 345 56.47 41.85 50.37
C CYS D 345 57.43 41.18 49.39
N HIS D 346 58.36 40.37 49.90
CA HIS D 346 59.48 39.80 49.14
C HIS D 346 58.99 38.81 48.08
N PRO D 347 59.47 38.93 46.83
CA PRO D 347 58.82 38.26 45.69
C PRO D 347 59.18 36.78 45.59
N THR D 348 58.46 35.96 46.35
CA THR D 348 58.56 34.52 46.23
C THR D 348 57.28 33.98 45.60
N ALA D 349 57.42 33.09 44.63
CA ALA D 349 56.28 32.48 43.95
C ALA D 349 55.65 31.43 44.87
N TRP D 350 54.32 31.43 44.91
CA TRP D 350 53.58 30.57 45.83
C TRP D 350 52.84 29.48 45.06
N ASP D 351 53.16 28.22 45.36
CA ASP D 351 52.36 27.07 44.94
C ASP D 351 51.66 26.51 46.17
N LEU D 352 50.35 26.71 46.25
CA LEU D 352 49.59 26.23 47.40
C LEU D 352 49.04 24.82 47.21
N GLY D 353 49.02 24.31 45.98
CA GLY D 353 48.42 23.02 45.70
C GLY D 353 46.92 23.12 45.45
N LYS D 354 46.43 22.09 44.73
CA LYS D 354 45.01 21.85 44.37
C LYS D 354 44.38 23.00 43.59
N GLY D 355 45.12 23.53 42.61
CA GLY D 355 44.59 24.51 41.69
C GLY D 355 44.63 25.95 42.16
N ASP D 356 44.97 26.21 43.43
CA ASP D 356 45.03 27.55 43.97
C ASP D 356 46.47 28.04 43.84
N PHE D 357 46.67 29.08 43.02
CA PHE D 357 48.00 29.63 42.77
C PHE D 357 47.90 31.12 43.07
N ARG D 358 48.61 31.56 44.12
CA ARG D 358 48.54 32.95 44.53
C ARG D 358 49.93 33.60 44.43
N ILE D 359 49.98 34.91 44.71
CA ILE D 359 51.20 35.68 44.59
C ILE D 359 51.15 36.83 45.60
N LEU D 360 52.32 37.13 46.19
CA LEU D 360 52.47 38.30 47.05
C LEU D 360 53.76 39.01 46.65
N MET D 361 53.64 40.27 46.23
CA MET D 361 54.78 41.01 45.67
C MET D 361 54.88 42.36 46.35
N CYS D 362 55.90 43.14 45.93
CA CYS D 362 56.06 44.49 46.44
C CYS D 362 56.00 45.41 45.23
N THR D 363 54.93 46.20 45.10
CA THR D 363 54.67 46.83 43.82
C THR D 363 54.75 48.36 43.89
N LYS D 364 55.28 48.92 42.80
CA LYS D 364 55.35 50.36 42.53
C LYS D 364 55.16 50.54 41.03
N VAL D 365 55.42 51.75 40.54
CA VAL D 365 55.54 51.98 39.10
C VAL D 365 57.02 52.25 38.83
N THR D 366 57.70 51.23 38.30
CA THR D 366 59.13 51.21 37.98
C THR D 366 59.34 50.35 36.74
N MET D 367 60.53 50.44 36.16
CA MET D 367 60.81 49.67 34.95
C MET D 367 61.18 48.22 35.26
N ASP D 368 61.69 47.93 36.45
CA ASP D 368 62.05 46.55 36.77
C ASP D 368 60.90 45.76 37.37
N ASP D 369 59.81 46.43 37.77
CA ASP D 369 58.59 45.73 38.16
C ASP D 369 57.87 45.17 36.94
N PHE D 370 57.98 45.87 35.80
CA PHE D 370 57.46 45.34 34.54
C PHE D 370 58.37 44.23 34.00
N LEU D 371 59.66 44.28 34.34
CA LEU D 371 60.60 43.25 33.89
C LEU D 371 60.39 41.94 34.64
N THR D 372 60.06 42.01 35.94
CA THR D 372 59.79 40.80 36.71
C THR D 372 58.34 40.36 36.62
N ALA D 373 57.47 41.11 35.93
CA ALA D 373 56.06 40.73 35.81
C ALA D 373 55.88 39.56 34.85
N HIS D 374 56.74 39.45 33.84
CA HIS D 374 56.73 38.27 32.99
C HIS D 374 57.58 37.15 33.59
N HIS D 375 58.40 37.48 34.59
CA HIS D 375 59.07 36.43 35.36
C HIS D 375 58.13 35.77 36.34
N GLU D 376 57.33 36.57 37.06
CA GLU D 376 56.43 36.04 38.08
C GLU D 376 55.20 35.37 37.48
N MET D 377 54.76 35.83 36.30
CA MET D 377 53.72 35.12 35.58
C MET D 377 54.29 33.96 34.75
N GLY D 378 55.61 33.89 34.61
CA GLY D 378 56.22 32.72 34.01
C GLY D 378 56.21 31.52 34.94
N HIS D 379 56.16 31.77 36.25
CA HIS D 379 56.05 30.67 37.21
C HIS D 379 54.63 30.09 37.21
N ILE D 380 53.62 30.95 37.12
CA ILE D 380 52.23 30.53 37.35
C ILE D 380 51.68 29.81 36.12
N GLN D 381 52.05 30.25 34.92
CA GLN D 381 51.64 29.60 33.69
C GLN D 381 52.33 28.26 33.45
N TYR D 382 53.49 28.04 34.07
CA TYR D 382 54.05 26.69 34.10
C TYR D 382 53.35 25.83 35.16
N ASP D 383 52.84 26.48 36.22
CA ASP D 383 52.29 25.77 37.39
C ASP D 383 50.90 25.20 37.11
N MET D 384 50.22 25.68 36.08
CA MET D 384 48.91 25.18 35.70
C MET D 384 48.98 23.81 35.01
N ALA D 385 50.01 23.58 34.19
CA ALA D 385 50.01 22.47 33.23
C ALA D 385 50.34 21.12 33.85
N TYR D 386 51.15 21.06 34.91
CA TYR D 386 51.51 19.78 35.54
C TYR D 386 50.58 19.38 36.67
N ALA D 387 49.41 20.04 36.80
CA ALA D 387 48.47 19.78 37.89
C ALA D 387 47.79 18.41 37.81
N ALA D 388 47.81 17.73 36.67
CA ALA D 388 47.31 16.36 36.56
C ALA D 388 48.34 15.31 36.95
N GLN D 389 49.57 15.70 37.27
CA GLN D 389 50.63 14.78 37.65
C GLN D 389 50.57 14.50 39.17
N PRO D 390 51.08 13.35 39.62
CA PRO D 390 51.22 13.13 41.07
C PRO D 390 52.28 14.03 41.72
N PHE D 391 52.19 14.08 43.06
CA PHE D 391 52.62 15.27 43.82
C PHE D 391 54.15 15.38 43.94
N LEU D 392 54.85 14.26 44.09
CA LEU D 392 56.31 14.33 44.15
C LEU D 392 56.93 14.52 42.77
N LEU D 393 56.20 14.26 41.69
CA LEU D 393 56.63 14.62 40.35
C LEU D 393 56.14 16.00 39.94
N ARG D 394 55.53 16.77 40.85
CA ARG D 394 55.19 18.16 40.58
C ARG D 394 56.36 19.02 41.05
N ASN D 395 57.11 19.50 40.07
CA ASN D 395 58.41 20.15 40.22
C ASN D 395 58.72 20.76 38.85
N GLY D 396 59.95 21.24 38.66
CA GLY D 396 60.47 21.46 37.32
C GLY D 396 60.98 20.19 36.67
N ALA D 397 61.68 20.37 35.55
CA ALA D 397 62.34 19.24 34.89
C ALA D 397 63.54 18.76 35.69
N ASN D 398 64.32 19.68 36.23
CA ASN D 398 65.22 19.44 37.35
C ASN D 398 64.69 20.25 38.52
N GLU D 399 65.47 20.33 39.60
CA GLU D 399 65.11 21.17 40.74
C GLU D 399 65.26 22.65 40.48
N GLY D 400 65.98 23.06 39.44
CA GLY D 400 66.19 24.47 39.15
C GLY D 400 65.39 25.06 38.02
N PHE D 401 64.47 24.29 37.43
CA PHE D 401 63.64 24.76 36.33
C PHE D 401 62.52 25.69 36.80
N HIS D 402 62.18 25.65 38.09
CA HIS D 402 61.05 26.39 38.64
C HIS D 402 61.31 27.90 38.70
N GLU D 403 62.54 28.30 39.04
CA GLU D 403 62.90 29.72 39.01
C GLU D 403 63.57 30.13 37.69
N ALA D 404 63.87 29.19 36.81
CA ALA D 404 64.48 29.51 35.52
C ALA D 404 63.49 29.63 34.38
N VAL D 405 62.20 29.36 34.63
CA VAL D 405 61.19 29.35 33.57
C VAL D 405 60.74 30.77 33.19
N GLY D 406 60.86 31.75 34.09
CA GLY D 406 60.27 33.05 33.85
C GLY D 406 61.12 34.07 33.12
N GLU D 407 62.46 33.95 33.19
CA GLU D 407 63.33 34.98 32.64
C GLU D 407 63.51 34.90 31.13
N ILE D 408 63.10 33.80 30.49
CA ILE D 408 63.24 33.72 29.03
C ILE D 408 62.14 34.52 28.34
N MET D 409 60.92 34.51 28.87
CA MET D 409 59.85 35.36 28.38
C MET D 409 59.89 36.75 28.98
N SER D 410 60.67 36.95 30.04
CA SER D 410 60.93 38.29 30.55
C SER D 410 61.96 39.03 29.71
N LEU D 411 62.84 38.28 29.03
CA LEU D 411 63.80 38.89 28.12
C LEU D 411 63.13 39.36 26.83
N SER D 412 62.12 38.62 26.35
CA SER D 412 61.36 39.02 25.19
C SER D 412 60.43 40.19 25.46
N ALA D 413 60.02 40.39 26.72
CA ALA D 413 59.23 41.56 27.08
C ALA D 413 60.07 42.81 27.28
N ALA D 414 61.38 42.67 27.43
CA ALA D 414 62.28 43.81 27.54
C ALA D 414 62.81 44.28 26.19
N THR D 415 62.36 43.68 25.09
CA THR D 415 62.80 44.08 23.77
C THR D 415 62.10 45.39 23.35
N PRO D 416 62.77 46.23 22.55
CA PRO D 416 62.09 47.43 22.02
C PRO D 416 61.02 47.13 20.96
N LYS D 417 61.05 45.95 20.33
CA LYS D 417 60.07 45.63 19.30
C LYS D 417 58.71 45.28 19.91
N HIS D 418 58.71 44.64 21.08
CA HIS D 418 57.46 44.27 21.75
C HIS D 418 56.77 45.48 22.37
N LEU D 419 57.55 46.47 22.81
CA LEU D 419 57.00 47.65 23.46
C LEU D 419 56.36 48.64 22.47
N LYS D 420 56.63 48.50 21.18
CA LYS D 420 55.94 49.32 20.18
C LYS D 420 54.50 48.85 19.99
N SER D 421 54.25 47.55 20.16
CA SER D 421 52.91 47.02 19.97
C SER D 421 52.00 47.30 21.16
N ILE D 422 52.51 47.15 22.38
CA ILE D 422 51.72 47.40 23.58
C ILE D 422 51.76 48.86 24.01
N GLY D 423 52.62 49.67 23.40
CA GLY D 423 52.53 51.11 23.49
C GLY D 423 53.10 51.76 24.74
N LEU D 424 54.12 51.16 25.36
CA LEU D 424 54.78 51.84 26.47
C LEU D 424 55.79 52.87 25.99
N LEU D 425 56.32 52.70 24.78
CA LEU D 425 57.29 53.63 24.25
C LEU D 425 56.64 54.62 23.28
N SER D 426 57.48 55.46 22.69
CA SER D 426 57.03 56.38 21.65
C SER D 426 56.82 55.60 20.35
N PRO D 427 55.88 56.04 19.49
CA PRO D 427 55.75 55.42 18.16
C PRO D 427 56.90 55.72 17.21
N ASP D 428 57.63 56.81 17.42
CA ASP D 428 58.84 57.12 16.65
C ASP D 428 60.03 56.99 17.61
N PHE D 429 60.85 55.97 17.39
CA PHE D 429 62.01 55.70 18.21
C PHE D 429 63.16 55.28 17.30
N GLN D 430 64.30 55.95 17.46
CA GLN D 430 65.48 55.66 16.66
C GLN D 430 66.47 54.81 17.45
N GLU D 431 66.79 53.64 16.90
CA GLU D 431 67.73 52.73 17.54
C GLU D 431 68.92 52.56 16.59
N ASP D 432 70.06 53.12 16.98
CA ASP D 432 71.29 52.98 16.23
C ASP D 432 72.16 51.88 16.86
N ASN D 433 73.41 51.76 16.41
CA ASN D 433 74.30 50.70 16.86
C ASN D 433 74.85 50.91 18.26
N GLU D 434 74.80 52.14 18.80
CA GLU D 434 75.25 52.41 20.16
C GLU D 434 74.12 52.35 21.17
N THR D 435 72.88 52.14 20.71
CA THR D 435 71.76 51.97 21.62
C THR D 435 71.77 50.57 22.23
N GLU D 436 72.10 49.56 21.42
CA GLU D 436 72.13 48.17 21.85
C GLU D 436 73.34 47.80 22.69
N ILE D 437 74.35 48.68 22.79
CA ILE D 437 75.50 48.43 23.66
C ILE D 437 75.09 48.57 25.12
N ASN D 438 74.16 49.50 25.41
CA ASN D 438 73.68 49.69 26.78
C ASN D 438 72.72 48.59 27.20
N PHE D 439 72.04 47.95 26.26
CA PHE D 439 71.11 46.87 26.60
C PHE D 439 71.85 45.56 26.85
N LEU D 440 72.87 45.27 26.04
CA LEU D 440 73.56 43.99 26.18
C LEU D 440 74.57 44.00 27.33
N LEU D 441 75.00 45.18 27.78
CA LEU D 441 75.90 45.24 28.91
C LEU D 441 75.15 45.04 30.23
N LYS D 442 73.96 45.65 30.35
CA LYS D 442 73.14 45.58 31.57
C LYS D 442 72.57 44.19 31.80
N GLN D 443 72.25 43.47 30.73
CA GLN D 443 71.77 42.10 30.87
C GLN D 443 72.90 41.11 31.12
N ALA D 444 74.16 41.51 30.87
CA ALA D 444 75.28 40.63 31.13
C ALA D 444 75.85 40.84 32.53
N LEU D 445 75.31 41.80 33.29
CA LEU D 445 75.79 42.05 34.64
C LEU D 445 75.35 40.99 35.64
N THR D 446 74.04 40.70 35.73
CA THR D 446 73.53 39.74 36.69
C THR D 446 73.36 38.34 36.14
N ILE D 447 73.62 38.12 34.85
CA ILE D 447 73.43 36.83 34.20
C ILE D 447 74.76 36.26 33.71
N VAL D 448 75.42 36.94 32.77
CA VAL D 448 76.59 36.40 32.11
C VAL D 448 77.83 36.54 33.00
N GLY D 449 78.01 37.71 33.62
CA GLY D 449 79.22 38.03 34.37
C GLY D 449 79.37 37.35 35.71
N THR D 450 78.34 36.71 36.22
CA THR D 450 78.40 35.99 37.49
C THR D 450 78.68 34.51 37.33
N LEU D 451 78.90 34.04 36.09
CA LEU D 451 79.09 32.60 35.84
C LEU D 451 80.41 32.02 36.36
N PRO D 452 81.61 32.65 36.22
CA PRO D 452 82.74 32.12 37.01
C PRO D 452 82.66 32.41 38.50
N PHE D 453 81.89 33.40 38.93
CA PHE D 453 81.67 33.61 40.36
C PHE D 453 80.74 32.57 40.95
N THR D 454 79.83 32.02 40.14
CA THR D 454 79.00 30.90 40.57
C THR D 454 79.83 29.62 40.61
N TYR D 455 80.80 29.51 39.68
CA TYR D 455 81.65 28.33 39.57
C TYR D 455 82.69 28.25 40.69
N MET D 456 83.05 29.41 41.27
CA MET D 456 84.22 29.48 42.16
C MET D 456 83.94 28.90 43.53
N LEU D 457 82.82 29.27 44.16
CA LEU D 457 82.56 28.76 45.51
C LEU D 457 81.91 27.38 45.47
N GLU D 458 81.43 26.94 44.30
CA GLU D 458 80.92 25.58 44.19
C GLU D 458 82.04 24.56 44.09
N LYS D 459 83.17 24.93 43.46
CA LYS D 459 84.34 24.06 43.50
C LYS D 459 85.03 24.12 44.86
N TRP D 460 84.82 25.20 45.61
CA TRP D 460 85.15 25.19 47.03
C TRP D 460 84.20 24.28 47.81
N ARG D 461 82.96 24.14 47.35
CA ARG D 461 81.95 23.39 48.10
C ARG D 461 82.15 21.88 47.97
N TRP D 462 82.51 21.38 46.79
CA TRP D 462 82.68 19.93 46.64
C TRP D 462 83.99 19.41 47.21
N MET D 463 85.07 20.20 47.18
CA MET D 463 86.38 19.67 47.55
C MET D 463 86.66 19.69 49.04
N VAL D 464 85.90 20.45 49.84
CA VAL D 464 86.08 20.42 51.29
C VAL D 464 85.36 19.26 51.95
N PHE D 465 84.43 18.62 51.26
CA PHE D 465 83.66 17.53 51.84
C PHE D 465 84.20 16.16 51.47
N LYS D 466 85.24 16.09 50.65
CA LYS D 466 85.89 14.84 50.28
C LYS D 466 87.10 14.51 51.15
N GLY D 467 87.43 15.37 52.11
CA GLY D 467 88.62 15.16 52.92
C GLY D 467 89.91 15.51 52.22
N GLU D 468 89.88 16.49 51.31
CA GLU D 468 91.06 16.83 50.53
C GLU D 468 92.03 17.71 51.31
N ILE D 469 91.54 18.66 52.09
CA ILE D 469 92.42 19.64 52.74
C ILE D 469 92.34 19.53 54.27
N PRO D 470 93.44 19.79 54.99
CA PRO D 470 93.36 19.92 56.46
C PRO D 470 92.93 21.30 56.93
N LYS D 471 93.09 21.55 58.24
CA LYS D 471 92.57 22.76 58.89
C LYS D 471 93.34 24.00 58.49
N ASP D 472 94.66 23.90 58.34
CA ASP D 472 95.46 25.06 57.91
C ASP D 472 95.35 25.35 56.42
N GLN D 473 94.86 24.40 55.62
CA GLN D 473 94.66 24.57 54.19
C GLN D 473 93.24 25.02 53.85
N TRP D 474 92.44 25.35 54.86
CA TRP D 474 91.03 25.70 54.68
C TRP D 474 90.85 27.05 54.00
N MET D 475 91.54 28.09 54.48
CA MET D 475 91.56 29.39 53.84
C MET D 475 92.76 29.60 52.93
N LYS D 476 93.69 28.64 52.88
CA LYS D 476 94.82 28.74 51.96
C LYS D 476 94.38 28.48 50.52
N LYS D 477 93.37 27.62 50.34
CA LYS D 477 92.80 27.30 49.04
C LYS D 477 91.86 28.40 48.54
N TRP D 478 91.45 29.31 49.43
CA TRP D 478 90.42 30.31 49.16
C TRP D 478 90.90 31.44 48.27
N TRP D 479 91.90 32.23 48.68
CA TRP D 479 92.35 33.34 47.84
C TRP D 479 93.28 32.89 46.70
N GLU D 480 93.78 31.66 46.74
CA GLU D 480 94.61 31.16 45.64
C GLU D 480 93.75 30.82 44.43
N MET D 481 92.58 30.24 44.65
CA MET D 481 91.61 29.97 43.61
C MET D 481 90.90 31.23 43.13
N LYS D 482 90.81 32.26 43.99
CA LYS D 482 90.10 33.49 43.63
C LYS D 482 90.92 34.35 42.67
N ARG D 483 92.25 34.27 42.72
CA ARG D 483 93.09 34.90 41.71
C ARG D 483 93.33 34.00 40.50
N GLU D 484 92.79 32.80 40.51
CA GLU D 484 92.85 31.88 39.37
C GLU D 484 91.64 31.99 38.45
N ILE D 485 90.44 31.73 38.95
CA ILE D 485 89.23 31.70 38.13
C ILE D 485 88.77 33.11 37.76
N VAL D 486 88.37 33.91 38.73
CA VAL D 486 87.81 35.24 38.45
C VAL D 486 88.87 36.34 38.45
N GLY D 487 90.08 36.06 38.93
CA GLY D 487 91.15 37.05 38.97
C GLY D 487 90.93 38.16 39.98
N VAL D 488 90.65 37.81 41.23
CA VAL D 488 90.42 38.76 42.31
C VAL D 488 91.38 38.43 43.44
N VAL D 489 92.20 39.42 43.82
CA VAL D 489 93.08 39.33 44.98
C VAL D 489 92.48 40.20 46.08
N GLU D 490 92.32 39.64 47.26
CA GLU D 490 91.73 40.36 48.39
C GLU D 490 92.73 41.40 48.93
N PRO D 491 92.28 42.63 49.20
CA PRO D 491 93.19 43.66 49.72
C PRO D 491 93.65 43.47 51.16
N VAL D 492 92.87 42.78 51.98
CA VAL D 492 93.19 42.56 53.39
C VAL D 492 93.61 41.10 53.55
N PRO D 493 94.80 40.81 54.11
CA PRO D 493 95.15 39.42 54.40
C PRO D 493 94.36 38.86 55.58
N HIS D 494 93.98 37.59 55.50
CA HIS D 494 93.08 37.01 56.48
C HIS D 494 93.77 35.93 57.30
N ASP D 495 93.27 35.74 58.51
CA ASP D 495 93.81 34.81 59.48
C ASP D 495 93.08 33.47 59.29
N GLU D 496 93.37 32.49 60.15
CA GLU D 496 92.57 31.27 60.22
C GLU D 496 91.42 31.38 61.22
N THR D 497 91.21 32.57 61.80
CA THR D 497 90.06 32.84 62.66
C THR D 497 88.91 33.51 61.94
N TYR D 498 89.01 33.71 60.62
CA TYR D 498 87.98 34.36 59.83
C TYR D 498 87.48 33.43 58.73
N CYS D 499 86.17 33.49 58.47
CA CYS D 499 85.55 32.70 57.42
C CYS D 499 84.84 33.64 56.45
N ASP D 500 85.36 33.73 55.22
CA ASP D 500 84.79 34.52 54.13
C ASP D 500 83.46 34.02 53.52
N PRO D 501 83.20 32.67 53.21
CA PRO D 501 81.87 32.32 52.64
C PRO D 501 80.68 32.40 53.60
N ALA D 502 80.91 32.57 54.91
CA ALA D 502 79.89 32.47 55.94
C ALA D 502 78.86 33.60 55.95
N SER D 503 79.10 34.70 55.24
CA SER D 503 78.22 35.87 55.23
C SER D 503 77.18 35.80 54.12
N LEU D 504 77.13 34.68 53.40
CA LEU D 504 76.25 34.53 52.25
C LEU D 504 74.92 33.91 52.65
N PHE D 505 73.87 34.34 51.93
CA PHE D 505 72.49 33.92 52.19
C PHE D 505 72.25 32.46 51.85
N HIS D 506 72.94 31.93 50.84
CA HIS D 506 72.71 30.56 50.38
C HIS D 506 73.56 29.53 51.10
N VAL D 507 74.37 29.94 52.08
CA VAL D 507 75.22 29.01 52.82
C VAL D 507 74.57 28.58 54.13
N SER D 508 74.29 29.52 55.02
CA SER D 508 73.79 29.19 56.35
C SER D 508 72.31 28.83 56.37
N ASN D 509 71.55 29.26 55.36
CA ASN D 509 70.12 28.99 55.31
C ASN D 509 69.77 27.70 54.56
N ASP D 510 70.79 26.99 54.07
CA ASP D 510 70.75 25.69 53.38
C ASP D 510 69.87 25.74 52.11
N TYR D 511 70.37 26.47 51.12
CA TYR D 511 69.74 26.59 49.81
C TYR D 511 70.69 26.13 48.73
N SER D 512 70.12 25.85 47.56
CA SER D 512 70.91 25.35 46.44
C SER D 512 71.43 26.51 45.60
N PHE D 513 72.76 26.66 45.58
CA PHE D 513 73.43 27.68 44.78
C PHE D 513 73.77 27.15 43.39
N ILE D 514 73.52 25.87 43.14
CA ILE D 514 73.82 25.22 41.86
C ILE D 514 72.83 25.60 40.75
N ARG D 515 71.70 26.23 41.11
CA ARG D 515 70.70 26.64 40.12
C ARG D 515 71.15 27.85 39.31
N TYR D 516 72.06 28.66 39.86
CA TYR D 516 72.47 29.89 39.23
C TYR D 516 73.49 29.71 38.11
N TYR D 517 74.20 28.59 38.07
CA TYR D 517 75.12 28.33 36.97
C TYR D 517 74.37 27.91 35.71
N THR D 518 73.29 27.13 35.88
CA THR D 518 72.52 26.67 34.74
C THR D 518 71.39 27.62 34.37
N ARG D 519 71.32 28.77 35.04
CA ARG D 519 70.33 29.81 34.73
C ARG D 519 70.63 30.45 33.37
N THR D 520 71.91 30.58 33.04
CA THR D 520 72.29 31.04 31.71
C THR D 520 72.18 29.91 30.69
N LEU D 521 72.62 28.70 31.07
CA LEU D 521 72.78 27.61 30.11
C LEU D 521 71.47 26.93 29.74
N TYR D 522 70.41 27.06 30.55
CA TYR D 522 69.11 26.57 30.10
C TYR D 522 68.43 27.55 29.15
N GLN D 523 68.43 28.84 29.51
CA GLN D 523 67.51 29.80 28.89
C GLN D 523 68.00 30.28 27.52
N PHE D 524 69.29 30.57 27.37
CA PHE D 524 69.83 30.95 26.08
C PHE D 524 69.99 29.78 25.12
N GLN D 525 70.04 28.55 25.64
CA GLN D 525 69.92 27.38 24.77
C GLN D 525 68.48 27.22 24.29
N PHE D 526 67.51 27.47 25.16
CA PHE D 526 66.09 27.37 24.77
C PHE D 526 65.64 28.57 23.94
N GLN D 527 66.39 29.67 23.96
CA GLN D 527 66.05 30.84 23.15
C GLN D 527 66.35 30.59 21.67
N GLU D 528 67.32 29.72 21.39
CA GLU D 528 67.69 29.43 20.01
C GLU D 528 66.65 28.53 19.33
N ALA D 529 66.04 27.61 20.09
CA ALA D 529 65.06 26.71 19.50
C ALA D 529 63.70 27.39 19.33
N LEU D 530 63.35 28.31 20.23
CA LEU D 530 62.05 28.96 20.15
C LEU D 530 62.01 30.08 19.12
N CYS D 531 63.13 30.81 18.93
CA CYS D 531 63.17 31.85 17.92
C CYS D 531 63.39 31.31 16.52
N GLN D 532 63.85 30.06 16.39
CA GLN D 532 63.92 29.42 15.09
C GLN D 532 62.54 29.00 14.60
N ALA D 533 61.70 28.49 15.50
CA ALA D 533 60.34 28.10 15.14
C ALA D 533 59.42 29.30 14.97
N ALA D 534 59.75 30.43 15.58
CA ALA D 534 59.00 31.66 15.43
C ALA D 534 59.44 32.48 14.22
N LYS D 535 60.52 32.04 13.54
CA LYS D 535 61.11 32.60 12.31
C LYS D 535 61.55 34.06 12.51
N HIS D 536 62.57 34.24 13.33
CA HIS D 536 63.16 35.55 13.56
C HIS D 536 64.49 35.64 12.81
N GLU D 537 64.68 36.75 12.10
CA GLU D 537 65.90 37.00 11.35
C GLU D 537 66.62 38.18 12.00
N GLY D 538 67.75 37.89 12.65
CA GLY D 538 68.52 38.91 13.32
C GLY D 538 69.25 38.37 14.54
N PRO D 539 69.70 39.27 15.43
CA PRO D 539 70.29 38.82 16.69
C PRO D 539 69.22 38.32 17.66
N LEU D 540 69.69 37.60 18.68
CA LEU D 540 68.80 36.96 19.64
C LEU D 540 68.18 37.94 20.64
N HIS D 541 68.75 39.13 20.81
CA HIS D 541 68.18 40.11 21.72
C HIS D 541 67.01 40.89 21.11
N LYS D 542 66.82 40.82 19.80
CA LYS D 542 65.67 41.44 19.14
C LYS D 542 64.53 40.46 18.89
N CYS D 543 64.68 39.21 19.33
CA CYS D 543 63.64 38.21 19.13
C CYS D 543 62.47 38.41 20.09
N ASP D 544 61.30 37.98 19.65
CA ASP D 544 60.08 38.05 20.45
C ASP D 544 59.25 36.81 20.13
N ILE D 545 58.66 36.21 21.17
CA ILE D 545 57.90 34.98 21.00
C ILE D 545 56.42 35.27 20.72
N SER D 546 56.00 36.53 20.83
CA SER D 546 54.61 36.89 20.61
C SER D 546 54.27 36.91 19.12
N ASN D 547 52.97 36.70 18.84
CA ASN D 547 52.37 36.46 17.52
C ASN D 547 53.05 35.28 16.80
N SER D 548 53.31 34.21 17.56
CA SER D 548 53.82 32.97 16.97
C SER D 548 53.10 31.81 17.63
N THR D 549 52.35 31.04 16.84
CA THR D 549 51.73 29.81 17.33
C THR D 549 52.54 28.56 17.00
N GLU D 550 53.64 28.71 16.25
CA GLU D 550 54.45 27.55 15.89
C GLU D 550 55.37 27.14 17.04
N ALA D 551 55.97 28.11 17.72
CA ALA D 551 56.82 27.83 18.88
C ALA D 551 56.03 27.70 20.17
N GLY D 552 54.72 27.98 20.14
CA GLY D 552 53.91 27.83 21.34
C GLY D 552 53.60 26.37 21.64
N GLN D 553 53.43 25.56 20.59
CA GLN D 553 53.19 24.13 20.79
C GLN D 553 54.47 23.37 21.08
N LYS D 554 55.63 23.95 20.72
CA LYS D 554 56.91 23.41 21.16
C LYS D 554 57.11 23.65 22.64
N LEU D 555 56.64 24.80 23.14
CA LEU D 555 56.73 25.12 24.56
C LEU D 555 55.73 24.31 25.38
N PHE D 556 54.55 24.03 24.80
CA PHE D 556 53.44 23.36 25.50
C PHE D 556 53.73 21.89 25.81
N ASN D 557 54.56 21.24 24.99
CA ASN D 557 55.01 19.89 25.31
C ASN D 557 56.02 19.86 26.44
N MET D 558 56.75 20.97 26.66
CA MET D 558 57.70 21.07 27.76
C MET D 558 57.01 21.38 29.09
N LEU D 559 55.95 22.20 29.07
CA LEU D 559 55.34 22.69 30.31
C LEU D 559 54.49 21.65 31.02
N ARG D 560 54.03 20.61 30.31
CA ARG D 560 53.14 19.62 30.90
C ARG D 560 53.87 18.41 31.48
N LEU D 561 55.20 18.42 31.50
CA LEU D 561 55.95 17.24 31.95
C LEU D 561 56.36 17.35 33.41
N GLY D 562 57.28 18.25 33.73
CA GLY D 562 57.89 18.25 35.04
C GLY D 562 59.06 17.29 35.07
N LYS D 563 59.36 16.70 36.23
CA LYS D 563 60.39 15.67 36.30
C LYS D 563 59.80 14.25 36.16
N SER D 564 58.51 14.15 35.81
CA SER D 564 57.91 12.87 35.43
C SER D 564 58.56 12.31 34.16
N GLU D 565 58.83 13.15 33.23
CA GLU D 565 59.79 12.93 32.15
C GLU D 565 61.18 13.34 32.63
N PRO D 566 62.22 12.55 32.35
CA PRO D 566 63.58 12.94 32.78
C PRO D 566 64.15 14.09 31.97
N TRP D 567 65.08 14.81 32.59
CA TRP D 567 65.55 16.09 32.06
C TRP D 567 66.48 15.94 30.87
N THR D 568 67.20 14.82 30.77
CA THR D 568 68.04 14.58 29.60
C THR D 568 67.26 14.08 28.41
N LEU D 569 66.03 13.60 28.60
CA LEU D 569 65.13 13.28 27.51
C LEU D 569 64.21 14.43 27.13
N ALA D 570 64.16 15.48 27.95
CA ALA D 570 63.34 16.65 27.63
C ALA D 570 64.11 17.71 26.88
N LEU D 571 65.43 17.57 26.76
CA LEU D 571 66.22 18.54 26.00
C LEU D 571 66.09 18.28 24.50
N GLU D 572 66.01 17.02 24.09
CA GLU D 572 65.93 16.66 22.68
C GLU D 572 64.56 16.93 22.07
N ASN D 573 63.52 17.11 22.90
CA ASN D 573 62.22 17.56 22.41
C ASN D 573 62.25 19.03 21.98
N VAL D 574 63.11 19.85 22.57
CA VAL D 574 63.17 21.27 22.30
C VAL D 574 64.33 21.62 21.38
N VAL D 575 65.57 21.50 21.87
CA VAL D 575 66.73 21.96 21.11
C VAL D 575 67.36 20.87 20.25
N GLY D 576 66.99 19.60 20.44
CA GLY D 576 67.60 18.51 19.70
C GLY D 576 69.03 18.18 20.09
N ALA D 577 69.49 18.60 21.27
CA ALA D 577 70.83 18.34 21.74
C ALA D 577 70.78 17.76 23.14
N LYS D 578 71.73 16.88 23.45
CA LYS D 578 71.69 16.17 24.73
C LYS D 578 72.53 16.84 25.81
N ASN D 579 73.16 17.96 25.51
CA ASN D 579 74.08 18.60 26.46
C ASN D 579 73.92 20.12 26.43
N MET D 580 74.71 20.80 27.27
CA MET D 580 74.74 22.25 27.33
C MET D 580 75.75 22.77 26.30
N ASN D 581 75.33 23.70 25.46
CA ASN D 581 76.18 24.26 24.43
C ASN D 581 76.48 25.73 24.69
N VAL D 582 77.70 26.12 24.34
CA VAL D 582 78.17 27.49 24.57
C VAL D 582 77.69 28.44 23.48
N ARG D 583 77.67 27.96 22.22
CA ARG D 583 77.41 28.69 20.97
C ARG D 583 76.14 29.57 20.82
N PRO D 584 74.96 29.25 21.40
CA PRO D 584 73.90 30.29 21.38
C PRO D 584 74.15 31.47 22.33
N LEU D 585 74.97 31.30 23.37
CA LEU D 585 75.29 32.43 24.22
C LEU D 585 76.33 33.34 23.55
N LEU D 586 77.21 32.76 22.73
CA LEU D 586 78.17 33.54 21.97
C LEU D 586 77.53 34.25 20.79
N ASN D 587 76.41 33.72 20.28
CA ASN D 587 75.62 34.44 19.29
C ASN D 587 74.88 35.62 19.89
N TYR D 588 74.54 35.55 21.18
CA TYR D 588 73.98 36.70 21.90
C TYR D 588 75.08 37.71 22.21
N PHE D 589 76.32 37.26 22.32
CA PHE D 589 77.48 38.08 22.63
C PHE D 589 78.12 38.67 21.35
N GLU D 590 77.68 38.22 20.18
CA GLU D 590 78.35 38.50 18.91
C GLU D 590 78.34 39.97 18.41
N PRO D 591 77.28 40.80 18.56
CA PRO D 591 77.50 42.24 18.34
C PRO D 591 78.31 42.93 19.44
N LEU D 592 78.33 42.39 20.65
CA LEU D 592 79.15 42.95 21.72
C LEU D 592 80.59 42.49 21.62
N PHE D 593 80.83 41.38 20.89
CA PHE D 593 82.17 40.81 20.73
C PHE D 593 83.04 41.67 19.80
N THR D 594 82.40 42.35 18.85
CA THR D 594 83.13 43.26 17.97
C THR D 594 83.51 44.55 18.71
N TRP D 595 82.61 45.03 19.56
CA TRP D 595 82.81 46.31 20.25
C TRP D 595 83.80 46.20 21.41
N LEU D 596 83.89 45.02 22.04
CA LEU D 596 84.87 44.84 23.10
C LEU D 596 86.25 44.50 22.55
N LYS D 597 86.33 44.11 21.28
CA LYS D 597 87.61 43.85 20.65
C LYS D 597 88.33 45.15 20.28
N ASP D 598 87.56 46.19 19.93
CA ASP D 598 88.16 47.45 19.51
C ASP D 598 88.65 48.26 20.71
N GLN D 599 87.96 48.14 21.84
CA GLN D 599 88.28 48.92 23.02
C GLN D 599 89.48 48.38 23.78
N ASN D 600 89.68 47.05 23.82
CA ASN D 600 90.60 46.40 24.73
C ASN D 600 92.02 46.27 24.18
N LYS D 601 92.31 46.89 23.02
CA LYS D 601 93.63 46.75 22.39
C LYS D 601 94.72 47.52 23.13
N ASN D 602 94.37 48.65 23.77
CA ASN D 602 95.37 49.42 24.48
C ASN D 602 95.71 48.84 25.86
N SER D 603 94.80 48.08 26.46
CA SER D 603 94.99 47.56 27.80
C SER D 603 95.80 46.27 27.76
N PHE D 604 96.04 45.70 28.95
CA PHE D 604 96.80 44.48 29.11
C PHE D 604 95.85 43.32 29.32
N VAL D 605 95.94 42.29 28.46
CA VAL D 605 95.07 41.13 28.55
C VAL D 605 95.54 40.21 29.67
N GLY D 606 94.58 39.50 30.25
CA GLY D 606 94.87 38.63 31.38
C GLY D 606 95.09 39.40 32.67
N TRP D 607 95.68 38.69 33.64
CA TRP D 607 95.97 39.27 34.94
C TRP D 607 97.20 38.57 35.51
N SER D 608 97.81 39.21 36.52
CA SER D 608 99.05 38.74 37.12
C SER D 608 98.77 38.09 38.47
N THR D 609 99.54 37.05 38.76
CA THR D 609 99.37 36.31 40.01
C THR D 609 100.00 37.03 41.19
N ASP D 610 101.22 37.56 41.01
CA ASP D 610 102.04 38.03 42.12
C ASP D 610 101.66 39.40 42.66
N TRP D 611 100.71 40.10 42.03
CA TRP D 611 100.31 41.43 42.48
C TRP D 611 99.43 41.32 43.72
N SER D 612 99.74 42.12 44.74
CA SER D 612 98.98 42.13 45.98
C SER D 612 98.78 43.58 46.45
N PRO D 613 97.59 43.92 46.95
CA PRO D 613 97.37 45.30 47.45
C PRO D 613 98.05 45.60 48.78
N TYR D 614 98.23 44.62 49.67
CA TYR D 614 98.74 44.89 51.00
C TYR D 614 100.26 44.81 51.10
N ALA D 615 100.96 44.61 49.99
CA ALA D 615 102.43 44.60 49.98
C ALA D 615 102.91 46.03 49.75
N ASP D 616 103.56 46.58 50.77
CA ASP D 616 104.04 47.96 50.72
C ASP D 616 105.54 48.03 50.90
#